data_8GHE
#
_entry.id   8GHE
#
_cell.length_a   1.00
_cell.length_b   1.00
_cell.length_c   1.00
_cell.angle_alpha   90.00
_cell.angle_beta   90.00
_cell.angle_gamma   90.00
#
_symmetry.space_group_name_H-M   'P 1'
#
loop_
_entity.id
_entity.type
_entity.pdbx_description
1 polymer 'Polyunsaturated fatty acid lipoxygenase ALOX12'
2 non-polymer 'FE (II) ION'
3 non-polymer 'S-{(3R,5R,9R)-1-[(2R,3S,4R,5R)-5-(6-amino-9H-purin-9-yl)-4-hydroxy-3-(phosphonooxy)tetrahydrofuran-2-yl]-3,5,9-trihydroxy-8,8-dimethyl-3,5-dioxido-10,14-dioxo-2,4,6-trioxa-11,15-diaza-3lambda~5~,5lambda~5~-diphosphaheptadecan-17-yl} (9Z)-octadec-9-enethioate (non-preferred name)'
4 water water
#
_entity_poly.entity_id   1
_entity_poly.type   'polypeptide(L)'
_entity_poly.pdbx_seq_one_letter_code
;MHHHHHHGRYRIRVATGAWLFSGSYNRVQLWLVGTRGEAELELQLRPARGEEEEFDHDVAEDLGLLQFVRLRKHHWLVDD
AWFCDRITVQGPGACAEVAFPCYRWVQGEDILSLPEGTARLPGDNALDMFQKHREKELKDRQQIYCWATWKEGLPLTIAA
DRKDDLPPNMRFHEEKRLDFEWTLKAGALEMALKRVYTLLSSWNCLEDFDQIFWGQKSALAEKVRQCWQDDELFSYQFLN
GANPMLLRRSTSLPSRLVLPSGMEELQAQLEKELQNGSLFEADFILLDGIPANVIRGEKQYLAAPLVMLKMEPNGKLQPM
VIQIQPPSPSSPTPTLFLPSDPPLAWLLAKSWVRNSDFQLHEIQYHLLNTHLVAEVIAVATMRCLPGLHPIFKFLIPHIR
YTMEINTRARTQLISDGGIFDKAVSTGGGGHVQLLRRAAAQLTYCSLCPPDDLADRGLLGLPGALYAHDALRLWEIIARY
VEGIVHLFYQRDDIVKGDPELQAWCREITEVGLCQAQDRGFPVSFQSQSQLCHFLTMCVFTCTAQHAAINQGQLDWYAWV
PNAPCTMRMPPPTTKEDVTMATVMGSLPDVRQACLQMAISWHLSRRQPDMVPLGHHKEKYFSGPKPKAVLNQFRTDLEKL
EKEITARNEQLDWPYEYLKPSCIENSVTI
;
_entity_poly.pdbx_strand_id   B,C,D,A
#
# COMPACT_ATOMS: atom_id res chain seq x y z
N GLY A 8 3.93 -46.87 50.51
CA GLY A 8 5.25 -46.38 50.17
C GLY A 8 5.26 -44.96 49.64
N ARG A 9 6.34 -44.60 48.96
CA ARG A 9 6.50 -43.26 48.39
C ARG A 9 6.27 -43.32 46.89
N TYR A 10 5.37 -42.48 46.41
CA TYR A 10 5.04 -42.39 44.99
C TYR A 10 5.53 -41.05 44.45
N ARG A 11 6.36 -41.11 43.42
CA ARG A 11 6.87 -39.91 42.76
C ARG A 11 5.96 -39.56 41.60
N ILE A 12 5.24 -38.45 41.70
CA ILE A 12 4.28 -38.03 40.69
C ILE A 12 4.97 -36.96 39.84
N ARG A 13 5.22 -37.27 38.57
CA ARG A 13 5.75 -36.29 37.63
C ARG A 13 4.66 -36.00 36.60
N VAL A 14 4.31 -34.73 36.46
CA VAL A 14 3.24 -34.30 35.58
C VAL A 14 3.83 -33.39 34.51
N ALA A 15 3.67 -33.79 33.25
CA ALA A 15 4.12 -33.01 32.11
C ALA A 15 2.94 -32.23 31.54
N THR A 16 3.15 -30.96 31.26
CA THR A 16 2.12 -30.08 30.73
C THR A 16 2.54 -29.57 29.38
N GLY A 17 1.73 -29.82 28.36
CA GLY A 17 2.01 -29.33 27.02
C GLY A 17 1.66 -27.87 26.87
N ALA A 18 0.46 -27.50 27.32
CA ALA A 18 -0.01 -26.12 27.24
C ALA A 18 -0.89 -25.83 28.45
N TRP A 19 -0.94 -24.57 28.84
CA TRP A 19 -1.76 -24.16 29.96
C TRP A 19 -2.11 -22.69 29.81
N LEU A 20 -3.25 -22.30 30.38
CA LEU A 20 -3.65 -20.90 30.46
C LEU A 20 -4.22 -20.69 31.86
N PHE A 21 -3.38 -20.22 32.78
CA PHE A 21 -3.77 -20.06 34.17
C PHE A 21 -3.85 -18.58 34.50
N SER A 22 -5.03 -18.13 34.94
CA SER A 22 -5.17 -16.76 35.42
C SER A 22 -4.46 -16.58 36.75
N GLY A 23 -4.66 -17.52 37.67
CA GLY A 23 -3.98 -17.47 38.95
C GLY A 23 -2.59 -18.07 38.89
N SER A 24 -1.87 -17.92 40.01
CA SER A 24 -0.51 -18.45 40.07
C SER A 24 -0.49 -19.96 40.22
N TYR A 25 -1.54 -20.56 40.80
CA TYR A 25 -1.60 -21.99 41.01
C TYR A 25 -3.01 -22.48 40.78
N ASN A 26 -3.12 -23.74 40.37
CA ASN A 26 -4.39 -24.43 40.19
C ASN A 26 -4.32 -25.80 40.83
N ARG A 27 -5.44 -26.25 41.38
CA ARG A 27 -5.51 -27.49 42.15
C ARG A 27 -6.14 -28.60 41.32
N VAL A 28 -5.53 -29.78 41.36
CA VAL A 28 -6.01 -30.97 40.66
C VAL A 28 -6.11 -32.10 41.66
N GLN A 29 -7.30 -32.66 41.81
CA GLN A 29 -7.47 -33.88 42.59
C GLN A 29 -7.04 -35.08 41.76
N LEU A 30 -6.15 -35.90 42.32
CA LEU A 30 -5.54 -37.01 41.62
C LEU A 30 -5.80 -38.30 42.38
N TRP A 31 -6.11 -39.37 41.65
CA TRP A 31 -6.33 -40.68 42.23
C TRP A 31 -5.33 -41.66 41.63
N LEU A 32 -4.56 -42.32 42.49
CA LEU A 32 -3.64 -43.38 42.05
C LEU A 32 -4.37 -44.70 42.23
N VAL A 33 -5.02 -45.16 41.16
CA VAL A 33 -5.86 -46.35 41.21
C VAL A 33 -5.01 -47.56 40.87
N GLY A 34 -4.95 -48.52 41.81
CA GLY A 34 -4.19 -49.73 41.63
C GLY A 34 -5.09 -50.96 41.52
N THR A 35 -4.43 -52.12 41.57
CA THR A 35 -5.17 -53.38 41.49
C THR A 35 -5.90 -53.70 42.79
N ARG A 36 -5.36 -53.26 43.92
CA ARG A 36 -5.95 -53.57 45.22
C ARG A 36 -6.60 -52.37 45.91
N GLY A 37 -6.31 -51.16 45.48
CA GLY A 37 -6.94 -49.99 46.09
C GLY A 37 -6.52 -48.73 45.37
N GLU A 38 -7.15 -47.63 45.76
CA GLU A 38 -6.89 -46.33 45.19
C GLU A 38 -6.55 -45.33 46.29
N ALA A 39 -5.71 -44.37 45.95
CA ALA A 39 -5.27 -43.33 46.89
C ALA A 39 -5.52 -41.97 46.27
N GLU A 40 -6.21 -41.10 47.00
CA GLU A 40 -6.54 -39.77 46.51
C GLU A 40 -5.44 -38.79 46.87
N LEU A 41 -5.15 -37.87 45.94
CA LEU A 41 -4.12 -36.86 46.11
C LEU A 41 -4.70 -35.49 45.79
N GLU A 42 -3.89 -34.46 46.01
CA GLU A 42 -4.22 -33.10 45.58
C GLU A 42 -2.92 -32.38 45.26
N LEU A 43 -2.80 -31.92 44.02
CA LEU A 43 -1.58 -31.28 43.54
C LEU A 43 -1.87 -29.85 43.12
N GLN A 44 -0.94 -28.95 43.43
CA GLN A 44 -1.03 -27.55 43.03
C GLN A 44 -0.19 -27.35 41.79
N LEU A 45 -0.85 -27.10 40.65
CA LEU A 45 -0.16 -26.99 39.38
C LEU A 45 0.53 -25.63 39.27
N ARG A 46 1.86 -25.67 39.11
CA ARG A 46 2.65 -24.48 38.77
C ARG A 46 3.52 -24.85 37.58
N PRO A 47 2.94 -24.91 36.37
CA PRO A 47 3.68 -25.43 35.23
C PRO A 47 4.62 -24.39 34.62
N ALA A 48 5.73 -24.89 34.09
CA ALA A 48 6.68 -24.08 33.35
C ALA A 48 7.13 -24.85 32.12
N ARG A 49 7.45 -24.11 31.06
CA ARG A 49 7.84 -24.74 29.80
C ARG A 49 9.23 -25.33 29.89
N GLY A 50 9.39 -26.57 29.42
CA GLY A 50 10.66 -27.23 29.36
C GLY A 50 10.90 -28.28 30.42
N GLU A 51 10.11 -28.29 31.49
CA GLU A 51 10.30 -29.26 32.56
C GLU A 51 8.94 -29.67 33.12
N GLU A 52 8.95 -30.80 33.83
CA GLU A 52 7.76 -31.37 34.44
C GLU A 52 7.70 -31.04 35.93
N GLU A 53 6.48 -30.96 36.45
CA GLU A 53 6.29 -30.71 37.87
C GLU A 53 6.36 -32.04 38.63
N GLU A 54 7.18 -32.09 39.67
CA GLU A 54 7.35 -33.30 40.46
C GLU A 54 6.61 -33.19 41.78
N PHE A 55 5.94 -34.27 42.17
CA PHE A 55 5.19 -34.34 43.41
C PHE A 55 5.51 -35.65 44.12
N ASP A 56 5.76 -35.58 45.42
CA ASP A 56 6.04 -36.75 46.24
C ASP A 56 4.88 -36.99 47.18
N HIS A 57 4.41 -38.24 47.25
CA HIS A 57 3.28 -38.58 48.11
C HIS A 57 3.57 -39.88 48.85
N ASP A 58 3.13 -39.92 50.10
CA ASP A 58 3.23 -41.11 50.94
C ASP A 58 1.84 -41.69 51.17
N VAL A 59 1.70 -42.99 50.97
CA VAL A 59 0.43 -43.68 51.18
C VAL A 59 0.59 -44.67 52.34
N ALA A 60 -0.55 -45.06 52.89
CA ALA A 60 -0.61 -46.12 53.90
C ALA A 60 -1.16 -47.42 53.36
N GLU A 61 -2.22 -47.36 52.55
CA GLU A 61 -2.76 -48.55 51.93
C GLU A 61 -1.86 -49.03 50.80
N ASP A 62 -1.93 -50.33 50.51
CA ASP A 62 -1.14 -50.93 49.45
C ASP A 62 -1.95 -50.93 48.17
N LEU A 63 -1.54 -50.09 47.21
CA LEU A 63 -2.25 -50.00 45.94
C LEU A 63 -1.96 -51.20 45.05
N GLY A 64 -0.72 -51.67 45.05
CA GLY A 64 -0.33 -52.75 44.17
C GLY A 64 0.13 -52.25 42.81
N LEU A 65 -0.16 -53.01 41.76
CA LEU A 65 0.17 -52.56 40.41
C LEU A 65 -0.78 -51.46 39.98
N LEU A 66 -0.24 -50.30 39.63
CA LEU A 66 -1.07 -49.17 39.25
C LEU A 66 -1.67 -49.37 37.87
N GLN A 67 -2.97 -49.14 37.76
CA GLN A 67 -3.69 -49.32 36.51
C GLN A 67 -4.27 -48.03 35.94
N PHE A 68 -4.71 -47.10 36.79
CA PHE A 68 -5.35 -45.87 36.33
C PHE A 68 -4.83 -44.69 37.12
N VAL A 69 -4.89 -43.52 36.50
CA VAL A 69 -4.73 -42.24 37.18
C VAL A 69 -5.93 -41.38 36.83
N ARG A 70 -6.70 -40.98 37.83
CA ARG A 70 -7.89 -40.18 37.62
C ARG A 70 -7.58 -38.72 37.93
N LEU A 71 -8.16 -37.82 37.15
CA LEU A 71 -7.93 -36.40 37.27
C LEU A 71 -9.25 -35.65 37.40
N ARG A 72 -9.26 -34.62 38.24
CA ARG A 72 -10.42 -33.74 38.37
C ARG A 72 -9.93 -32.37 38.77
N LYS A 73 -10.30 -31.36 37.98
CA LYS A 73 -9.87 -29.98 38.23
C LYS A 73 -10.69 -29.41 39.38
N HIS A 74 -10.03 -29.13 40.50
CA HIS A 74 -10.72 -28.76 41.74
C HIS A 74 -10.83 -27.24 41.81
N HIS A 75 -12.06 -26.74 41.64
CA HIS A 75 -12.43 -25.32 41.80
C HIS A 75 -11.62 -24.42 40.87
N TRP A 76 -11.80 -24.64 39.57
CA TRP A 76 -11.13 -23.87 38.55
C TRP A 76 -12.04 -22.81 37.97
N LEU A 77 -11.45 -21.71 37.51
CA LEU A 77 -12.19 -20.71 36.77
C LEU A 77 -12.52 -21.23 35.37
N VAL A 78 -13.54 -20.63 34.76
CA VAL A 78 -14.06 -21.15 33.49
C VAL A 78 -13.11 -20.85 32.32
N ASP A 79 -12.27 -19.83 32.43
CA ASP A 79 -11.32 -19.52 31.37
C ASP A 79 -10.01 -20.27 31.50
N ASP A 80 -9.79 -20.99 32.60
CA ASP A 80 -8.56 -21.74 32.78
C ASP A 80 -8.61 -23.04 31.98
N ALA A 81 -7.52 -23.33 31.26
CA ALA A 81 -7.39 -24.53 30.47
C ALA A 81 -6.05 -25.19 30.75
N TRP A 82 -6.03 -26.52 30.65
CA TRP A 82 -4.84 -27.30 30.95
C TRP A 82 -4.72 -28.43 29.95
N PHE A 83 -3.59 -28.50 29.24
CA PHE A 83 -3.29 -29.60 28.33
C PHE A 83 -2.28 -30.50 29.02
N CYS A 84 -2.78 -31.55 29.68
CA CYS A 84 -1.94 -32.51 30.37
C CYS A 84 -1.28 -33.43 29.36
N ASP A 85 0.05 -33.40 29.29
CA ASP A 85 0.77 -34.26 28.36
C ASP A 85 0.75 -35.71 28.84
N ARG A 86 1.37 -35.98 29.98
CA ARG A 86 1.44 -37.32 30.52
C ARG A 86 1.73 -37.23 32.01
N ILE A 87 1.42 -38.32 32.72
CA ILE A 87 1.71 -38.44 34.14
C ILE A 87 2.51 -39.73 34.34
N THR A 88 3.74 -39.60 34.81
CA THR A 88 4.59 -40.75 35.09
C THR A 88 4.71 -40.92 36.60
N VAL A 89 4.41 -42.12 37.07
CA VAL A 89 4.42 -42.43 38.50
C VAL A 89 5.52 -43.44 38.77
N GLN A 90 6.49 -43.05 39.59
CA GLN A 90 7.52 -43.97 40.06
C GLN A 90 7.08 -44.56 41.39
N GLY A 91 6.86 -45.87 41.41
CA GLY A 91 6.38 -46.53 42.59
C GLY A 91 7.46 -46.73 43.62
N PRO A 92 7.07 -47.22 44.80
CA PRO A 92 8.06 -47.52 45.84
C PRO A 92 8.90 -48.73 45.48
N GLY A 93 10.20 -48.62 45.70
CA GLY A 93 11.14 -49.68 45.41
C GLY A 93 11.97 -49.39 44.17
N ALA A 94 12.46 -50.47 43.56
CA ALA A 94 13.30 -50.39 42.38
C ALA A 94 12.53 -50.63 41.09
N CYS A 95 11.20 -50.60 41.14
CA CYS A 95 10.39 -50.77 39.94
C CYS A 95 10.49 -49.55 39.04
N ALA A 96 10.24 -49.78 37.74
CA ALA A 96 10.30 -48.71 36.76
C ALA A 96 9.09 -47.79 36.90
N GLU A 97 9.25 -46.57 36.39
CA GLU A 97 8.17 -45.59 36.45
C GLU A 97 7.07 -45.95 35.47
N VAL A 98 5.83 -45.88 35.94
CA VAL A 98 4.67 -46.23 35.13
C VAL A 98 4.09 -44.95 34.53
N ALA A 99 3.95 -44.93 33.20
CA ALA A 99 3.53 -43.74 32.48
C ALA A 99 2.04 -43.81 32.18
N PHE A 100 1.37 -42.67 32.29
CA PHE A 100 -0.07 -42.55 32.05
C PHE A 100 -0.26 -41.39 31.07
N PRO A 101 -0.20 -41.65 29.77
CA PRO A 101 -0.30 -40.57 28.78
C PRO A 101 -1.71 -40.02 28.68
N CYS A 102 -1.84 -38.70 28.77
CA CYS A 102 -3.12 -38.03 28.60
C CYS A 102 -3.23 -37.33 27.26
N TYR A 103 -2.34 -36.35 27.01
CA TYR A 103 -2.20 -35.62 25.74
C TYR A 103 -3.52 -35.04 25.25
N ARG A 104 -4.30 -34.49 26.18
CA ARG A 104 -5.60 -33.93 25.83
C ARG A 104 -5.93 -32.82 26.83
N TRP A 105 -6.84 -31.95 26.42
CA TRP A 105 -7.32 -30.90 27.30
C TRP A 105 -8.28 -31.49 28.33
N VAL A 106 -8.00 -31.25 29.61
CA VAL A 106 -8.85 -31.75 30.68
C VAL A 106 -10.08 -30.85 30.75
N GLN A 107 -11.23 -31.37 30.35
CA GLN A 107 -12.43 -30.58 30.17
C GLN A 107 -13.39 -30.80 31.33
N GLY A 108 -13.98 -29.71 31.81
CA GLY A 108 -15.06 -29.76 32.77
C GLY A 108 -14.63 -30.17 34.17
N GLU A 109 -15.63 -30.53 34.98
CA GLU A 109 -15.43 -30.91 36.38
C GLU A 109 -15.58 -32.40 36.62
N ASP A 110 -15.70 -33.19 35.56
CA ASP A 110 -15.87 -34.63 35.71
C ASP A 110 -14.51 -35.33 35.80
N ILE A 111 -14.57 -36.60 36.16
CA ILE A 111 -13.34 -37.38 36.41
C ILE A 111 -12.78 -37.86 35.08
N LEU A 112 -11.53 -37.50 34.80
CA LEU A 112 -10.82 -37.94 33.60
C LEU A 112 -9.91 -39.10 34.01
N SER A 113 -10.24 -40.30 33.53
CA SER A 113 -9.50 -41.50 33.88
C SER A 113 -8.41 -41.75 32.84
N LEU A 114 -7.16 -41.75 33.28
CA LEU A 114 -6.03 -42.03 32.38
C LEU A 114 -5.56 -43.45 32.63
N PRO A 115 -5.72 -44.37 31.70
CA PRO A 115 -5.30 -45.76 31.94
C PRO A 115 -3.80 -45.91 31.84
N GLU A 116 -3.34 -47.11 32.18
CA GLU A 116 -1.92 -47.44 32.12
C GLU A 116 -1.44 -47.44 30.69
N GLY A 117 -0.21 -46.94 30.48
CA GLY A 117 0.26 -46.63 29.15
C GLY A 117 0.67 -47.81 28.30
N THR A 118 0.70 -49.02 28.85
CA THR A 118 0.93 -50.20 28.03
C THR A 118 -0.29 -50.46 27.16
N ALA A 119 -0.08 -50.55 25.85
CA ALA A 119 -1.19 -50.70 24.93
C ALA A 119 -1.80 -52.09 25.03
N ARG A 120 -3.12 -52.15 25.10
CA ARG A 120 -3.84 -53.40 25.34
C ARG A 120 -4.93 -53.58 24.29
N LEU A 121 -5.02 -54.78 23.73
CA LEU A 121 -6.17 -55.16 22.94
C LEU A 121 -7.35 -55.49 23.85
N PRO A 122 -8.58 -55.27 23.40
CA PRO A 122 -9.73 -55.67 24.21
C PRO A 122 -9.87 -57.18 24.29
N GLY A 123 -10.36 -57.64 25.45
CA GLY A 123 -10.56 -59.04 25.70
C GLY A 123 -12.03 -59.36 25.94
N ASP A 124 -12.27 -60.65 26.22
CA ASP A 124 -13.62 -61.13 26.48
C ASP A 124 -14.02 -60.97 27.95
N ASN A 125 -13.09 -60.57 28.81
CA ASN A 125 -13.38 -60.38 30.24
C ASN A 125 -14.04 -59.02 30.41
N ALA A 126 -15.37 -59.03 30.55
CA ALA A 126 -16.12 -57.78 30.74
C ALA A 126 -15.91 -57.19 32.14
N LEU A 127 -15.43 -57.99 33.08
CA LEU A 127 -15.15 -57.51 34.44
C LEU A 127 -13.78 -56.86 34.57
N ASP A 128 -12.99 -56.85 33.51
CA ASP A 128 -11.68 -56.21 33.54
C ASP A 128 -11.83 -54.69 33.62
N MET A 129 -10.94 -54.06 34.40
CA MET A 129 -11.02 -52.62 34.61
C MET A 129 -10.64 -51.85 33.35
N PHE A 130 -9.67 -52.35 32.58
CA PHE A 130 -9.34 -51.71 31.31
C PHE A 130 -10.44 -51.92 30.28
N GLN A 131 -11.09 -53.09 30.30
CA GLN A 131 -12.16 -53.38 29.36
C GLN A 131 -13.38 -52.51 29.61
N LYS A 132 -13.70 -52.26 30.88
CA LYS A 132 -14.80 -51.35 31.20
C LYS A 132 -14.44 -49.90 30.89
N HIS A 133 -13.15 -49.55 31.00
CA HIS A 133 -12.73 -48.20 30.69
C HIS A 133 -12.80 -47.91 29.19
N ARG A 134 -12.36 -48.86 28.36
CA ARG A 134 -12.33 -48.62 26.92
C ARG A 134 -13.71 -48.66 26.31
N GLU A 135 -14.64 -49.41 26.91
CA GLU A 135 -16.02 -49.37 26.43
C GLU A 135 -16.71 -48.08 26.84
N LYS A 136 -16.37 -47.54 28.01
CA LYS A 136 -16.87 -46.23 28.41
C LYS A 136 -16.27 -45.13 27.56
N GLU A 137 -14.98 -45.25 27.21
CA GLU A 137 -14.31 -44.23 26.43
C GLU A 137 -14.87 -44.15 25.01
N LEU A 138 -15.13 -45.30 24.39
CA LEU A 138 -15.66 -45.31 23.03
C LEU A 138 -17.08 -44.78 22.96
N LYS A 139 -17.86 -44.94 24.03
CA LYS A 139 -19.16 -44.28 24.12
C LYS A 139 -19.01 -42.76 24.18
N ASP A 140 -18.00 -42.28 24.92
CA ASP A 140 -17.77 -40.85 25.02
C ASP A 140 -17.23 -40.27 23.73
N ARG A 141 -16.35 -41.02 23.04
CA ARG A 141 -15.77 -40.54 21.79
C ARG A 141 -16.79 -40.47 20.67
N GLN A 142 -17.71 -41.44 20.62
CA GLN A 142 -18.71 -41.45 19.55
C GLN A 142 -19.77 -40.38 19.72
N GLN A 143 -19.88 -39.77 20.90
CA GLN A 143 -20.72 -38.59 21.07
C GLN A 143 -19.97 -37.31 20.74
N ILE A 144 -18.66 -37.27 20.98
CA ILE A 144 -17.87 -36.09 20.68
C ILE A 144 -17.47 -36.07 19.21
N TYR A 145 -17.04 -37.22 18.67
CA TYR A 145 -16.62 -37.35 17.29
C TYR A 145 -17.77 -37.98 16.51
N CYS A 146 -18.38 -37.22 15.61
CA CYS A 146 -19.50 -37.70 14.82
C CYS A 146 -19.23 -37.45 13.34
N TRP A 147 -19.75 -38.34 12.50
CA TRP A 147 -19.64 -38.15 11.07
C TRP A 147 -20.64 -37.10 10.58
N ALA A 148 -20.29 -36.43 9.49
CA ALA A 148 -21.19 -35.50 8.84
C ALA A 148 -20.99 -35.59 7.34
N THR A 149 -22.07 -35.35 6.60
CA THR A 149 -22.04 -35.31 5.14
C THR A 149 -21.86 -33.85 4.72
N TRP A 150 -20.64 -33.49 4.31
CA TRP A 150 -20.42 -32.16 3.77
C TRP A 150 -21.11 -32.00 2.43
N LYS A 151 -20.87 -32.93 1.52
CA LYS A 151 -21.57 -33.01 0.25
C LYS A 151 -21.90 -34.47 -0.02
N GLU A 152 -23.02 -34.71 -0.71
CA GLU A 152 -23.45 -36.07 -0.98
C GLU A 152 -22.54 -36.72 -2.02
N GLY A 153 -22.23 -37.99 -1.81
CA GLY A 153 -21.31 -38.71 -2.66
C GLY A 153 -19.85 -38.56 -2.30
N LEU A 154 -19.55 -37.80 -1.25
CA LEU A 154 -18.20 -37.54 -0.79
C LEU A 154 -17.93 -38.32 0.49
N PRO A 155 -16.65 -38.58 0.81
CA PRO A 155 -16.33 -39.15 2.13
C PRO A 155 -16.75 -38.22 3.26
N LEU A 156 -17.23 -38.82 4.34
CA LEU A 156 -17.81 -38.05 5.43
C LEU A 156 -16.72 -37.34 6.23
N THR A 157 -17.12 -36.25 6.88
CA THR A 157 -16.22 -35.38 7.62
C THR A 157 -16.54 -35.47 9.11
N ILE A 158 -15.78 -34.71 9.90
CA ILE A 158 -16.11 -34.53 11.31
C ILE A 158 -17.32 -33.61 11.41
N ALA A 159 -18.21 -33.89 12.36
CA ALA A 159 -19.39 -33.06 12.54
C ALA A 159 -19.03 -31.73 13.18
N ALA A 160 -18.63 -30.77 12.35
CA ALA A 160 -18.27 -29.43 12.83
C ALA A 160 -18.46 -28.47 11.67
N ASP A 161 -19.44 -27.59 11.77
CA ASP A 161 -19.63 -26.56 10.76
C ASP A 161 -18.46 -25.58 10.75
N ARG A 162 -17.99 -25.21 11.93
CA ARG A 162 -16.86 -24.29 12.10
C ARG A 162 -15.79 -24.96 12.93
N LYS A 163 -14.65 -24.26 13.05
CA LYS A 163 -13.57 -24.76 13.89
C LYS A 163 -13.90 -24.67 15.37
N ASP A 164 -14.82 -23.79 15.76
CA ASP A 164 -15.23 -23.70 17.16
C ASP A 164 -16.18 -24.83 17.55
N ASP A 165 -16.79 -25.49 16.58
CA ASP A 165 -17.65 -26.65 16.84
C ASP A 165 -16.86 -27.95 16.94
N LEU A 166 -15.55 -27.89 16.76
CA LEU A 166 -14.72 -29.09 16.80
C LEU A 166 -14.56 -29.60 18.23
N PRO A 167 -14.18 -30.87 18.38
CA PRO A 167 -13.67 -31.35 19.66
C PRO A 167 -12.44 -30.57 20.08
N PRO A 168 -12.30 -30.29 21.39
CA PRO A 168 -11.17 -29.45 21.84
C PRO A 168 -9.81 -30.10 21.70
N ASN A 169 -9.72 -31.43 21.65
CA ASN A 169 -8.44 -32.09 21.47
C ASN A 169 -7.98 -32.06 20.02
N MET A 170 -8.88 -31.82 19.08
CA MET A 170 -8.53 -31.69 17.67
C MET A 170 -8.22 -30.26 17.27
N ARG A 171 -8.28 -29.32 18.21
CA ARG A 171 -8.03 -27.93 17.90
C ARG A 171 -6.55 -27.66 17.68
N PHE A 172 -6.26 -26.57 16.98
CA PHE A 172 -4.90 -26.08 16.87
C PHE A 172 -4.40 -25.64 18.24
N HIS A 173 -3.12 -25.89 18.51
CA HIS A 173 -2.49 -25.32 19.69
C HIS A 173 -2.11 -23.87 19.42
N GLU A 174 -1.43 -23.25 20.40
CA GLU A 174 -1.17 -21.82 20.35
C GLU A 174 -0.21 -21.45 19.22
N GLU A 175 0.83 -22.25 19.02
CA GLU A 175 1.83 -21.93 17.99
C GLU A 175 1.26 -22.12 16.59
N LYS A 176 0.45 -23.17 16.39
CA LYS A 176 -0.15 -23.42 15.09
C LYS A 176 -1.21 -22.37 14.75
N ARG A 177 -2.04 -22.01 15.73
CA ARG A 177 -3.11 -21.05 15.49
C ARG A 177 -2.56 -19.64 15.22
N LEU A 178 -1.53 -19.25 15.97
CA LEU A 178 -0.93 -17.93 15.76
C LEU A 178 -0.18 -17.84 14.45
N ASP A 179 0.45 -18.95 14.03
CA ASP A 179 1.09 -18.98 12.72
C ASP A 179 0.06 -18.96 11.60
N PHE A 180 -1.08 -19.60 11.81
CA PHE A 180 -2.15 -19.58 10.82
C PHE A 180 -2.76 -18.19 10.67
N GLU A 181 -2.91 -17.48 11.79
CA GLU A 181 -3.43 -16.12 11.72
C GLU A 181 -2.43 -15.16 11.11
N TRP A 182 -1.13 -15.40 11.31
CA TRP A 182 -0.11 -14.56 10.70
C TRP A 182 -0.07 -14.75 9.19
N THR A 183 -0.20 -16.00 8.72
CA THR A 183 -0.15 -16.29 7.29
C THR A 183 -1.33 -15.69 6.54
N LEU A 184 -2.50 -15.63 7.18
CA LEU A 184 -3.63 -14.94 6.58
C LEU A 184 -3.36 -13.44 6.46
N LYS A 185 -2.73 -12.85 7.48
CA LYS A 185 -2.36 -11.45 7.42
C LYS A 185 -1.23 -11.21 6.43
N ALA A 186 -0.22 -12.09 6.42
CA ALA A 186 0.89 -11.94 5.49
C ALA A 186 0.46 -12.20 4.06
N GLY A 187 -0.47 -13.14 3.87
CA GLY A 187 -1.06 -13.34 2.55
C GLY A 187 -1.89 -12.16 2.09
N ALA A 188 -2.65 -11.56 3.02
CA ALA A 188 -3.48 -10.42 2.66
C ALA A 188 -2.65 -9.16 2.43
N LEU A 189 -1.52 -9.04 3.14
CA LEU A 189 -0.63 -7.90 2.93
C LEU A 189 -0.02 -7.94 1.53
N GLU A 190 0.51 -9.09 1.14
CA GLU A 190 1.22 -9.20 -0.13
C GLU A 190 0.26 -9.09 -1.31
N MET A 191 -0.94 -9.65 -1.18
CA MET A 191 -1.91 -9.55 -2.26
C MET A 191 -2.42 -8.12 -2.45
N ALA A 192 -2.60 -7.39 -1.35
CA ALA A 192 -3.08 -6.01 -1.47
C ALA A 192 -2.02 -5.10 -2.07
N LEU A 193 -0.75 -5.32 -1.74
CA LEU A 193 0.32 -4.55 -2.36
C LEU A 193 0.48 -4.92 -3.83
N LYS A 194 0.31 -6.21 -4.17
CA LYS A 194 0.33 -6.63 -5.56
C LYS A 194 -0.85 -6.06 -6.33
N ARG A 195 -1.98 -5.85 -5.66
CA ARG A 195 -3.13 -5.23 -6.30
C ARG A 195 -2.84 -3.77 -6.65
N VAL A 196 -2.19 -3.06 -5.72
CA VAL A 196 -1.85 -1.66 -5.94
C VAL A 196 -0.78 -1.53 -7.01
N TYR A 197 0.23 -2.41 -6.97
CA TYR A 197 1.35 -2.33 -7.90
C TYR A 197 0.93 -2.60 -9.34
N THR A 198 -0.08 -3.45 -9.52
CA THR A 198 -0.55 -3.85 -10.84
C THR A 198 -1.91 -3.28 -11.18
N LEU A 199 -2.34 -2.23 -10.46
CA LEU A 199 -3.66 -1.67 -10.66
C LEU A 199 -3.81 -1.03 -12.04
N LEU A 200 -2.78 -0.33 -12.49
CA LEU A 200 -2.80 0.35 -13.78
C LEU A 200 -1.82 -0.23 -14.78
N SER A 201 -1.13 -1.30 -14.41
CA SER A 201 -0.20 -1.94 -15.34
C SER A 201 -0.97 -2.68 -16.43
N SER A 202 -0.34 -2.78 -17.60
CA SER A 202 -0.96 -3.44 -18.73
C SER A 202 -0.65 -4.93 -18.66
N TRP A 203 -1.69 -5.75 -18.72
CA TRP A 203 -1.56 -7.20 -18.65
C TRP A 203 -1.72 -7.76 -20.06
N ASN A 204 -0.63 -7.72 -20.82
CA ASN A 204 -0.69 -8.08 -22.23
C ASN A 204 0.45 -8.96 -22.70
N CYS A 205 1.39 -9.35 -21.84
CA CYS A 205 2.48 -10.22 -22.24
C CYS A 205 2.88 -11.10 -21.06
N LEU A 206 3.60 -12.17 -21.36
CA LEU A 206 4.00 -13.14 -20.35
C LEU A 206 4.95 -12.55 -19.32
N GLU A 207 5.68 -11.50 -19.66
CA GLU A 207 6.59 -10.85 -18.73
C GLU A 207 5.87 -9.97 -17.72
N ASP A 208 4.56 -9.72 -17.91
CA ASP A 208 3.80 -8.96 -16.93
C ASP A 208 3.53 -9.75 -15.67
N PHE A 209 3.66 -11.08 -15.70
CA PHE A 209 3.55 -11.88 -14.49
C PHE A 209 4.75 -11.67 -13.55
N ASP A 210 5.84 -11.09 -14.04
CA ASP A 210 6.97 -10.73 -13.18
C ASP A 210 6.62 -9.63 -12.19
N GLN A 211 5.59 -8.82 -12.49
CA GLN A 211 5.17 -7.76 -11.58
C GLN A 211 4.61 -8.30 -10.29
N ILE A 212 4.09 -9.52 -10.30
CA ILE A 212 3.56 -10.17 -9.10
C ILE A 212 4.40 -11.37 -8.68
N PHE A 213 5.41 -11.75 -9.45
CA PHE A 213 6.22 -12.91 -9.08
C PHE A 213 7.29 -12.50 -8.07
N TRP A 214 6.83 -12.28 -6.84
CA TRP A 214 7.73 -11.94 -5.75
C TRP A 214 7.06 -12.23 -4.42
N GLY A 215 7.89 -12.25 -3.38
CA GLY A 215 7.36 -12.42 -2.05
C GLY A 215 7.15 -13.89 -1.77
N GLN A 216 5.93 -14.33 -2.02
CA GLN A 216 5.52 -15.71 -1.84
C GLN A 216 5.98 -16.51 -3.06
N LYS A 217 7.24 -16.92 -3.02
CA LYS A 217 7.82 -17.79 -4.04
C LYS A 217 9.00 -18.52 -3.42
N SER A 218 9.63 -19.38 -4.20
CA SER A 218 10.72 -20.22 -3.73
C SER A 218 11.84 -20.20 -4.75
N ALA A 219 12.94 -20.88 -4.41
CA ALA A 219 14.08 -20.97 -5.31
C ALA A 219 13.75 -21.79 -6.55
N LEU A 220 12.96 -22.85 -6.39
CA LEU A 220 12.57 -23.67 -7.54
C LEU A 220 11.61 -22.93 -8.45
N ALA A 221 10.74 -22.08 -7.88
CA ALA A 221 9.80 -21.30 -8.69
C ALA A 221 10.50 -20.28 -9.57
N GLU A 222 11.64 -19.76 -9.13
CA GLU A 222 12.45 -18.90 -9.98
C GLU A 222 13.02 -19.67 -11.17
N LYS A 223 13.44 -20.91 -10.93
CA LYS A 223 13.87 -21.78 -12.03
C LYS A 223 12.72 -22.13 -12.94
N VAL A 224 11.51 -22.27 -12.37
CA VAL A 224 10.32 -22.57 -13.15
C VAL A 224 9.97 -21.42 -14.09
N ARG A 225 10.09 -20.18 -13.61
CA ARG A 225 9.82 -18.99 -14.42
C ARG A 225 10.76 -18.90 -15.62
N GLN A 226 12.01 -19.32 -15.45
CA GLN A 226 12.96 -19.31 -16.56
C GLN A 226 12.64 -20.39 -17.59
N CYS A 227 12.11 -21.53 -17.17
CA CYS A 227 12.09 -22.72 -18.02
C CYS A 227 10.69 -23.31 -18.22
N TRP A 228 9.62 -22.55 -17.94
CA TRP A 228 8.28 -23.11 -18.03
C TRP A 228 7.85 -23.37 -19.48
N GLN A 229 8.40 -22.61 -20.42
CA GLN A 229 8.07 -22.84 -21.83
C GLN A 229 8.83 -24.01 -22.42
N ASP A 230 9.83 -24.55 -21.71
CA ASP A 230 10.55 -25.71 -22.19
C ASP A 230 9.66 -26.94 -22.13
N ASP A 231 9.71 -27.74 -23.20
CA ASP A 231 8.91 -28.96 -23.25
C ASP A 231 9.41 -30.01 -22.28
N GLU A 232 10.69 -29.98 -21.91
CA GLU A 232 11.21 -30.95 -20.96
C GLU A 232 10.76 -30.66 -19.53
N LEU A 233 10.58 -29.39 -19.17
CA LEU A 233 10.08 -29.07 -17.84
C LEU A 233 8.58 -29.34 -17.72
N PHE A 234 7.84 -29.08 -18.81
CA PHE A 234 6.42 -29.40 -18.85
C PHE A 234 6.19 -30.90 -18.68
N SER A 235 7.05 -31.72 -19.28
CA SER A 235 6.99 -33.16 -19.12
C SER A 235 7.53 -33.61 -17.78
N TYR A 236 8.44 -32.84 -17.18
CA TYR A 236 9.04 -33.21 -15.90
C TYR A 236 8.03 -33.20 -14.77
N GLN A 237 7.00 -32.35 -14.86
CA GLN A 237 6.06 -32.19 -13.76
C GLN A 237 5.11 -33.36 -13.62
N PHE A 238 4.93 -34.17 -14.67
CA PHE A 238 4.10 -35.36 -14.55
C PHE A 238 4.77 -36.44 -13.71
N LEU A 239 6.10 -36.42 -13.59
CA LEU A 239 6.83 -37.37 -12.77
C LEU A 239 7.25 -36.79 -11.43
N ASN A 240 7.75 -35.55 -11.39
CA ASN A 240 8.39 -35.02 -10.20
C ASN A 240 7.90 -33.62 -9.86
N GLY A 241 6.75 -33.21 -10.38
CA GLY A 241 6.20 -31.91 -10.09
C GLY A 241 5.30 -31.92 -8.88
N ALA A 242 4.35 -30.97 -8.86
CA ALA A 242 3.40 -30.91 -7.77
C ALA A 242 2.41 -32.07 -7.80
N ASN A 243 2.09 -32.58 -8.99
CA ASN A 243 1.14 -33.67 -9.16
C ASN A 243 1.83 -34.82 -9.89
N PRO A 244 2.46 -35.74 -9.17
CA PRO A 244 3.07 -36.90 -9.83
C PRO A 244 2.13 -38.10 -9.93
N MET A 245 0.83 -37.87 -9.73
CA MET A 245 -0.11 -38.95 -9.48
C MET A 245 -0.97 -39.34 -10.67
N LEU A 246 -0.93 -38.60 -11.77
CA LEU A 246 -1.84 -38.89 -12.87
C LEU A 246 -1.17 -39.67 -14.00
N LEU A 247 0.12 -39.49 -14.21
CA LEU A 247 0.82 -40.03 -15.37
C LEU A 247 0.86 -41.55 -15.34
N ARG A 248 0.33 -42.17 -16.38
CA ARG A 248 0.30 -43.62 -16.53
C ARG A 248 1.13 -44.03 -17.73
N ARG A 249 1.76 -45.20 -17.63
CA ARG A 249 2.36 -45.82 -18.80
C ARG A 249 1.25 -46.37 -19.70
N SER A 250 1.27 -45.99 -20.97
CA SER A 250 0.22 -46.38 -21.89
C SER A 250 0.41 -47.85 -22.28
N THR A 251 -0.56 -48.68 -21.93
CA THR A 251 -0.60 -50.04 -22.43
C THR A 251 -1.28 -50.14 -23.79
N SER A 252 -2.00 -49.10 -24.19
CA SER A 252 -2.63 -49.02 -25.49
C SER A 252 -2.86 -47.55 -25.81
N LEU A 253 -3.14 -47.26 -27.08
CA LEU A 253 -3.54 -45.92 -27.46
C LEU A 253 -4.91 -45.62 -26.89
N PRO A 254 -5.11 -44.42 -26.31
CA PRO A 254 -6.42 -44.09 -25.76
C PRO A 254 -7.49 -43.95 -26.85
N SER A 255 -8.72 -44.35 -26.49
CA SER A 255 -9.82 -44.30 -27.43
C SER A 255 -10.27 -42.88 -27.71
N ARG A 256 -10.02 -41.94 -26.80
CA ARG A 256 -10.29 -40.54 -27.05
C ARG A 256 -9.26 -39.90 -27.95
N LEU A 257 -8.10 -40.51 -28.13
CA LEU A 257 -7.06 -39.99 -29.02
C LEU A 257 -7.45 -40.36 -30.45
N VAL A 258 -8.23 -39.50 -31.08
CA VAL A 258 -8.71 -39.71 -32.44
C VAL A 258 -7.88 -38.82 -33.36
N LEU A 259 -7.05 -39.45 -34.18
CA LEU A 259 -6.18 -38.73 -35.11
C LEU A 259 -6.90 -38.51 -36.44
N PRO A 260 -6.89 -37.30 -36.98
CA PRO A 260 -7.48 -37.06 -38.30
C PRO A 260 -6.55 -37.54 -39.41
N SER A 261 -7.02 -37.38 -40.65
CA SER A 261 -6.23 -37.73 -41.80
C SER A 261 -5.07 -36.75 -41.98
N GLY A 262 -3.98 -37.23 -42.55
CA GLY A 262 -2.80 -36.42 -42.74
C GLY A 262 -1.86 -36.38 -41.55
N MET A 263 -2.16 -37.09 -40.48
CA MET A 263 -1.31 -37.15 -39.30
C MET A 263 -0.83 -38.57 -39.05
N GLU A 264 -0.44 -39.27 -40.14
CA GLU A 264 0.07 -40.63 -40.02
C GLU A 264 1.48 -40.68 -39.46
N GLU A 265 2.22 -39.56 -39.54
CA GLU A 265 3.53 -39.49 -38.88
C GLU A 265 3.39 -39.56 -37.37
N LEU A 266 2.40 -38.85 -36.82
CA LEU A 266 2.13 -38.94 -35.38
C LEU A 266 1.61 -40.31 -34.99
N GLN A 267 0.77 -40.91 -35.84
CA GLN A 267 0.24 -42.25 -35.59
C GLN A 267 1.36 -43.29 -35.59
N ALA A 268 2.32 -43.15 -36.48
CA ALA A 268 3.48 -44.04 -36.47
C ALA A 268 4.35 -43.82 -35.24
N GLN A 269 4.52 -42.55 -34.83
CA GLN A 269 5.34 -42.24 -33.66
C GLN A 269 4.67 -42.72 -32.37
N LEU A 270 3.35 -42.60 -32.28
CA LEU A 270 2.62 -43.08 -31.11
C LEU A 270 2.69 -44.60 -31.01
N GLU A 271 2.56 -45.29 -32.13
CA GLU A 271 2.66 -46.75 -32.12
C GLU A 271 4.09 -47.22 -31.88
N LYS A 272 5.08 -46.42 -32.29
CA LYS A 272 6.48 -46.78 -32.06
C LYS A 272 6.81 -46.77 -30.57
N GLU A 273 6.36 -45.75 -29.85
CA GLU A 273 6.61 -45.69 -28.42
C GLU A 273 5.72 -46.66 -27.64
N LEU A 274 4.54 -46.98 -28.18
CA LEU A 274 3.65 -47.94 -27.52
C LEU A 274 4.23 -49.34 -27.54
N GLN A 275 4.77 -49.77 -28.68
CA GLN A 275 5.41 -51.09 -28.76
C GLN A 275 6.76 -51.09 -28.03
N ASN A 276 7.40 -49.93 -27.93
CA ASN A 276 8.63 -49.82 -27.14
C ASN A 276 8.34 -49.85 -25.65
N GLY A 277 7.10 -49.56 -25.24
CA GLY A 277 6.78 -49.45 -23.84
C GLY A 277 7.14 -48.14 -23.20
N SER A 278 7.61 -47.17 -23.98
CA SER A 278 8.02 -45.87 -23.47
C SER A 278 6.95 -44.80 -23.70
N LEU A 279 5.73 -45.19 -24.07
CA LEU A 279 4.66 -44.24 -24.27
C LEU A 279 3.92 -44.00 -22.96
N PHE A 280 3.76 -42.73 -22.59
CA PHE A 280 3.14 -42.35 -21.34
C PHE A 280 2.00 -41.38 -21.62
N GLU A 281 0.97 -41.43 -20.79
CA GLU A 281 -0.21 -40.60 -20.95
C GLU A 281 -0.58 -39.98 -19.61
N ALA A 282 -1.16 -38.79 -19.68
CA ALA A 282 -1.79 -38.13 -18.55
C ALA A 282 -3.18 -37.73 -19.01
N ASP A 283 -4.17 -38.52 -18.63
CA ASP A 283 -5.55 -38.34 -19.09
C ASP A 283 -6.32 -37.56 -18.04
N PHE A 284 -6.81 -36.39 -18.43
CA PHE A 284 -7.58 -35.51 -17.56
C PHE A 284 -9.07 -35.65 -17.79
N ILE A 285 -9.53 -36.86 -18.11
CA ILE A 285 -10.92 -37.10 -18.51
C ILE A 285 -11.91 -36.93 -17.36
N LEU A 286 -11.42 -36.86 -16.12
CA LEU A 286 -12.28 -36.58 -14.97
C LEU A 286 -12.84 -35.16 -15.00
N LEU A 287 -12.23 -34.26 -15.76
CA LEU A 287 -12.69 -32.89 -15.90
C LEU A 287 -13.69 -32.69 -17.03
N ASP A 288 -14.08 -33.76 -17.71
CA ASP A 288 -14.97 -33.64 -18.87
C ASP A 288 -16.40 -33.38 -18.39
N GLY A 289 -16.97 -32.27 -18.85
CA GLY A 289 -18.32 -31.92 -18.45
C GLY A 289 -18.45 -31.27 -17.10
N ILE A 290 -17.34 -31.01 -16.42
CA ILE A 290 -17.39 -30.28 -15.15
C ILE A 290 -17.75 -28.83 -15.42
N PRO A 291 -18.77 -28.27 -14.77
CA PRO A 291 -19.14 -26.87 -15.01
C PRO A 291 -18.07 -25.92 -14.48
N ALA A 292 -17.64 -25.00 -15.32
CA ALA A 292 -16.55 -24.13 -14.96
C ALA A 292 -17.05 -22.98 -14.08
N ASN A 293 -16.09 -22.32 -13.42
CA ASN A 293 -16.39 -21.23 -12.52
C ASN A 293 -16.83 -19.99 -13.31
N VAL A 294 -17.44 -19.06 -12.58
CA VAL A 294 -17.72 -17.72 -13.08
C VAL A 294 -17.23 -16.78 -11.99
N ILE A 295 -16.17 -16.03 -12.28
CA ILE A 295 -15.53 -15.17 -11.29
C ILE A 295 -15.77 -13.73 -11.70
N ARG A 296 -16.46 -12.98 -10.83
CA ARG A 296 -16.87 -11.59 -11.06
C ARG A 296 -17.54 -11.40 -12.41
N GLY A 297 -18.46 -12.31 -12.71
CA GLY A 297 -19.21 -12.27 -13.96
C GLY A 297 -18.50 -12.86 -15.15
N GLU A 298 -17.17 -12.86 -15.12
CA GLU A 298 -16.37 -13.40 -16.23
C GLU A 298 -16.42 -14.91 -16.19
N LYS A 299 -16.79 -15.52 -17.32
CA LYS A 299 -16.84 -16.97 -17.41
C LYS A 299 -15.43 -17.56 -17.45
N GLN A 300 -15.19 -18.54 -16.59
CA GLN A 300 -13.99 -19.34 -16.70
C GLN A 300 -14.27 -20.54 -17.60
N TYR A 301 -13.21 -21.21 -18.03
CA TYR A 301 -13.34 -22.30 -18.99
C TYR A 301 -12.49 -23.48 -18.55
N LEU A 302 -13.06 -24.67 -18.71
CA LEU A 302 -12.40 -25.92 -18.37
C LEU A 302 -12.27 -26.79 -19.62
N ALA A 303 -11.31 -27.70 -19.57
CA ALA A 303 -11.12 -28.70 -20.60
C ALA A 303 -10.76 -30.01 -19.94
N ALA A 304 -10.76 -31.08 -20.72
CA ALA A 304 -10.33 -32.40 -20.27
C ALA A 304 -9.25 -32.91 -21.21
N PRO A 305 -8.01 -32.45 -21.06
CA PRO A 305 -6.96 -32.79 -22.03
C PRO A 305 -6.46 -34.22 -21.91
N LEU A 306 -5.76 -34.63 -22.97
CA LEU A 306 -4.96 -35.84 -22.97
C LEU A 306 -3.62 -35.50 -23.59
N VAL A 307 -2.56 -35.63 -22.81
CA VAL A 307 -1.21 -35.42 -23.29
C VAL A 307 -0.50 -36.77 -23.36
N MET A 308 0.02 -37.09 -24.53
CA MET A 308 0.79 -38.30 -24.74
C MET A 308 2.27 -37.95 -24.71
N LEU A 309 3.04 -38.70 -23.95
CA LEU A 309 4.45 -38.40 -23.72
C LEU A 309 5.28 -39.64 -23.98
N LYS A 310 6.50 -39.44 -24.48
CA LYS A 310 7.42 -40.52 -24.73
C LYS A 310 8.62 -40.40 -23.79
N MET A 311 9.10 -41.54 -23.31
CA MET A 311 10.29 -41.59 -22.46
C MET A 311 11.52 -41.75 -23.34
N GLU A 312 12.41 -40.76 -23.30
CA GLU A 312 13.66 -40.84 -24.02
C GLU A 312 14.59 -41.85 -23.32
N PRO A 313 15.58 -42.39 -24.05
CA PRO A 313 16.58 -43.24 -23.39
C PRO A 313 17.43 -42.52 -22.36
N ASN A 314 17.52 -41.20 -22.41
CA ASN A 314 18.21 -40.43 -21.37
C ASN A 314 17.40 -40.28 -20.09
N GLY A 315 16.14 -40.72 -20.08
CA GLY A 315 15.31 -40.69 -18.90
C GLY A 315 14.42 -39.48 -18.75
N LYS A 316 14.37 -38.60 -19.74
CA LYS A 316 13.51 -37.42 -19.70
C LYS A 316 12.30 -37.66 -20.58
N LEU A 317 11.12 -37.35 -20.05
CA LEU A 317 9.91 -37.40 -20.86
C LEU A 317 9.89 -36.24 -21.86
N GLN A 318 9.26 -36.48 -23.00
CA GLN A 318 9.07 -35.46 -24.01
C GLN A 318 7.62 -35.52 -24.50
N PRO A 319 6.99 -34.37 -24.73
CA PRO A 319 5.58 -34.38 -25.12
C PRO A 319 5.41 -34.67 -26.60
N MET A 320 4.44 -35.54 -26.91
CA MET A 320 4.16 -35.90 -28.29
C MET A 320 2.97 -35.13 -28.85
N VAL A 321 1.82 -35.21 -28.19
CA VAL A 321 0.60 -34.61 -28.71
C VAL A 321 -0.29 -34.22 -27.53
N ILE A 322 -0.88 -33.03 -27.61
CA ILE A 322 -1.86 -32.56 -26.65
C ILE A 322 -3.20 -32.44 -27.37
N GLN A 323 -4.20 -33.14 -26.84
CA GLN A 323 -5.58 -33.02 -27.30
C GLN A 323 -6.37 -32.38 -26.17
N ILE A 324 -6.65 -31.08 -26.30
CA ILE A 324 -7.17 -30.29 -25.18
C ILE A 324 -8.60 -30.71 -24.83
N GLN A 325 -9.42 -31.00 -25.83
CA GLN A 325 -10.76 -31.44 -25.51
C GLN A 325 -10.99 -32.87 -25.95
N PRO A 326 -11.76 -33.65 -25.20
CA PRO A 326 -12.11 -35.01 -25.64
C PRO A 326 -13.10 -34.95 -26.78
N PRO A 327 -13.21 -36.03 -27.57
CA PRO A 327 -14.21 -36.05 -28.65
C PRO A 327 -15.64 -35.98 -28.12
N SER A 328 -16.46 -35.23 -28.83
CA SER A 328 -17.88 -35.06 -28.57
C SER A 328 -18.62 -35.21 -29.89
N PRO A 329 -19.94 -35.44 -29.86
CA PRO A 329 -20.70 -35.48 -31.13
C PRO A 329 -20.66 -34.19 -31.92
N SER A 330 -20.44 -33.04 -31.27
CA SER A 330 -20.30 -31.79 -32.01
C SER A 330 -18.96 -31.72 -32.75
N SER A 331 -17.88 -32.13 -32.10
CA SER A 331 -16.53 -32.11 -32.67
C SER A 331 -15.90 -33.48 -32.51
N PRO A 332 -16.15 -34.40 -33.45
CA PRO A 332 -15.66 -35.78 -33.29
C PRO A 332 -14.14 -35.92 -33.36
N THR A 333 -13.43 -34.99 -33.96
CA THR A 333 -11.98 -35.02 -34.03
C THR A 333 -11.44 -33.68 -33.55
N PRO A 334 -11.14 -33.57 -32.25
CA PRO A 334 -10.58 -32.32 -31.73
C PRO A 334 -9.16 -32.08 -32.22
N THR A 335 -8.73 -30.83 -32.06
CA THR A 335 -7.43 -30.41 -32.56
C THR A 335 -6.30 -31.05 -31.76
N LEU A 336 -5.34 -31.65 -32.47
CA LEU A 336 -4.19 -32.29 -31.86
C LEU A 336 -3.01 -31.33 -31.92
N PHE A 337 -2.52 -30.94 -30.75
CA PHE A 337 -1.47 -29.94 -30.64
C PHE A 337 -0.12 -30.60 -30.48
N LEU A 338 0.86 -30.13 -31.25
CA LEU A 338 2.17 -30.74 -31.37
C LEU A 338 3.26 -29.75 -30.99
N PRO A 339 4.43 -30.21 -30.58
CA PRO A 339 5.56 -29.28 -30.36
C PRO A 339 6.03 -28.55 -31.61
N SER A 340 5.73 -29.07 -32.81
CA SER A 340 6.12 -28.44 -34.06
C SER A 340 5.07 -27.47 -34.59
N ASP A 341 4.12 -27.07 -33.75
CA ASP A 341 3.06 -26.13 -34.12
C ASP A 341 3.61 -24.71 -34.08
N PRO A 342 2.80 -23.70 -34.42
CA PRO A 342 3.11 -22.33 -34.00
C PRO A 342 3.29 -22.24 -32.50
N PRO A 343 4.30 -21.49 -32.04
CA PRO A 343 4.74 -21.60 -30.64
C PRO A 343 3.71 -21.18 -29.61
N LEU A 344 2.89 -20.17 -29.91
CA LEU A 344 1.90 -19.71 -28.94
C LEU A 344 0.74 -20.68 -28.83
N ALA A 345 0.41 -21.38 -29.93
CA ALA A 345 -0.63 -22.42 -29.87
C ALA A 345 -0.17 -23.60 -29.03
N TRP A 346 1.09 -24.00 -29.17
CA TRP A 346 1.62 -25.09 -28.36
C TRP A 346 1.83 -24.67 -26.92
N LEU A 347 2.21 -23.40 -26.69
CA LEU A 347 2.32 -22.89 -25.33
C LEU A 347 0.96 -22.84 -24.64
N LEU A 348 -0.08 -22.43 -25.37
CA LEU A 348 -1.42 -22.41 -24.82
C LEU A 348 -1.95 -23.81 -24.56
N ALA A 349 -1.59 -24.76 -25.42
CA ALA A 349 -2.01 -26.14 -25.21
C ALA A 349 -1.31 -26.77 -24.03
N LYS A 350 -0.02 -26.43 -23.83
CA LYS A 350 0.68 -26.87 -22.63
C LYS A 350 0.07 -26.21 -21.39
N SER A 351 -0.28 -24.92 -21.49
CA SER A 351 -0.89 -24.23 -20.37
C SER A 351 -2.28 -24.76 -20.05
N TRP A 352 -2.99 -25.29 -21.06
CA TRP A 352 -4.29 -25.88 -20.81
C TRP A 352 -4.18 -27.22 -20.12
N VAL A 353 -3.15 -28.02 -20.46
CA VAL A 353 -2.86 -29.24 -19.72
C VAL A 353 -2.45 -28.89 -18.30
N ARG A 354 -1.59 -27.89 -18.15
CA ARG A 354 -1.09 -27.49 -16.85
C ARG A 354 -2.17 -26.85 -15.99
N ASN A 355 -3.09 -26.10 -16.59
CA ASN A 355 -4.26 -25.63 -15.85
C ASN A 355 -5.11 -26.79 -15.39
N SER A 356 -5.33 -27.78 -16.27
CA SER A 356 -6.10 -28.96 -15.91
C SER A 356 -5.35 -29.84 -14.93
N ASP A 357 -4.02 -29.80 -14.97
CA ASP A 357 -3.24 -30.48 -13.94
C ASP A 357 -3.42 -29.84 -12.58
N PHE A 358 -3.59 -28.51 -12.55
CA PHE A 358 -3.89 -27.82 -11.30
C PHE A 358 -5.24 -28.26 -10.73
N GLN A 359 -6.23 -28.48 -11.60
CA GLN A 359 -7.55 -28.87 -11.14
C GLN A 359 -7.53 -30.25 -10.50
N LEU A 360 -6.90 -31.21 -11.17
CA LEU A 360 -6.87 -32.57 -10.64
C LEU A 360 -5.89 -32.73 -9.49
N HIS A 361 -4.84 -31.90 -9.45
CA HIS A 361 -3.94 -31.90 -8.30
C HIS A 361 -4.65 -31.42 -7.04
N GLU A 362 -5.24 -30.24 -7.11
CA GLU A 362 -5.77 -29.59 -5.92
C GLU A 362 -7.02 -30.27 -5.38
N ILE A 363 -7.85 -30.82 -6.26
CA ILE A 363 -9.13 -31.39 -5.87
C ILE A 363 -9.03 -32.89 -5.64
N GLN A 364 -8.53 -33.63 -6.62
CA GLN A 364 -8.51 -35.08 -6.50
C GLN A 364 -7.36 -35.54 -5.62
N TYR A 365 -6.12 -35.23 -6.02
CA TYR A 365 -4.98 -35.82 -5.35
C TYR A 365 -4.56 -35.08 -4.06
N HIS A 366 -4.92 -33.84 -3.97
CA HIS A 366 -4.60 -33.14 -2.74
C HIS A 366 -5.79 -33.16 -1.78
N LEU A 367 -6.89 -32.58 -2.14
CA LEU A 367 -8.04 -32.46 -1.26
C LEU A 367 -8.62 -33.83 -0.92
N LEU A 368 -9.03 -34.59 -1.94
CA LEU A 368 -9.69 -35.86 -1.70
C LEU A 368 -8.71 -36.91 -1.20
N ASN A 369 -7.65 -37.16 -1.96
CA ASN A 369 -6.82 -38.33 -1.73
C ASN A 369 -5.98 -38.22 -0.46
N THR A 370 -5.68 -37.01 -0.01
CA THR A 370 -4.90 -36.85 1.21
C THR A 370 -5.73 -36.24 2.34
N HIS A 371 -6.31 -35.05 2.15
CA HIS A 371 -7.02 -34.38 3.25
C HIS A 371 -8.28 -35.14 3.66
N LEU A 372 -9.12 -35.51 2.69
CA LEU A 372 -10.40 -36.13 3.04
C LEU A 372 -10.21 -37.56 3.51
N VAL A 373 -9.27 -38.29 2.90
CA VAL A 373 -9.00 -39.67 3.33
C VAL A 373 -8.46 -39.68 4.76
N ALA A 374 -7.53 -38.76 5.07
CA ALA A 374 -6.94 -38.71 6.41
C ALA A 374 -7.96 -38.29 7.46
N GLU A 375 -8.91 -37.44 7.09
CA GLU A 375 -10.00 -37.06 8.01
C GLU A 375 -10.90 -38.25 8.29
N VAL A 376 -11.15 -39.08 7.28
CA VAL A 376 -11.88 -40.33 7.48
C VAL A 376 -11.08 -41.25 8.40
N ILE A 377 -9.76 -41.30 8.21
CA ILE A 377 -8.88 -42.03 9.11
C ILE A 377 -8.89 -41.38 10.50
N ALA A 378 -8.94 -40.05 10.56
CA ALA A 378 -8.88 -39.34 11.84
C ALA A 378 -10.14 -39.56 12.66
N VAL A 379 -11.31 -39.43 12.05
CA VAL A 379 -12.57 -39.54 12.78
C VAL A 379 -12.80 -40.98 13.23
N ALA A 380 -12.51 -41.94 12.36
CA ALA A 380 -12.72 -43.35 12.70
C ALA A 380 -11.73 -43.84 13.75
N THR A 381 -10.52 -43.28 13.79
CA THR A 381 -9.58 -43.63 14.84
C THR A 381 -10.09 -43.14 16.20
N MET A 382 -10.66 -41.94 16.24
CA MET A 382 -11.23 -41.46 17.49
C MET A 382 -12.50 -42.21 17.86
N ARG A 383 -13.35 -42.49 16.88
CA ARG A 383 -14.66 -43.08 17.16
C ARG A 383 -14.56 -44.54 17.60
N CYS A 384 -13.61 -45.29 17.05
CA CYS A 384 -13.62 -46.73 17.23
C CYS A 384 -12.38 -47.30 17.89
N LEU A 385 -11.31 -46.51 18.04
CA LEU A 385 -10.12 -47.01 18.73
C LEU A 385 -9.94 -46.25 20.03
N PRO A 386 -10.08 -46.91 21.18
CA PRO A 386 -9.90 -46.22 22.46
C PRO A 386 -8.43 -45.95 22.74
N GLY A 387 -8.18 -45.18 23.81
CA GLY A 387 -6.83 -44.77 24.15
C GLY A 387 -5.90 -45.90 24.54
N LEU A 388 -6.45 -47.02 25.00
CA LEU A 388 -5.64 -48.19 25.31
C LEU A 388 -5.24 -48.98 24.07
N HIS A 389 -5.89 -48.75 22.94
CA HIS A 389 -5.64 -49.56 21.76
C HIS A 389 -4.29 -49.21 21.14
N PRO A 390 -3.50 -50.21 20.73
CA PRO A 390 -2.21 -49.91 20.10
C PRO A 390 -2.32 -49.25 18.75
N ILE A 391 -3.40 -49.52 18.00
CA ILE A 391 -3.57 -48.89 16.69
C ILE A 391 -3.94 -47.42 16.86
N PHE A 392 -4.62 -47.08 17.95
CA PHE A 392 -4.87 -45.67 18.26
C PHE A 392 -3.56 -44.95 18.57
N LYS A 393 -2.74 -45.54 19.45
CA LYS A 393 -1.46 -44.93 19.82
C LYS A 393 -0.52 -44.87 18.63
N PHE A 394 -0.68 -45.78 17.67
CA PHE A 394 0.09 -45.73 16.44
C PHE A 394 -0.33 -44.56 15.56
N LEU A 395 -1.64 -44.29 15.50
CA LEU A 395 -2.19 -43.37 14.51
C LEU A 395 -2.44 -41.96 15.02
N ILE A 396 -2.54 -41.76 16.34
CA ILE A 396 -2.81 -40.45 16.92
C ILE A 396 -1.73 -39.39 16.64
N PRO A 397 -0.43 -39.68 16.42
CA PRO A 397 0.42 -38.59 15.90
C PRO A 397 0.17 -38.28 14.44
N HIS A 398 -0.40 -39.22 13.69
CA HIS A 398 -0.60 -39.05 12.25
C HIS A 398 -1.94 -38.45 11.90
N ILE A 399 -2.79 -38.18 12.89
CA ILE A 399 -4.06 -37.51 12.64
C ILE A 399 -4.11 -36.15 13.34
N ARG A 400 -2.94 -35.62 13.72
CA ARG A 400 -2.86 -34.35 14.40
C ARG A 400 -3.22 -33.22 13.44
N TYR A 401 -4.13 -32.34 13.89
CA TYR A 401 -4.59 -31.14 13.21
C TYR A 401 -5.34 -31.43 11.90
N THR A 402 -5.69 -32.68 11.63
CA THR A 402 -6.32 -33.03 10.36
C THR A 402 -7.77 -32.56 10.31
N MET A 403 -8.48 -32.66 11.44
CA MET A 403 -9.88 -32.27 11.46
C MET A 403 -10.06 -30.76 11.35
N GLU A 404 -9.16 -29.98 11.94
CA GLU A 404 -9.31 -28.52 11.86
C GLU A 404 -8.97 -28.00 10.48
N ILE A 405 -7.88 -28.49 9.88
CA ILE A 405 -7.48 -28.00 8.56
C ILE A 405 -8.48 -28.41 7.50
N ASN A 406 -9.17 -29.54 7.70
CA ASN A 406 -10.26 -29.88 6.80
C ASN A 406 -11.50 -29.06 7.09
N THR A 407 -11.74 -28.74 8.36
CA THR A 407 -12.84 -27.84 8.70
C THR A 407 -12.57 -26.44 8.18
N ARG A 408 -11.32 -25.95 8.33
CA ARG A 408 -10.95 -24.64 7.80
C ARG A 408 -11.00 -24.60 6.28
N ALA A 409 -10.67 -25.71 5.62
CA ALA A 409 -10.82 -25.77 4.17
C ALA A 409 -12.29 -25.72 3.78
N ARG A 410 -13.14 -26.47 4.48
CA ARG A 410 -14.57 -26.46 4.20
C ARG A 410 -15.24 -25.16 4.60
N THR A 411 -14.64 -24.39 5.50
CA THR A 411 -15.19 -23.11 5.93
C THR A 411 -14.69 -21.96 5.06
N GLN A 412 -13.38 -21.91 4.82
CA GLN A 412 -12.76 -20.78 4.13
C GLN A 412 -12.38 -21.09 2.69
N LEU A 413 -11.86 -22.29 2.40
CA LEU A 413 -11.27 -22.53 1.09
C LEU A 413 -12.28 -23.08 0.09
N ILE A 414 -12.81 -24.27 0.34
CA ILE A 414 -13.64 -24.95 -0.65
C ILE A 414 -15.13 -24.74 -0.39
N SER A 415 -15.48 -23.76 0.43
CA SER A 415 -16.88 -23.43 0.66
C SER A 415 -17.47 -22.71 -0.54
N ASP A 416 -18.80 -22.62 -0.56
CA ASP A 416 -19.49 -21.84 -1.57
C ASP A 416 -19.19 -20.36 -1.37
N GLY A 417 -18.59 -19.74 -2.37
CA GLY A 417 -18.12 -18.38 -2.21
C GLY A 417 -16.79 -18.27 -1.48
N GLY A 418 -16.08 -19.37 -1.29
CA GLY A 418 -14.82 -19.36 -0.59
C GLY A 418 -13.68 -18.89 -1.47
N ILE A 419 -12.45 -19.13 -1.00
CA ILE A 419 -11.26 -18.69 -1.71
C ILE A 419 -11.07 -19.47 -3.00
N PHE A 420 -11.50 -20.74 -3.03
CA PHE A 420 -11.43 -21.54 -4.25
C PHE A 420 -12.34 -21.00 -5.34
N ASP A 421 -13.43 -20.33 -4.96
CA ASP A 421 -14.38 -19.82 -5.96
C ASP A 421 -13.95 -18.49 -6.55
N LYS A 422 -12.87 -17.89 -6.06
CA LYS A 422 -12.41 -16.60 -6.55
C LYS A 422 -11.27 -16.72 -7.54
N ALA A 423 -10.64 -17.88 -7.63
CA ALA A 423 -9.49 -18.05 -8.51
C ALA A 423 -9.50 -19.32 -9.35
N VAL A 424 -10.08 -20.40 -8.87
CA VAL A 424 -9.94 -21.69 -9.54
C VAL A 424 -11.13 -21.91 -10.49
N SER A 425 -10.85 -22.49 -11.65
CA SER A 425 -11.87 -22.69 -12.67
C SER A 425 -12.88 -23.78 -12.29
N THR A 426 -12.53 -24.70 -11.40
CA THR A 426 -13.50 -25.68 -10.93
C THR A 426 -14.29 -25.20 -9.72
N GLY A 427 -14.08 -23.97 -9.28
CA GLY A 427 -14.85 -23.44 -8.18
C GLY A 427 -16.27 -23.11 -8.59
N GLY A 428 -17.08 -22.79 -7.59
CA GLY A 428 -18.48 -22.51 -7.84
C GLY A 428 -19.36 -23.72 -7.97
N GLY A 429 -18.92 -24.87 -7.46
CA GLY A 429 -19.71 -26.08 -7.48
C GLY A 429 -19.15 -27.18 -8.37
N GLY A 430 -18.33 -26.81 -9.36
CA GLY A 430 -17.75 -27.81 -10.24
C GLY A 430 -16.72 -28.68 -9.55
N HIS A 431 -16.05 -28.13 -8.51
CA HIS A 431 -15.10 -28.93 -7.75
C HIS A 431 -15.80 -29.99 -6.91
N VAL A 432 -17.02 -29.72 -6.47
CA VAL A 432 -17.80 -30.73 -5.75
C VAL A 432 -18.17 -31.88 -6.67
N GLN A 433 -18.58 -31.56 -7.91
CA GLN A 433 -18.86 -32.59 -8.90
C GLN A 433 -17.58 -33.33 -9.30
N LEU A 434 -16.45 -32.61 -9.37
CA LEU A 434 -15.17 -33.27 -9.61
C LEU A 434 -14.76 -34.15 -8.44
N LEU A 435 -15.07 -33.72 -7.21
CA LEU A 435 -14.80 -34.53 -6.03
C LEU A 435 -15.61 -35.81 -6.02
N ARG A 436 -16.85 -35.78 -6.53
CA ARG A 436 -17.67 -36.98 -6.62
C ARG A 436 -17.09 -37.98 -7.62
N ARG A 437 -16.63 -37.48 -8.77
CA ARG A 437 -16.01 -38.36 -9.76
C ARG A 437 -14.68 -38.92 -9.27
N ALA A 438 -13.92 -38.10 -8.55
CA ALA A 438 -12.66 -38.55 -8.00
C ALA A 438 -12.87 -39.56 -6.88
N ALA A 439 -13.94 -39.42 -6.10
CA ALA A 439 -14.25 -40.39 -5.06
C ALA A 439 -14.62 -41.75 -5.64
N ALA A 440 -15.23 -41.76 -6.82
CA ALA A 440 -15.48 -43.03 -7.52
C ALA A 440 -14.17 -43.66 -7.96
N GLN A 441 -13.20 -42.83 -8.35
CA GLN A 441 -11.87 -43.31 -8.72
C GLN A 441 -10.95 -43.49 -7.52
N LEU A 442 -11.41 -43.13 -6.31
CA LEU A 442 -10.60 -43.27 -5.10
C LEU A 442 -10.59 -44.75 -4.72
N THR A 443 -9.62 -45.48 -5.26
CA THR A 443 -9.45 -46.87 -4.93
C THR A 443 -8.38 -47.05 -3.86
N TYR A 444 -8.41 -48.21 -3.21
CA TYR A 444 -7.40 -48.53 -2.20
C TYR A 444 -6.03 -48.74 -2.83
N CYS A 445 -5.98 -49.22 -4.07
CA CYS A 445 -4.71 -49.39 -4.76
C CYS A 445 -4.10 -48.05 -5.15
N SER A 446 -4.94 -47.03 -5.39
CA SER A 446 -4.42 -45.73 -5.80
C SER A 446 -3.71 -45.01 -4.65
N LEU A 447 -4.06 -45.34 -3.41
CA LEU A 447 -3.41 -44.76 -2.25
C LEU A 447 -2.19 -45.54 -1.79
N CYS A 448 -1.91 -46.68 -2.43
CA CYS A 448 -0.72 -47.47 -2.11
C CYS A 448 0.27 -47.38 -3.27
N PRO A 449 1.41 -46.72 -3.10
CA PRO A 449 2.39 -46.56 -4.20
C PRO A 449 2.95 -47.86 -4.75
N PRO A 450 3.11 -48.95 -3.98
CA PRO A 450 3.37 -50.24 -4.66
C PRO A 450 2.27 -50.67 -5.60
N ASP A 451 1.01 -50.34 -5.29
CA ASP A 451 -0.08 -50.70 -6.18
C ASP A 451 -0.41 -49.60 -7.18
N ASP A 452 -0.24 -48.32 -6.79
CA ASP A 452 -0.56 -47.22 -7.69
C ASP A 452 0.46 -47.10 -8.82
N LEU A 453 1.75 -47.17 -8.48
CA LEU A 453 2.78 -47.00 -9.51
C LEU A 453 2.90 -48.24 -10.39
N ALA A 454 2.55 -49.42 -9.88
CA ALA A 454 2.51 -50.60 -10.72
C ALA A 454 1.33 -50.55 -11.67
N ASP A 455 0.19 -50.03 -11.21
CA ASP A 455 -0.95 -49.85 -12.09
C ASP A 455 -0.68 -48.79 -13.15
N ARG A 456 0.01 -47.71 -12.78
CA ARG A 456 0.38 -46.68 -13.73
C ARG A 456 1.66 -47.00 -14.48
N GLY A 457 2.33 -48.12 -14.16
CA GLY A 457 3.51 -48.51 -14.90
C GLY A 457 4.74 -47.66 -14.66
N LEU A 458 4.86 -47.05 -13.47
CA LEU A 458 5.96 -46.16 -13.17
C LEU A 458 7.05 -46.83 -12.34
N LEU A 459 7.00 -48.15 -12.18
CA LEU A 459 8.05 -48.85 -11.46
C LEU A 459 9.34 -48.89 -12.28
N GLY A 460 10.46 -48.63 -11.62
CA GLY A 460 11.76 -48.75 -12.25
C GLY A 460 12.16 -47.61 -13.14
N LEU A 461 11.37 -46.55 -13.23
CA LEU A 461 11.76 -45.39 -14.02
C LEU A 461 12.83 -44.61 -13.27
N PRO A 462 14.01 -44.37 -13.87
CA PRO A 462 15.06 -43.66 -13.15
C PRO A 462 14.78 -42.18 -12.95
N GLY A 463 14.02 -41.56 -13.85
CA GLY A 463 13.68 -40.16 -13.69
C GLY A 463 12.50 -39.88 -12.80
N ALA A 464 11.78 -40.93 -12.38
CA ALA A 464 10.61 -40.77 -11.52
C ALA A 464 11.08 -40.71 -10.07
N LEU A 465 11.46 -39.49 -9.66
CA LEU A 465 12.03 -39.31 -8.34
C LEU A 465 10.97 -39.38 -7.24
N TYR A 466 9.72 -39.02 -7.56
CA TYR A 466 8.63 -39.29 -6.62
C TYR A 466 8.45 -40.78 -6.43
N ALA A 467 8.42 -41.54 -7.53
CA ALA A 467 8.14 -42.97 -7.47
C ALA A 467 9.27 -43.74 -6.79
N HIS A 468 10.51 -43.27 -6.91
CA HIS A 468 11.60 -43.87 -6.17
C HIS A 468 11.45 -43.61 -4.68
N ASP A 469 11.16 -42.37 -4.31
CA ASP A 469 11.08 -42.02 -2.89
C ASP A 469 9.80 -42.52 -2.23
N ALA A 470 8.69 -42.60 -2.99
CA ALA A 470 7.45 -43.11 -2.42
C ALA A 470 7.54 -44.61 -2.13
N LEU A 471 8.24 -45.35 -3.00
CA LEU A 471 8.45 -46.77 -2.74
C LEU A 471 9.43 -46.98 -1.58
N ARG A 472 10.44 -46.12 -1.49
CA ARG A 472 11.37 -46.18 -0.37
C ARG A 472 10.69 -45.82 0.94
N LEU A 473 9.81 -44.81 0.90
CA LEU A 473 9.06 -44.43 2.09
C LEU A 473 8.06 -45.49 2.49
N TRP A 474 7.46 -46.17 1.52
CA TRP A 474 6.49 -47.23 1.82
C TRP A 474 7.15 -48.39 2.54
N GLU A 475 8.36 -48.78 2.12
CA GLU A 475 9.08 -49.87 2.79
C GLU A 475 9.48 -49.46 4.22
N ILE A 476 9.86 -48.20 4.40
CA ILE A 476 10.24 -47.72 5.73
C ILE A 476 9.01 -47.64 6.64
N ILE A 477 7.89 -47.14 6.11
CA ILE A 477 6.67 -47.01 6.90
C ILE A 477 6.08 -48.39 7.21
N ALA A 478 6.12 -49.31 6.24
CA ALA A 478 5.62 -50.67 6.48
C ALA A 478 6.46 -51.41 7.51
N ARG A 479 7.77 -51.15 7.55
CA ARG A 479 8.61 -51.69 8.62
C ARG A 479 8.21 -51.12 9.97
N TYR A 480 7.86 -49.83 9.99
CA TYR A 480 7.32 -49.21 11.20
C TYR A 480 5.94 -49.78 11.55
N VAL A 481 5.12 -50.06 10.54
CA VAL A 481 3.82 -50.66 10.78
C VAL A 481 3.96 -52.10 11.27
N GLU A 482 4.80 -52.90 10.57
CA GLU A 482 4.98 -54.30 10.95
C GLU A 482 5.69 -54.44 12.29
N GLY A 483 6.52 -53.48 12.66
CA GLY A 483 7.13 -53.51 13.98
C GLY A 483 6.12 -53.32 15.09
N ILE A 484 5.15 -52.43 14.89
CA ILE A 484 4.15 -52.15 15.92
C ILE A 484 3.08 -53.23 15.94
N VAL A 485 2.60 -53.64 14.76
CA VAL A 485 1.48 -54.60 14.67
C VAL A 485 1.89 -55.97 15.20
N HIS A 486 3.09 -56.45 14.84
CA HIS A 486 3.54 -57.76 15.30
C HIS A 486 3.86 -57.79 16.78
N LEU A 487 4.04 -56.63 17.42
CA LEU A 487 4.18 -56.58 18.87
C LEU A 487 2.88 -56.93 19.57
N PHE A 488 1.75 -56.59 18.97
CA PHE A 488 0.45 -56.79 19.60
C PHE A 488 -0.44 -57.78 18.88
N TYR A 489 -0.25 -57.98 17.58
CA TYR A 489 -0.99 -58.97 16.81
C TYR A 489 0.01 -60.05 16.40
N GLN A 490 0.09 -61.11 17.20
CA GLN A 490 1.04 -62.17 16.90
C GLN A 490 0.50 -63.16 15.88
N ARG A 491 -0.81 -63.35 15.84
CA ARG A 491 -1.44 -64.30 14.93
C ARG A 491 -2.58 -63.61 14.18
N ASP A 492 -3.02 -64.25 13.09
CA ASP A 492 -4.10 -63.70 12.29
C ASP A 492 -5.46 -63.76 12.99
N ASP A 493 -5.68 -64.75 13.86
CA ASP A 493 -6.95 -64.80 14.58
C ASP A 493 -7.03 -63.73 15.67
N ILE A 494 -5.89 -63.20 16.13
CA ILE A 494 -5.89 -62.06 17.03
C ILE A 494 -6.37 -60.81 16.29
N VAL A 495 -5.99 -60.68 15.01
CA VAL A 495 -6.47 -59.58 14.19
C VAL A 495 -7.96 -59.73 13.92
N LYS A 496 -8.41 -60.95 13.65
CA LYS A 496 -9.84 -61.19 13.43
C LYS A 496 -10.63 -61.07 14.73
N GLY A 497 -10.02 -61.39 15.86
CA GLY A 497 -10.68 -61.37 17.15
C GLY A 497 -10.61 -60.05 17.87
N ASP A 498 -10.24 -58.97 17.18
CA ASP A 498 -10.18 -57.63 17.74
C ASP A 498 -11.41 -56.87 17.26
N PRO A 499 -12.46 -56.75 18.07
CA PRO A 499 -13.70 -56.12 17.57
C PRO A 499 -13.61 -54.62 17.42
N GLU A 500 -12.71 -53.95 18.16
CA GLU A 500 -12.51 -52.52 17.97
C GLU A 500 -11.75 -52.24 16.69
N LEU A 501 -10.84 -53.14 16.30
CA LEU A 501 -10.13 -52.98 15.03
C LEU A 501 -11.06 -53.23 13.85
N GLN A 502 -11.93 -54.23 13.95
CA GLN A 502 -12.87 -54.50 12.87
C GLN A 502 -13.92 -53.41 12.75
N ALA A 503 -14.30 -52.79 13.88
CA ALA A 503 -15.21 -51.65 13.81
C ALA A 503 -14.52 -50.44 13.20
N TRP A 504 -13.23 -50.25 13.49
CA TRP A 504 -12.47 -49.15 12.92
C TRP A 504 -12.24 -49.36 11.42
N CYS A 505 -12.05 -50.62 11.00
CA CYS A 505 -11.95 -50.92 9.58
C CYS A 505 -13.26 -50.65 8.85
N ARG A 506 -14.39 -51.01 9.49
CA ARG A 506 -15.68 -50.73 8.88
CA ARG A 506 -15.69 -50.74 8.89
C ARG A 506 -16.00 -49.24 8.89
N GLU A 507 -15.56 -48.52 9.93
CA GLU A 507 -15.84 -47.10 10.03
C GLU A 507 -15.10 -46.28 8.97
N ILE A 508 -13.96 -46.78 8.50
CA ILE A 508 -13.29 -46.13 7.39
C ILE A 508 -13.96 -46.48 6.07
N THR A 509 -14.09 -47.79 5.80
CA THR A 509 -14.51 -48.24 4.48
C THR A 509 -16.01 -48.06 4.26
N GLU A 510 -16.83 -48.64 5.14
CA GLU A 510 -18.27 -48.61 4.95
C GLU A 510 -18.84 -47.23 5.28
N VAL A 511 -18.40 -46.63 6.39
CA VAL A 511 -19.01 -45.41 6.89
C VAL A 511 -18.28 -44.18 6.35
N GLY A 512 -16.99 -44.07 6.68
CA GLY A 512 -16.25 -42.85 6.39
C GLY A 512 -16.04 -42.60 4.91
N LEU A 513 -15.66 -43.63 4.15
CA LEU A 513 -15.44 -43.49 2.73
C LEU A 513 -16.68 -43.79 1.90
N CYS A 514 -17.83 -43.97 2.56
CA CYS A 514 -19.15 -44.16 1.95
C CYS A 514 -19.18 -45.39 1.04
N GLN A 515 -19.04 -46.55 1.70
CA GLN A 515 -19.17 -47.88 1.10
C GLN A 515 -18.12 -48.11 0.02
N ALA A 516 -16.86 -48.08 0.44
CA ALA A 516 -15.73 -48.23 -0.46
C ALA A 516 -15.26 -49.67 -0.59
N GLN A 517 -16.13 -50.64 -0.29
CA GLN A 517 -15.76 -52.04 -0.48
C GLN A 517 -15.59 -52.37 -1.96
N ASP A 518 -16.42 -51.78 -2.82
CA ASP A 518 -16.29 -51.99 -4.25
C ASP A 518 -15.06 -51.32 -4.85
N ARG A 519 -14.45 -50.39 -4.11
CA ARG A 519 -13.23 -49.72 -4.57
C ARG A 519 -11.97 -50.32 -3.94
N GLY A 520 -12.06 -51.55 -3.44
CA GLY A 520 -10.89 -52.27 -2.98
C GLY A 520 -10.51 -52.05 -1.54
N PHE A 521 -11.17 -51.14 -0.84
CA PHE A 521 -10.89 -50.96 0.58
C PHE A 521 -11.46 -52.14 1.37
N PRO A 522 -10.72 -52.66 2.35
CA PRO A 522 -11.19 -53.85 3.06
C PRO A 522 -12.33 -53.53 4.01
N VAL A 523 -13.32 -54.42 4.05
CA VAL A 523 -14.40 -54.31 5.03
C VAL A 523 -14.02 -54.95 6.36
N SER A 524 -12.96 -55.76 6.38
CA SER A 524 -12.53 -56.45 7.59
C SER A 524 -11.05 -56.81 7.43
N PHE A 525 -10.43 -57.18 8.53
CA PHE A 525 -9.04 -57.60 8.55
C PHE A 525 -8.98 -59.08 8.89
N GLN A 526 -8.46 -59.88 7.96
CA GLN A 526 -8.37 -61.32 8.13
C GLN A 526 -6.96 -61.81 8.39
N SER A 527 -5.96 -60.92 8.39
CA SER A 527 -4.58 -61.31 8.59
C SER A 527 -3.82 -60.11 9.13
N GLN A 528 -2.60 -60.39 9.61
CA GLN A 528 -1.71 -59.31 10.03
C GLN A 528 -1.28 -58.46 8.84
N SER A 529 -0.99 -59.11 7.70
CA SER A 529 -0.48 -58.40 6.53
C SER A 529 -1.54 -57.50 5.90
N GLN A 530 -2.82 -57.91 5.96
CA GLN A 530 -3.90 -57.04 5.50
C GLN A 530 -4.04 -55.83 6.41
N LEU A 531 -3.88 -56.03 7.73
CA LEU A 531 -3.83 -54.91 8.66
C LEU A 531 -2.57 -54.08 8.44
N CYS A 532 -1.44 -54.74 8.16
CA CYS A 532 -0.19 -54.01 7.97
C CYS A 532 -0.20 -53.20 6.68
N HIS A 533 -0.85 -53.70 5.64
CA HIS A 533 -0.93 -52.95 4.39
C HIS A 533 -1.85 -51.75 4.52
N PHE A 534 -2.95 -51.91 5.25
CA PHE A 534 -3.91 -50.82 5.43
C PHE A 534 -3.34 -49.71 6.30
N LEU A 535 -2.63 -50.07 7.37
CA LEU A 535 -2.03 -49.06 8.23
C LEU A 535 -0.86 -48.37 7.56
N THR A 536 -0.14 -49.07 6.69
CA THR A 536 0.89 -48.42 5.89
C THR A 536 0.28 -47.42 4.93
N MET A 537 -0.88 -47.75 4.36
CA MET A 537 -1.63 -46.83 3.52
C MET A 537 -2.08 -45.61 4.32
N CYS A 538 -2.50 -45.82 5.57
CA CYS A 538 -2.99 -44.72 6.40
C CYS A 538 -1.89 -43.74 6.75
N VAL A 539 -0.72 -44.25 7.14
CA VAL A 539 0.39 -43.37 7.51
C VAL A 539 0.96 -42.67 6.28
N PHE A 540 1.05 -43.37 5.14
CA PHE A 540 1.55 -42.77 3.91
C PHE A 540 0.64 -41.65 3.43
N THR A 541 -0.68 -41.86 3.50
CA THR A 541 -1.62 -40.82 3.11
C THR A 541 -1.54 -39.61 4.03
N CYS A 542 -1.41 -39.86 5.33
CA CYS A 542 -1.35 -38.76 6.29
C CYS A 542 -0.03 -38.01 6.23
N THR A 543 1.07 -38.69 5.94
CA THR A 543 2.38 -38.06 6.01
C THR A 543 3.05 -37.94 4.64
N ALA A 544 3.28 -39.06 3.96
CA ALA A 544 4.15 -39.05 2.80
C ALA A 544 3.42 -38.65 1.52
N GLN A 545 2.19 -39.14 1.33
CA GLN A 545 1.44 -38.76 0.15
C GLN A 545 1.02 -37.30 0.22
N HIS A 546 0.71 -36.81 1.41
CA HIS A 546 0.39 -35.39 1.56
C HIS A 546 1.59 -34.52 1.27
N ALA A 547 2.77 -34.88 1.79
CA ALA A 547 3.99 -34.13 1.57
C ALA A 547 4.33 -34.03 0.08
N ALA A 548 4.23 -35.14 -0.63
CA ALA A 548 4.51 -35.14 -2.07
C ALA A 548 3.52 -34.27 -2.83
N ILE A 549 2.27 -34.22 -2.37
CA ILE A 549 1.20 -33.59 -3.15
C ILE A 549 0.96 -32.15 -2.73
N ASN A 550 1.49 -31.73 -1.58
CA ASN A 550 1.27 -30.38 -1.07
C ASN A 550 2.49 -29.49 -1.16
N GLN A 551 3.68 -30.00 -0.82
CA GLN A 551 4.87 -29.16 -0.68
C GLN A 551 5.41 -28.62 -2.00
N GLY A 552 4.90 -29.10 -3.13
CA GLY A 552 5.31 -28.57 -4.42
C GLY A 552 4.44 -27.47 -4.95
N GLN A 553 3.53 -26.92 -4.15
CA GLN A 553 2.63 -25.89 -4.66
C GLN A 553 3.35 -24.58 -4.89
N LEU A 554 4.18 -24.15 -3.94
CA LEU A 554 4.93 -22.91 -4.15
C LEU A 554 6.02 -23.08 -5.18
N ASP A 555 6.57 -24.28 -5.32
CA ASP A 555 7.62 -24.49 -6.31
C ASP A 555 7.08 -24.44 -7.73
N TRP A 556 5.87 -24.95 -7.95
CA TRP A 556 5.36 -25.09 -9.32
C TRP A 556 4.19 -24.20 -9.66
N TYR A 557 3.50 -23.60 -8.67
CA TYR A 557 2.36 -22.75 -8.96
C TYR A 557 2.60 -21.28 -8.66
N ALA A 558 3.76 -20.91 -8.09
CA ALA A 558 4.05 -19.49 -7.88
C ALA A 558 4.22 -18.77 -9.20
N TRP A 559 4.84 -19.43 -10.18
CA TRP A 559 4.83 -18.90 -11.53
C TRP A 559 3.51 -19.34 -12.15
N VAL A 560 2.55 -18.41 -12.15
CA VAL A 560 1.18 -18.73 -12.59
C VAL A 560 1.09 -19.24 -14.03
N PRO A 561 1.79 -18.68 -15.05
CA PRO A 561 1.84 -19.34 -16.37
C PRO A 561 2.23 -20.82 -16.38
N ASN A 562 2.96 -21.31 -15.39
CA ASN A 562 3.38 -22.70 -15.40
C ASN A 562 2.23 -23.64 -15.04
N ALA A 563 1.28 -23.20 -14.23
CA ALA A 563 0.04 -23.94 -14.00
C ALA A 563 -1.04 -22.96 -13.60
N PRO A 564 -1.89 -22.56 -14.55
CA PRO A 564 -2.96 -21.60 -14.23
C PRO A 564 -4.02 -22.19 -13.33
N CYS A 565 -4.47 -21.39 -12.36
CA CYS A 565 -5.61 -21.79 -11.53
C CYS A 565 -6.91 -21.79 -12.32
N THR A 566 -6.99 -20.97 -13.36
CA THR A 566 -8.20 -20.88 -14.18
C THR A 566 -7.80 -20.51 -15.59
N MET A 567 -8.76 -20.62 -16.50
CA MET A 567 -8.59 -20.12 -17.86
C MET A 567 -9.78 -19.25 -18.21
N ARG A 568 -9.52 -18.07 -18.76
CA ARG A 568 -10.55 -17.07 -19.00
C ARG A 568 -11.02 -17.02 -20.45
N MET A 569 -10.50 -17.89 -21.30
CA MET A 569 -10.89 -18.00 -22.70
C MET A 569 -11.14 -19.46 -23.01
N PRO A 570 -11.94 -19.76 -24.03
CA PRO A 570 -12.16 -21.17 -24.43
C PRO A 570 -10.89 -21.81 -24.94
N PRO A 571 -10.79 -23.14 -24.87
CA PRO A 571 -9.61 -23.83 -25.42
C PRO A 571 -9.48 -23.61 -26.92
N PRO A 572 -8.26 -23.46 -27.42
CA PRO A 572 -8.08 -23.18 -28.84
C PRO A 572 -8.40 -24.39 -29.71
N THR A 573 -9.08 -24.13 -30.83
CA THR A 573 -9.35 -25.15 -31.83
C THR A 573 -8.56 -24.94 -33.12
N THR A 574 -8.05 -23.74 -33.35
CA THR A 574 -7.22 -23.43 -34.51
C THR A 574 -5.86 -22.96 -34.03
N LYS A 575 -4.80 -23.59 -34.55
CA LYS A 575 -3.45 -23.28 -34.10
C LYS A 575 -2.99 -21.91 -34.59
N GLU A 576 -3.38 -21.54 -35.81
CA GLU A 576 -2.88 -20.30 -36.41
C GLU A 576 -3.53 -19.06 -35.82
N ASP A 577 -4.69 -19.20 -35.18
CA ASP A 577 -5.38 -18.05 -34.61
C ASP A 577 -4.87 -17.69 -33.22
N VAL A 578 -3.98 -18.48 -32.63
CA VAL A 578 -3.50 -18.23 -31.28
C VAL A 578 -2.43 -17.15 -31.32
N THR A 579 -2.68 -16.03 -30.68
CA THR A 579 -1.75 -14.93 -30.55
C THR A 579 -1.35 -14.76 -29.09
N MET A 580 -0.57 -13.72 -28.82
CA MET A 580 -0.23 -13.40 -27.43
C MET A 580 -1.47 -12.92 -26.67
N ALA A 581 -2.36 -12.20 -27.35
CA ALA A 581 -3.63 -11.79 -26.74
C ALA A 581 -4.51 -13.00 -26.44
N THR A 582 -4.42 -14.05 -27.25
CA THR A 582 -5.16 -15.28 -26.95
C THR A 582 -4.58 -15.98 -25.73
N VAL A 583 -3.24 -16.02 -25.62
CA VAL A 583 -2.60 -16.66 -24.47
C VAL A 583 -2.85 -15.85 -23.21
N MET A 584 -2.63 -14.53 -23.28
CA MET A 584 -2.83 -13.69 -22.10
C MET A 584 -4.30 -13.53 -21.76
N GLY A 585 -5.18 -13.60 -22.75
CA GLY A 585 -6.61 -13.63 -22.47
C GLY A 585 -7.04 -14.93 -21.85
N SER A 586 -6.33 -16.02 -22.14
CA SER A 586 -6.63 -17.31 -21.53
C SER A 586 -5.94 -17.48 -20.19
N LEU A 587 -4.74 -16.94 -20.03
CA LEU A 587 -4.06 -16.98 -18.75
C LEU A 587 -4.84 -16.16 -17.72
N PRO A 588 -4.77 -16.53 -16.43
CA PRO A 588 -5.52 -15.79 -15.41
C PRO A 588 -5.14 -14.32 -15.33
N ASP A 589 -6.09 -13.51 -14.86
CA ASP A 589 -5.82 -12.10 -14.67
C ASP A 589 -4.92 -11.95 -13.44
N VAL A 590 -4.53 -10.70 -13.16
CA VAL A 590 -3.60 -10.43 -12.07
C VAL A 590 -4.18 -10.85 -10.71
N ARG A 591 -5.46 -10.56 -10.46
CA ARG A 591 -6.05 -10.87 -9.17
CA ARG A 591 -6.08 -10.86 -9.17
C ARG A 591 -6.16 -12.38 -8.95
N GLN A 592 -6.51 -13.12 -10.00
CA GLN A 592 -6.58 -14.58 -9.90
C GLN A 592 -5.18 -15.16 -9.70
N ALA A 593 -4.20 -14.57 -10.39
CA ALA A 593 -2.83 -15.06 -10.32
C ALA A 593 -2.22 -14.78 -8.95
N CYS A 594 -2.44 -13.58 -8.40
CA CYS A 594 -1.98 -13.25 -7.05
C CYS A 594 -2.58 -14.18 -6.00
N LEU A 595 -3.85 -14.54 -6.16
CA LEU A 595 -4.51 -15.40 -5.21
C LEU A 595 -3.97 -16.83 -5.30
N GLN A 596 -3.66 -17.28 -6.52
CA GLN A 596 -3.00 -18.57 -6.71
C GLN A 596 -1.66 -18.62 -5.99
N MET A 597 -0.87 -17.55 -6.09
CA MET A 597 0.43 -17.50 -5.42
C MET A 597 0.29 -17.49 -3.90
N ALA A 598 -0.70 -16.75 -3.39
CA ALA A 598 -0.90 -16.66 -1.95
C ALA A 598 -1.39 -17.98 -1.38
N ILE A 599 -2.31 -18.65 -2.09
CA ILE A 599 -2.85 -19.92 -1.61
C ILE A 599 -1.79 -21.02 -1.70
N SER A 600 -1.02 -21.04 -2.80
CA SER A 600 0.05 -22.04 -2.94
C SER A 600 1.14 -21.83 -1.91
N TRP A 601 1.42 -20.58 -1.54
CA TRP A 601 2.37 -20.33 -0.45
C TRP A 601 1.82 -20.78 0.88
N HIS A 602 0.54 -20.49 1.14
CA HIS A 602 -0.07 -20.80 2.42
C HIS A 602 -0.13 -22.30 2.65
N LEU A 603 -0.47 -23.07 1.62
CA LEU A 603 -0.61 -24.51 1.79
C LEU A 603 0.73 -25.23 1.83
N SER A 604 1.75 -24.72 1.14
CA SER A 604 2.99 -25.46 0.96
C SER A 604 4.17 -24.94 1.75
N ARG A 605 4.01 -23.87 2.52
CA ARG A 605 5.12 -23.40 3.34
C ARG A 605 5.37 -24.37 4.48
N ARG A 606 6.61 -24.40 4.95
CA ARG A 606 6.94 -25.21 6.10
C ARG A 606 6.32 -24.58 7.34
N GLN A 607 5.53 -25.35 8.05
CA GLN A 607 4.98 -24.88 9.32
C GLN A 607 6.10 -24.77 10.35
N PRO A 608 6.21 -23.64 11.06
CA PRO A 608 7.23 -23.54 12.11
C PRO A 608 7.01 -24.50 13.27
N ASP A 609 5.79 -24.98 13.47
CA ASP A 609 5.48 -25.95 14.51
C ASP A 609 5.40 -27.37 13.98
N MET A 610 5.88 -27.62 12.76
CA MET A 610 5.69 -28.91 12.11
C MET A 610 6.44 -30.02 12.84
N VAL A 611 5.81 -31.18 12.93
CA VAL A 611 6.44 -32.39 13.43
C VAL A 611 6.93 -33.18 12.23
N PRO A 612 8.24 -33.45 12.10
CA PRO A 612 8.71 -34.33 11.04
C PRO A 612 8.21 -35.74 11.25
N LEU A 613 8.24 -36.52 10.15
CA LEU A 613 7.70 -37.87 10.14
C LEU A 613 8.46 -38.76 11.12
N GLY A 614 7.72 -39.39 12.03
CA GLY A 614 8.29 -40.24 13.04
C GLY A 614 8.88 -39.53 14.24
N HIS A 615 8.86 -38.20 14.26
CA HIS A 615 9.50 -37.41 15.31
C HIS A 615 8.49 -36.77 16.24
N HIS A 616 7.38 -37.47 16.52
CA HIS A 616 6.40 -36.98 17.47
C HIS A 616 6.92 -37.14 18.89
N LYS A 617 6.90 -36.06 19.65
CA LYS A 617 7.39 -36.08 21.02
C LYS A 617 6.41 -36.73 21.98
N GLU A 618 5.16 -36.95 21.57
CA GLU A 618 4.17 -37.56 22.44
C GLU A 618 4.46 -39.03 22.62
N LYS A 619 4.52 -39.49 23.87
CA LYS A 619 4.80 -40.88 24.20
C LYS A 619 3.49 -41.55 24.61
N TYR A 620 2.76 -42.05 23.61
CA TYR A 620 1.54 -42.80 23.92
C TYR A 620 1.85 -44.22 24.35
N PHE A 621 2.79 -44.88 23.66
CA PHE A 621 3.27 -46.17 24.10
C PHE A 621 4.17 -46.01 25.32
N SER A 622 4.13 -47.00 26.20
CA SER A 622 5.00 -47.01 27.38
C SER A 622 6.07 -48.09 27.35
N GLY A 623 5.84 -49.18 26.60
CA GLY A 623 6.80 -50.25 26.50
C GLY A 623 8.03 -49.83 25.71
N PRO A 624 9.18 -50.44 26.03
CA PRO A 624 10.40 -50.10 25.28
C PRO A 624 10.41 -50.65 23.87
N LYS A 625 9.73 -51.76 23.62
CA LYS A 625 9.69 -52.33 22.28
C LYS A 625 8.97 -51.45 21.24
N PRO A 626 7.80 -50.82 21.51
CA PRO A 626 7.30 -49.84 20.53
C PRO A 626 8.19 -48.62 20.37
N LYS A 627 8.92 -48.22 21.41
CA LYS A 627 9.88 -47.14 21.27
C LYS A 627 11.08 -47.56 20.42
N ALA A 628 11.43 -48.85 20.45
CA ALA A 628 12.52 -49.33 19.61
C ALA A 628 12.12 -49.37 18.15
N VAL A 629 10.85 -49.66 17.86
CA VAL A 629 10.35 -49.62 16.49
C VAL A 629 10.33 -48.19 15.98
N LEU A 630 9.90 -47.24 16.84
CA LEU A 630 9.88 -45.83 16.46
C LEU A 630 11.29 -45.29 16.25
N ASN A 631 12.24 -45.72 17.08
CA ASN A 631 13.63 -45.32 16.88
C ASN A 631 14.21 -45.98 15.61
N GLN A 632 13.75 -47.19 15.29
CA GLN A 632 14.13 -47.80 14.02
C GLN A 632 13.47 -47.06 12.85
N PHE A 633 12.27 -46.54 13.05
CA PHE A 633 11.61 -45.73 12.03
C PHE A 633 12.39 -44.44 11.77
N ARG A 634 12.84 -43.77 12.83
CA ARG A 634 13.61 -42.54 12.67
C ARG A 634 14.98 -42.80 12.08
N THR A 635 15.58 -43.95 12.37
CA THR A 635 16.87 -44.30 11.80
C THR A 635 16.76 -44.58 10.30
N ASP A 636 15.71 -45.27 9.88
CA ASP A 636 15.53 -45.58 8.46
C ASP A 636 15.20 -44.33 7.66
N LEU A 637 14.42 -43.42 8.23
CA LEU A 637 14.10 -42.17 7.55
C LEU A 637 15.33 -41.27 7.43
N GLU A 638 16.18 -41.26 8.45
CA GLU A 638 17.41 -40.50 8.39
C GLU A 638 18.37 -41.08 7.36
N LYS A 639 18.36 -42.41 7.20
CA LYS A 639 19.11 -43.06 6.12
C LYS A 639 18.56 -42.66 4.75
N LEU A 640 17.24 -42.59 4.62
CA LEU A 640 16.64 -42.16 3.37
C LEU A 640 16.88 -40.67 3.11
N GLU A 641 16.90 -39.86 4.17
CA GLU A 641 17.14 -38.43 4.04
C GLU A 641 18.53 -38.15 3.47
N LYS A 642 19.53 -38.92 3.90
CA LYS A 642 20.87 -38.79 3.32
C LYS A 642 20.91 -39.27 1.88
N GLU A 643 20.15 -40.33 1.56
CA GLU A 643 20.13 -40.85 0.19
C GLU A 643 19.47 -39.89 -0.78
N ILE A 644 18.40 -39.23 -0.35
CA ILE A 644 17.73 -38.25 -1.20
C ILE A 644 18.59 -37.00 -1.36
N THR A 645 19.25 -36.56 -0.28
CA THR A 645 20.10 -35.37 -0.34
C THR A 645 21.32 -35.62 -1.22
N ALA A 646 21.88 -36.83 -1.17
CA ALA A 646 22.99 -37.18 -2.07
C ALA A 646 22.53 -37.22 -3.52
N ARG A 647 21.31 -37.70 -3.75
CA ARG A 647 20.76 -37.72 -5.10
C ARG A 647 20.43 -36.31 -5.58
N ASN A 648 19.87 -35.47 -4.70
CA ASN A 648 19.41 -34.15 -5.10
C ASN A 648 20.56 -33.17 -5.34
N GLU A 649 21.73 -33.42 -4.76
CA GLU A 649 22.88 -32.56 -5.00
C GLU A 649 23.44 -32.73 -6.41
N GLN A 650 23.19 -33.86 -7.05
CA GLN A 650 23.66 -34.13 -8.40
C GLN A 650 22.60 -33.83 -9.46
N LEU A 651 21.49 -33.20 -9.07
CA LEU A 651 20.39 -32.91 -9.97
C LEU A 651 20.14 -31.41 -10.02
N ASP A 652 19.96 -30.89 -11.24
CA ASP A 652 19.59 -29.49 -11.38
C ASP A 652 18.15 -29.24 -10.98
N TRP A 653 17.30 -30.26 -11.04
CA TRP A 653 15.91 -30.19 -10.60
C TRP A 653 15.72 -31.20 -9.49
N PRO A 654 16.02 -30.84 -8.24
CA PRO A 654 15.88 -31.79 -7.14
C PRO A 654 14.42 -32.04 -6.79
N TYR A 655 14.16 -33.23 -6.28
CA TYR A 655 12.86 -33.59 -5.73
C TYR A 655 13.01 -33.62 -4.21
N GLU A 656 12.46 -32.59 -3.55
CA GLU A 656 12.68 -32.41 -2.12
C GLU A 656 11.44 -32.70 -1.29
N TYR A 657 10.33 -33.05 -1.90
CA TYR A 657 9.06 -33.12 -1.17
C TYR A 657 8.91 -34.39 -0.37
N LEU A 658 9.77 -35.38 -0.59
CA LEU A 658 9.73 -36.62 0.18
C LEU A 658 10.98 -36.82 1.03
N LYS A 659 11.73 -35.75 1.28
CA LYS A 659 12.73 -35.79 2.33
C LYS A 659 12.01 -35.91 3.67
N PRO A 660 12.35 -36.92 4.49
CA PRO A 660 11.62 -37.14 5.75
C PRO A 660 11.74 -36.01 6.76
N SER A 661 12.77 -35.16 6.66
CA SER A 661 12.80 -33.96 7.49
C SER A 661 11.71 -32.97 7.07
N CYS A 662 11.38 -32.92 5.78
CA CYS A 662 10.35 -32.04 5.28
C CYS A 662 8.97 -32.68 5.25
N ILE A 663 8.87 -33.97 5.51
CA ILE A 663 7.58 -34.64 5.55
C ILE A 663 6.95 -34.38 6.91
N GLU A 664 5.77 -33.75 6.91
CA GLU A 664 5.06 -33.52 8.15
C GLU A 664 4.45 -34.83 8.66
N ASN A 665 4.35 -34.94 9.98
CA ASN A 665 3.86 -36.16 10.61
C ASN A 665 2.35 -36.35 10.47
N SER A 666 1.62 -35.34 9.97
CA SER A 666 0.20 -35.46 9.72
C SER A 666 -0.21 -34.42 8.69
N VAL A 667 -1.44 -34.53 8.20
CA VAL A 667 -2.02 -33.53 7.31
C VAL A 667 -2.44 -32.33 8.17
N THR A 668 -1.64 -31.27 8.15
CA THR A 668 -1.87 -30.11 9.01
C THR A 668 -2.10 -28.84 8.23
N ILE A 669 -1.85 -28.83 6.93
CA ILE A 669 -1.98 -27.62 6.14
C ILE A 669 -2.32 -27.96 4.67
N GLY B 8 9.05 33.74 -59.83
CA GLY B 8 8.73 32.35 -60.09
C GLY B 8 7.91 31.71 -58.99
N ARG B 9 7.80 30.38 -59.05
CA ARG B 9 7.05 29.61 -58.06
C ARG B 9 8.01 28.99 -57.06
N TYR B 10 7.80 29.27 -55.78
CA TYR B 10 8.59 28.71 -54.70
C TYR B 10 7.71 27.77 -53.89
N ARG B 11 8.15 26.52 -53.74
CA ARG B 11 7.45 25.53 -52.92
C ARG B 11 8.14 25.47 -51.57
N ILE B 12 7.47 25.98 -50.54
CA ILE B 12 8.04 26.05 -49.20
C ILE B 12 7.35 25.00 -48.34
N ARG B 13 8.13 24.04 -47.84
CA ARG B 13 7.64 23.03 -46.91
C ARG B 13 8.17 23.36 -45.52
N VAL B 14 7.26 23.49 -44.56
CA VAL B 14 7.61 23.85 -43.19
C VAL B 14 7.34 22.64 -42.30
N ALA B 15 8.39 22.11 -41.69
CA ALA B 15 8.31 20.97 -40.80
C ALA B 15 8.25 21.45 -39.36
N THR B 16 7.26 20.95 -38.62
CA THR B 16 7.08 21.31 -37.21
C THR B 16 7.29 20.06 -36.35
N GLY B 17 8.23 20.15 -35.42
CA GLY B 17 8.45 19.05 -34.49
C GLY B 17 7.43 19.02 -33.37
N ALA B 18 7.19 20.18 -32.76
CA ALA B 18 6.23 20.28 -31.66
C ALA B 18 5.56 21.64 -31.74
N TRP B 19 4.32 21.70 -31.26
CA TRP B 19 3.57 22.94 -31.26
C TRP B 19 2.51 22.89 -30.17
N LEU B 20 2.16 24.08 -29.67
CA LEU B 20 1.10 24.22 -28.68
C LEU B 20 0.27 25.42 -29.09
N PHE B 21 -0.83 25.18 -29.81
CA PHE B 21 -1.66 26.25 -30.36
C PHE B 21 -2.99 26.27 -29.62
N SER B 22 -3.31 27.43 -29.03
CA SER B 22 -4.64 27.61 -28.45
C SER B 22 -5.69 27.76 -29.55
N GLY B 23 -5.39 28.55 -30.57
CA GLY B 23 -6.29 28.69 -31.70
C GLY B 23 -6.13 27.59 -32.73
N SER B 24 -7.01 27.63 -33.74
CA SER B 24 -6.99 26.62 -34.78
C SER B 24 -5.83 26.84 -35.75
N TYR B 25 -5.36 28.07 -35.88
CA TYR B 25 -4.26 28.37 -36.79
C TYR B 25 -3.44 29.52 -36.22
N ASN B 26 -2.17 29.57 -36.60
CA ASN B 26 -1.27 30.64 -36.20
C ASN B 26 -0.53 31.17 -37.43
N ARG B 27 -0.21 32.45 -37.39
CA ARG B 27 0.39 33.15 -38.53
C ARG B 27 1.88 33.38 -38.30
N VAL B 28 2.67 33.10 -39.33
CA VAL B 28 4.13 33.29 -39.30
C VAL B 28 4.52 34.17 -40.48
N GLN B 29 5.20 35.28 -40.20
CA GLN B 29 5.79 36.08 -41.25
C GLN B 29 7.12 35.47 -41.68
N LEU B 30 7.26 35.23 -42.97
CA LEU B 30 8.43 34.55 -43.52
C LEU B 30 9.09 35.42 -44.58
N TRP B 31 10.42 35.46 -44.57
CA TRP B 31 11.20 36.20 -45.55
C TRP B 31 12.07 35.22 -46.32
N LEU B 32 11.92 35.20 -47.64
CA LEU B 32 12.79 34.40 -48.51
C LEU B 32 13.94 35.29 -48.95
N VAL B 33 15.02 35.27 -48.18
CA VAL B 33 16.16 36.15 -48.40
C VAL B 33 17.14 35.47 -49.34
N GLY B 34 17.37 36.08 -50.49
CA GLY B 34 18.32 35.60 -51.47
C GLY B 34 19.55 36.48 -51.56
N THR B 35 20.35 36.20 -52.59
CA THR B 35 21.56 36.99 -52.82
C THR B 35 21.21 38.37 -53.39
N ARG B 36 20.14 38.48 -54.17
CA ARG B 36 19.80 39.71 -54.84
C ARG B 36 18.60 40.44 -54.24
N GLY B 37 17.81 39.77 -53.40
CA GLY B 37 16.66 40.44 -52.80
C GLY B 37 15.94 39.50 -51.86
N GLU B 38 14.95 40.05 -51.17
CA GLU B 38 14.14 39.31 -50.22
C GLU B 38 12.66 39.49 -50.55
N ALA B 39 11.88 38.48 -50.21
CA ALA B 39 10.44 38.49 -50.43
C ALA B 39 9.74 38.08 -49.15
N GLU B 40 8.78 38.89 -48.70
CA GLU B 40 8.06 38.64 -47.47
C GLU B 40 6.84 37.76 -47.73
N LEU B 41 6.57 36.85 -46.80
CA LEU B 41 5.46 35.92 -46.92
C LEU B 41 4.65 35.93 -45.63
N GLU B 42 3.43 35.41 -45.71
CA GLU B 42 2.58 35.20 -44.55
C GLU B 42 2.00 33.79 -44.66
N LEU B 43 2.38 32.91 -43.74
CA LEU B 43 1.94 31.53 -43.74
C LEU B 43 1.05 31.26 -42.55
N GLN B 44 0.02 30.43 -42.75
CA GLN B 44 -0.89 30.02 -41.69
C GLN B 44 -0.51 28.61 -41.26
N LEU B 45 -0.04 28.48 -40.03
CA LEU B 45 0.41 27.19 -39.51
C LEU B 45 -0.79 26.34 -39.11
N ARG B 46 -0.93 25.19 -39.77
CA ARG B 46 -1.86 24.14 -39.36
C ARG B 46 -1.11 22.82 -39.31
N PRO B 47 -0.25 22.62 -38.31
CA PRO B 47 0.62 21.45 -38.32
C PRO B 47 -0.07 20.20 -37.83
N ALA B 48 0.40 19.06 -38.33
CA ALA B 48 -0.06 17.76 -37.91
C ALA B 48 1.14 16.83 -37.80
N ARG B 49 1.02 15.84 -36.91
CA ARG B 49 2.12 14.91 -36.68
C ARG B 49 2.25 13.94 -37.84
N GLY B 50 3.48 13.78 -38.34
CA GLY B 50 3.77 12.83 -39.41
C GLY B 50 3.96 13.44 -40.78
N GLU B 51 3.60 14.70 -40.98
CA GLU B 51 3.76 15.32 -42.30
C GLU B 51 4.05 16.80 -42.12
N GLU B 52 4.53 17.41 -43.21
CA GLU B 52 4.88 18.82 -43.25
C GLU B 52 3.81 19.62 -43.97
N GLU B 53 3.76 20.92 -43.66
CA GLU B 53 2.86 21.84 -44.32
C GLU B 53 3.53 22.41 -45.55
N GLU B 54 2.84 22.36 -46.69
CA GLU B 54 3.36 22.88 -47.95
C GLU B 54 2.72 24.21 -48.28
N PHE B 55 3.55 25.17 -48.70
CA PHE B 55 3.10 26.50 -49.06
C PHE B 55 3.64 26.87 -50.43
N ASP B 56 2.79 27.42 -51.28
CA ASP B 56 3.16 27.88 -52.61
C ASP B 56 3.08 29.40 -52.65
N HIS B 57 4.15 30.04 -53.12
CA HIS B 57 4.19 31.49 -53.21
C HIS B 57 4.78 31.90 -54.56
N ASP B 58 4.19 32.93 -55.15
CA ASP B 58 4.63 33.48 -56.42
C ASP B 58 5.28 34.84 -56.20
N VAL B 59 6.50 35.00 -56.71
CA VAL B 59 7.21 36.27 -56.62
C VAL B 59 7.39 36.83 -58.02
N ALA B 60 7.62 38.15 -58.08
CA ALA B 60 7.95 38.82 -59.33
C ALA B 60 9.43 39.15 -59.44
N GLU B 61 10.04 39.62 -58.35
CA GLU B 61 11.47 39.88 -58.34
C GLU B 61 12.27 38.58 -58.32
N ASP B 62 13.49 38.65 -58.83
CA ASP B 62 14.39 37.49 -58.88
C ASP B 62 15.24 37.50 -57.61
N LEU B 63 14.99 36.53 -56.72
CA LEU B 63 15.77 36.45 -55.50
C LEU B 63 17.17 35.90 -55.76
N GLY B 64 17.30 34.97 -56.71
CA GLY B 64 18.58 34.35 -56.99
C GLY B 64 18.82 33.13 -56.12
N LEU B 65 20.07 32.91 -55.74
CA LEU B 65 20.41 31.82 -54.82
C LEU B 65 19.94 32.19 -53.42
N LEU B 66 19.08 31.36 -52.84
CA LEU B 66 18.56 31.63 -51.51
C LEU B 66 19.62 31.36 -50.46
N GLN B 67 19.81 32.32 -49.56
CA GLN B 67 20.80 32.21 -48.50
C GLN B 67 20.19 32.17 -47.10
N PHE B 68 19.09 32.87 -46.86
CA PHE B 68 18.50 32.94 -45.53
C PHE B 68 16.99 32.79 -45.65
N VAL B 69 16.38 32.27 -44.58
CA VAL B 69 14.94 32.32 -44.39
C VAL B 69 14.70 32.89 -43.00
N ARG B 70 13.99 34.01 -42.94
CA ARG B 70 13.71 34.66 -41.67
C ARG B 70 12.30 34.33 -41.21
N LEU B 71 12.13 34.26 -39.89
CA LEU B 71 10.86 33.91 -39.29
C LEU B 71 10.49 34.93 -38.22
N ARG B 72 9.20 35.22 -38.11
CA ARG B 72 8.69 36.09 -37.05
C ARG B 72 7.26 35.70 -36.78
N LYS B 73 6.96 35.34 -35.53
CA LYS B 73 5.61 34.95 -35.15
C LYS B 73 4.73 36.20 -35.07
N HIS B 74 3.67 36.23 -35.88
CA HIS B 74 2.86 37.43 -36.05
C HIS B 74 1.63 37.34 -35.15
N HIS B 75 1.63 38.15 -34.08
CA HIS B 75 0.51 38.32 -33.14
C HIS B 75 0.10 37.00 -32.49
N TRP B 76 1.04 36.44 -31.72
CA TRP B 76 0.83 35.18 -31.03
C TRP B 76 0.54 35.40 -29.56
N LEU B 77 -0.21 34.49 -28.98
CA LEU B 77 -0.43 34.50 -27.54
C LEU B 77 0.84 34.02 -26.82
N VAL B 78 0.92 34.36 -25.53
CA VAL B 78 2.14 34.09 -24.76
C VAL B 78 2.32 32.59 -24.50
N ASP B 79 1.22 31.85 -24.37
CA ASP B 79 1.32 30.41 -24.13
C ASP B 79 1.55 29.62 -25.41
N ASP B 80 1.47 30.25 -26.58
CA ASP B 80 1.69 29.57 -27.84
C ASP B 80 3.19 29.35 -28.06
N ALA B 81 3.56 28.12 -28.40
CA ALA B 81 4.94 27.76 -28.67
C ALA B 81 5.02 26.96 -29.96
N TRP B 82 6.14 27.09 -30.67
CA TRP B 82 6.33 26.43 -31.95
C TRP B 82 7.77 25.94 -32.04
N PHE B 83 7.94 24.65 -32.30
CA PHE B 83 9.25 24.06 -32.53
C PHE B 83 9.38 23.80 -34.02
N CYS B 84 9.99 24.75 -34.73
CA CYS B 84 10.21 24.62 -36.17
C CYS B 84 11.36 23.65 -36.41
N ASP B 85 11.07 22.54 -37.09
CA ASP B 85 12.12 21.58 -37.41
C ASP B 85 13.04 22.10 -38.51
N ARG B 86 12.49 22.29 -39.70
CA ARG B 86 13.28 22.74 -40.84
C ARG B 86 12.34 23.34 -41.87
N ILE B 87 12.92 24.14 -42.76
CA ILE B 87 12.19 24.74 -43.87
C ILE B 87 12.93 24.40 -45.16
N THR B 88 12.26 23.65 -46.04
CA THR B 88 12.82 23.31 -47.34
C THR B 88 12.09 24.12 -48.40
N VAL B 89 12.84 24.88 -49.19
CA VAL B 89 12.28 25.73 -50.23
C VAL B 89 12.72 25.19 -51.58
N GLN B 90 11.74 24.77 -52.39
CA GLN B 90 12.00 24.33 -53.75
C GLN B 90 11.91 25.53 -54.67
N GLY B 91 13.04 25.89 -55.28
CA GLY B 91 13.10 27.04 -56.16
C GLY B 91 12.48 26.76 -57.51
N PRO B 92 12.34 27.82 -58.31
CA PRO B 92 11.77 27.64 -59.65
C PRO B 92 12.73 26.90 -60.58
N GLY B 93 12.18 25.95 -61.32
CA GLY B 93 12.95 25.15 -62.24
C GLY B 93 13.17 23.74 -61.74
N ALA B 94 14.21 23.11 -62.27
CA ALA B 94 14.57 21.74 -61.93
C ALA B 94 15.64 21.66 -60.84
N CYS B 95 15.94 22.78 -60.19
CA CYS B 95 16.92 22.79 -59.11
C CYS B 95 16.38 22.07 -57.89
N ALA B 96 17.31 21.58 -57.06
CA ALA B 96 16.94 20.85 -55.85
C ALA B 96 16.40 21.82 -54.79
N GLU B 97 15.65 21.25 -53.84
CA GLU B 97 15.08 22.06 -52.77
C GLU B 97 16.17 22.48 -51.79
N VAL B 98 16.14 23.74 -51.41
CA VAL B 98 17.13 24.32 -50.50
C VAL B 98 16.62 24.20 -49.08
N ALA B 99 17.41 23.58 -48.21
CA ALA B 99 17.01 23.26 -46.85
C ALA B 99 17.51 24.31 -45.87
N PHE B 100 16.66 24.66 -44.91
CA PHE B 100 16.97 25.65 -43.87
C PHE B 100 16.61 25.03 -42.53
N PRO B 101 17.54 24.29 -41.91
CA PRO B 101 17.21 23.62 -40.64
C PRO B 101 17.15 24.61 -39.49
N CYS B 102 16.03 24.58 -38.77
CA CYS B 102 15.87 25.41 -37.58
C CYS B 102 16.09 24.60 -36.30
N TYR B 103 15.24 23.59 -36.07
CA TYR B 103 15.33 22.64 -34.95
C TYR B 103 15.45 23.33 -33.60
N ARG B 104 14.66 24.38 -33.41
CA ARG B 104 14.68 25.15 -32.18
C ARG B 104 13.33 25.79 -31.97
N TRP B 105 13.06 26.17 -30.72
CA TRP B 105 11.84 26.90 -30.41
C TRP B 105 11.97 28.35 -30.87
N VAL B 106 11.02 28.79 -31.68
CA VAL B 106 11.00 30.17 -32.14
C VAL B 106 10.50 31.04 -30.99
N GLN B 107 11.40 31.80 -30.38
CA GLN B 107 11.12 32.51 -29.14
C GLN B 107 10.87 33.98 -29.41
N GLY B 108 9.89 34.55 -28.71
CA GLY B 108 9.63 35.97 -28.72
C GLY B 108 9.03 36.48 -30.03
N GLU B 109 9.09 37.79 -30.19
CA GLU B 109 8.55 38.47 -31.36
C GLU B 109 9.64 39.00 -32.28
N ASP B 110 10.90 38.73 -31.99
CA ASP B 110 12.00 39.19 -32.83
C ASP B 110 12.18 38.26 -34.03
N ILE B 111 12.96 38.72 -34.99
CA ILE B 111 13.16 37.99 -36.24
C ILE B 111 14.20 36.91 -36.03
N LEU B 112 13.83 35.66 -36.30
CA LEU B 112 14.74 34.53 -36.26
C LEU B 112 15.20 34.22 -37.67
N SER B 113 16.50 34.38 -37.92
CA SER B 113 17.08 34.17 -39.25
C SER B 113 17.68 32.78 -39.33
N LEU B 114 17.17 31.97 -40.25
CA LEU B 114 17.68 30.63 -40.47
C LEU B 114 18.61 30.65 -41.67
N PRO B 115 19.90 30.41 -41.50
CA PRO B 115 20.81 30.40 -42.65
C PRO B 115 20.62 29.14 -43.49
N GLU B 116 21.26 29.17 -44.66
CA GLU B 116 21.21 28.02 -45.56
C GLU B 116 21.96 26.84 -44.96
N GLY B 117 21.42 25.64 -45.15
CA GLY B 117 21.88 24.48 -44.42
C GLY B 117 23.18 23.87 -44.86
N THR B 118 23.81 24.37 -45.93
CA THR B 118 25.14 23.92 -46.29
C THR B 118 26.13 24.43 -45.25
N ALA B 119 26.88 23.52 -44.64
CA ALA B 119 27.78 23.89 -43.56
C ALA B 119 28.99 24.62 -44.11
N ARG B 120 29.30 25.77 -43.52
CA ARG B 120 30.36 26.64 -43.99
C ARG B 120 31.29 26.99 -42.85
N LEU B 121 32.60 26.86 -43.10
CA LEU B 121 33.58 27.38 -42.16
C LEU B 121 33.65 28.90 -42.29
N PRO B 122 33.93 29.60 -41.18
CA PRO B 122 34.05 31.06 -41.27
C PRO B 122 35.29 31.49 -42.04
N GLY B 123 35.13 32.60 -42.77
CA GLY B 123 36.21 33.15 -43.56
C GLY B 123 36.60 34.54 -43.09
N ASP B 124 37.52 35.14 -43.84
CA ASP B 124 38.02 36.47 -43.54
C ASP B 124 37.19 37.57 -44.18
N ASN B 125 36.17 37.21 -44.96
CA ASN B 125 35.29 38.20 -45.58
C ASN B 125 34.26 38.64 -44.55
N ALA B 126 34.49 39.80 -43.94
CA ALA B 126 33.58 40.30 -42.91
C ALA B 126 32.28 40.83 -43.50
N LEU B 127 32.24 41.11 -44.80
CA LEU B 127 31.04 41.59 -45.46
C LEU B 127 30.14 40.46 -45.95
N ASP B 128 30.54 39.21 -45.74
CA ASP B 128 29.73 38.07 -46.14
C ASP B 128 28.49 37.98 -45.24
N MET B 129 27.36 37.60 -45.85
CA MET B 129 26.10 37.53 -45.12
C MET B 129 26.10 36.38 -44.13
N PHE B 130 26.74 35.26 -44.46
CA PHE B 130 26.85 34.16 -43.50
C PHE B 130 27.84 34.48 -42.39
N GLN B 131 28.90 35.23 -42.71
CA GLN B 131 29.88 35.61 -41.69
C GLN B 131 29.30 36.59 -40.68
N LYS B 132 28.48 37.53 -41.15
CA LYS B 132 27.82 38.45 -40.24
C LYS B 132 26.74 37.77 -39.41
N HIS B 133 26.11 36.73 -39.97
CA HIS B 133 25.09 36.00 -39.22
C HIS B 133 25.71 35.16 -38.12
N ARG B 134 26.83 34.48 -38.41
CA ARG B 134 27.41 33.59 -37.43
C ARG B 134 28.12 34.35 -36.31
N GLU B 135 28.56 35.58 -36.57
CA GLU B 135 29.08 36.41 -35.50
C GLU B 135 27.96 36.98 -34.64
N LYS B 136 26.81 37.29 -35.25
CA LYS B 136 25.65 37.73 -34.49
C LYS B 136 25.07 36.58 -33.67
N GLU B 137 25.10 35.37 -34.23
CA GLU B 137 24.55 34.20 -33.53
C GLU B 137 25.39 33.83 -32.31
N LEU B 138 26.72 33.88 -32.44
CA LEU B 138 27.59 33.52 -31.33
C LEU B 138 27.52 34.54 -30.20
N LYS B 139 27.23 35.81 -30.50
CA LYS B 139 26.96 36.78 -29.46
C LYS B 139 25.66 36.46 -28.74
N ASP B 140 24.65 36.00 -29.48
CA ASP B 140 23.38 35.64 -28.85
C ASP B 140 23.50 34.36 -28.04
N ARG B 141 24.31 33.40 -28.52
CA ARG B 141 24.47 32.14 -27.81
C ARG B 141 25.25 32.32 -26.50
N GLN B 142 26.26 33.19 -26.50
CA GLN B 142 27.07 33.38 -25.30
C GLN B 142 26.35 34.18 -24.22
N GLN B 143 25.23 34.82 -24.54
CA GLN B 143 24.39 35.43 -23.51
C GLN B 143 23.35 34.45 -22.99
N ILE B 144 22.94 33.48 -23.81
CA ILE B 144 21.96 32.48 -23.42
C ILE B 144 22.65 31.29 -22.74
N TYR B 145 23.74 30.81 -23.33
CA TYR B 145 24.51 29.70 -22.79
C TYR B 145 25.72 30.28 -22.05
N CYS B 146 25.74 30.08 -20.73
CA CYS B 146 26.81 30.62 -19.90
C CYS B 146 27.34 29.53 -18.98
N TRP B 147 28.63 29.65 -18.66
CA TRP B 147 29.25 28.72 -17.73
C TRP B 147 28.89 29.08 -16.29
N ALA B 148 28.85 28.06 -15.44
CA ALA B 148 28.65 28.26 -14.01
C ALA B 148 29.50 27.25 -13.25
N THR B 149 29.95 27.65 -12.07
CA THR B 149 30.72 26.78 -11.19
C THR B 149 29.75 26.16 -10.19
N TRP B 150 29.42 24.87 -10.41
CA TRP B 150 28.60 24.16 -9.45
C TRP B 150 29.37 23.91 -8.16
N LYS B 151 30.58 23.37 -8.28
CA LYS B 151 31.51 23.23 -7.17
C LYS B 151 32.90 23.59 -7.66
N GLU B 152 33.72 24.15 -6.77
CA GLU B 152 35.07 24.54 -7.11
C GLU B 152 35.94 23.31 -7.34
N GLY B 153 36.82 23.39 -8.33
CA GLY B 153 37.66 22.28 -8.72
C GLY B 153 37.00 21.29 -9.65
N LEU B 154 35.77 21.54 -10.06
CA LEU B 154 35.00 20.68 -10.94
C LEU B 154 34.84 21.33 -12.30
N PRO B 155 34.59 20.54 -13.36
CA PRO B 155 34.25 21.14 -14.65
C PRO B 155 32.96 21.95 -14.58
N LEU B 156 32.94 23.05 -15.33
CA LEU B 156 31.86 24.00 -15.24
C LEU B 156 30.61 23.47 -15.93
N THR B 157 29.46 23.97 -15.49
CA THR B 157 28.16 23.52 -15.95
C THR B 157 27.47 24.65 -16.73
N ILE B 158 26.25 24.37 -17.19
CA ILE B 158 25.41 25.42 -17.75
C ILE B 158 24.89 26.29 -16.61
N ALA B 159 24.77 27.59 -16.86
CA ALA B 159 24.26 28.54 -15.86
C ALA B 159 22.76 28.36 -15.71
N ALA B 160 22.38 27.40 -14.87
CA ALA B 160 20.97 27.12 -14.61
C ALA B 160 20.88 26.47 -13.24
N ASP B 161 20.30 27.18 -12.28
CA ASP B 161 20.08 26.61 -10.95
C ASP B 161 19.01 25.52 -10.99
N ARG B 162 17.94 25.76 -11.73
CA ARG B 162 16.87 24.79 -11.94
C ARG B 162 16.73 24.52 -13.42
N LYS B 163 15.87 23.56 -13.75
CA LYS B 163 15.62 23.25 -15.16
C LYS B 163 14.80 24.34 -15.85
N ASP B 164 14.07 25.16 -15.10
CA ASP B 164 13.35 26.28 -15.69
C ASP B 164 14.29 27.41 -16.09
N ASP B 165 15.49 27.47 -15.53
CA ASP B 165 16.48 28.48 -15.88
C ASP B 165 17.26 28.13 -17.14
N LEU B 166 17.00 26.97 -17.73
CA LEU B 166 17.75 26.52 -18.89
C LEU B 166 17.33 27.29 -20.14
N PRO B 167 18.18 27.28 -21.16
CA PRO B 167 17.74 27.70 -22.51
C PRO B 167 16.61 26.81 -23.00
N PRO B 168 15.63 27.39 -23.72
CA PRO B 168 14.47 26.60 -24.14
C PRO B 168 14.78 25.53 -25.17
N ASN B 169 15.86 25.66 -25.94
CA ASN B 169 16.22 24.62 -26.89
C ASN B 169 16.90 23.43 -26.23
N MET B 170 17.39 23.59 -25.00
CA MET B 170 17.95 22.49 -24.24
C MET B 170 16.94 21.79 -23.36
N ARG B 171 15.68 22.23 -23.38
CA ARG B 171 14.67 21.63 -22.53
C ARG B 171 14.23 20.28 -23.10
N PHE B 172 13.66 19.46 -22.22
CA PHE B 172 13.03 18.21 -22.65
C PHE B 172 11.82 18.51 -23.52
N HIS B 173 11.60 17.66 -24.52
CA HIS B 173 10.35 17.72 -25.26
C HIS B 173 9.25 17.03 -24.46
N GLU B 174 8.05 16.99 -25.05
CA GLU B 174 6.87 16.54 -24.32
C GLU B 174 6.94 15.06 -23.96
N GLU B 175 7.41 14.22 -24.89
CA GLU B 175 7.44 12.79 -24.64
C GLU B 175 8.57 12.40 -23.68
N LYS B 176 9.66 13.16 -23.66
CA LYS B 176 10.72 12.91 -22.68
C LYS B 176 10.30 13.38 -21.29
N ARG B 177 9.68 14.56 -21.21
CA ARG B 177 9.31 15.12 -19.91
C ARG B 177 8.19 14.33 -19.26
N LEU B 178 7.20 13.87 -20.04
CA LEU B 178 6.12 13.09 -19.48
C LEU B 178 6.58 11.70 -19.06
N ASP B 179 7.56 11.13 -19.76
CA ASP B 179 8.14 9.87 -19.32
C ASP B 179 8.95 10.05 -18.04
N PHE B 180 9.64 11.20 -17.92
CA PHE B 180 10.38 11.50 -16.71
C PHE B 180 9.45 11.70 -15.51
N GLU B 181 8.31 12.35 -15.74
CA GLU B 181 7.33 12.52 -14.68
C GLU B 181 6.65 11.19 -14.34
N TRP B 182 6.53 10.29 -15.32
CA TRP B 182 5.95 8.98 -15.04
C TRP B 182 6.90 8.13 -14.21
N THR B 183 8.20 8.20 -14.49
CA THR B 183 9.17 7.39 -13.75
C THR B 183 9.31 7.83 -12.30
N LEU B 184 9.09 9.12 -12.03
CA LEU B 184 9.05 9.58 -10.65
C LEU B 184 7.86 8.99 -9.91
N LYS B 185 6.70 8.90 -10.57
CA LYS B 185 5.53 8.31 -9.93
C LYS B 185 5.65 6.79 -9.85
N ALA B 186 6.21 6.17 -10.89
CA ALA B 186 6.40 4.72 -10.87
C ALA B 186 7.46 4.31 -9.87
N GLY B 187 8.51 5.12 -9.72
CA GLY B 187 9.49 4.86 -8.70
C GLY B 187 8.97 5.08 -7.30
N ALA B 188 8.15 6.11 -7.11
CA ALA B 188 7.61 6.40 -5.78
C ALA B 188 6.55 5.40 -5.37
N LEU B 189 5.82 4.83 -6.35
CA LEU B 189 4.86 3.78 -6.04
C LEU B 189 5.58 2.53 -5.54
N GLU B 190 6.63 2.12 -6.24
CA GLU B 190 7.32 0.88 -5.90
C GLU B 190 8.12 1.01 -4.61
N MET B 191 8.66 2.20 -4.33
CA MET B 191 9.38 2.40 -3.08
C MET B 191 8.44 2.43 -1.88
N ALA B 192 7.24 3.01 -2.05
CA ALA B 192 6.29 3.05 -0.96
C ALA B 192 5.72 1.68 -0.65
N LEU B 193 5.46 0.87 -1.68
CA LEU B 193 4.96 -0.48 -1.46
C LEU B 193 6.04 -1.39 -0.88
N LYS B 194 7.30 -1.19 -1.27
CA LYS B 194 8.40 -1.93 -0.66
C LYS B 194 8.64 -1.49 0.77
N ARG B 195 8.39 -0.21 1.07
CA ARG B 195 8.46 0.26 2.45
C ARG B 195 7.39 -0.41 3.31
N VAL B 196 6.19 -0.57 2.76
CA VAL B 196 5.11 -1.24 3.48
C VAL B 196 5.41 -2.73 3.62
N TYR B 197 5.87 -3.37 2.54
CA TYR B 197 6.09 -4.82 2.54
C TYR B 197 7.20 -5.24 3.49
N THR B 198 8.18 -4.37 3.71
CA THR B 198 9.33 -4.67 4.55
C THR B 198 9.33 -3.84 5.82
N LEU B 199 8.17 -3.30 6.22
CA LEU B 199 8.09 -2.44 7.39
C LEU B 199 8.40 -3.21 8.68
N LEU B 200 7.84 -4.41 8.82
CA LEU B 200 8.06 -5.23 10.01
C LEU B 200 9.01 -6.39 9.76
N SER B 201 9.54 -6.52 8.55
CA SER B 201 10.42 -7.64 8.23
C SER B 201 11.76 -7.46 8.92
N SER B 202 12.37 -8.57 9.29
CA SER B 202 13.65 -8.56 9.98
C SER B 202 14.77 -8.68 8.97
N TRP B 203 15.74 -7.78 9.05
CA TRP B 203 16.81 -7.67 8.07
C TRP B 203 18.04 -8.35 8.68
N ASN B 204 18.07 -9.67 8.60
CA ASN B 204 19.12 -10.45 9.24
C ASN B 204 19.82 -11.49 8.37
N CYS B 205 19.40 -11.69 7.13
CA CYS B 205 20.05 -12.65 6.26
C CYS B 205 20.02 -12.14 4.82
N LEU B 206 20.87 -12.73 3.98
CA LEU B 206 20.99 -12.30 2.59
C LEU B 206 19.74 -12.56 1.78
N GLU B 207 18.91 -13.52 2.20
CA GLU B 207 17.66 -13.80 1.53
C GLU B 207 16.58 -12.76 1.83
N ASP B 208 16.80 -11.86 2.79
CA ASP B 208 15.84 -10.79 3.06
C ASP B 208 15.84 -9.74 1.95
N PHE B 209 16.90 -9.67 1.14
CA PHE B 209 16.90 -8.77 -0.02
C PHE B 209 15.97 -9.26 -1.12
N ASP B 210 15.51 -10.51 -1.08
CA ASP B 210 14.50 -10.98 -2.01
C ASP B 210 13.15 -10.31 -1.80
N GLN B 211 12.90 -9.77 -0.60
CA GLN B 211 11.64 -9.08 -0.31
C GLN B 211 11.49 -7.80 -1.11
N ILE B 212 12.60 -7.21 -1.57
CA ILE B 212 12.56 -6.01 -2.38
C ILE B 212 13.08 -6.25 -3.78
N PHE B 213 13.56 -7.45 -4.09
CA PHE B 213 14.13 -7.71 -5.42
C PHE B 213 13.00 -8.06 -6.39
N TRP B 214 12.25 -7.03 -6.78
CA TRP B 214 11.20 -7.19 -7.76
C TRP B 214 10.87 -5.83 -8.37
N GLY B 215 10.20 -5.89 -9.52
CA GLY B 215 9.73 -4.67 -10.13
C GLY B 215 10.85 -4.04 -10.93
N GLN B 216 11.54 -3.11 -10.28
CA GLN B 216 12.70 -2.44 -10.85
C GLN B 216 13.89 -3.40 -10.84
N LYS B 217 13.87 -4.33 -11.81
CA LYS B 217 14.97 -5.28 -12.00
C LYS B 217 14.93 -5.74 -13.46
N SER B 218 15.94 -6.53 -13.83
CA SER B 218 16.10 -6.99 -15.20
C SER B 218 16.38 -8.48 -15.19
N ALA B 219 16.51 -9.05 -16.40
CA ALA B 219 16.79 -10.47 -16.53
C ALA B 219 18.19 -10.82 -16.07
N LEU B 220 19.15 -9.93 -16.34
CA LEU B 220 20.52 -10.18 -15.90
C LEU B 220 20.65 -10.07 -14.39
N ALA B 221 19.88 -9.17 -13.77
CA ALA B 221 19.93 -9.01 -12.32
C ALA B 221 19.42 -10.25 -11.58
N GLU B 222 18.48 -10.98 -12.18
CA GLU B 222 18.08 -12.27 -11.62
C GLU B 222 19.22 -13.28 -11.67
N LYS B 223 19.98 -13.28 -12.75
CA LYS B 223 21.18 -14.12 -12.83
C LYS B 223 22.24 -13.64 -11.85
N VAL B 224 22.30 -12.33 -11.60
CA VAL B 224 23.25 -11.77 -10.65
C VAL B 224 22.90 -12.22 -9.23
N ARG B 225 21.61 -12.25 -8.89
CA ARG B 225 21.15 -12.67 -7.57
C ARG B 225 21.53 -14.12 -7.28
N GLN B 226 21.47 -14.98 -8.30
CA GLN B 226 21.86 -16.37 -8.13
C GLN B 226 23.37 -16.52 -7.93
N CYS B 227 24.18 -15.66 -8.57
CA CYS B 227 25.60 -15.92 -8.69
C CYS B 227 26.50 -14.81 -8.14
N TRP B 228 25.97 -13.93 -7.29
CA TRP B 228 26.77 -12.81 -6.82
C TRP B 228 27.86 -13.25 -5.84
N GLN B 229 27.64 -14.34 -5.12
CA GLN B 229 28.67 -14.84 -4.22
C GLN B 229 29.77 -15.60 -4.94
N ASP B 230 29.59 -15.91 -6.22
CA ASP B 230 30.63 -16.57 -7.00
C ASP B 230 31.80 -15.63 -7.22
N ASP B 231 33.01 -16.16 -7.06
CA ASP B 231 34.21 -15.36 -7.28
C ASP B 231 34.42 -15.04 -8.76
N GLU B 232 33.87 -15.87 -9.66
CA GLU B 232 34.03 -15.61 -11.08
C GLU B 232 33.13 -14.46 -11.55
N LEU B 233 31.94 -14.31 -10.94
CA LEU B 233 31.09 -13.19 -11.31
C LEU B 233 31.58 -11.88 -10.71
N PHE B 234 32.13 -11.93 -9.50
CA PHE B 234 32.75 -10.77 -8.86
C PHE B 234 33.90 -10.25 -9.69
N SER B 235 34.70 -11.15 -10.26
CA SER B 235 35.79 -10.76 -11.14
C SER B 235 35.30 -10.35 -12.53
N TYR B 236 34.14 -10.87 -12.94
CA TYR B 236 33.59 -10.56 -14.25
C TYR B 236 33.18 -9.10 -14.38
N GLN B 237 32.79 -8.47 -13.27
CA GLN B 237 32.28 -7.12 -13.33
C GLN B 237 33.37 -6.08 -13.55
N PHE B 238 34.63 -6.41 -13.29
CA PHE B 238 35.72 -5.50 -13.60
C PHE B 238 35.96 -5.39 -15.09
N LEU B 239 35.58 -6.39 -15.87
CA LEU B 239 35.73 -6.36 -17.33
C LEU B 239 34.44 -6.01 -18.05
N ASN B 240 33.31 -6.59 -17.64
CA ASN B 240 32.08 -6.51 -18.42
C ASN B 240 30.87 -6.15 -17.56
N GLY B 241 31.09 -5.60 -16.38
CA GLY B 241 30.01 -5.20 -15.50
C GLY B 241 29.56 -3.78 -15.75
N ALA B 242 29.02 -3.16 -14.70
CA ALA B 242 28.58 -1.78 -14.81
C ALA B 242 29.75 -0.82 -14.90
N ASN B 243 30.88 -1.15 -14.28
CA ASN B 243 32.08 -0.31 -14.28
C ASN B 243 33.25 -1.08 -14.88
N PRO B 244 33.43 -1.03 -16.19
CA PRO B 244 34.59 -1.68 -16.81
C PRO B 244 35.80 -0.77 -16.94
N MET B 245 35.88 0.29 -16.14
CA MET B 245 36.85 1.35 -16.36
C MET B 245 37.96 1.44 -15.33
N LEU B 246 37.95 0.61 -14.28
CA LEU B 246 38.98 0.74 -13.27
C LEU B 246 40.07 -0.32 -13.38
N LEU B 247 39.74 -1.49 -13.94
CA LEU B 247 40.66 -2.61 -13.97
C LEU B 247 41.87 -2.32 -14.86
N ARG B 248 43.06 -2.43 -14.27
CA ARG B 248 44.31 -2.25 -14.98
C ARG B 248 45.14 -3.52 -14.91
N ARG B 249 45.88 -3.79 -15.98
CA ARG B 249 46.88 -4.84 -15.93
C ARG B 249 48.07 -4.36 -15.11
N SER B 250 48.46 -5.15 -14.11
CA SER B 250 49.53 -4.76 -13.21
C SER B 250 50.87 -4.93 -13.90
N THR B 251 51.60 -3.83 -14.07
CA THR B 251 52.99 -3.88 -14.50
C THR B 251 53.94 -4.10 -13.34
N SER B 252 53.46 -3.92 -12.11
CA SER B 252 54.25 -4.16 -10.91
C SER B 252 53.27 -4.38 -9.76
N LEU B 253 53.79 -4.93 -8.67
CA LEU B 253 52.99 -5.04 -7.45
C LEU B 253 52.76 -3.64 -6.88
N PRO B 254 51.53 -3.35 -6.43
CA PRO B 254 51.26 -2.03 -5.85
C PRO B 254 52.00 -1.82 -4.53
N SER B 255 52.41 -0.57 -4.30
CA SER B 255 53.12 -0.23 -3.08
C SER B 255 52.22 -0.26 -1.86
N ARG B 256 50.91 -0.10 -2.04
CA ARG B 256 49.97 -0.23 -0.94
C ARG B 256 49.72 -1.69 -0.56
N LEU B 257 50.05 -2.63 -1.44
CA LEU B 257 49.87 -4.05 -1.14
C LEU B 257 51.03 -4.50 -0.28
N VAL B 258 50.85 -4.40 1.03
CA VAL B 258 51.87 -4.77 2.00
C VAL B 258 51.48 -6.12 2.58
N LEU B 259 52.26 -7.15 2.26
CA LEU B 259 51.99 -8.50 2.75
C LEU B 259 52.69 -8.72 4.08
N PRO B 260 52.00 -9.22 5.09
CA PRO B 260 52.65 -9.52 6.37
C PRO B 260 53.42 -10.83 6.30
N SER B 261 54.06 -11.16 7.41
CA SER B 261 54.77 -12.45 7.52
C SER B 261 53.79 -13.60 7.54
N GLY B 262 54.23 -14.75 7.02
CA GLY B 262 53.39 -15.92 6.94
C GLY B 262 52.49 -15.99 5.72
N MET B 263 52.62 -15.04 4.79
CA MET B 263 51.84 -15.03 3.56
C MET B 263 52.75 -15.08 2.35
N GLU B 264 53.78 -15.92 2.39
CA GLU B 264 54.70 -16.07 1.27
C GLU B 264 54.09 -16.86 0.12
N GLU B 265 53.05 -17.65 0.38
CA GLU B 265 52.33 -18.33 -0.69
C GLU B 265 51.64 -17.34 -1.61
N LEU B 266 51.00 -16.32 -1.03
CA LEU B 266 50.37 -15.26 -1.82
C LEU B 266 51.40 -14.42 -2.56
N GLN B 267 52.54 -14.16 -1.91
CA GLN B 267 53.61 -13.38 -2.54
C GLN B 267 54.20 -14.11 -3.75
N ALA B 268 54.34 -15.43 -3.64
CA ALA B 268 54.80 -16.22 -4.78
C ALA B 268 53.75 -16.25 -5.89
N GLN B 269 52.47 -16.32 -5.52
CA GLN B 269 51.41 -16.34 -6.51
C GLN B 269 51.25 -14.99 -7.20
N LEU B 270 51.43 -13.90 -6.46
CA LEU B 270 51.34 -12.56 -7.05
C LEU B 270 52.49 -12.30 -8.02
N GLU B 271 53.70 -12.76 -7.67
CA GLU B 271 54.84 -12.58 -8.56
C GLU B 271 54.77 -13.51 -9.77
N LYS B 272 54.13 -14.68 -9.61
CA LYS B 272 53.96 -15.60 -10.74
C LYS B 272 53.05 -15.00 -11.80
N GLU B 273 51.94 -14.39 -11.39
CA GLU B 273 51.04 -13.77 -12.35
C GLU B 273 51.62 -12.47 -12.89
N LEU B 274 52.49 -11.81 -12.13
CA LEU B 274 53.10 -10.56 -12.58
C LEU B 274 54.09 -10.81 -13.71
N GLN B 275 54.92 -11.85 -13.59
CA GLN B 275 55.84 -12.19 -14.66
C GLN B 275 55.10 -12.81 -15.85
N ASN B 276 53.97 -13.47 -15.59
CA ASN B 276 53.15 -14.00 -16.68
C ASN B 276 52.42 -12.90 -17.44
N GLY B 277 52.25 -11.73 -16.82
CA GLY B 277 51.46 -10.67 -17.42
C GLY B 277 49.98 -10.80 -17.23
N SER B 278 49.53 -11.78 -16.44
CA SER B 278 48.11 -12.03 -16.21
C SER B 278 47.63 -11.47 -14.88
N LEU B 279 48.45 -10.65 -14.21
CA LEU B 279 48.05 -10.04 -12.95
C LEU B 279 47.30 -8.74 -13.23
N PHE B 280 46.11 -8.62 -12.67
CA PHE B 280 45.26 -7.45 -12.88
C PHE B 280 44.88 -6.86 -11.54
N GLU B 281 44.73 -5.54 -11.51
CA GLU B 281 44.40 -4.82 -10.28
C GLU B 281 43.25 -3.87 -10.53
N ALA B 282 42.49 -3.61 -9.48
CA ALA B 282 41.47 -2.56 -9.46
C ALA B 282 41.70 -1.78 -8.17
N ASP B 283 42.37 -0.64 -8.29
CA ASP B 283 42.77 0.15 -7.14
C ASP B 283 41.75 1.27 -6.93
N PHE B 284 41.11 1.26 -5.77
CA PHE B 284 40.11 2.25 -5.40
C PHE B 284 40.70 3.33 -4.50
N ILE B 285 41.96 3.71 -4.75
CA ILE B 285 42.68 4.64 -3.88
C ILE B 285 42.14 6.06 -3.94
N LEU B 286 41.28 6.37 -4.92
CA LEU B 286 40.62 7.66 -4.97
C LEU B 286 39.63 7.87 -3.83
N LEU B 287 39.19 6.79 -3.19
CA LEU B 287 38.26 6.85 -2.06
C LEU B 287 38.96 6.98 -0.72
N ASP B 288 40.29 7.06 -0.69
CA ASP B 288 41.03 7.12 0.57
C ASP B 288 40.87 8.49 1.20
N GLY B 289 40.34 8.52 2.42
CA GLY B 289 40.15 9.77 3.12
C GLY B 289 38.91 10.54 2.75
N ILE B 290 38.07 9.99 1.87
CA ILE B 290 36.79 10.63 1.55
C ILE B 290 35.86 10.51 2.75
N PRO B 291 35.28 11.61 3.24
CA PRO B 291 34.36 11.51 4.38
C PRO B 291 33.07 10.81 4.00
N ALA B 292 32.67 9.84 4.82
CA ALA B 292 31.51 9.03 4.50
C ALA B 292 30.22 9.76 4.91
N ASN B 293 29.12 9.30 4.34
CA ASN B 293 27.82 9.91 4.57
C ASN B 293 27.32 9.61 5.98
N VAL B 294 26.35 10.41 6.43
CA VAL B 294 25.57 10.12 7.61
C VAL B 294 24.11 10.14 7.17
N ILE B 295 23.47 8.97 7.14
CA ILE B 295 22.14 8.81 6.58
C ILE B 295 21.18 8.56 7.74
N ARG B 296 20.27 9.51 7.95
CA ARG B 296 19.27 9.49 9.04
C ARG B 296 19.92 9.31 10.40
N GLY B 297 21.07 9.97 10.58
CA GLY B 297 21.82 9.90 11.81
C GLY B 297 22.68 8.67 11.96
N GLU B 298 22.67 7.76 10.99
CA GLU B 298 23.49 6.56 11.04
C GLU B 298 24.75 6.80 10.22
N LYS B 299 25.90 6.55 10.82
CA LYS B 299 27.16 6.76 10.13
C LYS B 299 27.37 5.69 9.07
N GLN B 300 27.62 6.12 7.84
CA GLN B 300 28.08 5.22 6.81
C GLN B 300 29.60 5.11 6.87
N TYR B 301 30.14 4.15 6.13
CA TYR B 301 31.57 3.90 6.18
C TYR B 301 32.09 3.65 4.78
N LEU B 302 33.28 4.18 4.51
CA LEU B 302 33.96 4.04 3.23
C LEU B 302 35.30 3.34 3.42
N ALA B 303 35.79 2.79 2.32
CA ALA B 303 37.13 2.20 2.28
C ALA B 303 37.74 2.53 0.93
N ALA B 304 39.03 2.25 0.80
CA ALA B 304 39.75 2.38 -0.46
C ALA B 304 40.42 1.05 -0.77
N PRO B 305 39.68 0.07 -1.28
CA PRO B 305 40.22 -1.27 -1.45
C PRO B 305 41.18 -1.39 -2.63
N LEU B 306 41.92 -2.50 -2.60
CA LEU B 306 42.72 -2.95 -3.73
C LEU B 306 42.47 -4.44 -3.89
N VAL B 307 41.95 -4.82 -5.05
CA VAL B 307 41.75 -6.23 -5.38
C VAL B 307 42.70 -6.61 -6.49
N MET B 308 43.50 -7.64 -6.25
CA MET B 308 44.41 -8.19 -7.24
C MET B 308 43.76 -9.42 -7.85
N LEU B 309 43.77 -9.48 -9.18
CA LEU B 309 43.09 -10.54 -9.90
C LEU B 309 44.04 -11.16 -10.91
N LYS B 310 43.87 -12.46 -11.14
CA LYS B 310 44.67 -13.19 -12.11
C LYS B 310 43.80 -13.62 -13.27
N MET B 311 44.37 -13.56 -14.48
CA MET B 311 43.68 -14.00 -15.68
C MET B 311 44.01 -15.46 -15.92
N GLU B 312 43.00 -16.32 -15.80
CA GLU B 312 43.16 -17.72 -16.09
C GLU B 312 43.31 -17.93 -17.60
N PRO B 313 43.92 -19.05 -18.03
CA PRO B 313 44.01 -19.32 -19.47
C PRO B 313 42.67 -19.55 -20.17
N ASN B 314 41.60 -19.84 -19.42
CA ASN B 314 40.28 -19.94 -20.03
C ASN B 314 39.66 -18.58 -20.37
N GLY B 315 40.27 -17.48 -19.93
CA GLY B 315 39.79 -16.15 -20.22
C GLY B 315 38.99 -15.51 -19.11
N LYS B 316 38.81 -16.18 -17.97
CA LYS B 316 38.05 -15.65 -16.86
C LYS B 316 38.99 -15.17 -15.78
N LEU B 317 38.74 -13.97 -15.26
CA LEU B 317 39.49 -13.47 -14.12
C LEU B 317 39.08 -14.20 -12.83
N GLN B 318 40.03 -14.31 -11.91
CA GLN B 318 39.80 -14.89 -10.61
C GLN B 318 40.46 -14.01 -9.56
N PRO B 319 39.83 -13.80 -8.41
CA PRO B 319 40.39 -12.90 -7.41
C PRO B 319 41.49 -13.57 -6.60
N MET B 320 42.55 -12.81 -6.34
CA MET B 320 43.67 -13.31 -5.55
C MET B 320 43.65 -12.81 -4.11
N VAL B 321 43.58 -11.49 -3.93
CA VAL B 321 43.66 -10.90 -2.60
C VAL B 321 42.89 -9.59 -2.60
N ILE B 322 42.12 -9.37 -1.54
CA ILE B 322 41.42 -8.10 -1.31
C ILE B 322 42.01 -7.45 -0.08
N GLN B 323 42.51 -6.23 -0.24
CA GLN B 323 42.99 -5.40 0.85
C GLN B 323 42.01 -4.23 0.96
N ILE B 324 41.11 -4.29 1.94
CA ILE B 324 39.99 -3.35 2.00
C ILE B 324 40.46 -1.93 2.32
N GLN B 325 41.44 -1.80 3.20
CA GLN B 325 41.91 -0.47 3.50
C GLN B 325 43.36 -0.29 3.08
N PRO B 326 43.75 0.90 2.64
CA PRO B 326 45.16 1.16 2.35
C PRO B 326 45.96 1.28 3.64
N PRO B 327 47.27 1.10 3.58
CA PRO B 327 48.10 1.28 4.79
C PRO B 327 48.05 2.71 5.31
N SER B 328 47.91 2.82 6.62
CA SER B 328 47.95 4.07 7.37
C SER B 328 49.02 3.95 8.45
N PRO B 329 49.46 5.07 9.02
CA PRO B 329 50.40 4.98 10.17
C PRO B 329 49.81 4.30 11.39
N SER B 330 48.48 4.30 11.54
CA SER B 330 47.85 3.57 12.64
C SER B 330 47.93 2.06 12.42
N SER B 331 47.66 1.61 11.19
CA SER B 331 47.68 0.19 10.84
C SER B 331 48.52 0.01 9.58
N PRO B 332 49.83 -0.18 9.74
CA PRO B 332 50.72 -0.26 8.56
C PRO B 332 50.49 -1.48 7.69
N THR B 333 49.92 -2.56 8.22
CA THR B 333 49.64 -3.76 7.45
C THR B 333 48.16 -4.11 7.60
N PRO B 334 47.32 -3.64 6.68
CA PRO B 334 45.90 -3.99 6.73
C PRO B 334 45.67 -5.46 6.39
N THR B 335 44.49 -5.93 6.76
CA THR B 335 44.13 -7.34 6.59
C THR B 335 43.97 -7.68 5.12
N LEU B 336 44.63 -8.74 4.68
CA LEU B 336 44.55 -9.23 3.31
C LEU B 336 43.52 -10.35 3.27
N PHE B 337 42.51 -10.20 2.43
CA PHE B 337 41.40 -11.14 2.35
C PHE B 337 41.55 -12.03 1.12
N LEU B 338 41.42 -13.33 1.32
CA LEU B 338 41.68 -14.34 0.31
C LEU B 338 40.43 -15.17 0.05
N PRO B 339 40.33 -15.81 -1.12
CA PRO B 339 39.23 -16.77 -1.35
C PRO B 339 39.28 -18.02 -0.48
N SER B 340 40.36 -18.26 0.25
CA SER B 340 40.50 -19.41 1.15
C SER B 340 40.04 -19.08 2.56
N ASP B 341 39.68 -17.82 2.82
CA ASP B 341 39.29 -17.35 4.14
C ASP B 341 37.92 -17.91 4.52
N PRO B 342 37.50 -17.74 5.79
CA PRO B 342 36.09 -17.98 6.15
C PRO B 342 35.13 -17.23 5.24
N PRO B 343 34.10 -17.93 4.72
CA PRO B 343 33.21 -17.38 3.67
C PRO B 343 32.65 -15.98 3.89
N LEU B 344 32.01 -15.75 5.04
CA LEU B 344 31.40 -14.45 5.33
C LEU B 344 32.42 -13.32 5.39
N ALA B 345 33.65 -13.62 5.82
CA ALA B 345 34.70 -12.60 5.79
C ALA B 345 35.12 -12.29 4.37
N TRP B 346 35.22 -13.32 3.52
CA TRP B 346 35.56 -13.10 2.12
C TRP B 346 34.39 -12.49 1.35
N LEU B 347 33.16 -12.86 1.71
CA LEU B 347 31.98 -12.26 1.09
C LEU B 347 31.88 -10.78 1.43
N LEU B 348 32.17 -10.42 2.67
CA LEU B 348 32.14 -9.01 3.07
C LEU B 348 33.26 -8.22 2.41
N ALA B 349 34.41 -8.85 2.18
CA ALA B 349 35.51 -8.18 1.49
C ALA B 349 35.19 -7.96 0.02
N LYS B 350 34.54 -8.93 -0.61
CA LYS B 350 34.05 -8.74 -1.98
C LYS B 350 32.97 -7.67 -2.02
N SER B 351 32.10 -7.65 -1.00
CA SER B 351 31.06 -6.64 -0.92
C SER B 351 31.64 -5.25 -0.69
N TRP B 352 32.78 -5.16 0.01
CA TRP B 352 33.41 -3.86 0.23
C TRP B 352 34.08 -3.34 -1.02
N VAL B 353 34.67 -4.24 -1.83
CA VAL B 353 35.19 -3.85 -3.12
C VAL B 353 34.06 -3.41 -4.04
N ARG B 354 32.98 -4.19 -4.05
CA ARG B 354 31.83 -3.89 -4.90
C ARG B 354 31.09 -2.65 -4.46
N ASN B 355 31.02 -2.39 -3.15
CA ASN B 355 30.49 -1.11 -2.69
C ASN B 355 31.37 0.05 -3.15
N SER B 356 32.69 -0.13 -3.06
CA SER B 356 33.61 0.89 -3.52
C SER B 356 33.62 0.98 -5.04
N ASP B 357 33.30 -0.13 -5.72
CA ASP B 357 33.12 -0.06 -7.16
C ASP B 357 31.90 0.76 -7.52
N PHE B 358 30.85 0.72 -6.69
CA PHE B 358 29.68 1.58 -6.90
C PHE B 358 30.04 3.04 -6.76
N GLN B 359 30.93 3.38 -5.82
CA GLN B 359 31.31 4.77 -5.59
C GLN B 359 32.05 5.34 -6.78
N LEU B 360 33.06 4.62 -7.28
CA LEU B 360 33.84 5.14 -8.38
C LEU B 360 33.11 5.03 -9.71
N HIS B 361 32.20 4.08 -9.85
CA HIS B 361 31.37 4.01 -11.06
C HIS B 361 30.46 5.22 -11.16
N GLU B 362 29.69 5.48 -10.10
CA GLU B 362 28.63 6.48 -10.18
C GLU B 362 29.17 7.90 -10.17
N ILE B 363 30.29 8.14 -9.51
CA ILE B 363 30.84 9.48 -9.37
C ILE B 363 31.91 9.77 -10.41
N GLN B 364 32.92 8.92 -10.51
CA GLN B 364 34.02 9.22 -11.43
C GLN B 364 33.66 8.87 -12.87
N TYR B 365 33.26 7.63 -13.11
CA TYR B 365 33.09 7.17 -14.49
C TYR B 365 31.70 7.44 -15.07
N HIS B 366 30.73 7.57 -14.22
CA HIS B 366 29.41 7.91 -14.76
C HIS B 366 29.17 9.41 -14.71
N LEU B 367 29.18 10.02 -13.55
CA LEU B 367 28.88 11.43 -13.39
C LEU B 367 29.93 12.30 -14.07
N LEU B 368 31.18 12.15 -13.65
CA LEU B 368 32.23 13.04 -14.16
C LEU B 368 32.58 12.71 -15.60
N ASN B 369 32.95 11.45 -15.86
CA ASN B 369 33.58 11.10 -17.13
C ASN B 369 32.60 11.14 -18.29
N THR B 370 31.30 10.95 -18.04
CA THR B 370 30.32 11.00 -19.11
C THR B 370 29.40 12.21 -18.99
N HIS B 371 28.67 12.37 -17.88
CA HIS B 371 27.70 13.47 -17.77
C HIS B 371 28.37 14.83 -17.76
N LEU B 372 29.39 15.01 -16.92
CA LEU B 372 29.98 16.35 -16.78
C LEU B 372 30.83 16.71 -18.00
N VAL B 373 31.55 15.72 -18.56
CA VAL B 373 32.35 15.98 -19.75
C VAL B 373 31.45 16.37 -20.93
N ALA B 374 30.33 15.65 -21.10
CA ALA B 374 29.41 15.93 -22.21
C ALA B 374 28.73 17.28 -22.05
N GLU B 375 28.47 17.69 -20.82
CA GLU B 375 27.90 19.01 -20.58
C GLU B 375 28.90 20.11 -20.92
N VAL B 376 30.18 19.88 -20.65
CA VAL B 376 31.24 20.79 -21.07
C VAL B 376 31.29 20.83 -22.60
N ILE B 377 31.14 19.66 -23.24
CA ILE B 377 31.04 19.60 -24.69
C ILE B 377 29.76 20.28 -25.17
N ALA B 378 28.66 20.12 -24.43
CA ALA B 378 27.37 20.70 -24.84
C ALA B 378 27.39 22.21 -24.77
N VAL B 379 27.88 22.77 -23.67
CA VAL B 379 27.85 24.23 -23.48
C VAL B 379 28.81 24.91 -24.45
N ALA B 380 30.01 24.33 -24.63
CA ALA B 380 31.00 24.93 -25.52
C ALA B 380 30.60 24.81 -26.98
N THR B 381 29.84 23.77 -27.35
CA THR B 381 29.33 23.68 -28.71
C THR B 381 28.32 24.78 -29.00
N MET B 382 27.45 25.08 -28.04
CA MET B 382 26.51 26.17 -28.23
C MET B 382 27.20 27.52 -28.18
N ARG B 383 28.16 27.69 -27.26
CA ARG B 383 28.79 28.99 -27.04
C ARG B 383 29.72 29.40 -28.17
N CYS B 384 30.42 28.45 -28.79
CA CYS B 384 31.48 28.78 -29.72
C CYS B 384 31.27 28.27 -31.13
N LEU B 385 30.35 27.34 -31.36
CA LEU B 385 30.10 26.86 -32.71
C LEU B 385 28.73 27.34 -33.17
N PRO B 386 28.65 28.23 -34.15
CA PRO B 386 27.34 28.70 -34.63
C PRO B 386 26.67 27.64 -35.49
N GLY B 387 25.41 27.93 -35.85
CA GLY B 387 24.59 26.97 -36.57
C GLY B 387 25.09 26.63 -37.96
N LEU B 388 25.87 27.52 -38.57
CA LEU B 388 26.45 27.24 -39.87
C LEU B 388 27.67 26.33 -39.79
N HIS B 389 28.24 26.15 -38.61
CA HIS B 389 29.49 25.39 -38.49
C HIS B 389 29.22 23.90 -38.66
N PRO B 390 30.06 23.19 -39.42
CA PRO B 390 29.88 21.74 -39.56
C PRO B 390 30.11 20.97 -38.27
N ILE B 391 31.00 21.43 -37.40
CA ILE B 391 31.26 20.76 -36.14
C ILE B 391 30.08 20.92 -35.20
N PHE B 392 29.36 22.03 -35.31
CA PHE B 392 28.10 22.18 -34.57
C PHE B 392 27.06 21.18 -35.07
N LYS B 393 26.86 21.12 -36.40
CA LYS B 393 25.90 20.19 -36.98
C LYS B 393 26.29 18.74 -36.74
N PHE B 394 27.59 18.49 -36.57
CA PHE B 394 28.06 17.16 -36.20
C PHE B 394 27.67 16.82 -34.76
N LEU B 395 27.79 17.78 -33.85
CA LEU B 395 27.70 17.51 -32.42
C LEU B 395 26.34 17.79 -31.80
N ILE B 396 25.50 18.58 -32.46
CA ILE B 396 24.17 18.93 -31.92
C ILE B 396 23.24 17.72 -31.72
N PRO B 397 23.28 16.60 -32.46
CA PRO B 397 22.49 15.45 -31.99
C PRO B 397 23.11 14.77 -30.78
N HIS B 398 24.41 14.90 -30.58
CA HIS B 398 25.11 14.21 -29.52
C HIS B 398 25.14 15.00 -28.22
N ILE B 399 24.55 16.19 -28.19
CA ILE B 399 24.43 16.96 -26.96
C ILE B 399 22.97 17.18 -26.59
N ARG B 400 22.08 16.38 -27.16
CA ARG B 400 20.65 16.49 -26.89
C ARG B 400 20.36 16.06 -25.46
N TYR B 401 19.58 16.89 -24.75
CA TYR B 401 19.08 16.68 -23.39
C TYR B 401 20.19 16.59 -22.34
N THR B 402 21.42 16.94 -22.68
CA THR B 402 22.53 16.76 -21.75
C THR B 402 22.52 17.81 -20.66
N MET B 403 22.17 19.06 -21.01
CA MET B 403 22.16 20.14 -20.02
C MET B 403 21.03 19.96 -19.02
N GLU B 404 19.87 19.45 -19.44
CA GLU B 404 18.77 19.29 -18.50
C GLU B 404 19.00 18.14 -17.53
N ILE B 405 19.49 17.01 -18.04
CA ILE B 405 19.70 15.84 -17.17
C ILE B 405 20.83 16.11 -16.18
N ASN B 406 21.80 16.95 -16.54
CA ASN B 406 22.80 17.36 -15.58
C ASN B 406 22.26 18.40 -14.62
N THR B 407 21.37 19.28 -15.09
CA THR B 407 20.68 20.20 -14.19
C THR B 407 19.75 19.46 -13.25
N ARG B 408 19.04 18.45 -13.76
CA ARG B 408 18.18 17.63 -12.92
C ARG B 408 19.00 16.80 -11.94
N ALA B 409 20.18 16.34 -12.34
CA ALA B 409 21.06 15.65 -11.40
C ALA B 409 21.56 16.60 -10.32
N ARG B 410 21.96 17.81 -10.72
CA ARG B 410 22.44 18.80 -9.76
C ARG B 410 21.32 19.36 -8.89
N THR B 411 20.07 19.21 -9.30
CA THR B 411 18.94 19.66 -8.51
C THR B 411 18.42 18.55 -7.58
N GLN B 412 18.22 17.36 -8.14
CA GLN B 412 17.58 16.27 -7.40
C GLN B 412 18.56 15.21 -6.91
N LEU B 413 19.56 14.85 -7.71
CA LEU B 413 20.37 13.69 -7.39
C LEU B 413 21.59 14.05 -6.55
N ILE B 414 22.50 14.85 -7.09
CA ILE B 414 23.79 15.10 -6.45
C ILE B 414 23.81 16.40 -5.67
N SER B 415 22.65 16.99 -5.42
CA SER B 415 22.57 18.20 -4.61
C SER B 415 22.79 17.88 -3.14
N ASP B 416 23.02 18.93 -2.36
CA ASP B 416 23.09 18.78 -0.91
C ASP B 416 21.71 18.43 -0.38
N GLY B 417 21.62 17.28 0.31
CA GLY B 417 20.33 16.76 0.69
C GLY B 417 19.58 16.07 -0.43
N GLY B 418 20.24 15.75 -1.54
CA GLY B 418 19.61 15.09 -2.65
C GLY B 418 19.45 13.61 -2.43
N ILE B 419 19.11 12.91 -3.52
CA ILE B 419 18.89 11.47 -3.46
C ILE B 419 20.19 10.72 -3.20
N PHE B 420 21.31 11.27 -3.69
CA PHE B 420 22.63 10.68 -3.44
C PHE B 420 22.99 10.72 -1.97
N ASP B 421 22.58 11.78 -1.26
CA ASP B 421 22.85 11.88 0.17
C ASP B 421 22.01 10.92 1.00
N LYS B 422 20.88 10.46 0.47
CA LYS B 422 19.99 9.58 1.22
C LYS B 422 20.35 8.11 1.09
N ALA B 423 21.16 7.74 0.12
CA ALA B 423 21.44 6.32 -0.09
C ALA B 423 22.92 5.99 -0.10
N VAL B 424 23.74 6.83 -0.69
CA VAL B 424 25.10 6.45 -1.06
C VAL B 424 26.06 6.92 0.03
N SER B 425 27.12 6.13 0.27
CA SER B 425 28.07 6.41 1.35
C SER B 425 28.95 7.62 1.05
N THR B 426 29.17 7.97 -0.21
CA THR B 426 29.95 9.16 -0.51
C THR B 426 29.11 10.43 -0.54
N GLY B 427 27.81 10.33 -0.26
CA GLY B 427 26.97 11.52 -0.25
C GLY B 427 27.22 12.38 0.99
N GLY B 428 26.57 13.53 1.00
CA GLY B 428 26.74 14.47 2.10
C GLY B 428 27.98 15.31 2.03
N GLY B 429 28.64 15.39 0.86
CA GLY B 429 29.81 16.22 0.66
C GLY B 429 31.04 15.46 0.20
N GLY B 430 31.13 14.17 0.55
CA GLY B 430 32.29 13.39 0.17
C GLY B 430 32.35 13.09 -1.31
N HIS B 431 31.20 13.04 -1.97
CA HIS B 431 31.19 12.82 -3.42
C HIS B 431 31.73 14.03 -4.18
N VAL B 432 31.56 15.23 -3.64
CA VAL B 432 32.16 16.42 -4.23
C VAL B 432 33.69 16.36 -4.12
N GLN B 433 34.19 15.95 -2.95
CA GLN B 433 35.63 15.76 -2.77
C GLN B 433 36.15 14.62 -3.63
N LEU B 434 35.34 13.56 -3.80
CA LEU B 434 35.70 12.48 -4.72
C LEU B 434 35.68 12.96 -6.16
N LEU B 435 34.76 13.86 -6.50
CA LEU B 435 34.70 14.43 -7.85
C LEU B 435 35.92 15.29 -8.15
N ARG B 436 36.45 16.00 -7.16
CA ARG B 436 37.66 16.80 -7.35
C ARG B 436 38.87 15.93 -7.61
N ARG B 437 38.99 14.81 -6.89
CA ARG B 437 40.09 13.87 -7.12
C ARG B 437 39.93 13.18 -8.47
N ALA B 438 38.68 12.88 -8.85
CA ALA B 438 38.42 12.27 -10.14
C ALA B 438 38.70 13.23 -11.28
N ALA B 439 38.43 14.53 -11.07
CA ALA B 439 38.71 15.53 -12.10
C ALA B 439 40.21 15.72 -12.29
N ALA B 440 41.01 15.52 -11.25
CA ALA B 440 42.46 15.52 -11.40
C ALA B 440 42.92 14.32 -12.22
N GLN B 441 42.25 13.18 -12.05
CA GLN B 441 42.55 11.99 -12.84
C GLN B 441 41.84 11.98 -14.19
N LEU B 442 41.00 12.97 -14.48
CA LEU B 442 40.29 13.03 -15.75
C LEU B 442 41.26 13.47 -16.83
N THR B 443 41.91 12.50 -17.46
CA THR B 443 42.82 12.77 -18.55
C THR B 443 42.15 12.54 -19.88
N TYR B 444 42.71 13.16 -20.92
CA TYR B 444 42.19 12.98 -22.27
C TYR B 444 42.42 11.56 -22.77
N CYS B 445 43.49 10.91 -22.31
CA CYS B 445 43.73 9.52 -22.66
C CYS B 445 42.71 8.58 -22.03
N SER B 446 42.20 8.91 -20.85
CA SER B 446 41.25 8.05 -20.16
C SER B 446 39.88 8.03 -20.84
N LEU B 447 39.54 9.07 -21.58
CA LEU B 447 38.27 9.12 -22.29
C LEU B 447 38.36 8.51 -23.69
N CYS B 448 39.56 8.11 -24.12
CA CYS B 448 39.74 7.47 -25.41
C CYS B 448 40.11 6.00 -25.21
N PRO B 449 39.24 5.07 -25.58
CA PRO B 449 39.52 3.62 -25.35
C PRO B 449 40.77 3.09 -26.05
N PRO B 450 41.18 3.59 -27.24
CA PRO B 450 42.54 3.20 -27.69
C PRO B 450 43.66 3.66 -26.77
N ASP B 451 43.48 4.76 -26.06
CA ASP B 451 44.49 5.20 -25.11
C ASP B 451 44.23 4.68 -23.71
N ASP B 452 42.95 4.58 -23.30
CA ASP B 452 42.62 4.12 -21.96
C ASP B 452 42.91 2.63 -21.77
N LEU B 453 42.47 1.80 -22.72
CA LEU B 453 42.68 0.37 -22.59
C LEU B 453 44.13 -0.04 -22.84
N ALA B 454 44.89 0.77 -23.58
CA ALA B 454 46.32 0.52 -23.70
C ALA B 454 47.06 0.91 -22.42
N ASP B 455 46.62 2.01 -21.78
CA ASP B 455 47.20 2.40 -20.51
C ASP B 455 46.86 1.40 -19.41
N ARG B 456 45.65 0.87 -19.43
CA ARG B 456 45.24 -0.15 -18.48
C ARG B 456 45.63 -1.56 -18.91
N GLY B 457 46.19 -1.71 -20.10
CA GLY B 457 46.64 -3.01 -20.57
C GLY B 457 45.55 -4.00 -20.87
N LEU B 458 44.39 -3.54 -21.33
CA LEU B 458 43.26 -4.41 -21.62
C LEU B 458 43.11 -4.72 -23.10
N LEU B 459 44.09 -4.37 -23.92
CA LEU B 459 44.03 -4.67 -25.34
C LEU B 459 44.22 -6.16 -25.58
N GLY B 460 43.39 -6.72 -26.47
CA GLY B 460 43.54 -8.10 -26.88
C GLY B 460 43.01 -9.13 -25.92
N LEU B 461 42.38 -8.73 -24.83
CA LEU B 461 41.79 -9.70 -23.91
C LEU B 461 40.51 -10.27 -24.51
N PRO B 462 40.39 -11.59 -24.64
CA PRO B 462 39.17 -12.15 -25.26
C PRO B 462 37.95 -12.05 -24.38
N GLY B 463 38.10 -12.04 -23.06
CA GLY B 463 36.96 -11.91 -22.17
C GLY B 463 36.53 -10.48 -21.90
N ALA B 464 37.31 -9.51 -22.35
CA ALA B 464 36.99 -8.09 -22.15
C ALA B 464 36.02 -7.66 -23.24
N LEU B 465 34.74 -7.92 -22.99
CA LEU B 465 33.72 -7.65 -24.00
C LEU B 465 33.41 -6.17 -24.12
N TYR B 466 33.58 -5.40 -23.04
CA TYR B 466 33.53 -3.95 -23.17
C TYR B 466 34.67 -3.44 -24.04
N ALA B 467 35.88 -3.92 -23.78
CA ALA B 467 37.06 -3.40 -24.47
C ALA B 467 37.07 -3.77 -25.94
N HIS B 468 36.52 -4.95 -26.28
CA HIS B 468 36.37 -5.29 -27.70
C HIS B 468 35.33 -4.39 -28.36
N ASP B 469 34.20 -4.16 -27.69
CA ASP B 469 33.14 -3.36 -28.30
C ASP B 469 33.48 -1.87 -28.30
N ALA B 470 34.19 -1.39 -27.27
CA ALA B 470 34.56 0.03 -27.24
C ALA B 470 35.58 0.36 -28.33
N LEU B 471 36.50 -0.55 -28.60
CA LEU B 471 37.46 -0.33 -29.69
C LEU B 471 36.77 -0.44 -31.04
N ARG B 472 35.82 -1.36 -31.18
CA ARG B 472 35.04 -1.46 -32.42
C ARG B 472 34.16 -0.23 -32.61
N LEU B 473 33.58 0.29 -31.53
CA LEU B 473 32.79 1.51 -31.63
C LEU B 473 33.65 2.72 -31.94
N TRP B 474 34.87 2.76 -31.40
CA TRP B 474 35.78 3.87 -31.67
C TRP B 474 36.18 3.93 -33.13
N GLU B 475 36.46 2.77 -33.75
CA GLU B 475 36.79 2.74 -35.17
C GLU B 475 35.62 3.19 -36.03
N ILE B 476 34.40 2.82 -35.65
CA ILE B 476 33.22 3.21 -36.39
C ILE B 476 32.94 4.70 -36.24
N ILE B 477 33.09 5.21 -35.01
CA ILE B 477 32.83 6.63 -34.75
C ILE B 477 33.92 7.50 -35.38
N ALA B 478 35.19 7.07 -35.32
CA ALA B 478 36.27 7.83 -35.94
C ALA B 478 36.14 7.87 -37.45
N ARG B 479 35.64 6.79 -38.06
CA ARG B 479 35.33 6.80 -39.49
C ARG B 479 34.20 7.79 -39.79
N TYR B 480 33.22 7.88 -38.88
CA TYR B 480 32.18 8.88 -38.99
C TYR B 480 32.72 10.29 -38.77
N VAL B 481 33.68 10.43 -37.86
CA VAL B 481 34.31 11.73 -37.63
C VAL B 481 35.17 12.12 -38.83
N GLU B 482 36.00 11.19 -39.32
CA GLU B 482 36.90 11.48 -40.44
C GLU B 482 36.12 11.70 -41.73
N GLY B 483 34.93 11.09 -41.85
CA GLY B 483 34.10 11.39 -43.01
C GLY B 483 33.58 12.81 -43.01
N ILE B 484 33.17 13.31 -41.84
CA ILE B 484 32.61 14.66 -41.75
C ILE B 484 33.70 15.71 -41.76
N VAL B 485 34.81 15.47 -41.03
CA VAL B 485 35.87 16.47 -40.90
C VAL B 485 36.58 16.69 -42.23
N HIS B 486 36.90 15.62 -42.95
CA HIS B 486 37.61 15.76 -44.23
C HIS B 486 36.73 16.36 -45.33
N LEU B 487 35.41 16.37 -45.14
CA LEU B 487 34.54 17.06 -46.09
C LEU B 487 34.68 18.58 -45.97
N PHE B 488 35.07 19.07 -44.79
CA PHE B 488 35.14 20.51 -44.55
C PHE B 488 36.53 20.98 -44.14
N TYR B 489 37.39 20.10 -43.63
CA TYR B 489 38.77 20.43 -43.30
C TYR B 489 39.64 19.56 -44.19
N GLN B 490 40.00 20.07 -45.37
CA GLN B 490 40.81 19.29 -46.30
C GLN B 490 42.29 19.32 -45.93
N ARG B 491 42.75 20.40 -45.30
CA ARG B 491 44.15 20.56 -44.94
C ARG B 491 44.26 20.92 -43.46
N ASP B 492 45.48 20.77 -42.93
CA ASP B 492 45.72 21.10 -41.53
C ASP B 492 45.69 22.60 -41.28
N ASP B 493 46.03 23.40 -42.28
CA ASP B 493 45.99 24.86 -42.13
C ASP B 493 44.56 25.37 -42.05
N ILE B 494 43.61 24.65 -42.65
CA ILE B 494 42.21 25.00 -42.51
C ILE B 494 41.73 24.75 -41.08
N VAL B 495 42.26 23.70 -40.44
CA VAL B 495 41.93 23.43 -39.04
C VAL B 495 42.49 24.51 -38.13
N LYS B 496 43.73 24.95 -38.40
CA LYS B 496 44.31 26.03 -37.62
C LYS B 496 43.69 27.38 -37.97
N GLY B 497 43.17 27.52 -39.19
CA GLY B 497 42.61 28.78 -39.64
C GLY B 497 41.13 28.93 -39.35
N ASP B 498 40.62 28.11 -38.45
CA ASP B 498 39.20 28.14 -38.06
C ASP B 498 39.11 28.74 -36.66
N PRO B 499 38.84 30.04 -36.52
CA PRO B 499 38.85 30.65 -35.19
C PRO B 499 37.69 30.21 -34.30
N GLU B 500 36.56 29.81 -34.89
CA GLU B 500 35.46 29.28 -34.09
C GLU B 500 35.77 27.90 -33.55
N LEU B 501 36.53 27.10 -34.30
CA LEU B 501 36.94 25.79 -33.81
C LEU B 501 37.99 25.90 -32.71
N GLN B 502 38.93 26.83 -32.86
CA GLN B 502 39.96 27.02 -31.83
C GLN B 502 39.37 27.63 -30.56
N ALA B 503 38.34 28.47 -30.70
CA ALA B 503 37.64 28.96 -29.52
C ALA B 503 36.86 27.85 -28.84
N TRP B 504 36.28 26.93 -29.63
CA TRP B 504 35.56 25.80 -29.08
C TRP B 504 36.49 24.82 -28.40
N CYS B 505 37.69 24.64 -28.94
CA CYS B 505 38.70 23.80 -28.30
C CYS B 505 39.17 24.41 -26.98
N ARG B 506 39.33 25.73 -26.94
CA ARG B 506 39.72 26.39 -25.69
CA ARG B 506 39.72 26.40 -25.70
C ARG B 506 38.58 26.42 -24.69
N GLU B 507 37.33 26.53 -25.17
CA GLU B 507 36.18 26.57 -24.27
C GLU B 507 35.96 25.25 -23.55
N ILE B 508 36.34 24.13 -24.18
CA ILE B 508 36.28 22.85 -23.49
C ILE B 508 37.43 22.69 -22.50
N THR B 509 38.66 22.84 -22.99
CA THR B 509 39.84 22.51 -22.20
C THR B 509 40.13 23.57 -21.15
N GLU B 510 40.34 24.81 -21.57
CA GLU B 510 40.73 25.87 -20.65
C GLU B 510 39.56 26.30 -19.77
N VAL B 511 38.39 26.48 -20.36
CA VAL B 511 37.25 27.05 -19.64
C VAL B 511 36.39 25.94 -19.02
N GLY B 512 35.87 25.06 -19.88
CA GLY B 512 34.88 24.09 -19.41
C GLY B 512 35.44 23.04 -18.48
N LEU B 513 36.59 22.47 -18.82
CA LEU B 513 37.22 21.45 -18.00
C LEU B 513 38.21 22.04 -17.00
N CYS B 514 38.26 23.36 -16.87
CA CYS B 514 39.04 24.10 -15.87
C CYS B 514 40.54 23.81 -16.00
N GLN B 515 41.08 24.27 -17.14
CA GLN B 515 42.51 24.24 -17.46
C GLN B 515 43.04 22.81 -17.50
N ALA B 516 42.49 22.03 -18.43
CA ALA B 516 42.85 20.63 -18.59
C ALA B 516 43.98 20.41 -19.58
N GLN B 517 44.80 21.44 -19.83
CA GLN B 517 45.97 21.27 -20.68
C GLN B 517 47.01 20.36 -20.03
N ASP B 518 47.13 20.41 -18.70
CA ASP B 518 48.05 19.53 -17.99
C ASP B 518 47.56 18.09 -17.94
N ARG B 519 46.27 17.86 -18.24
CA ARG B 519 45.71 16.52 -18.27
C ARG B 519 45.57 15.98 -19.68
N GLY B 520 46.34 16.52 -20.63
CA GLY B 520 46.41 15.97 -21.96
C GLY B 520 45.36 16.45 -22.93
N PHE B 521 44.38 17.23 -22.47
CA PHE B 521 43.40 17.78 -23.41
C PHE B 521 44.05 18.90 -24.23
N PRO B 522 43.75 18.97 -25.53
CA PRO B 522 44.42 19.96 -26.37
C PRO B 522 43.90 21.36 -26.12
N VAL B 523 44.82 22.33 -26.14
CA VAL B 523 44.44 23.73 -26.07
C VAL B 523 44.12 24.28 -27.46
N SER B 524 44.55 23.59 -28.51
CA SER B 524 44.31 24.03 -29.89
C SER B 524 44.40 22.81 -30.80
N PHE B 525 43.91 22.98 -32.02
CA PHE B 525 43.96 21.94 -33.03
C PHE B 525 44.97 22.33 -34.11
N GLN B 526 45.98 21.49 -34.30
CA GLN B 526 47.04 21.77 -35.26
C GLN B 526 46.96 20.90 -36.51
N SER B 527 46.03 19.96 -36.56
CA SER B 527 45.93 19.04 -37.69
C SER B 527 44.51 18.51 -37.77
N GLN B 528 44.22 17.85 -38.89
CA GLN B 528 42.93 17.17 -39.04
C GLN B 528 42.79 16.01 -38.05
N SER B 529 43.87 15.25 -37.86
CA SER B 529 43.81 14.06 -37.00
C SER B 529 43.65 14.43 -35.54
N GLN B 530 44.25 15.54 -35.10
CA GLN B 530 44.03 16.02 -33.74
C GLN B 530 42.60 16.46 -33.53
N LEU B 531 42.01 17.11 -34.54
CA LEU B 531 40.59 17.41 -34.52
C LEU B 531 39.75 16.13 -34.58
N CYS B 532 40.18 15.17 -35.40
CA CYS B 532 39.43 13.93 -35.56
C CYS B 532 39.46 13.08 -34.30
N HIS B 533 40.60 13.06 -33.61
CA HIS B 533 40.69 12.28 -32.37
C HIS B 533 39.87 12.91 -31.26
N PHE B 534 39.84 14.24 -31.18
CA PHE B 534 39.08 14.93 -30.15
C PHE B 534 37.58 14.78 -30.38
N LEU B 535 37.14 14.89 -31.63
CA LEU B 535 35.71 14.74 -31.93
C LEU B 535 35.24 13.31 -31.76
N THR B 536 36.12 12.34 -32.02
CA THR B 536 35.80 10.95 -31.72
C THR B 536 35.65 10.73 -30.22
N MET B 537 36.48 11.40 -29.43
CA MET B 537 36.34 11.37 -27.98
C MET B 537 35.03 11.98 -27.53
N CYS B 538 34.61 13.06 -28.19
CA CYS B 538 33.37 13.75 -27.82
C CYS B 538 32.14 12.88 -28.09
N VAL B 539 32.10 12.24 -29.26
CA VAL B 539 30.95 11.40 -29.60
C VAL B 539 30.93 10.13 -28.77
N PHE B 540 32.11 9.54 -28.51
CA PHE B 540 32.18 8.32 -27.71
C PHE B 540 31.73 8.58 -26.27
N THR B 541 32.16 9.71 -25.69
CA THR B 541 31.75 10.06 -24.33
C THR B 541 30.26 10.29 -24.24
N CYS B 542 29.70 11.01 -25.22
CA CYS B 542 28.28 11.32 -25.21
C CYS B 542 27.41 10.10 -25.47
N THR B 543 27.87 9.16 -26.29
CA THR B 543 27.04 8.04 -26.70
C THR B 543 27.54 6.71 -26.18
N ALA B 544 28.76 6.32 -26.55
CA ALA B 544 29.19 4.95 -26.32
C ALA B 544 29.72 4.74 -24.91
N GLN B 545 30.48 5.70 -24.39
CA GLN B 545 31.00 5.58 -23.03
C GLN B 545 29.88 5.72 -22.02
N HIS B 546 28.90 6.57 -22.30
CA HIS B 546 27.75 6.70 -21.41
C HIS B 546 26.94 5.41 -21.38
N ALA B 547 26.67 4.82 -22.55
CA ALA B 547 25.91 3.59 -22.64
C ALA B 547 26.57 2.46 -21.87
N ALA B 548 27.90 2.32 -21.99
CA ALA B 548 28.62 1.30 -21.25
C ALA B 548 28.57 1.54 -19.76
N ILE B 549 28.55 2.81 -19.33
CA ILE B 549 28.64 3.14 -17.92
C ILE B 549 27.28 3.32 -17.25
N ASN B 550 26.22 3.47 -18.03
CA ASN B 550 24.89 3.69 -17.46
C ASN B 550 23.97 2.50 -17.57
N GLN B 551 23.97 1.79 -18.70
CA GLN B 551 22.96 0.75 -18.95
C GLN B 551 23.15 -0.50 -18.12
N GLY B 552 24.27 -0.64 -17.43
CA GLY B 552 24.47 -1.77 -16.55
C GLY B 552 24.02 -1.56 -15.12
N GLN B 553 23.34 -0.46 -14.83
CA GLN B 553 22.97 -0.17 -13.45
C GLN B 553 21.84 -1.07 -12.97
N LEU B 554 20.83 -1.32 -13.80
CA LEU B 554 19.79 -2.23 -13.38
C LEU B 554 20.27 -3.68 -13.43
N ASP B 555 21.21 -4.00 -14.30
CA ASP B 555 21.68 -5.38 -14.39
C ASP B 555 22.53 -5.76 -13.18
N TRP B 556 23.35 -4.83 -12.67
CA TRP B 556 24.32 -5.18 -11.64
C TRP B 556 24.03 -4.58 -10.28
N TYR B 557 23.16 -3.56 -10.18
CA TYR B 557 22.89 -2.95 -8.88
C TYR B 557 21.48 -3.19 -8.37
N ALA B 558 20.60 -3.83 -9.15
CA ALA B 558 19.27 -4.16 -8.65
C ALA B 558 19.36 -5.18 -7.52
N TRP B 559 20.26 -6.14 -7.64
CA TRP B 559 20.62 -6.95 -6.49
C TRP B 559 21.58 -6.11 -5.65
N VAL B 560 21.04 -5.57 -4.56
CA VAL B 560 21.83 -4.66 -3.70
C VAL B 560 23.08 -5.31 -3.09
N PRO B 561 23.07 -6.56 -2.60
CA PRO B 561 24.34 -7.14 -2.12
C PRO B 561 25.40 -7.34 -3.19
N ASN B 562 25.04 -7.33 -4.48
CA ASN B 562 26.05 -7.42 -5.53
C ASN B 562 26.92 -6.17 -5.58
N ALA B 563 26.34 -5.00 -5.30
CA ALA B 563 27.12 -3.77 -5.19
C ALA B 563 26.36 -2.81 -4.28
N PRO B 564 26.73 -2.73 -3.01
CA PRO B 564 26.02 -1.84 -2.07
C PRO B 564 26.26 -0.37 -2.37
N CYS B 565 25.20 0.42 -2.28
CA CYS B 565 25.34 1.87 -2.41
C CYS B 565 26.07 2.47 -1.21
N THR B 566 25.98 1.82 -0.05
CA THR B 566 26.62 2.30 1.15
C THR B 566 26.99 1.12 2.02
N MET B 567 27.79 1.38 3.05
CA MET B 567 28.10 0.40 4.06
C MET B 567 27.88 0.99 5.44
N ARG B 568 27.15 0.27 6.29
CA ARG B 568 26.70 0.78 7.58
C ARG B 568 27.54 0.28 8.75
N MET B 569 28.63 -0.42 8.48
CA MET B 569 29.56 -0.90 9.49
C MET B 569 30.97 -0.62 9.00
N PRO B 570 31.95 -0.51 9.91
CA PRO B 570 33.35 -0.31 9.49
C PRO B 570 33.87 -1.52 8.73
N PRO B 571 34.88 -1.34 7.87
CA PRO B 571 35.48 -2.48 7.17
C PRO B 571 36.09 -3.48 8.14
N PRO B 572 35.98 -4.77 7.85
CA PRO B 572 36.49 -5.78 8.79
C PRO B 572 38.01 -5.83 8.79
N THR B 573 38.57 -6.00 9.99
CA THR B 573 40.00 -6.21 10.16
C THR B 573 40.34 -7.61 10.64
N THR B 574 39.38 -8.33 11.20
CA THR B 574 39.55 -9.70 11.65
C THR B 574 38.58 -10.60 10.88
N LYS B 575 39.11 -11.68 10.31
CA LYS B 575 38.28 -12.54 9.47
C LYS B 575 37.35 -13.40 10.31
N GLU B 576 37.80 -13.84 11.47
CA GLU B 576 37.01 -14.75 12.28
C GLU B 576 35.84 -14.07 12.98
N ASP B 577 35.89 -12.75 13.16
CA ASP B 577 34.82 -12.02 13.81
C ASP B 577 33.67 -11.69 12.87
N VAL B 578 33.82 -11.95 11.58
CA VAL B 578 32.77 -11.62 10.61
C VAL B 578 31.69 -12.70 10.65
N THR B 579 30.48 -12.32 11.00
CA THR B 579 29.32 -13.20 11.04
C THR B 579 28.30 -12.73 10.01
N MET B 580 27.13 -13.38 10.00
CA MET B 580 26.04 -12.94 9.15
C MET B 580 25.51 -11.59 9.60
N ALA B 581 25.49 -11.34 10.92
CA ALA B 581 25.09 -10.04 11.44
C ALA B 581 26.12 -8.96 11.09
N THR B 582 27.39 -9.34 10.93
CA THR B 582 28.39 -8.39 10.47
C THR B 582 28.16 -8.04 9.01
N VAL B 583 27.86 -9.04 8.17
CA VAL B 583 27.59 -8.80 6.75
C VAL B 583 26.30 -8.01 6.58
N MET B 584 25.23 -8.44 7.23
CA MET B 584 23.94 -7.76 7.10
C MET B 584 23.94 -6.41 7.79
N GLY B 585 24.73 -6.25 8.85
CA GLY B 585 24.90 -4.94 9.45
C GLY B 585 25.72 -4.00 8.59
N SER B 586 26.58 -4.55 7.73
CA SER B 586 27.37 -3.74 6.80
C SER B 586 26.60 -3.46 5.51
N LEU B 587 25.84 -4.43 5.02
CA LEU B 587 25.00 -4.22 3.85
C LEU B 587 23.93 -3.18 4.17
N PRO B 588 23.48 -2.41 3.16
CA PRO B 588 22.54 -1.32 3.44
C PRO B 588 21.20 -1.83 3.95
N ASP B 589 20.53 -0.99 4.73
CA ASP B 589 19.20 -1.35 5.21
C ASP B 589 18.20 -1.23 4.06
N VAL B 590 16.94 -1.54 4.37
CA VAL B 590 15.94 -1.69 3.32
C VAL B 590 15.60 -0.34 2.66
N ARG B 591 15.67 0.76 3.42
CA ARG B 591 15.37 2.07 2.83
C ARG B 591 16.46 2.51 1.87
N GLN B 592 17.73 2.25 2.20
CA GLN B 592 18.82 2.55 1.27
C GLN B 592 18.82 1.60 0.08
N ALA B 593 18.47 0.33 0.33
CA ALA B 593 18.52 -0.68 -0.73
C ALA B 593 17.38 -0.49 -1.73
N CYS B 594 16.21 -0.05 -1.26
CA CYS B 594 15.11 0.26 -2.18
C CYS B 594 15.43 1.49 -3.01
N LEU B 595 16.11 2.47 -2.41
CA LEU B 595 16.48 3.67 -3.14
C LEU B 595 17.57 3.38 -4.18
N GLN B 596 18.45 2.41 -3.89
CA GLN B 596 19.44 2.00 -4.87
C GLN B 596 18.79 1.37 -6.10
N MET B 597 17.79 0.51 -5.88
CA MET B 597 17.12 -0.15 -6.99
C MET B 597 16.29 0.84 -7.82
N ALA B 598 15.69 1.82 -7.17
CA ALA B 598 14.87 2.79 -7.88
C ALA B 598 15.72 3.72 -8.74
N ILE B 599 16.86 4.19 -8.22
CA ILE B 599 17.72 5.08 -8.97
C ILE B 599 18.42 4.33 -10.10
N SER B 600 18.86 3.10 -9.83
CA SER B 600 19.50 2.29 -10.87
C SER B 600 18.53 1.93 -11.99
N TRP B 601 17.26 1.72 -11.66
CA TRP B 601 16.27 1.49 -12.70
C TRP B 601 16.01 2.75 -13.50
N HIS B 602 15.87 3.88 -12.82
CA HIS B 602 15.52 5.13 -13.48
C HIS B 602 16.63 5.61 -14.41
N LEU B 603 17.89 5.43 -14.00
CA LEU B 603 19.01 5.87 -14.82
C LEU B 603 19.28 4.94 -16.00
N SER B 604 19.03 3.64 -15.84
CA SER B 604 19.45 2.66 -16.84
C SER B 604 18.32 2.10 -17.68
N ARG B 605 17.08 2.50 -17.45
CA ARG B 605 15.99 2.02 -18.30
C ARG B 605 16.10 2.65 -19.68
N ARG B 606 15.62 1.93 -20.68
CA ARG B 606 15.58 2.46 -22.04
C ARG B 606 14.51 3.55 -22.09
N GLN B 607 14.92 4.73 -22.51
CA GLN B 607 13.97 5.82 -22.72
C GLN B 607 13.08 5.49 -23.90
N PRO B 608 11.76 5.63 -23.77
CA PRO B 608 10.87 5.35 -24.91
C PRO B 608 11.04 6.33 -26.07
N ASP B 609 11.60 7.50 -25.82
CA ASP B 609 11.87 8.49 -26.84
C ASP B 609 13.33 8.51 -27.28
N MET B 610 14.10 7.48 -26.92
CA MET B 610 15.54 7.50 -27.14
C MET B 610 15.87 7.48 -28.63
N VAL B 611 16.93 8.20 -28.98
CA VAL B 611 17.49 8.16 -30.33
C VAL B 611 18.67 7.21 -30.30
N PRO B 612 18.67 6.14 -31.09
CA PRO B 612 19.87 5.30 -31.20
C PRO B 612 21.02 6.06 -31.84
N LEU B 613 22.23 5.54 -31.63
CA LEU B 613 23.45 6.19 -32.09
C LEU B 613 23.47 6.28 -33.61
N GLY B 614 23.63 7.50 -34.12
CA GLY B 614 23.65 7.76 -35.53
C GLY B 614 22.29 7.84 -36.18
N HIS B 615 21.21 7.66 -35.44
CA HIS B 615 19.86 7.61 -36.00
C HIS B 615 19.06 8.85 -35.66
N HIS B 616 19.72 10.01 -35.61
CA HIS B 616 19.03 11.27 -35.39
C HIS B 616 18.30 11.68 -36.66
N LYS B 617 16.98 11.90 -36.53
CA LYS B 617 16.16 12.28 -37.67
C LYS B 617 16.33 13.73 -38.09
N GLU B 618 17.00 14.54 -37.27
CA GLU B 618 17.20 15.94 -37.60
C GLU B 618 18.26 16.07 -38.68
N LYS B 619 17.93 16.80 -39.73
CA LYS B 619 18.85 16.99 -40.86
C LYS B 619 19.44 18.39 -40.78
N TYR B 620 20.51 18.51 -39.99
CA TYR B 620 21.24 19.78 -39.90
C TYR B 620 22.09 20.00 -41.15
N PHE B 621 22.76 18.96 -41.62
CA PHE B 621 23.49 19.06 -42.88
C PHE B 621 22.53 19.04 -44.06
N SER B 622 22.92 19.72 -45.14
CA SER B 622 22.13 19.74 -46.36
C SER B 622 22.79 19.02 -47.53
N GLY B 623 24.12 18.91 -47.53
CA GLY B 623 24.83 18.24 -48.59
C GLY B 623 24.60 16.75 -48.59
N PRO B 624 24.65 16.11 -49.75
CA PRO B 624 24.47 14.65 -49.81
C PRO B 624 25.67 13.89 -49.25
N LYS B 625 26.87 14.45 -49.36
CA LYS B 625 28.08 13.81 -48.82
C LYS B 625 28.09 13.67 -47.30
N PRO B 626 27.69 14.68 -46.49
CA PRO B 626 27.51 14.38 -45.04
C PRO B 626 26.43 13.36 -44.75
N LYS B 627 25.38 13.30 -45.57
CA LYS B 627 24.36 12.26 -45.40
C LYS B 627 24.91 10.88 -45.78
N ALA B 628 25.86 10.83 -46.72
CA ALA B 628 26.47 9.56 -47.08
C ALA B 628 27.37 9.04 -45.96
N VAL B 629 28.06 9.94 -45.26
CA VAL B 629 28.87 9.56 -44.11
C VAL B 629 27.98 9.09 -42.96
N LEU B 630 26.85 9.77 -42.75
CA LEU B 630 25.91 9.37 -41.71
C LEU B 630 25.25 8.03 -42.04
N ASN B 631 24.95 7.79 -43.31
CA ASN B 631 24.43 6.49 -43.71
C ASN B 631 25.49 5.40 -43.61
N GLN B 632 26.75 5.76 -43.86
CA GLN B 632 27.85 4.82 -43.64
C GLN B 632 28.04 4.55 -42.15
N PHE B 633 27.79 5.57 -41.31
CA PHE B 633 27.83 5.38 -39.87
C PHE B 633 26.75 4.41 -39.41
N ARG B 634 25.53 4.55 -39.93
CA ARG B 634 24.45 3.64 -39.58
C ARG B 634 24.68 2.24 -40.14
N THR B 635 25.39 2.14 -41.27
CA THR B 635 25.71 0.84 -41.85
C THR B 635 26.73 0.10 -41.00
N ASP B 636 27.78 0.79 -40.57
CA ASP B 636 28.84 0.16 -39.79
C ASP B 636 28.36 -0.23 -38.40
N LEU B 637 27.47 0.58 -37.81
CA LEU B 637 26.91 0.23 -36.50
C LEU B 637 25.99 -0.97 -36.59
N GLU B 638 25.23 -1.08 -37.69
CA GLU B 638 24.38 -2.25 -37.91
C GLU B 638 25.22 -3.50 -38.12
N LYS B 639 26.39 -3.36 -38.75
CA LYS B 639 27.33 -4.47 -38.84
C LYS B 639 27.85 -4.87 -37.46
N LEU B 640 28.14 -3.88 -36.61
CA LEU B 640 28.56 -4.17 -35.24
C LEU B 640 27.40 -4.71 -34.41
N GLU B 641 26.17 -4.26 -34.71
CA GLU B 641 24.99 -4.76 -34.02
C GLU B 641 24.79 -6.25 -34.25
N LYS B 642 25.02 -6.72 -35.48
CA LYS B 642 24.94 -8.15 -35.75
C LYS B 642 26.10 -8.91 -35.12
N GLU B 643 27.29 -8.31 -35.08
CA GLU B 643 28.45 -8.99 -34.52
C GLU B 643 28.34 -9.17 -33.01
N ILE B 644 27.82 -8.16 -32.31
CA ILE B 644 27.64 -8.27 -30.86
C ILE B 644 26.52 -9.26 -30.54
N THR B 645 25.44 -9.22 -31.32
CA THR B 645 24.31 -10.14 -31.09
C THR B 645 24.70 -11.58 -31.35
N ALA B 646 25.51 -11.82 -32.39
CA ALA B 646 26.00 -13.17 -32.65
C ALA B 646 26.95 -13.63 -31.55
N ARG B 647 27.75 -12.71 -31.00
CA ARG B 647 28.63 -13.05 -29.89
C ARG B 647 27.83 -13.29 -28.61
N ASN B 648 26.81 -12.47 -28.35
CA ASN B 648 26.06 -12.57 -27.10
C ASN B 648 25.15 -13.80 -27.05
N GLU B 649 24.82 -14.40 -28.21
CA GLU B 649 24.02 -15.61 -28.19
C GLU B 649 24.81 -16.80 -27.68
N GLN B 650 26.13 -16.78 -27.83
CA GLN B 650 26.99 -17.87 -27.41
C GLN B 650 27.54 -17.68 -26.00
N LEU B 651 27.08 -16.66 -25.28
CA LEU B 651 27.60 -16.34 -23.96
C LEU B 651 26.48 -16.46 -22.92
N ASP B 652 26.79 -17.09 -21.79
CA ASP B 652 25.84 -17.14 -20.68
C ASP B 652 25.74 -15.79 -19.99
N TRP B 653 26.80 -14.98 -20.04
CA TRP B 653 26.81 -13.63 -19.49
C TRP B 653 27.07 -12.66 -20.63
N PRO B 654 26.03 -12.25 -21.36
CA PRO B 654 26.22 -11.37 -22.51
C PRO B 654 26.52 -9.94 -22.08
N TYR B 655 27.27 -9.24 -22.93
CA TYR B 655 27.51 -7.80 -22.78
C TYR B 655 26.61 -7.07 -23.77
N GLU B 656 25.53 -6.49 -23.27
CA GLU B 656 24.49 -5.88 -24.09
C GLU B 656 24.60 -4.36 -24.21
N TYR B 657 25.43 -3.72 -23.37
CA TYR B 657 25.35 -2.27 -23.22
C TYR B 657 25.96 -1.50 -24.39
N LEU B 658 26.76 -2.14 -25.23
CA LEU B 658 27.35 -1.46 -26.37
C LEU B 658 26.79 -1.92 -27.71
N LYS B 659 25.62 -2.55 -27.70
CA LYS B 659 24.87 -2.71 -28.94
C LYS B 659 24.46 -1.33 -29.45
N PRO B 660 24.76 -0.99 -30.70
CA PRO B 660 24.41 0.35 -31.20
C PRO B 660 22.92 0.65 -31.26
N SER B 661 22.06 -0.38 -31.27
CA SER B 661 20.63 -0.14 -31.13
C SER B 661 20.29 0.35 -29.74
N CYS B 662 21.01 -0.11 -28.72
CA CYS B 662 20.77 0.30 -27.35
C CYS B 662 21.61 1.49 -26.91
N ILE B 663 22.56 1.94 -27.74
CA ILE B 663 23.37 3.10 -27.40
C ILE B 663 22.57 4.34 -27.76
N GLU B 664 22.30 5.18 -26.76
CA GLU B 664 21.59 6.42 -26.99
C GLU B 664 22.49 7.43 -27.69
N ASN B 665 21.87 8.29 -28.50
CA ASN B 665 22.62 9.25 -29.31
C ASN B 665 23.20 10.41 -28.48
N SER B 666 22.84 10.54 -27.22
CA SER B 666 23.43 11.54 -26.33
C SER B 666 23.23 11.10 -24.90
N VAL B 667 23.83 11.86 -23.97
CA VAL B 667 23.63 11.66 -22.54
C VAL B 667 22.29 12.28 -22.16
N THR B 668 21.26 11.46 -21.98
CA THR B 668 19.92 11.97 -21.71
C THR B 668 19.36 11.49 -20.38
N ILE B 669 20.02 10.54 -19.72
CA ILE B 669 19.51 9.99 -18.49
C ILE B 669 20.66 9.48 -17.62
N GLY C 8 21.56 -7.59 65.18
CA GLY C 8 20.17 -8.00 65.21
C GLY C 8 19.66 -8.51 63.88
N ARG C 9 18.37 -8.32 63.62
CA ARG C 9 17.73 -8.77 62.40
C ARG C 9 17.47 -7.57 61.49
N TYR C 10 17.96 -7.66 60.25
CA TYR C 10 17.75 -6.63 59.24
C TYR C 10 16.89 -7.21 58.13
N ARG C 11 15.76 -6.57 57.84
CA ARG C 11 14.87 -6.97 56.76
C ARG C 11 15.15 -6.05 55.57
N ILE C 12 15.72 -6.62 54.51
CA ILE C 12 16.13 -5.86 53.33
C ILE C 12 15.15 -6.16 52.20
N ARG C 13 14.47 -5.12 51.73
CA ARG C 13 13.58 -5.23 50.57
C ARG C 13 14.23 -4.53 49.39
N VAL C 14 14.34 -5.24 48.28
CA VAL C 14 15.01 -4.74 47.08
C VAL C 14 13.95 -4.59 45.99
N ALA C 15 13.78 -3.36 45.50
CA ALA C 15 12.87 -3.07 44.41
C ALA C 15 13.67 -2.96 43.11
N THR C 16 13.20 -3.64 42.07
CA THR C 16 13.85 -3.66 40.77
C THR C 16 12.91 -3.04 39.74
N GLY C 17 13.37 -1.99 39.06
CA GLY C 17 12.59 -1.36 38.03
C GLY C 17 12.62 -2.14 36.73
N ALA C 18 13.83 -2.53 36.30
CA ALA C 18 14.00 -3.29 35.07
C ALA C 18 15.19 -4.22 35.24
N TRP C 19 15.16 -5.32 34.50
CA TRP C 19 16.25 -6.30 34.56
C TRP C 19 16.28 -7.07 33.25
N LEU C 20 17.46 -7.62 32.95
CA LEU C 20 17.64 -8.50 31.80
C LEU C 20 18.64 -9.57 32.23
N PHE C 21 18.12 -10.73 32.64
CA PHE C 21 18.93 -11.81 33.17
C PHE C 21 18.88 -12.99 32.22
N SER C 22 20.06 -13.45 31.79
CA SER C 22 20.14 -14.69 31.03
C SER C 22 19.88 -15.90 31.93
N GLY C 23 20.49 -15.92 33.12
CA GLY C 23 20.24 -16.97 34.08
C GLY C 23 19.03 -16.70 34.95
N SER C 24 18.68 -17.70 35.76
CA SER C 24 17.52 -17.57 36.63
C SER C 24 17.79 -16.67 37.82
N TYR C 25 19.04 -16.61 38.29
CA TYR C 25 19.38 -15.79 39.45
C TYR C 25 20.74 -15.15 39.22
N ASN C 26 20.92 -13.96 39.80
CA ASN C 26 22.19 -13.25 39.79
C ASN C 26 22.54 -12.83 41.21
N ARG C 27 23.83 -12.76 41.49
CA ARG C 27 24.35 -12.50 42.83
C ARG C 27 24.81 -11.07 42.95
N VAL C 28 24.41 -10.40 44.03
CA VAL C 28 24.81 -9.03 44.32
C VAL C 28 25.38 -8.99 45.72
N GLN C 29 26.62 -8.53 45.84
CA GLN C 29 27.21 -8.28 47.16
C GLN C 29 26.68 -6.98 47.71
N LEU C 30 26.18 -7.02 48.94
CA LEU C 30 25.57 -5.86 49.58
C LEU C 30 26.29 -5.56 50.89
N TRP C 31 26.57 -4.29 51.13
CA TRP C 31 27.21 -3.84 52.36
C TRP C 31 26.23 -2.94 53.12
N LEU C 32 25.90 -3.33 54.35
CA LEU C 32 25.08 -2.49 55.22
C LEU C 32 26.04 -1.62 56.04
N VAL C 33 26.35 -0.45 55.51
CA VAL C 33 27.35 0.43 56.11
C VAL C 33 26.66 1.34 57.11
N GLY C 34 27.02 1.21 58.39
CA GLY C 34 26.48 2.02 59.44
C GLY C 34 27.48 3.01 59.99
N THR C 35 27.08 3.67 61.08
CA THR C 35 27.97 4.64 61.73
C THR C 35 29.12 3.94 62.46
N ARG C 36 28.84 2.79 63.08
CA ARG C 36 29.82 2.11 63.90
C ARG C 36 30.45 0.90 63.22
N GLY C 37 29.91 0.44 62.10
CA GLY C 37 30.50 -0.68 61.39
C GLY C 37 29.71 -1.00 60.16
N GLU C 38 30.27 -1.92 59.36
CA GLU C 38 29.65 -2.37 58.13
C GLU C 38 29.53 -3.88 58.13
N ALA C 39 28.48 -4.38 57.47
CA ALA C 39 28.23 -5.81 57.37
C ALA C 39 28.00 -6.19 55.91
N GLU C 40 28.73 -7.19 55.45
CA GLU C 40 28.63 -7.64 54.06
C GLU C 40 27.54 -8.69 53.91
N LEU C 41 26.86 -8.66 52.77
CA LEU C 41 25.78 -9.59 52.45
C LEU C 41 26.00 -10.15 51.06
N GLU C 42 25.24 -11.20 50.75
CA GLU C 42 25.21 -11.77 49.40
C GLU C 42 23.76 -12.14 49.09
N LEU C 43 23.14 -11.37 48.19
CA LEU C 43 21.75 -11.56 47.83
C LEU C 43 21.63 -12.14 46.42
N GLN C 44 20.66 -13.02 46.24
CA GLN C 44 20.40 -13.64 44.94
C GLN C 44 19.17 -12.98 44.33
N LEU C 45 19.36 -12.31 43.20
CA LEU C 45 18.28 -11.57 42.56
C LEU C 45 17.37 -12.52 41.80
N ARG C 46 16.10 -12.57 42.20
CA ARG C 46 15.03 -13.22 41.45
C ARG C 46 13.87 -12.24 41.33
N PRO C 47 14.00 -11.23 40.49
CA PRO C 47 13.00 -10.16 40.46
C PRO C 47 11.74 -10.54 39.71
N ALA C 48 10.63 -9.93 40.13
CA ALA C 48 9.35 -10.09 39.46
C ALA C 48 8.67 -8.73 39.39
N ARG C 49 7.87 -8.53 38.35
CA ARG C 49 7.19 -7.27 38.15
C ARG C 49 6.01 -7.14 39.10
N GLY C 50 5.94 -6.01 39.80
CA GLY C 50 4.84 -5.72 40.69
C GLY C 50 5.15 -5.89 42.17
N GLU C 51 6.24 -6.56 42.52
CA GLU C 51 6.57 -6.78 43.92
C GLU C 51 8.08 -6.75 44.09
N GLU C 52 8.51 -6.60 45.35
CA GLU C 52 9.91 -6.50 45.70
C GLU C 52 10.40 -7.80 46.31
N GLU C 53 11.71 -8.05 46.18
CA GLU C 53 12.35 -9.19 46.80
C GLU C 53 12.73 -8.83 48.24
N GLU C 54 12.40 -9.69 49.18
CA GLU C 54 12.70 -9.49 50.59
C GLU C 54 13.83 -10.41 51.02
N PHE C 55 14.76 -9.88 51.81
CA PHE C 55 15.92 -10.62 52.29
C PHE C 55 16.09 -10.38 53.79
N ASP C 56 16.38 -11.45 54.51
CA ASP C 56 16.63 -11.40 55.95
C ASP C 56 18.09 -11.74 56.21
N HIS C 57 18.75 -10.92 57.03
CA HIS C 57 20.14 -11.13 57.38
C HIS C 57 20.34 -10.87 58.87
N ASP C 58 21.14 -11.73 59.51
CA ASP C 58 21.47 -11.60 60.91
C ASP C 58 22.93 -11.18 61.06
N VAL C 59 23.16 -10.16 61.88
CA VAL C 59 24.51 -9.67 62.13
C VAL C 59 24.84 -9.86 63.61
N ALA C 60 26.13 -9.86 63.90
CA ALA C 60 26.62 -9.91 65.28
C ALA C 60 27.13 -8.55 65.75
N GLU C 61 27.85 -7.83 64.90
CA GLU C 61 28.31 -6.49 65.25
C GLU C 61 27.14 -5.50 65.22
N ASP C 62 27.32 -4.41 65.95
CA ASP C 62 26.30 -3.36 66.05
C ASP C 62 26.62 -2.30 64.99
N LEU C 63 25.81 -2.27 63.93
CA LEU C 63 26.04 -1.30 62.86
C LEU C 63 25.66 0.12 63.30
N GLY C 64 24.62 0.24 64.11
CA GLY C 64 24.16 1.56 64.53
C GLY C 64 23.20 2.18 63.53
N LEU C 65 23.31 3.49 63.35
CA LEU C 65 22.49 4.18 62.36
C LEU C 65 23.01 3.89 60.96
N LEU C 66 22.15 3.35 60.10
CA LEU C 66 22.56 3.02 58.74
C LEU C 66 22.71 4.28 57.90
N GLN C 67 23.84 4.40 57.23
CA GLN C 67 24.13 5.57 56.41
C GLN C 67 24.31 5.25 54.93
N PHE C 68 24.88 4.10 54.60
CA PHE C 68 25.15 3.76 53.21
C PHE C 68 24.77 2.31 52.95
N VAL C 69 24.46 2.02 51.69
CA VAL C 69 24.32 0.67 51.19
C VAL C 69 25.15 0.57 49.93
N ARG C 70 26.11 -0.35 49.90
CA ARG C 70 27.01 -0.52 48.77
C ARG C 70 26.60 -1.73 47.95
N LEU C 71 26.70 -1.61 46.63
CA LEU C 71 26.29 -2.67 45.73
C LEU C 71 27.44 -3.00 44.77
N ARG C 72 27.61 -4.29 44.50
CA ARG C 72 28.58 -4.74 43.51
C ARG C 72 28.06 -6.02 42.87
N LYS C 73 27.96 -6.02 41.55
CA LYS C 73 27.46 -7.17 40.82
C LYS C 73 28.54 -8.26 40.80
N HIS C 74 28.25 -9.38 41.44
CA HIS C 74 29.25 -10.43 41.67
C HIS C 74 29.18 -11.44 40.52
N HIS C 75 30.18 -11.39 39.64
CA HIS C 75 30.39 -12.35 38.56
C HIS C 75 29.19 -12.41 37.60
N TRP C 76 28.96 -11.28 36.94
CA TRP C 76 27.85 -11.14 36.02
C TRP C 76 28.33 -11.24 34.57
N LEU C 77 27.43 -11.69 33.70
CA LEU C 77 27.69 -11.66 32.28
C LEU C 77 27.58 -10.22 31.75
N VAL C 78 28.17 -10.00 30.57
CA VAL C 78 28.25 -8.65 30.02
C VAL C 78 26.90 -8.14 29.56
N ASP C 79 26.01 -9.03 29.09
CA ASP C 79 24.71 -8.61 28.62
C ASP C 79 23.69 -8.47 29.75
N ASP C 80 24.03 -8.86 30.96
CA ASP C 80 23.12 -8.72 32.09
C ASP C 80 23.08 -7.28 32.58
N ALA C 81 21.87 -6.76 32.77
CA ALA C 81 21.68 -5.40 33.26
C ALA C 81 20.62 -5.40 34.36
N TRP C 82 20.80 -4.49 35.32
CA TRP C 82 19.90 -4.41 36.46
C TRP C 82 19.61 -2.95 36.78
N PHE C 83 18.33 -2.60 36.83
CA PHE C 83 17.89 -1.26 37.20
C PHE C 83 17.32 -1.36 38.62
N CYS C 84 18.16 -1.09 39.61
CA CYS C 84 17.74 -1.12 41.00
C CYS C 84 16.92 0.12 41.32
N ASP C 85 15.65 -0.08 41.70
CA ASP C 85 14.81 1.05 42.05
C ASP C 85 15.22 1.65 43.39
N ARG C 86 15.09 0.86 44.46
CA ARG C 86 15.43 1.32 45.80
C ARG C 86 15.70 0.11 46.68
N ILE C 87 16.41 0.35 47.77
CA ILE C 87 16.66 -0.66 48.79
C ILE C 87 16.19 -0.11 50.13
N THR C 88 15.19 -0.76 50.71
CA THR C 88 14.69 -0.38 52.02
C THR C 88 15.09 -1.42 53.04
N VAL C 89 15.76 -0.98 54.11
CA VAL C 89 16.27 -1.87 55.14
C VAL C 89 15.53 -1.59 56.43
N GLN C 90 14.85 -2.60 56.96
CA GLN C 90 14.17 -2.49 58.25
C GLN C 90 15.12 -2.95 59.34
N GLY C 91 15.50 -2.02 60.22
CA GLY C 91 16.45 -2.32 61.27
C GLY C 91 15.83 -3.13 62.39
N PRO C 92 16.68 -3.54 63.34
CA PRO C 92 16.18 -4.31 64.49
C PRO C 92 15.35 -3.45 65.43
N GLY C 93 14.24 -4.03 65.89
CA GLY C 93 13.37 -3.32 66.81
C GLY C 93 12.14 -2.72 66.15
N ALA C 94 11.60 -1.67 66.77
CA ALA C 94 10.41 -1.00 66.27
C ALA C 94 10.74 0.23 65.44
N CYS C 95 12.01 0.39 65.03
CA CYS C 95 12.41 1.52 64.22
C CYS C 95 11.85 1.40 62.80
N ALA C 96 11.68 2.54 62.14
CA ALA C 96 11.17 2.57 60.78
C ALA C 96 12.22 2.09 59.79
N GLU C 97 11.75 1.66 58.63
CA GLU C 97 12.64 1.16 57.58
C GLU C 97 13.41 2.32 56.94
N VAL C 98 14.70 2.10 56.75
CA VAL C 98 15.58 3.11 56.16
C VAL C 98 15.68 2.84 54.66
N ALA C 99 15.41 3.88 53.87
CA ALA C 99 15.32 3.74 52.42
C ALA C 99 16.60 4.23 51.75
N PHE C 100 17.02 3.52 50.71
CA PHE C 100 18.23 3.84 49.95
C PHE C 100 17.86 3.84 48.48
N PRO C 101 17.38 4.97 47.95
CA PRO C 101 16.95 5.01 46.54
C PRO C 101 18.14 4.99 45.59
N CYS C 102 18.10 4.09 44.62
CA CYS C 102 19.14 3.99 43.61
C CYS C 102 18.67 4.54 42.26
N TYR C 103 17.63 3.94 41.68
CA TYR C 103 16.96 4.38 40.45
C TYR C 103 17.95 4.60 39.29
N ARG C 104 18.89 3.68 39.16
CA ARG C 104 19.90 3.78 38.11
C ARG C 104 20.36 2.38 37.74
N TRP C 105 20.94 2.27 36.55
CA TRP C 105 21.53 1.02 36.11
C TRP C 105 22.87 0.81 36.81
N VAL C 106 23.04 -0.34 37.45
CA VAL C 106 24.28 -0.67 38.13
C VAL C 106 25.28 -1.09 37.05
N GLN C 107 26.32 -0.28 36.85
CA GLN C 107 27.24 -0.44 35.73
C GLN C 107 28.56 -1.02 36.20
N GLY C 108 29.11 -1.96 35.41
CA GLY C 108 30.44 -2.48 35.61
C GLY C 108 30.58 -3.36 36.84
N GLU C 109 31.83 -3.53 37.27
CA GLU C 109 32.17 -4.39 38.40
C GLU C 109 32.61 -3.60 39.62
N ASP C 110 32.50 -2.27 39.58
CA ASP C 110 32.91 -1.45 40.70
C ASP C 110 31.78 -1.31 41.72
N ILE C 111 32.13 -0.76 42.89
CA ILE C 111 31.20 -0.69 44.01
C ILE C 111 30.32 0.55 43.86
N LEU C 112 29.01 0.34 43.87
CA LEU C 112 28.04 1.43 43.77
C LEU C 112 27.53 1.76 45.17
N SER C 113 27.89 2.93 45.68
CA SER C 113 27.52 3.34 47.03
C SER C 113 26.22 4.13 46.98
N LEU C 114 25.18 3.59 47.61
CA LEU C 114 23.89 4.26 47.70
C LEU C 114 23.77 4.93 49.06
N PRO C 115 23.73 6.26 49.14
CA PRO C 115 23.63 6.91 50.44
C PRO C 115 22.22 6.80 51.02
N GLU C 116 22.10 7.25 52.27
CA GLU C 116 20.82 7.23 52.96
C GLU C 116 19.85 8.21 52.29
N GLY C 117 18.58 7.83 52.26
CA GLY C 117 17.60 8.54 51.45
C GLY C 117 17.14 9.88 51.98
N THR C 118 17.52 10.24 53.20
CA THR C 118 17.19 11.57 53.71
C THR C 118 18.04 12.61 52.98
N ALA C 119 17.39 13.63 52.44
CA ALA C 119 18.10 14.64 51.66
C ALA C 119 18.89 15.56 52.57
N ARG C 120 20.16 15.76 52.26
CA ARG C 120 21.07 16.53 53.09
C ARG C 120 21.75 17.60 52.25
N LEU C 121 21.79 18.81 52.78
CA LEU C 121 22.62 19.85 52.21
C LEU C 121 24.08 19.64 52.59
N PRO C 122 25.03 20.02 51.74
CA PRO C 122 26.43 19.88 52.09
C PRO C 122 26.84 20.84 53.21
N GLY C 123 27.79 20.39 54.02
CA GLY C 123 28.30 21.16 55.13
C GLY C 123 29.80 21.38 55.02
N ASP C 124 30.33 22.04 56.04
CA ASP C 124 31.76 22.36 56.10
C ASP C 124 32.59 21.24 56.70
N ASN C 125 31.96 20.18 57.19
CA ASN C 125 32.67 19.05 57.77
C ASN C 125 33.15 18.15 56.64
N ALA C 126 34.43 18.27 56.29
CA ALA C 126 34.98 17.46 55.21
C ALA C 126 35.21 16.01 55.61
N LEU C 127 35.22 15.72 56.90
CA LEU C 127 35.39 14.36 57.40
C LEU C 127 34.07 13.60 57.48
N ASP C 128 32.95 14.24 57.14
CA ASP C 128 31.67 13.58 57.13
C ASP C 128 31.60 12.57 55.99
N MET C 129 30.94 11.43 56.25
CA MET C 129 30.87 10.37 55.24
C MET C 129 29.94 10.75 54.10
N PHE C 130 28.85 11.48 54.39
CA PHE C 130 27.98 11.96 53.33
C PHE C 130 28.65 13.06 52.51
N GLN C 131 29.45 13.91 53.18
CA GLN C 131 30.15 14.98 52.48
C GLN C 131 31.22 14.44 51.54
N LYS C 132 31.93 13.38 51.96
CA LYS C 132 32.91 12.76 51.08
C LYS C 132 32.25 11.98 49.96
N HIS C 133 31.05 11.47 50.19
CA HIS C 133 30.34 10.72 49.15
C HIS C 133 29.84 11.64 48.03
N ARG C 134 29.28 12.80 48.41
CA ARG C 134 28.71 13.68 47.40
C ARG C 134 29.78 14.41 46.60
N GLU C 135 30.97 14.62 47.19
CA GLU C 135 32.07 15.18 46.42
C GLU C 135 32.66 14.14 45.47
N LYS C 136 32.67 12.87 45.88
CA LYS C 136 33.08 11.80 45.00
C LYS C 136 32.07 11.58 43.88
N GLU C 137 30.78 11.70 44.21
CA GLU C 137 29.73 11.49 43.21
C GLU C 137 29.75 12.57 42.13
N LEU C 138 29.93 13.83 42.54
CA LEU C 138 29.94 14.93 41.58
C LEU C 138 31.15 14.89 40.66
N LYS C 139 32.27 14.34 41.13
CA LYS C 139 33.41 14.12 40.25
C LYS C 139 33.10 13.05 39.21
N ASP C 140 32.35 12.02 39.61
CA ASP C 140 31.96 10.98 38.66
C ASP C 140 30.92 11.49 37.67
N ARG C 141 29.99 12.33 38.14
CA ARG C 141 28.94 12.86 37.28
C ARG C 141 29.48 13.82 36.23
N GLN C 142 30.49 14.63 36.60
CA GLN C 142 31.04 15.60 35.66
C GLN C 142 31.91 14.96 34.59
N GLN C 143 32.30 13.70 34.76
CA GLN C 143 32.95 12.95 33.69
C GLN C 143 31.95 12.19 32.84
N ILE C 144 30.81 11.82 33.42
CA ILE C 144 29.77 11.13 32.67
C ILE C 144 28.89 12.12 31.92
N TYR C 145 28.47 13.19 32.59
CA TYR C 145 27.62 14.22 32.01
C TYR C 145 28.50 15.40 31.63
N CYS C 146 28.63 15.66 30.34
CA CYS C 146 29.46 16.75 29.84
C CYS C 146 28.65 17.64 28.91
N TRP C 147 28.95 18.92 28.94
CA TRP C 147 28.33 19.87 28.02
C TRP C 147 28.93 19.72 26.62
N ALA C 148 28.12 20.00 25.61
CA ALA C 148 28.58 20.02 24.24
C ALA C 148 27.89 21.16 23.49
N THR C 149 28.60 21.71 22.51
CA THR C 149 28.06 22.76 21.65
C THR C 149 27.53 22.11 20.39
N TRP C 150 26.21 21.96 20.30
CA TRP C 150 25.61 21.48 19.07
C TRP C 150 25.73 22.51 17.96
N LYS C 151 25.35 23.75 18.25
CA LYS C 151 25.55 24.88 17.36
C LYS C 151 26.01 26.07 18.18
N GLU C 152 26.85 26.91 17.58
CA GLU C 152 27.35 28.09 18.27
C GLU C 152 26.24 29.12 18.46
N GLY C 153 26.25 29.76 19.63
CA GLY C 153 25.23 30.72 19.99
C GLY C 153 23.99 30.11 20.60
N LEU C 154 23.94 28.79 20.74
CA LEU C 154 22.82 28.06 21.28
C LEU C 154 23.13 27.55 22.67
N PRO C 155 22.12 27.26 23.49
CA PRO C 155 22.37 26.60 24.77
C PRO C 155 23.00 25.23 24.58
N LEU C 156 23.91 24.88 25.49
CA LEU C 156 24.70 23.67 25.33
C LEU C 156 23.85 22.43 25.63
N THR C 157 24.25 21.32 25.04
CA THR C 157 23.54 20.05 25.13
C THR C 157 24.35 19.06 25.95
N ILE C 158 23.83 17.84 26.05
CA ILE C 158 24.60 16.73 26.62
C ILE C 158 25.60 16.25 25.56
N ALA C 159 26.78 15.84 26.01
CA ALA C 159 27.80 15.36 25.10
C ALA C 159 27.48 13.97 24.58
N ALA C 160 26.69 13.90 23.50
CA ALA C 160 26.33 12.62 22.89
C ALA C 160 25.94 12.89 21.45
N ASP C 161 26.77 12.42 20.51
CA ASP C 161 26.44 12.57 19.10
C ASP C 161 25.24 11.70 18.72
N ARG C 162 25.14 10.51 19.30
CA ARG C 162 24.03 9.61 19.11
C ARG C 162 23.41 9.29 20.45
N LYS C 163 22.28 8.57 20.42
CA LYS C 163 21.64 8.14 21.66
C LYS C 163 22.43 7.05 22.37
N ASP C 164 23.29 6.32 21.66
CA ASP C 164 24.11 5.31 22.28
C ASP C 164 25.31 5.90 23.04
N ASP C 165 25.64 7.17 22.78
CA ASP C 165 26.71 7.85 23.50
C ASP C 165 26.22 8.47 24.81
N LEU C 166 24.93 8.33 25.11
CA LEU C 166 24.35 8.93 26.30
C LEU C 166 24.78 8.16 27.55
N PRO C 167 24.68 8.80 28.72
CA PRO C 167 24.74 8.06 29.98
C PRO C 167 23.61 7.05 30.06
N PRO C 168 23.88 5.86 30.64
CA PRO C 168 22.85 4.81 30.67
C PRO C 168 21.65 5.12 31.54
N ASN C 169 21.78 6.00 32.53
CA ASN C 169 20.64 6.38 33.35
C ASN C 169 19.71 7.36 32.65
N MET C 170 20.17 8.01 31.59
CA MET C 170 19.35 8.91 30.80
C MET C 170 18.71 8.22 29.60
N ARG C 171 18.92 6.92 29.45
CA ARG C 171 18.37 6.21 28.30
C ARG C 171 16.89 5.93 28.49
N PHE C 172 16.22 5.69 27.36
CA PHE C 172 14.85 5.21 27.39
C PHE C 172 14.80 3.81 28.01
N HIS C 173 13.74 3.55 28.78
CA HIS C 173 13.48 2.19 29.21
C HIS C 173 12.82 1.41 28.09
N GLU C 174 12.50 0.15 28.37
CA GLU C 174 12.02 -0.77 27.33
C GLU C 174 10.67 -0.34 26.76
N GLU C 175 9.74 0.09 27.62
CA GLU C 175 8.42 0.44 27.16
C GLU C 175 8.41 1.77 26.40
N LYS C 176 9.32 2.69 26.76
CA LYS C 176 9.44 3.92 25.99
C LYS C 176 10.12 3.68 24.65
N ARG C 177 11.17 2.86 24.64
CA ARG C 177 11.93 2.61 23.42
C ARG C 177 11.12 1.82 22.40
N LEU C 178 10.37 0.81 22.87
CA LEU C 178 9.54 0.02 21.96
C LEU C 178 8.36 0.83 21.42
N ASP C 179 7.82 1.74 22.22
CA ASP C 179 6.78 2.63 21.72
C ASP C 179 7.33 3.61 20.70
N PHE C 180 8.56 4.08 20.92
CA PHE C 180 9.19 4.99 19.96
C PHE C 180 9.49 4.29 18.64
N GLU C 181 9.91 3.02 18.70
CA GLU C 181 10.15 2.25 17.49
C GLU C 181 8.83 1.90 16.78
N TRP C 182 7.76 1.72 17.53
CA TRP C 182 6.46 1.45 16.92
C TRP C 182 5.93 2.67 16.18
N THR C 183 6.12 3.86 16.75
CA THR C 183 5.61 5.09 16.13
C THR C 183 6.36 5.41 14.84
N LEU C 184 7.64 5.04 14.76
CA LEU C 184 8.37 5.18 13.50
C LEU C 184 7.79 4.26 12.44
N LYS C 185 7.44 3.03 12.82
CA LYS C 185 6.84 2.10 11.87
C LYS C 185 5.40 2.49 11.54
N ALA C 186 4.63 2.91 12.53
CA ALA C 186 3.26 3.35 12.28
C ALA C 186 3.23 4.66 11.50
N GLY C 187 4.19 5.54 11.75
CA GLY C 187 4.29 6.76 10.96
C GLY C 187 4.71 6.49 9.53
N ALA C 188 5.64 5.55 9.33
CA ALA C 188 6.09 5.24 7.98
C ALA C 188 5.05 4.46 7.20
N LEU C 189 4.23 3.66 7.90
CA LEU C 189 3.14 2.95 7.23
C LEU C 189 2.10 3.93 6.69
N GLU C 190 1.68 4.88 7.52
CA GLU C 190 0.62 5.79 7.13
C GLU C 190 1.09 6.78 6.07
N MET C 191 2.35 7.18 6.11
CA MET C 191 2.88 8.09 5.09
C MET C 191 3.04 7.39 3.75
N ALA C 192 3.45 6.12 3.76
CA ALA C 192 3.61 5.38 2.52
C ALA C 192 2.27 5.09 1.86
N LEU C 193 1.24 4.80 2.65
CA LEU C 193 -0.08 4.60 2.08
C LEU C 193 -0.69 5.91 1.59
N LYS C 194 -0.41 7.02 2.28
CA LYS C 194 -0.85 8.32 1.79
C LYS C 194 -0.08 8.74 0.54
N ARG C 195 1.18 8.34 0.44
CA ARG C 195 1.95 8.58 -0.78
C ARG C 195 1.36 7.81 -1.95
N VAL C 196 0.91 6.58 -1.70
CA VAL C 196 0.28 5.77 -2.73
C VAL C 196 -1.09 6.33 -3.10
N TYR C 197 -1.88 6.71 -2.10
CA TYR C 197 -3.25 7.17 -2.32
C TYR C 197 -3.30 8.49 -3.10
N THR C 198 -2.28 9.33 -2.95
CA THR C 198 -2.24 10.64 -3.57
C THR C 198 -1.18 10.72 -4.66
N LEU C 199 -0.73 9.57 -5.18
CA LEU C 199 0.35 9.55 -6.16
C LEU C 199 -0.05 10.19 -7.48
N LEU C 200 -1.28 9.93 -7.92
CA LEU C 200 -1.78 10.50 -9.17
C LEU C 200 -2.81 11.60 -8.94
N SER C 201 -3.05 11.98 -7.68
CA SER C 201 -4.02 13.01 -7.39
C SER C 201 -3.50 14.38 -7.81
N SER C 202 -4.42 15.23 -8.25
CA SER C 202 -4.08 16.59 -8.63
C SER C 202 -4.29 17.50 -7.43
N TRP C 203 -3.26 18.27 -7.09
CA TRP C 203 -3.24 19.08 -5.88
C TRP C 203 -3.61 20.50 -6.29
N ASN C 204 -4.91 20.72 -6.51
CA ASN C 204 -5.39 21.99 -7.04
C ASN C 204 -6.47 22.69 -6.23
N CYS C 205 -7.01 22.07 -5.19
CA CYS C 205 -8.04 22.70 -4.37
C CYS C 205 -7.83 22.31 -2.91
N LEU C 206 -8.45 23.09 -2.01
CA LEU C 206 -8.30 22.88 -0.58
C LEU C 206 -8.89 21.56 -0.11
N GLU C 207 -9.86 21.02 -0.85
CA GLU C 207 -10.46 19.74 -0.51
C GLU C 207 -9.57 18.55 -0.85
N ASP C 208 -8.47 18.77 -1.57
CA ASP C 208 -7.50 17.70 -1.81
C ASP C 208 -6.73 17.31 -0.56
N PHE C 209 -6.68 18.19 0.45
CA PHE C 209 -6.06 17.85 1.73
C PHE C 209 -6.88 16.85 2.52
N ASP C 210 -8.16 16.64 2.15
CA ASP C 210 -8.97 15.59 2.76
C ASP C 210 -8.47 14.19 2.41
N GLN C 211 -7.75 14.05 1.29
CA GLN C 211 -7.22 12.75 0.88
C GLN C 211 -6.17 12.23 1.82
N ILE C 212 -5.51 13.10 2.59
CA ILE C 212 -4.51 12.71 3.57
C ILE C 212 -4.93 13.02 4.99
N PHE C 213 -6.08 13.67 5.18
CA PHE C 213 -6.50 14.03 6.53
C PHE C 213 -7.21 12.83 7.17
N TRP C 214 -6.40 11.85 7.57
CA TRP C 214 -6.90 10.68 8.25
C TRP C 214 -5.77 9.97 8.97
N GLY C 215 -6.14 9.11 9.90
CA GLY C 215 -5.15 8.32 10.59
C GLY C 215 -4.60 9.12 11.74
N GLN C 216 -3.47 9.77 11.47
CA GLN C 216 -2.81 10.66 12.41
C GLN C 216 -3.58 11.98 12.49
N LYS C 217 -4.69 11.94 13.20
CA LYS C 217 -5.48 13.13 13.47
C LYS C 217 -6.28 12.91 14.75
N SER C 218 -6.91 13.97 15.23
CA SER C 218 -7.64 13.95 16.49
C SER C 218 -9.04 14.52 16.28
N ALA C 219 -9.81 14.55 17.37
CA ALA C 219 -11.18 15.07 17.30
C ALA C 219 -11.19 16.58 17.09
N LEU C 220 -10.25 17.29 17.73
CA LEU C 220 -10.19 18.75 17.56
C LEU C 220 -9.71 19.12 16.16
N ALA C 221 -8.85 18.32 15.56
CA ALA C 221 -8.38 18.58 14.20
C ALA C 221 -9.50 18.45 13.18
N GLU C 222 -10.46 17.55 13.42
CA GLU C 222 -11.65 17.46 12.59
C GLU C 222 -12.47 18.74 12.66
N LYS C 223 -12.60 19.31 13.86
CA LYS C 223 -13.25 20.60 14.02
C LYS C 223 -12.44 21.72 13.39
N VAL C 224 -11.11 21.58 13.40
CA VAL C 224 -10.23 22.58 12.79
C VAL C 224 -10.42 22.59 11.27
N ARG C 225 -10.56 21.41 10.65
CA ARG C 225 -10.77 21.30 9.22
C ARG C 225 -12.06 21.98 8.78
N GLN C 226 -13.10 21.90 9.60
CA GLN C 226 -14.36 22.57 9.29
C GLN C 226 -14.24 24.09 9.38
N CYS C 227 -13.43 24.60 10.30
CA CYS C 227 -13.51 26.00 10.68
C CYS C 227 -12.19 26.77 10.51
N TRP C 228 -11.24 26.24 9.73
CA TRP C 228 -9.94 26.89 9.65
C TRP C 228 -10.00 28.20 8.86
N GLN C 229 -10.95 28.33 7.94
CA GLN C 229 -11.09 29.58 7.19
C GLN C 229 -11.82 30.64 7.98
N ASP C 230 -12.40 30.30 9.13
CA ASP C 230 -13.06 31.29 9.97
C ASP C 230 -12.02 32.21 10.61
N ASP C 231 -12.34 33.51 10.63
CA ASP C 231 -11.46 34.48 11.25
C ASP C 231 -11.43 34.35 12.76
N GLU C 232 -12.47 33.79 13.37
CA GLU C 232 -12.48 33.61 14.81
C GLU C 232 -11.58 32.45 15.25
N LEU C 233 -11.49 31.39 14.45
CA LEU C 233 -10.60 30.29 14.82
C LEU C 233 -9.14 30.65 14.56
N PHE C 234 -8.88 31.43 13.51
CA PHE C 234 -7.54 31.93 13.23
C PHE C 234 -7.04 32.80 14.38
N SER C 235 -7.92 33.61 14.96
CA SER C 235 -7.59 34.43 16.10
C SER C 235 -7.58 33.64 17.41
N TYR C 236 -8.30 32.53 17.46
CA TYR C 236 -8.36 31.70 18.67
C TYR C 236 -7.02 31.04 18.96
N GLN C 237 -6.23 30.75 17.92
CA GLN C 237 -5.00 30.00 18.10
C GLN C 237 -3.88 30.83 18.73
N PHE C 238 -3.98 32.15 18.68
CA PHE C 238 -2.99 32.98 19.34
C PHE C 238 -3.13 32.94 20.85
N LEU C 239 -4.31 32.59 21.36
CA LEU C 239 -4.54 32.48 22.79
C LEU C 239 -4.57 31.04 23.28
N ASN C 240 -5.21 30.14 22.55
CA ASN C 240 -5.48 28.79 23.04
C ASN C 240 -5.13 27.71 22.03
N GLY C 241 -4.32 28.03 21.04
CA GLY C 241 -3.90 27.06 20.04
C GLY C 241 -2.65 26.33 20.42
N ALA C 242 -1.91 25.88 19.41
CA ALA C 242 -0.65 25.20 19.67
C ALA C 242 0.41 26.15 20.19
N ASN C 243 0.37 27.41 19.76
CA ASN C 243 1.37 28.42 20.15
C ASN C 243 0.66 29.59 20.82
N PRO C 244 0.47 29.54 22.13
CA PRO C 244 -0.14 30.67 22.84
C PRO C 244 0.87 31.68 23.34
N MET C 245 2.10 31.63 22.82
CA MET C 245 3.23 32.30 23.44
C MET C 245 3.67 33.57 22.73
N LEU C 246 3.09 33.91 21.58
CA LEU C 246 3.56 35.07 20.84
C LEU C 246 2.68 36.30 20.99
N LEU C 247 1.39 36.11 21.26
CA LEU C 247 0.44 37.21 21.25
C LEU C 247 0.68 38.15 22.42
N ARG C 248 0.90 39.42 22.11
CA ARG C 248 1.12 40.46 23.11
C ARG C 248 0.03 41.50 22.99
N ARG C 249 -0.34 42.08 24.13
CA ARG C 249 -1.21 43.25 24.11
C ARG C 249 -0.41 44.45 23.66
N SER C 250 -0.92 45.15 22.65
CA SER C 250 -0.21 46.29 22.08
C SER C 250 -0.34 47.51 23.00
N THR C 251 0.79 47.99 23.50
CA THR C 251 0.82 49.28 24.20
C THR C 251 1.03 50.44 23.26
N SER C 252 1.43 50.17 22.01
CA SER C 252 1.58 51.18 20.98
C SER C 252 1.49 50.48 19.64
N LEU C 253 1.27 51.27 18.60
CA LEU C 253 1.29 50.72 17.25
C LEU C 253 2.72 50.33 16.88
N PRO C 254 2.91 49.18 16.22
CA PRO C 254 4.26 48.77 15.82
C PRO C 254 4.83 49.68 14.75
N SER C 255 6.15 49.88 14.82
CA SER C 255 6.83 50.74 13.85
C SER C 255 6.90 50.10 12.47
N ARG C 256 6.84 48.77 12.39
CA ARG C 256 6.79 48.08 11.12
C ARG C 256 5.42 48.17 10.45
N LEU C 257 4.38 48.50 11.21
CA LEU C 257 3.04 48.64 10.66
C LEU C 257 2.94 49.99 9.98
N VAL C 258 3.29 50.02 8.70
CA VAL C 258 3.27 51.25 7.91
C VAL C 258 2.04 51.22 7.03
N LEU C 259 1.05 52.03 7.36
CA LEU C 259 -0.18 52.09 6.58
C LEU C 259 0.01 53.04 5.40
N PRO C 260 -0.41 52.66 4.20
CA PRO C 260 -0.33 53.57 3.05
C PRO C 260 -1.48 54.56 3.07
N SER C 261 -1.48 55.44 2.07
CA SER C 261 -2.56 56.40 1.90
C SER C 261 -3.84 55.68 1.46
N GLY C 262 -4.98 56.25 1.86
CA GLY C 262 -6.26 55.65 1.55
C GLY C 262 -6.74 54.61 2.52
N MET C 263 -5.99 54.34 3.58
CA MET C 263 -6.37 53.37 4.61
C MET C 263 -6.50 54.06 5.97
N GLU C 264 -7.13 55.23 5.99
CA GLU C 264 -7.31 55.98 7.24
C GLU C 264 -8.41 55.37 8.10
N GLU C 265 -9.31 54.59 7.52
CA GLU C 265 -10.32 53.88 8.32
C GLU C 265 -9.65 52.83 9.21
N LEU C 266 -8.68 52.10 8.66
CA LEU C 266 -7.93 51.13 9.45
C LEU C 266 -7.08 51.82 10.51
N GLN C 267 -6.49 52.98 10.17
CA GLN C 267 -5.72 53.75 11.13
C GLN C 267 -6.59 54.25 12.27
N ALA C 268 -7.83 54.64 11.97
CA ALA C 268 -8.78 55.00 13.02
C ALA C 268 -9.18 53.78 13.85
N GLN C 269 -9.31 52.62 13.21
CA GLN C 269 -9.69 51.40 13.92
C GLN C 269 -8.55 50.90 14.82
N LEU C 270 -7.31 51.02 14.35
CA LEU C 270 -6.16 50.58 15.15
C LEU C 270 -5.95 51.50 16.36
N GLU C 271 -6.14 52.81 16.17
CA GLU C 271 -6.02 53.73 17.30
C GLU C 271 -7.18 53.58 18.27
N LYS C 272 -8.36 53.17 17.78
CA LYS C 272 -9.51 52.96 18.66
C LYS C 272 -9.28 51.78 19.60
N GLU C 273 -8.74 50.68 19.08
CA GLU C 273 -8.46 49.51 19.92
C GLU C 273 -7.24 49.74 20.81
N LEU C 274 -6.32 50.60 20.37
CA LEU C 274 -5.12 50.87 21.17
C LEU C 274 -5.46 51.66 22.42
N GLN C 275 -6.30 52.69 22.29
CA GLN C 275 -6.71 53.46 23.47
C GLN C 275 -7.69 52.68 24.34
N ASN C 276 -8.47 51.77 23.73
CA ASN C 276 -9.37 50.93 24.51
C ASN C 276 -8.64 49.85 25.28
N GLY C 277 -7.39 49.54 24.90
CA GLY C 277 -6.65 48.49 25.53
C GLY C 277 -6.94 47.10 25.01
N SER C 278 -7.75 46.98 23.95
CA SER C 278 -8.12 45.70 23.39
C SER C 278 -7.36 45.37 22.12
N LEU C 279 -6.28 46.09 21.82
CA LEU C 279 -5.48 45.84 20.63
C LEU C 279 -4.39 44.83 20.96
N PHE C 280 -4.30 43.77 20.15
CA PHE C 280 -3.34 42.71 20.36
C PHE C 280 -2.54 42.49 19.08
N GLU C 281 -1.27 42.13 19.25
CA GLU C 281 -0.37 41.90 18.13
C GLU C 281 0.33 40.56 18.29
N ALA C 282 0.64 39.95 17.15
CA ALA C 282 1.50 38.77 17.09
C ALA C 282 2.57 39.08 16.05
N ASP C 283 3.74 39.49 16.51
CA ASP C 283 4.81 39.95 15.64
C ASP C 283 5.79 38.80 15.42
N PHE C 284 5.92 38.37 14.17
CA PHE C 284 6.81 37.28 13.79
C PHE C 284 8.12 37.82 13.23
N ILE C 285 8.62 38.92 13.79
CA ILE C 285 9.80 39.61 13.26
C ILE C 285 11.08 38.81 13.47
N LEU C 286 11.06 37.76 14.28
CA LEU C 286 12.22 36.88 14.43
C LEU C 286 12.51 36.09 13.16
N LEU C 287 11.54 35.96 12.27
CA LEU C 287 11.71 35.26 11.00
C LEU C 287 12.22 36.16 9.88
N ASP C 288 12.51 37.43 10.16
CA ASP C 288 12.91 38.36 9.12
C ASP C 288 14.35 38.08 8.69
N GLY C 289 14.54 37.78 7.41
CA GLY C 289 15.86 37.50 6.88
C GLY C 289 16.35 36.09 7.11
N ILE C 290 15.53 35.21 7.67
CA ILE C 290 15.91 33.81 7.83
C ILE C 290 15.91 33.14 6.46
N PRO C 291 16.99 32.48 6.06
CA PRO C 291 17.01 31.81 4.75
C PRO C 291 16.09 30.61 4.74
N ALA C 292 15.24 30.54 3.71
CA ALA C 292 14.23 29.50 3.65
C ALA C 292 14.81 28.21 3.10
N ASN C 293 14.10 27.12 3.33
CA ASN C 293 14.53 25.79 2.93
C ASN C 293 14.47 25.62 1.43
N VAL C 294 15.20 24.64 0.93
CA VAL C 294 15.07 24.15 -0.43
C VAL C 294 14.78 22.65 -0.32
N ILE C 295 13.57 22.25 -0.65
CA ILE C 295 13.10 20.89 -0.44
C ILE C 295 12.98 20.21 -1.79
N ARG C 296 13.84 19.22 -2.02
CA ARG C 296 13.94 18.45 -3.28
C ARG C 296 14.12 19.38 -4.48
N GLY C 297 14.96 20.40 -4.30
CA GLY C 297 15.23 21.37 -5.34
C GLY C 297 14.20 22.47 -5.48
N GLU C 298 13.08 22.39 -4.76
CA GLU C 298 12.05 23.40 -4.83
C GLU C 298 12.29 24.43 -3.72
N LYS C 299 12.35 25.70 -4.09
CA LYS C 299 12.59 26.74 -3.11
C LYS C 299 11.36 26.96 -2.25
N GLN C 300 11.55 26.90 -0.93
CA GLN C 300 10.52 27.32 -0.01
C GLN C 300 10.66 28.81 0.26
N TYR C 301 9.64 29.38 0.88
CA TYR C 301 9.63 30.82 1.12
C TYR C 301 9.16 31.12 2.53
N LEU C 302 9.78 32.13 3.13
CA LEU C 302 9.47 32.57 4.48
C LEU C 302 9.01 34.02 4.45
N ALA C 303 8.37 34.41 5.54
CA ALA C 303 7.98 35.80 5.76
C ALA C 303 8.09 36.10 7.24
N ALA C 304 7.99 37.38 7.59
CA ALA C 304 7.95 37.82 8.98
C ALA C 304 6.68 38.65 9.18
N PRO C 305 5.53 38.02 9.36
CA PRO C 305 4.27 38.75 9.41
C PRO C 305 4.06 39.51 10.71
N LEU C 306 3.10 40.42 10.65
CA LEU C 306 2.54 41.08 11.82
C LEU C 306 1.03 41.10 11.66
N VAL C 307 0.33 40.45 12.57
CA VAL C 307 -1.13 40.46 12.60
C VAL C 307 -1.58 41.24 13.81
N MET C 308 -2.41 42.26 13.56
CA MET C 308 -3.03 43.04 14.63
C MET C 308 -4.42 42.52 14.87
N LEU C 309 -4.76 42.29 16.13
CA LEU C 309 -6.03 41.68 16.49
C LEU C 309 -6.70 42.52 17.57
N LYS C 310 -8.03 42.52 17.54
CA LYS C 310 -8.82 43.27 18.51
C LYS C 310 -9.61 42.30 19.38
N MET C 311 -9.72 42.63 20.67
CA MET C 311 -10.51 41.85 21.61
C MET C 311 -11.93 42.42 21.64
N GLU C 312 -12.88 41.64 21.15
CA GLU C 312 -14.28 42.02 21.24
C GLU C 312 -14.77 41.92 22.68
N PRO C 313 -15.84 42.64 23.04
CA PRO C 313 -16.39 42.52 24.40
C PRO C 313 -16.93 41.14 24.75
N ASN C 314 -17.25 40.30 23.75
CA ASN C 314 -17.66 38.93 24.03
C ASN C 314 -16.50 38.02 24.44
N GLY C 315 -15.25 38.49 24.33
CA GLY C 315 -14.09 37.73 24.71
C GLY C 315 -13.37 37.03 23.58
N LYS C 316 -13.84 37.18 22.34
CA LYS C 316 -13.22 36.53 21.19
C LYS C 316 -12.36 37.54 20.44
N LEU C 317 -11.14 37.13 20.11
CA LEU C 317 -10.29 37.95 19.26
C LEU C 317 -10.78 37.93 17.83
N GLN C 318 -10.57 39.05 17.13
CA GLN C 318 -10.87 39.15 15.71
C GLN C 318 -9.70 39.81 15.01
N PRO C 319 -9.37 39.38 13.79
CA PRO C 319 -8.21 39.95 13.11
C PRO C 319 -8.53 41.28 12.45
N MET C 320 -7.61 42.23 12.57
CA MET C 320 -7.76 43.54 11.96
C MET C 320 -6.99 43.67 10.66
N VAL C 321 -5.69 43.41 10.69
CA VAL C 321 -4.84 43.61 9.52
C VAL C 321 -3.68 42.62 9.58
N ILE C 322 -3.35 42.03 8.44
CA ILE C 322 -2.18 41.17 8.30
C ILE C 322 -1.20 41.84 7.35
N GLN C 323 0.01 42.06 7.83
CA GLN C 323 1.12 42.56 7.02
C GLN C 323 2.12 41.43 6.91
N ILE C 324 2.16 40.75 5.76
CA ILE C 324 2.92 39.51 5.64
C ILE C 324 4.42 39.76 5.67
N GLN C 325 4.87 40.85 5.04
CA GLN C 325 6.29 41.11 5.07
C GLN C 325 6.59 42.39 5.81
N PRO C 326 7.72 42.46 6.53
CA PRO C 326 8.12 43.71 7.17
C PRO C 326 8.61 44.70 6.14
N PRO C 327 8.64 46.00 6.45
CA PRO C 327 9.18 46.98 5.50
C PRO C 327 10.67 46.79 5.25
N SER C 328 11.05 47.01 4.01
CA SER C 328 12.44 46.96 3.55
C SER C 328 12.67 48.17 2.66
N PRO C 329 13.93 48.53 2.39
CA PRO C 329 14.17 49.63 1.44
C PRO C 329 13.64 49.37 0.03
N SER C 330 13.51 48.11 -0.38
CA SER C 330 12.92 47.82 -1.68
C SER C 330 11.42 48.07 -1.68
N SER C 331 10.73 47.66 -0.63
CA SER C 331 9.28 47.83 -0.50
C SER C 331 8.97 48.47 0.83
N PRO C 332 9.03 49.82 0.90
CA PRO C 332 8.83 50.50 2.19
C PRO C 332 7.41 50.40 2.74
N THR C 333 6.41 50.10 1.91
CA THR C 333 5.03 49.93 2.37
C THR C 333 4.51 48.60 1.85
N PRO C 334 4.65 47.53 2.65
CA PRO C 334 4.12 46.22 2.24
C PRO C 334 2.60 46.21 2.26
N THR C 335 2.06 45.22 1.55
CA THR C 335 0.61 45.09 1.40
C THR C 335 -0.05 44.73 2.72
N LEU C 336 -1.10 45.47 3.07
CA LEU C 336 -1.86 45.22 4.29
C LEU C 336 -3.11 44.43 3.94
N PHE C 337 -3.27 43.27 4.55
CA PHE C 337 -4.35 42.35 4.23
C PHE C 337 -5.44 42.43 5.29
N LEU C 338 -6.68 42.53 4.84
CA LEU C 338 -7.83 42.79 5.69
C LEU C 338 -8.86 41.67 5.53
N PRO C 339 -9.73 41.47 6.54
CA PRO C 339 -10.83 40.51 6.36
C PRO C 339 -11.83 40.88 5.27
N SER C 340 -11.89 42.16 4.87
CA SER C 340 -12.79 42.61 3.82
C SER C 340 -12.15 42.57 2.43
N ASP C 341 -11.06 41.83 2.28
CA ASP C 341 -10.36 41.68 1.01
C ASP C 341 -11.07 40.64 0.16
N PRO C 342 -10.58 40.38 -1.07
CA PRO C 342 -10.93 39.13 -1.75
C PRO C 342 -10.59 37.92 -0.89
N PRO C 343 -11.46 36.91 -0.87
CA PRO C 343 -11.35 35.83 0.14
C PRO C 343 -10.09 34.99 0.03
N LEU C 344 -9.59 34.73 -1.18
CA LEU C 344 -8.40 33.91 -1.33
C LEU C 344 -7.13 34.65 -0.94
N ALA C 345 -7.11 35.97 -1.15
CA ALA C 345 -5.96 36.76 -0.70
C ALA C 345 -5.90 36.84 0.82
N TRP C 346 -7.07 36.96 1.46
CA TRP C 346 -7.11 36.97 2.92
C TRP C 346 -6.84 35.59 3.51
N LEU C 347 -7.30 34.54 2.82
CA LEU C 347 -7.00 33.17 3.25
C LEU C 347 -5.51 32.88 3.15
N LEU C 348 -4.87 33.33 2.07
CA LEU C 348 -3.44 33.14 1.90
C LEU C 348 -2.65 33.96 2.92
N ALA C 349 -3.15 35.15 3.27
CA ALA C 349 -2.48 35.96 4.27
C ALA C 349 -2.61 35.36 5.67
N LYS C 350 -3.78 34.78 5.98
CA LYS C 350 -3.92 34.04 7.24
C LYS C 350 -3.05 32.80 7.23
N SER C 351 -2.96 32.12 6.09
CA SER C 351 -2.10 30.94 5.98
C SER C 351 -0.64 31.29 6.11
N TRP C 352 -0.24 32.49 5.68
CA TRP C 352 1.14 32.92 5.83
C TRP C 352 1.49 33.24 7.27
N VAL C 353 0.54 33.83 8.01
CA VAL C 353 0.72 34.03 9.44
C VAL C 353 0.78 32.69 10.16
N ARG C 354 -0.12 31.78 9.78
CA ARG C 354 -0.19 30.46 10.42
C ARG C 354 1.01 29.60 10.07
N ASN C 355 1.53 29.73 8.84
CA ASN C 355 2.78 29.07 8.51
C ASN C 355 3.93 29.64 9.34
N SER C 356 3.96 30.96 9.49
CA SER C 356 4.98 31.59 10.29
C SER C 356 4.79 31.31 11.77
N ASP C 357 3.54 31.11 12.19
CA ASP C 357 3.28 30.68 13.56
C ASP C 357 3.83 29.28 13.80
N PHE C 358 3.78 28.42 12.77
CA PHE C 358 4.39 27.09 12.88
C PHE C 358 5.90 27.18 13.07
N GLN C 359 6.54 28.16 12.42
CA GLN C 359 7.99 28.30 12.52
C GLN C 359 8.40 28.69 13.92
N LEU C 360 7.75 29.70 14.49
CA LEU C 360 8.12 30.18 15.81
C LEU C 360 7.63 29.26 16.91
N HIS C 361 6.54 28.53 16.68
CA HIS C 361 6.10 27.53 17.65
C HIS C 361 7.11 26.40 17.77
N GLU C 362 7.49 25.80 16.64
CA GLU C 362 8.28 24.58 16.68
C GLU C 362 9.73 24.85 17.04
N ILE C 363 10.27 26.00 16.65
CA ILE C 363 11.68 26.28 16.87
C ILE C 363 11.90 27.07 18.15
N GLN C 364 11.21 28.20 18.32
CA GLN C 364 11.47 29.02 19.49
C GLN C 364 10.78 28.47 20.72
N TYR C 365 9.46 28.35 20.68
CA TYR C 365 8.71 28.02 21.90
C TYR C 365 8.66 26.52 22.21
N HIS C 366 8.82 25.72 21.21
CA HIS C 366 8.84 24.29 21.52
C HIS C 366 10.29 23.79 21.68
N LEU C 367 11.11 23.88 20.65
CA LEU C 367 12.47 23.35 20.68
C LEU C 367 13.32 24.09 21.70
N LEU C 368 13.46 25.40 21.54
CA LEU C 368 14.35 26.16 22.40
C LEU C 368 13.78 26.31 23.80
N ASN C 369 12.57 26.86 23.91
CA ASN C 369 12.06 27.31 25.20
C ASN C 369 11.71 26.15 26.13
N THR C 370 11.39 24.98 25.59
CA THR C 370 11.07 23.83 26.43
C THR C 370 12.14 22.74 26.34
N HIS C 371 12.42 22.21 25.15
CA HIS C 371 13.36 21.09 25.04
C HIS C 371 14.79 21.50 25.41
N LEU C 372 15.28 22.61 24.85
CA LEU C 372 16.68 22.96 25.09
C LEU C 372 16.89 23.50 26.50
N VAL C 373 15.93 24.28 27.00
CA VAL C 373 16.03 24.80 28.37
C VAL C 373 16.05 23.65 29.37
N ALA C 374 15.17 22.65 29.18
CA ALA C 374 15.09 21.53 30.10
C ALA C 374 16.33 20.65 30.03
N GLU C 375 16.95 20.54 28.85
CA GLU C 375 18.20 19.81 28.72
C GLU C 375 19.33 20.51 29.46
N VAL C 376 19.33 21.85 29.44
CA VAL C 376 20.26 22.63 30.25
C VAL C 376 20.00 22.39 31.72
N ILE C 377 18.71 22.34 32.11
CA ILE C 377 18.34 21.98 33.47
C ILE C 377 18.72 20.54 33.77
N ALA C 378 18.57 19.64 32.79
CA ALA C 378 18.85 18.22 33.02
C ALA C 378 20.34 17.96 33.23
N VAL C 379 21.19 18.54 32.37
CA VAL C 379 22.63 18.28 32.45
C VAL C 379 23.22 18.92 33.70
N ALA C 380 22.80 20.15 34.02
CA ALA C 380 23.34 20.84 35.18
C ALA C 380 22.86 20.24 36.50
N THR C 381 21.68 19.62 36.50
CA THR C 381 21.23 18.90 37.70
C THR C 381 22.10 17.68 37.96
N MET C 382 22.46 16.95 36.91
CA MET C 382 23.34 15.80 37.08
C MET C 382 24.76 16.24 37.41
N ARG C 383 25.25 17.29 36.76
CA ARG C 383 26.65 17.69 36.91
C ARG C 383 26.94 18.31 38.26
N CYS C 384 25.98 19.03 38.85
CA CYS C 384 26.27 19.84 40.02
C CYS C 384 25.45 19.50 41.25
N LEU C 385 24.36 18.74 41.12
CA LEU C 385 23.58 18.35 42.28
C LEU C 385 23.74 16.86 42.51
N PRO C 386 24.39 16.45 43.60
CA PRO C 386 24.55 15.01 43.87
C PRO C 386 23.25 14.39 44.34
N GLY C 387 23.28 13.06 44.48
CA GLY C 387 22.09 12.30 44.82
C GLY C 387 21.55 12.58 46.22
N LEU C 388 22.40 13.09 47.12
CA LEU C 388 21.95 13.48 48.45
C LEU C 388 21.25 14.83 48.47
N HIS C 389 21.38 15.63 47.42
CA HIS C 389 20.85 16.98 47.43
C HIS C 389 19.33 16.95 47.30
N PRO C 390 18.61 17.77 48.08
CA PRO C 390 17.14 17.83 47.93
C PRO C 390 16.70 18.43 46.61
N ILE C 391 17.48 19.34 46.03
CA ILE C 391 17.10 19.95 44.76
C ILE C 391 17.28 18.94 43.63
N PHE C 392 18.24 18.03 43.76
CA PHE C 392 18.36 16.92 42.81
C PHE C 392 17.15 16.00 42.89
N LYS C 393 16.79 15.59 44.11
CA LYS C 393 15.64 14.72 44.31
C LYS C 393 14.34 15.38 43.89
N PHE C 394 14.30 16.71 43.96
CA PHE C 394 13.15 17.46 43.48
C PHE C 394 13.06 17.42 41.96
N LEU C 395 14.20 17.51 41.27
CA LEU C 395 14.22 17.75 39.83
C LEU C 395 14.42 16.48 38.99
N ILE C 396 14.95 15.41 39.56
CA ILE C 396 15.21 14.18 38.82
C ILE C 396 13.96 13.51 38.23
N PRO C 397 12.72 13.62 38.76
CA PRO C 397 11.59 13.14 37.94
C PRO C 397 11.27 14.07 36.80
N HIS C 398 11.64 15.34 36.88
CA HIS C 398 11.28 16.33 35.89
C HIS C 398 12.31 16.44 34.76
N ILE C 399 13.39 15.69 34.83
CA ILE C 399 14.38 15.67 33.76
C ILE C 399 14.48 14.28 33.13
N ARG C 400 13.45 13.45 33.35
CA ARG C 400 13.43 12.10 32.81
C ARG C 400 13.27 12.14 31.30
N TYR C 401 14.11 11.38 30.59
CA TYR C 401 14.12 11.18 29.14
C TYR C 401 14.40 12.45 28.34
N THR C 402 14.81 13.54 29.01
CA THR C 402 15.01 14.80 28.31
C THR C 402 16.26 14.78 27.45
N MET C 403 17.32 14.14 27.95
CA MET C 403 18.57 14.08 27.20
C MET C 403 18.46 13.18 25.97
N GLU C 404 17.69 12.10 26.03
CA GLU C 404 17.57 11.23 24.86
C GLU C 404 16.71 11.86 23.78
N ILE C 405 15.57 12.46 24.16
CA ILE C 405 14.66 13.01 23.16
C ILE C 405 15.28 14.23 22.48
N ASN C 406 16.14 14.97 23.19
CA ASN C 406 16.87 16.05 22.54
C ASN C 406 18.02 15.51 21.70
N THR C 407 18.64 14.42 22.11
CA THR C 407 19.63 13.75 21.26
C THR C 407 18.96 13.15 20.03
N ARG C 408 17.79 12.54 20.19
CA ARG C 408 17.05 12.01 19.05
C ARG C 408 16.55 13.13 18.14
N ALA C 409 16.19 14.28 18.70
CA ALA C 409 15.84 15.43 17.88
C ALA C 409 17.05 15.94 17.11
N ARG C 410 18.20 16.03 17.78
CA ARG C 410 19.43 16.49 17.13
C ARG C 410 19.98 15.46 16.14
N THR C 411 19.57 14.20 16.25
CA THR C 411 20.03 13.17 15.33
C THR C 411 19.07 13.00 14.16
N GLN C 412 17.78 12.96 14.43
CA GLN C 412 16.77 12.65 13.41
C GLN C 412 15.97 13.86 12.97
N LEU C 413 15.60 14.75 13.88
CA LEU C 413 14.65 15.81 13.53
C LEU C 413 15.35 17.07 13.03
N ILE C 414 16.14 17.72 13.88
CA ILE C 414 16.70 19.02 13.56
C ILE C 414 18.13 18.92 13.02
N SER C 415 18.57 17.74 12.64
CA SER C 415 19.88 17.56 12.06
C SER C 415 19.90 18.08 10.62
N ASP C 416 21.11 18.22 10.08
CA ASP C 416 21.27 18.57 8.68
C ASP C 416 20.85 17.37 7.83
N GLY C 417 19.88 17.61 6.93
CA GLY C 417 19.27 16.51 6.21
C GLY C 417 18.26 15.73 7.01
N GLY C 418 17.83 16.24 8.17
CA GLY C 418 16.88 15.56 9.01
C GLY C 418 15.45 15.75 8.51
N ILE C 419 14.51 15.38 9.38
CA ILE C 419 13.09 15.44 9.04
C ILE C 419 12.63 16.89 8.92
N PHE C 420 13.21 17.80 9.71
CA PHE C 420 12.88 19.22 9.64
C PHE C 420 13.29 19.83 8.31
N ASP C 421 14.37 19.34 7.70
CA ASP C 421 14.79 19.83 6.40
C ASP C 421 13.89 19.34 5.27
N LYS C 422 13.21 18.21 5.45
CA LYS C 422 12.37 17.67 4.38
C LYS C 422 10.98 18.27 4.34
N ALA C 423 10.54 18.92 5.42
CA ALA C 423 9.17 19.43 5.49
C ALA C 423 9.11 20.92 5.72
N VAL C 424 9.89 21.45 6.65
CA VAL C 424 9.64 22.76 7.21
C VAL C 424 10.47 23.80 6.46
N SER C 425 9.90 25.01 6.27
CA SER C 425 10.54 26.06 5.49
C SER C 425 11.77 26.66 6.16
N THR C 426 11.90 26.56 7.48
CA THR C 426 13.12 27.04 8.14
C THR C 426 14.21 25.99 8.20
N GLY C 427 13.99 24.80 7.62
CA GLY C 427 15.02 23.78 7.62
C GLY C 427 16.12 24.10 6.64
N GLY C 428 17.17 23.28 6.69
CA GLY C 428 18.32 23.49 5.84
C GLY C 428 19.31 24.50 6.35
N GLY C 429 19.19 24.93 7.61
CA GLY C 429 20.11 25.87 8.22
C GLY C 429 19.46 27.12 8.76
N GLY C 430 18.30 27.50 8.24
CA GLY C 430 17.63 28.70 8.72
C GLY C 430 17.06 28.55 10.11
N HIS C 431 16.71 27.33 10.50
CA HIS C 431 16.20 27.09 11.85
C HIS C 431 17.28 27.28 12.90
N VAL C 432 18.54 26.99 12.57
CA VAL C 432 19.65 27.25 13.47
C VAL C 432 19.84 28.74 13.68
N GLN C 433 19.75 29.53 12.59
CA GLN C 433 19.81 30.98 12.69
C GLN C 433 18.61 31.53 13.44
N LEU C 434 17.42 30.92 13.25
CA LEU C 434 16.25 31.30 14.03
C LEU C 434 16.42 30.93 15.50
N LEU C 435 17.09 29.81 15.78
CA LEU C 435 17.36 29.41 17.16
C LEU C 435 18.30 30.38 17.84
N ARG C 436 19.28 30.93 17.11
CA ARG C 436 20.19 31.92 17.68
C ARG C 436 19.47 33.21 18.03
N ARG C 437 18.56 33.66 17.17
CA ARG C 437 17.77 34.85 17.47
C ARG C 437 16.80 34.60 18.60
N ALA C 438 16.23 33.40 18.67
CA ALA C 438 15.34 33.04 19.76
C ALA C 438 16.08 32.94 21.08
N ALA C 439 17.32 32.46 21.05
CA ALA C 439 18.13 32.35 22.27
C ALA C 439 18.48 33.72 22.82
N ALA C 440 18.64 34.72 21.95
CA ALA C 440 18.82 36.09 22.41
C ALA C 440 17.56 36.62 23.08
N GLN C 441 16.38 36.20 22.59
CA GLN C 441 15.11 36.58 23.19
C GLN C 441 14.69 35.63 24.31
N LEU C 442 15.46 34.59 24.58
CA LEU C 442 15.15 33.64 25.66
C LEU C 442 15.49 34.31 26.99
N THR C 443 14.51 35.00 27.54
CA THR C 443 14.68 35.66 28.83
C THR C 443 14.07 34.82 29.95
N TYR C 444 14.54 35.08 31.17
CA TYR C 444 14.02 34.38 32.33
C TYR C 444 12.57 34.76 32.63
N CYS C 445 12.18 35.98 32.28
CA CYS C 445 10.78 36.39 32.45
C CYS C 445 9.87 35.70 31.45
N SER C 446 10.39 35.35 30.26
CA SER C 446 9.56 34.71 29.25
C SER C 446 9.18 33.29 29.62
N LEU C 447 10.00 32.63 30.42
CA LEU C 447 9.71 31.27 30.87
C LEU C 447 8.85 31.22 32.12
N CYS C 448 8.56 32.38 32.72
CA CYS C 448 7.70 32.46 33.89
C CYS C 448 6.38 33.11 33.50
N PRO C 449 5.27 32.37 33.49
CA PRO C 449 3.96 32.94 33.07
C PRO C 449 3.46 34.09 33.93
N PRO C 450 3.75 34.17 35.24
CA PRO C 450 3.47 35.47 35.92
C PRO C 450 4.24 36.64 35.34
N ASP C 451 5.46 36.41 34.86
CA ASP C 451 6.22 37.48 34.23
C ASP C 451 5.98 37.57 32.73
N ASP C 452 5.76 36.45 32.05
CA ASP C 452 5.55 36.46 30.61
C ASP C 452 4.20 37.05 30.24
N LEU C 453 3.13 36.62 30.91
CA LEU C 453 1.80 37.10 30.56
C LEU C 453 1.56 38.52 31.05
N ALA C 454 2.28 38.96 32.08
CA ALA C 454 2.22 40.37 32.45
C ALA C 454 2.98 41.24 31.44
N ASP C 455 4.10 40.74 30.93
CA ASP C 455 4.83 41.47 29.89
C ASP C 455 4.04 41.50 28.59
N ARG C 456 3.36 40.41 28.26
CA ARG C 456 2.53 40.37 27.06
C ARG C 456 1.13 40.93 27.30
N GLY C 457 0.79 41.30 28.53
CA GLY C 457 -0.50 41.88 28.81
C GLY C 457 -1.67 40.93 28.70
N LEU C 458 -1.47 39.65 29.00
CA LEU C 458 -2.53 38.66 28.89
C LEU C 458 -3.14 38.30 30.24
N LEU C 459 -2.83 39.06 31.29
CA LEU C 459 -3.45 38.83 32.58
C LEU C 459 -4.91 39.25 32.57
N GLY C 460 -5.76 38.40 33.14
CA GLY C 460 -7.16 38.74 33.30
C GLY C 460 -8.02 38.59 32.06
N LEU C 461 -7.48 38.07 30.97
CA LEU C 461 -8.29 37.82 29.78
C LEU C 461 -9.16 36.59 30.00
N PRO C 462 -10.49 36.70 29.84
CA PRO C 462 -11.35 35.53 30.08
C PRO C 462 -11.22 34.47 29.00
N GLY C 463 -10.92 34.86 27.76
CA GLY C 463 -10.77 33.89 26.69
C GLY C 463 -9.41 33.24 26.60
N ALA C 464 -8.44 33.71 27.38
CA ALA C 464 -7.08 33.17 27.38
C ALA C 464 -7.04 31.96 28.31
N LEU C 465 -7.43 30.81 27.76
CA LEU C 465 -7.52 29.60 28.58
C LEU C 465 -6.15 29.02 28.89
N TYR C 466 -5.16 29.24 28.02
CA TYR C 466 -3.79 28.90 28.37
C TYR C 466 -3.31 29.75 29.55
N ALA C 467 -3.54 31.07 29.47
CA ALA C 467 -3.03 31.99 30.47
C ALA C 467 -3.70 31.78 31.82
N HIS C 468 -4.98 31.39 31.83
CA HIS C 468 -5.64 31.04 33.08
C HIS C 468 -5.04 29.78 33.68
N ASP C 469 -4.83 28.75 32.84
CA ASP C 469 -4.33 27.48 33.35
C ASP C 469 -2.85 27.53 33.67
N ALA C 470 -2.06 28.32 32.93
CA ALA C 470 -0.63 28.43 33.22
C ALA C 470 -0.39 29.19 34.52
N LEU C 471 -1.20 30.21 34.81
CA LEU C 471 -1.09 30.90 36.09
C LEU C 471 -1.57 30.03 37.24
N ARG C 472 -2.62 29.23 37.01
CA ARG C 472 -3.06 28.27 38.02
C ARG C 472 -2.03 27.19 38.26
N LEU C 473 -1.39 26.71 37.19
CA LEU C 473 -0.35 25.70 37.32
C LEU C 473 0.90 26.25 38.00
N TRP C 474 1.22 27.52 37.74
CA TRP C 474 2.39 28.13 38.38
C TRP C 474 2.21 28.24 39.89
N GLU C 475 1.02 28.62 40.35
CA GLU C 475 0.75 28.71 41.78
C GLU C 475 0.81 27.35 42.45
N ILE C 476 0.34 26.31 41.76
CA ILE C 476 0.38 24.95 42.29
C ILE C 476 1.81 24.43 42.33
N ILE C 477 2.58 24.68 41.27
CA ILE C 477 3.97 24.23 41.22
C ILE C 477 4.83 25.02 42.20
N ALA C 478 4.59 26.33 42.34
CA ALA C 478 5.36 27.13 43.30
C ALA C 478 5.06 26.71 44.74
N ARG C 479 3.82 26.30 45.02
CA ARG C 479 3.50 25.74 46.33
C ARG C 479 4.24 24.42 46.55
N TYR C 480 4.39 23.63 45.48
CA TYR C 480 5.20 22.42 45.55
C TYR C 480 6.67 22.75 45.73
N VAL C 481 7.16 23.81 45.08
CA VAL C 481 8.55 24.22 45.26
C VAL C 481 8.76 24.79 46.66
N GLU C 482 7.87 25.69 47.09
CA GLU C 482 8.02 26.31 48.41
C GLU C 482 7.82 25.31 49.54
N GLY C 483 7.05 24.24 49.31
CA GLY C 483 6.97 23.18 50.30
C GLY C 483 8.27 22.42 50.44
N ILE C 484 8.93 22.12 49.32
CA ILE C 484 10.17 21.36 49.36
C ILE C 484 11.34 22.22 49.82
N VAL C 485 11.44 23.45 49.31
CA VAL C 485 12.59 24.31 49.59
C VAL C 485 12.63 24.73 51.06
N HIS C 486 11.47 25.10 51.61
CA HIS C 486 11.42 25.54 53.01
C HIS C 486 11.63 24.40 53.99
N LEU C 487 11.52 23.14 53.55
CA LEU C 487 11.88 22.01 54.39
C LEU C 487 13.38 21.90 54.58
N PHE C 488 14.17 22.41 53.66
CA PHE C 488 15.62 22.29 53.71
C PHE C 488 16.35 23.63 53.74
N TYR C 489 15.75 24.69 53.20
CA TYR C 489 16.34 26.03 53.21
C TYR C 489 15.46 26.89 54.12
N GLN C 490 15.78 26.90 55.42
CA GLN C 490 15.00 27.66 56.37
C GLN C 490 15.31 29.15 56.30
N ARG C 491 16.56 29.51 56.00
CA ARG C 491 16.98 30.90 55.96
C ARG C 491 17.65 31.19 54.62
N ASP C 492 17.78 32.49 54.33
CA ASP C 492 18.42 32.90 53.07
C ASP C 492 19.92 32.64 53.10
N ASP C 493 20.53 32.65 54.29
CA ASP C 493 21.96 32.35 54.39
C ASP C 493 22.24 30.87 54.10
N ILE C 494 21.27 30.00 54.34
CA ILE C 494 21.40 28.59 53.98
C ILE C 494 21.40 28.44 52.45
N VAL C 495 20.61 29.27 51.77
CA VAL C 495 20.59 29.25 50.31
C VAL C 495 21.91 29.78 49.75
N LYS C 496 22.46 30.83 50.37
CA LYS C 496 23.74 31.36 49.92
C LYS C 496 24.90 30.44 50.30
N GLY C 497 24.76 29.69 51.40
CA GLY C 497 25.83 28.86 51.89
C GLY C 497 25.82 27.44 51.34
N ASP C 498 25.09 27.24 50.24
CA ASP C 498 25.00 25.94 49.59
C ASP C 498 25.84 25.98 48.32
N PRO C 499 27.09 25.49 48.35
CA PRO C 499 27.95 25.64 47.17
C PRO C 499 27.56 24.75 46.00
N GLU C 500 26.91 23.62 46.26
CA GLU C 500 26.41 22.79 45.16
C GLU C 500 25.22 23.43 44.47
N LEU C 501 24.41 24.19 45.21
CA LEU C 501 23.29 24.90 44.60
C LEU C 501 23.77 26.09 43.79
N GLN C 502 24.76 26.83 44.31
CA GLN C 502 25.29 27.97 43.56
C GLN C 502 26.07 27.53 42.33
N ALA C 503 26.71 26.36 42.38
CA ALA C 503 27.34 25.81 41.19
C ALA C 503 26.30 25.36 40.19
N TRP C 504 25.17 24.83 40.66
CA TRP C 504 24.09 24.43 39.77
C TRP C 504 23.42 25.64 39.12
N CYS C 505 23.29 26.73 39.87
CA CYS C 505 22.75 27.96 39.30
C CYS C 505 23.68 28.54 38.25
N ARG C 506 24.99 28.48 38.49
CA ARG C 506 25.95 28.97 37.50
CA ARG C 506 25.95 28.97 37.51
C ARG C 506 26.03 28.05 36.29
N GLU C 507 25.85 26.74 36.50
CA GLU C 507 25.93 25.79 35.40
C GLU C 507 24.77 25.93 34.43
N ILE C 508 23.61 26.39 34.91
CA ILE C 508 22.50 26.68 34.01
C ILE C 508 22.73 28.01 33.30
N THR C 509 22.96 29.07 34.06
CA THR C 509 22.97 30.42 33.49
C THR C 509 24.26 30.71 32.73
N GLU C 510 25.40 30.60 33.40
CA GLU C 510 26.66 30.94 32.77
C GLU C 510 27.10 29.89 31.74
N VAL C 511 26.95 28.61 32.09
CA VAL C 511 27.48 27.54 31.25
C VAL C 511 26.42 27.02 30.28
N GLY C 512 25.32 26.50 30.84
CA GLY C 512 24.34 25.81 30.02
C GLY C 512 23.59 26.71 29.05
N LEU C 513 23.14 27.87 29.51
CA LEU C 513 22.41 28.80 28.67
C LEU C 513 23.32 29.82 28.00
N CYS C 514 24.65 29.65 28.11
CA CYS C 514 25.69 30.45 27.46
C CYS C 514 25.58 31.93 27.84
N GLN C 515 25.86 32.16 29.13
CA GLN C 515 25.97 33.49 29.74
C GLN C 515 24.66 34.28 29.63
N ALA C 516 23.63 33.73 30.26
CA ALA C 516 22.30 34.31 30.23
C ALA C 516 22.03 35.24 31.41
N GLN C 517 23.09 35.80 32.02
CA GLN C 517 22.90 36.78 33.08
C GLN C 517 22.28 38.07 32.53
N ASP C 518 22.65 38.45 31.31
CA ASP C 518 22.07 39.62 30.67
C ASP C 518 20.63 39.41 30.24
N ARG C 519 20.16 38.17 30.20
CA ARG C 519 18.78 37.85 29.85
C ARG C 519 17.93 37.57 31.07
N GLY C 520 18.36 38.04 32.24
CA GLY C 520 17.55 37.98 33.45
C GLY C 520 17.68 36.70 34.26
N PHE C 521 18.40 35.71 33.76
CA PHE C 521 18.59 34.50 34.55
C PHE C 521 19.58 34.78 35.68
N PRO C 522 19.33 34.25 36.87
CA PRO C 522 20.22 34.57 38.01
C PRO C 522 21.54 33.84 37.91
N VAL C 523 22.61 34.53 38.28
CA VAL C 523 23.93 33.89 38.36
C VAL C 523 24.13 33.21 39.71
N SER C 524 23.32 33.55 40.71
CA SER C 524 23.44 32.97 42.04
C SER C 524 22.10 33.13 42.74
N PHE C 525 21.97 32.44 43.88
CA PHE C 525 20.76 32.49 44.69
C PHE C 525 21.06 33.20 46.00
N GLN C 526 20.35 34.30 46.25
CA GLN C 526 20.55 35.11 47.44
C GLN C 526 19.42 34.98 48.45
N SER C 527 18.37 34.25 48.13
CA SER C 527 17.22 34.14 49.02
C SER C 527 16.47 32.85 48.70
N GLN C 528 15.55 32.50 49.59
CA GLN C 528 14.68 31.34 49.35
C GLN C 528 13.74 31.60 48.18
N SER C 529 13.19 32.81 48.08
CA SER C 529 12.21 33.12 47.05
C SER C 529 12.85 33.18 45.66
N GLN C 530 14.11 33.61 45.58
CA GLN C 530 14.83 33.56 44.31
C GLN C 530 15.09 32.12 43.89
N LEU C 531 15.42 31.25 44.84
CA LEU C 531 15.53 29.82 44.56
C LEU C 531 14.17 29.22 44.23
N CYS C 532 13.12 29.66 44.93
CA CYS C 532 11.79 29.12 44.70
C CYS C 532 11.24 29.52 43.34
N HIS C 533 11.51 30.75 42.90
CA HIS C 533 11.03 31.20 41.61
C HIS C 533 11.76 30.51 40.47
N PHE C 534 13.07 30.27 40.63
CA PHE C 534 13.84 29.60 39.60
C PHE C 534 13.45 28.14 39.46
N LEU C 535 13.22 27.46 40.59
CA LEU C 535 12.83 26.05 40.55
C LEU C 535 11.41 25.89 40.03
N THR C 536 10.53 26.86 40.30
CA THR C 536 9.20 26.85 39.71
C THR C 536 9.29 27.02 38.20
N MET C 537 10.22 27.86 37.74
CA MET C 537 10.46 28.01 36.30
C MET C 537 10.99 26.71 35.70
N CYS C 538 11.83 25.99 36.44
CA CYS C 538 12.39 24.74 35.93
C CYS C 538 11.32 23.67 35.78
N VAL C 539 10.45 23.52 36.77
CA VAL C 539 9.41 22.49 36.72
C VAL C 539 8.34 22.85 35.68
N PHE C 540 7.99 24.14 35.58
CA PHE C 540 6.98 24.56 34.62
C PHE C 540 7.47 24.36 33.19
N THR C 541 8.73 24.67 32.91
CA THR C 541 9.30 24.45 31.59
C THR C 541 9.35 22.97 31.25
N CYS C 542 9.75 22.14 32.22
CA CYS C 542 9.87 20.71 31.97
C CYS C 542 8.51 20.03 31.82
N THR C 543 7.49 20.51 32.54
CA THR C 543 6.20 19.83 32.57
C THR C 543 5.10 20.63 31.92
N ALA C 544 4.81 21.83 32.44
CA ALA C 544 3.59 22.53 32.06
C ALA C 544 3.77 23.34 30.79
N GLN C 545 4.90 24.02 30.63
CA GLN C 545 5.13 24.78 29.40
C GLN C 545 5.32 23.86 28.22
N HIS C 546 5.95 22.71 28.43
CA HIS C 546 6.09 21.72 27.36
C HIS C 546 4.74 21.17 26.94
N ALA C 547 3.89 20.81 27.92
CA ALA C 547 2.58 20.26 27.64
C ALA C 547 1.72 21.24 26.84
N ALA C 548 1.75 22.52 27.21
CA ALA C 548 0.99 23.54 26.48
C ALA C 548 1.50 23.70 25.06
N ILE C 549 2.80 23.55 24.85
CA ILE C 549 3.41 23.90 23.57
C ILE C 549 3.55 22.67 22.66
N ASN C 550 3.40 21.46 23.18
CA ASN C 550 3.56 20.24 22.41
C ASN C 550 2.25 19.52 22.12
N GLN C 551 1.34 19.43 23.08
CA GLN C 551 0.15 18.59 22.95
C GLN C 551 -0.85 19.11 21.93
N GLY C 552 -0.72 20.34 21.46
CA GLY C 552 -1.61 20.87 20.46
C GLY C 552 -1.16 20.69 19.03
N GLN C 553 -0.12 19.88 18.80
CA GLN C 553 0.39 19.73 17.45
C GLN C 553 -0.54 18.89 16.58
N LEU C 554 -1.10 17.81 17.14
CA LEU C 554 -2.05 17.03 16.34
C LEU C 554 -3.38 17.76 16.21
N ASP C 555 -3.75 18.57 17.19
CA ASP C 555 -5.04 19.25 17.12
C ASP C 555 -5.03 20.38 16.09
N TRP C 556 -3.91 21.08 15.92
CA TRP C 556 -3.88 22.27 15.09
C TRP C 556 -3.05 22.14 13.83
N TYR C 557 -2.19 21.11 13.72
CA TYR C 557 -1.37 20.98 12.52
C TYR C 557 -1.70 19.76 11.68
N ALA C 558 -2.59 18.87 12.14
CA ALA C 558 -3.00 17.74 11.31
C ALA C 558 -3.76 18.20 10.08
N TRP C 559 -4.61 19.21 10.23
CA TRP C 559 -5.12 19.91 9.06
C TRP C 559 -4.00 20.84 8.61
N VAL C 560 -3.31 20.42 7.55
CA VAL C 560 -2.15 21.17 7.06
C VAL C 560 -2.47 22.61 6.62
N PRO C 561 -3.56 22.93 5.92
CA PRO C 561 -3.84 24.34 5.63
C PRO C 561 -4.12 25.22 6.85
N ASN C 562 -4.43 24.63 8.00
CA ASN C 562 -4.60 25.43 9.21
C ASN C 562 -3.29 26.05 9.66
N ALA C 563 -2.17 25.33 9.49
CA ALA C 563 -0.85 25.90 9.74
C ALA C 563 0.17 25.15 8.90
N PRO C 564 0.57 25.70 7.76
CA PRO C 564 1.53 25.01 6.88
C PRO C 564 2.91 24.91 7.49
N CYS C 565 3.56 23.76 7.29
CA CYS C 565 4.95 23.62 7.70
C CYS C 565 5.88 24.43 6.80
N THR C 566 5.48 24.68 5.56
CA THR C 566 6.30 25.40 4.62
C THR C 566 5.39 26.15 3.65
N MET C 567 5.99 27.04 2.86
CA MET C 567 5.29 27.71 1.79
C MET C 567 6.11 27.62 0.51
N ARG C 568 5.48 27.22 -0.59
CA ARG C 568 6.18 26.92 -1.83
C ARG C 568 6.06 28.04 -2.85
N MET C 569 5.49 29.17 -2.49
CA MET C 569 5.38 30.34 -3.34
C MET C 569 5.76 31.56 -2.52
N PRO C 570 6.20 32.64 -3.17
CA PRO C 570 6.49 33.89 -2.44
C PRO C 570 5.23 34.46 -1.82
N PRO C 571 5.37 35.26 -0.76
CA PRO C 571 4.20 35.91 -0.15
C PRO C 571 3.52 36.86 -1.12
N PRO C 572 2.18 36.93 -1.10
CA PRO C 572 1.48 37.76 -2.06
C PRO C 572 1.62 39.24 -1.74
N THR C 573 1.81 40.03 -2.79
CA THR C 573 1.84 41.48 -2.68
C THR C 573 0.64 42.17 -3.32
N THR C 574 -0.10 41.46 -4.17
CA THR C 574 -1.30 41.98 -4.81
C THR C 574 -2.46 41.08 -4.46
N LYS C 575 -3.55 41.69 -3.97
CA LYS C 575 -4.69 40.90 -3.49
C LYS C 575 -5.48 40.30 -4.64
N GLU C 576 -5.64 41.02 -5.74
CA GLU C 576 -6.48 40.55 -6.83
C GLU C 576 -5.82 39.45 -7.66
N ASP C 577 -4.49 39.31 -7.58
CA ASP C 577 -3.80 38.26 -8.32
C ASP C 577 -3.83 36.92 -7.62
N VAL C 578 -4.34 36.85 -6.40
CA VAL C 578 -4.35 35.59 -5.65
C VAL C 578 -5.54 34.75 -6.10
N THR C 579 -5.25 33.59 -6.66
CA THR C 579 -6.25 32.63 -7.08
C THR C 579 -6.15 31.38 -6.22
N MET C 580 -6.96 30.37 -6.56
CA MET C 580 -6.86 29.08 -5.88
C MET C 580 -5.55 28.39 -6.21
N ALA C 581 -5.06 28.55 -7.45
CA ALA C 581 -3.74 28.03 -7.80
C ALA C 581 -2.63 28.74 -7.07
N THR C 582 -2.82 30.02 -6.73
CA THR C 582 -1.85 30.73 -5.90
C THR C 582 -1.85 30.21 -4.48
N VAL C 583 -3.03 29.92 -3.93
CA VAL C 583 -3.13 29.39 -2.58
C VAL C 583 -2.58 27.96 -2.53
N MET C 584 -3.00 27.12 -3.47
CA MET C 584 -2.55 25.74 -3.48
C MET C 584 -1.10 25.62 -3.92
N GLY C 585 -0.62 26.55 -4.75
CA GLY C 585 0.80 26.58 -5.05
C GLY C 585 1.63 27.03 -3.88
N SER C 586 1.06 27.82 -2.98
CA SER C 586 1.75 28.26 -1.78
C SER C 586 1.66 27.24 -0.66
N LEU C 587 0.51 26.57 -0.53
CA LEU C 587 0.35 25.52 0.47
C LEU C 587 1.30 24.35 0.16
N PRO C 588 1.74 23.62 1.18
CA PRO C 588 2.71 22.54 0.95
C PRO C 588 2.13 21.43 0.07
N ASP C 589 3.03 20.77 -0.67
CA ASP C 589 2.61 19.63 -1.46
C ASP C 589 2.31 18.44 -0.55
N VAL C 590 1.88 17.35 -1.17
CA VAL C 590 1.35 16.23 -0.39
C VAL C 590 2.46 15.52 0.39
N ARG C 591 3.70 15.51 -0.12
CA ARG C 591 4.79 14.90 0.62
C ARG C 591 5.16 15.70 1.87
N GLN C 592 5.16 17.03 1.75
CA GLN C 592 5.41 17.87 2.91
C GLN C 592 4.24 17.85 3.89
N ALA C 593 3.02 17.78 3.35
CA ALA C 593 1.83 17.80 4.19
C ALA C 593 1.67 16.50 4.98
N CYS C 594 2.01 15.36 4.36
CA CYS C 594 1.97 14.09 5.08
C CYS C 594 3.04 14.02 6.15
N LEU C 595 4.20 14.61 5.89
CA LEU C 595 5.27 14.64 6.88
C LEU C 595 4.92 15.55 8.04
N GLN C 596 4.16 16.62 7.79
CA GLN C 596 3.69 17.49 8.86
C GLN C 596 2.73 16.75 9.79
N MET C 597 1.81 15.96 9.21
CA MET C 597 0.84 15.24 10.03
C MET C 597 1.50 14.13 10.85
N ALA C 598 2.50 13.45 10.27
CA ALA C 598 3.17 12.37 10.97
C ALA C 598 4.00 12.89 12.15
N ILE C 599 4.73 13.99 11.94
CA ILE C 599 5.57 14.55 13.00
C ILE C 599 4.71 15.17 14.10
N SER C 600 3.64 15.87 13.72
CA SER C 600 2.74 16.46 14.70
C SER C 600 2.03 15.38 15.53
N TRP C 601 1.70 14.26 14.90
CA TRP C 601 1.15 13.13 15.65
C TRP C 601 2.18 12.51 16.58
N HIS C 602 3.41 12.31 16.08
CA HIS C 602 4.44 11.64 16.86
C HIS C 602 4.85 12.46 18.07
N LEU C 603 4.95 13.79 17.90
CA LEU C 603 5.37 14.64 19.01
C LEU C 603 4.27 14.84 20.04
N SER C 604 3.00 14.84 19.62
CA SER C 604 1.91 15.22 20.50
C SER C 604 1.02 14.07 20.96
N ARG C 605 1.28 12.85 20.53
CA ARG C 605 0.48 11.73 21.02
C ARG C 605 0.81 11.47 22.48
N ARG C 606 -0.18 10.96 23.21
CA ARG C 606 0.05 10.56 24.58
C ARG C 606 0.95 9.34 24.62
N GLN C 607 2.07 9.45 25.31
CA GLN C 607 2.95 8.31 25.50
C GLN C 607 2.26 7.28 26.39
N PRO C 608 2.24 6.00 26.00
CA PRO C 608 1.64 4.98 26.88
C PRO C 608 2.37 4.79 28.20
N ASP C 609 3.64 5.18 28.27
CA ASP C 609 4.44 5.10 29.48
C ASP C 609 4.56 6.43 30.20
N MET C 610 3.72 7.41 29.85
CA MET C 610 3.88 8.77 30.36
C MET C 610 3.60 8.83 31.86
N VAL C 611 4.39 9.63 32.55
CA VAL C 611 4.16 9.93 33.96
C VAL C 611 3.42 11.26 34.03
N PRO C 612 2.22 11.30 34.60
CA PRO C 612 1.55 12.59 34.82
C PRO C 612 2.31 13.45 35.81
N LEU C 613 2.01 14.75 35.77
CA LEU C 613 2.70 15.73 36.60
C LEU C 613 2.47 15.46 38.08
N GLY C 614 3.56 15.31 38.81
CA GLY C 614 3.51 15.02 40.23
C GLY C 614 3.29 13.57 40.58
N HIS C 615 3.10 12.70 39.59
CA HIS C 615 2.75 11.30 39.82
C HIS C 615 3.93 10.37 39.53
N HIS C 616 5.15 10.83 39.84
CA HIS C 616 6.31 9.97 39.70
C HIS C 616 6.34 8.96 40.84
N LYS C 617 6.46 7.68 40.48
CA LYS C 617 6.44 6.62 41.48
C LYS C 617 7.78 6.44 42.17
N GLU C 618 8.84 7.06 41.66
CA GLU C 618 10.15 6.93 42.26
C GLU C 618 10.22 7.76 43.54
N LYS C 619 10.63 7.12 44.64
CA LYS C 619 10.69 7.76 45.95
C LYS C 619 12.15 8.10 46.24
N TYR C 620 12.55 9.32 45.89
CA TYR C 620 13.89 9.78 46.21
C TYR C 620 13.96 10.34 47.62
N PHE C 621 12.97 11.13 48.01
CA PHE C 621 12.88 11.61 49.38
C PHE C 621 12.45 10.49 50.31
N SER C 622 13.03 10.46 51.51
CA SER C 622 12.67 9.47 52.51
C SER C 622 11.83 10.03 53.65
N GLY C 623 11.90 11.33 53.91
CA GLY C 623 11.13 11.95 54.96
C GLY C 623 9.65 11.98 54.63
N PRO C 624 8.80 11.95 55.66
CA PRO C 624 7.35 12.03 55.40
C PRO C 624 6.91 13.43 54.98
N LYS C 625 7.58 14.47 55.43
CA LYS C 625 7.26 15.85 55.07
C LYS C 625 7.45 16.17 53.58
N PRO C 626 8.55 15.76 52.90
CA PRO C 626 8.57 15.95 51.43
C PRO C 626 7.53 15.13 50.70
N LYS C 627 7.16 13.96 51.22
CA LYS C 627 6.07 13.19 50.63
C LYS C 627 4.73 13.86 50.85
N ALA C 628 4.58 14.61 51.96
CA ALA C 628 3.36 15.36 52.20
C ALA C 628 3.23 16.53 51.24
N VAL C 629 4.35 17.16 50.87
CA VAL C 629 4.34 18.22 49.87
C VAL C 629 3.97 17.66 48.51
N LEU C 630 4.51 16.49 48.17
CA LEU C 630 4.18 15.83 46.90
C LEU C 630 2.73 15.38 46.87
N ASN C 631 2.20 14.92 48.00
CA ASN C 631 0.78 14.58 48.08
C ASN C 631 -0.09 15.82 48.03
N GLN C 632 0.38 16.94 48.58
CA GLN C 632 -0.32 18.20 48.42
C GLN C 632 -0.25 18.70 46.99
N PHE C 633 0.86 18.42 46.30
CA PHE C 633 0.98 18.75 44.88
C PHE C 633 -0.02 17.98 44.04
N ARG C 634 -0.18 16.68 44.30
CA ARG C 634 -1.13 15.87 43.54
C ARG C 634 -2.57 16.23 43.88
N THR C 635 -2.83 16.67 45.11
CA THR C 635 -4.17 17.10 45.49
C THR C 635 -4.55 18.39 44.79
N ASP C 636 -3.62 19.34 44.71
CA ASP C 636 -3.90 20.63 44.09
C ASP C 636 -4.06 20.49 42.58
N LEU C 637 -3.29 19.59 41.96
CA LEU C 637 -3.41 19.36 40.52
C LEU C 637 -4.73 18.67 40.19
N GLU C 638 -5.17 17.75 41.05
CA GLU C 638 -6.47 17.11 40.86
C GLU C 638 -7.60 18.10 41.05
N LYS C 639 -7.42 19.08 41.93
CA LYS C 639 -8.38 20.17 42.06
C LYS C 639 -8.42 21.02 40.80
N LEU C 640 -7.26 21.30 40.21
CA LEU C 640 -7.22 22.02 38.94
C LEU C 640 -7.75 21.18 37.79
N GLU C 641 -7.53 19.86 37.86
CA GLU C 641 -8.03 18.94 36.84
C GLU C 641 -9.55 18.95 36.76
N LYS C 642 -10.21 19.02 37.92
CA LYS C 642 -11.66 19.15 37.95
C LYS C 642 -12.11 20.51 37.44
N GLU C 643 -11.35 21.56 37.75
CA GLU C 643 -11.72 22.91 37.34
C GLU C 643 -11.60 23.09 35.82
N ILE C 644 -10.56 22.52 35.21
CA ILE C 644 -10.41 22.60 33.77
C ILE C 644 -11.45 21.76 33.05
N THR C 645 -11.73 20.56 33.59
CA THR C 645 -12.72 19.66 32.98
C THR C 645 -14.13 20.25 33.04
N ALA C 646 -14.47 20.90 34.17
CA ALA C 646 -15.76 21.57 34.26
C ALA C 646 -15.83 22.77 33.34
N ARG C 647 -14.72 23.48 33.16
CA ARG C 647 -14.69 24.62 32.25
C ARG C 647 -14.76 24.17 30.79
N ASN C 648 -14.07 23.08 30.45
CA ASN C 648 -14.02 22.63 29.06
C ASN C 648 -15.32 21.99 28.60
N GLU C 649 -16.17 21.54 29.53
CA GLU C 649 -17.47 21.00 29.14
C GLU C 649 -18.41 22.08 28.62
N GLN C 650 -18.21 23.32 29.05
CA GLN C 650 -19.06 24.44 28.65
C GLN C 650 -18.49 25.22 27.47
N LEU C 651 -17.45 24.71 26.83
CA LEU C 651 -16.80 25.39 25.72
C LEU C 651 -16.83 24.52 24.48
N ASP C 652 -17.16 25.14 23.34
CA ASP C 652 -17.12 24.42 22.07
C ASP C 652 -15.69 24.18 21.60
N TRP C 653 -14.74 25.01 22.03
CA TRP C 653 -13.33 24.86 21.72
C TRP C 653 -12.58 24.72 23.03
N PRO C 654 -12.46 23.51 23.57
CA PRO C 654 -11.80 23.32 24.86
C PRO C 654 -10.29 23.42 24.77
N TYR C 655 -9.69 23.89 25.87
CA TYR C 655 -8.23 23.87 26.02
C TYR C 655 -7.88 22.70 26.93
N GLU C 656 -7.40 21.62 26.34
CA GLU C 656 -7.13 20.37 27.04
C GLU C 656 -5.67 20.20 27.44
N TYR C 657 -4.76 21.01 26.90
CA TYR C 657 -3.33 20.71 26.98
C TYR C 657 -2.73 20.98 28.36
N LEU C 658 -3.42 21.68 29.25
CA LEU C 658 -2.89 21.93 30.57
C LEU C 658 -3.69 21.21 31.67
N LYS C 659 -4.46 20.19 31.30
CA LYS C 659 -4.97 19.28 32.30
C LYS C 659 -3.81 18.53 32.93
N PRO C 660 -3.68 18.53 34.27
CA PRO C 660 -2.54 17.86 34.90
C PRO C 660 -2.48 16.35 34.70
N SER C 661 -3.60 15.70 34.34
CA SER C 661 -3.54 14.30 33.97
C SER C 661 -2.84 14.10 32.63
N CYS C 662 -2.96 15.07 31.73
CA CYS C 662 -2.32 15.01 30.43
C CYS C 662 -0.95 15.70 30.40
N ILE C 663 -0.58 16.41 31.46
CA ILE C 663 0.72 17.05 31.51
C ILE C 663 1.75 15.99 31.90
N GLU C 664 2.73 15.78 31.04
CA GLU C 664 3.78 14.82 31.33
C GLU C 664 4.73 15.40 32.38
N ASN C 665 5.30 14.50 33.19
CA ASN C 665 6.17 14.91 34.28
C ASN C 665 7.54 15.37 33.82
N SER C 666 7.89 15.22 32.54
CA SER C 666 9.14 15.72 32.00
C SER C 666 8.98 15.86 30.49
N VAL C 667 9.97 16.52 29.87
CA VAL C 667 10.03 16.63 28.42
C VAL C 667 10.54 15.29 27.87
N THR C 668 9.62 14.47 27.34
CA THR C 668 9.98 13.13 26.89
C THR C 668 9.71 12.92 25.41
N ILE C 669 9.03 13.85 24.76
CA ILE C 669 8.68 13.68 23.36
C ILE C 669 8.53 15.05 22.67
N GLY D 8 -35.75 20.46 -56.09
CA GLY D 8 -35.11 21.63 -55.52
C GLY D 8 -33.83 21.31 -54.77
N ARG D 9 -33.47 22.19 -53.84
CA ARG D 9 -32.25 22.04 -53.05
C ARG D 9 -32.61 21.58 -51.64
N TYR D 10 -31.97 20.50 -51.20
CA TYR D 10 -32.17 19.95 -49.87
C TYR D 10 -30.87 20.07 -49.09
N ARG D 11 -30.96 20.66 -47.89
CA ARG D 11 -29.83 20.81 -46.98
C ARG D 11 -29.96 19.76 -45.88
N ILE D 12 -29.14 18.73 -45.93
CA ILE D 12 -29.16 17.65 -44.96
C ILE D 12 -28.05 17.89 -43.94
N ARG D 13 -28.44 18.11 -42.69
CA ARG D 13 -27.50 18.21 -41.58
C ARG D 13 -27.57 16.92 -40.78
N VAL D 14 -26.46 16.21 -40.70
CA VAL D 14 -26.36 14.96 -39.96
C VAL D 14 -25.64 15.23 -38.65
N ALA D 15 -26.34 15.03 -37.54
CA ALA D 15 -25.78 15.14 -36.20
C ALA D 15 -25.43 13.74 -35.72
N THR D 16 -24.14 13.52 -35.45
CA THR D 16 -23.59 12.24 -35.05
C THR D 16 -23.33 12.25 -33.54
N GLY D 17 -23.93 11.30 -32.82
CA GLY D 17 -23.67 11.21 -31.40
C GLY D 17 -22.28 10.69 -31.09
N ALA D 18 -21.86 9.63 -31.78
CA ALA D 18 -20.55 9.03 -31.55
C ALA D 18 -20.15 8.25 -32.78
N TRP D 19 -18.86 7.93 -32.86
CA TRP D 19 -18.36 7.16 -33.99
C TRP D 19 -17.04 6.51 -33.64
N LEU D 20 -16.73 5.45 -34.37
CA LEU D 20 -15.44 4.78 -34.30
C LEU D 20 -15.13 4.34 -35.73
N PHE D 21 -14.30 5.11 -36.42
CA PHE D 21 -13.94 4.87 -37.81
C PHE D 21 -12.46 4.56 -37.92
N SER D 22 -12.13 3.46 -38.59
CA SER D 22 -10.74 3.17 -38.90
C SER D 22 -10.23 4.08 -40.01
N GLY D 23 -11.03 4.29 -41.05
CA GLY D 23 -10.65 5.18 -42.13
C GLY D 23 -10.98 6.63 -41.85
N SER D 24 -10.69 7.48 -42.84
CA SER D 24 -10.94 8.90 -42.71
C SER D 24 -12.42 9.25 -42.92
N TYR D 25 -13.08 8.56 -43.85
CA TYR D 25 -14.47 8.85 -44.17
C TYR D 25 -15.21 7.53 -44.36
N ASN D 26 -16.53 7.57 -44.13
CA ASN D 26 -17.36 6.39 -44.32
C ASN D 26 -18.56 6.73 -45.21
N ARG D 27 -18.91 5.83 -46.11
CA ARG D 27 -19.99 6.09 -47.05
C ARG D 27 -21.34 5.61 -46.52
N VAL D 28 -22.36 6.44 -46.69
CA VAL D 28 -23.72 6.15 -46.26
C VAL D 28 -24.68 6.47 -47.39
N GLN D 29 -25.45 5.47 -47.82
CA GLN D 29 -26.57 5.71 -48.73
C GLN D 29 -27.77 6.21 -47.93
N LEU D 30 -28.34 7.33 -48.38
CA LEU D 30 -29.44 7.99 -47.68
C LEU D 30 -30.60 8.21 -48.64
N TRP D 31 -31.77 7.70 -48.29
CA TRP D 31 -32.97 7.91 -49.08
C TRP D 31 -33.86 8.93 -48.39
N LEU D 32 -34.17 10.01 -49.09
CA LEU D 32 -35.24 10.93 -48.68
C LEU D 32 -36.53 10.44 -49.29
N VAL D 33 -37.41 9.90 -48.45
CA VAL D 33 -38.67 9.31 -48.91
C VAL D 33 -39.79 10.28 -48.56
N GLY D 34 -40.39 10.86 -49.60
CA GLY D 34 -41.53 11.73 -49.43
C GLY D 34 -42.83 11.05 -49.82
N THR D 35 -43.91 11.84 -49.75
CA THR D 35 -45.23 11.32 -50.14
C THR D 35 -45.31 11.02 -51.63
N ARG D 36 -44.69 11.86 -52.46
CA ARG D 36 -44.79 11.71 -53.90
C ARG D 36 -43.59 11.00 -54.53
N GLY D 37 -42.50 10.78 -53.79
CA GLY D 37 -41.37 10.07 -54.35
C GLY D 37 -40.22 10.04 -53.38
N GLU D 38 -39.14 9.37 -53.80
CA GLU D 38 -37.95 9.24 -52.99
C GLU D 38 -36.72 9.54 -53.83
N ALA D 39 -35.68 10.05 -53.17
CA ALA D 39 -34.41 10.37 -53.80
C ALA D 39 -33.27 9.69 -53.04
N GLU D 40 -32.31 9.15 -53.78
CA GLU D 40 -31.17 8.46 -53.19
C GLU D 40 -29.93 9.35 -53.23
N LEU D 41 -29.15 9.32 -52.14
CA LEU D 41 -27.98 10.14 -51.95
C LEU D 41 -26.84 9.27 -51.43
N GLU D 42 -25.62 9.73 -51.64
CA GLU D 42 -24.44 9.10 -51.06
C GLU D 42 -23.67 10.17 -50.30
N LEU D 43 -23.48 9.97 -49.01
CA LEU D 43 -22.75 10.92 -48.17
C LEU D 43 -21.45 10.32 -47.69
N GLN D 44 -20.42 11.15 -47.59
CA GLN D 44 -19.12 10.79 -47.04
C GLN D 44 -19.02 11.39 -45.65
N LEU D 45 -19.37 10.59 -44.65
CA LEU D 45 -19.24 10.98 -43.25
C LEU D 45 -17.79 11.21 -42.86
N ARG D 46 -17.49 12.43 -42.41
CA ARG D 46 -16.25 12.77 -41.72
C ARG D 46 -16.63 13.48 -40.43
N PRO D 47 -17.19 12.75 -39.45
CA PRO D 47 -17.75 13.40 -38.26
C PRO D 47 -16.69 14.06 -37.38
N ALA D 48 -17.10 15.16 -36.76
CA ALA D 48 -16.27 15.87 -35.79
C ALA D 48 -17.16 16.25 -34.61
N ARG D 49 -16.61 16.11 -33.41
CA ARG D 49 -17.35 16.38 -32.19
C ARG D 49 -17.69 17.86 -32.06
N GLY D 50 -18.96 18.15 -31.76
CA GLY D 50 -19.41 19.49 -31.51
C GLY D 50 -20.20 20.14 -32.63
N GLU D 51 -20.13 19.62 -33.85
CA GLU D 51 -20.87 20.20 -34.97
C GLU D 51 -21.40 19.10 -35.88
N GLU D 52 -22.42 19.46 -36.65
CA GLU D 52 -23.10 18.57 -37.58
C GLU D 52 -22.52 18.73 -38.98
N GLU D 53 -22.67 17.68 -39.79
CA GLU D 53 -22.15 17.69 -41.15
C GLU D 53 -23.25 18.13 -42.11
N GLU D 54 -22.95 19.12 -42.94
CA GLU D 54 -23.92 19.68 -43.87
C GLU D 54 -23.67 19.16 -45.28
N PHE D 55 -24.75 18.82 -45.98
CA PHE D 55 -24.70 18.36 -47.36
C PHE D 55 -25.80 19.05 -48.15
N ASP D 56 -25.48 19.45 -49.37
CA ASP D 56 -26.45 20.07 -50.27
C ASP D 56 -26.69 19.14 -51.45
N HIS D 57 -27.96 18.82 -51.70
CA HIS D 57 -28.28 17.90 -52.80
C HIS D 57 -29.43 18.47 -53.64
N ASP D 58 -29.25 18.43 -54.96
CA ASP D 58 -30.27 18.89 -55.89
C ASP D 58 -31.05 17.69 -56.44
N VAL D 59 -32.37 17.76 -56.38
CA VAL D 59 -33.25 16.74 -56.92
C VAL D 59 -34.07 17.32 -58.06
N ALA D 60 -34.27 16.53 -59.11
CA ALA D 60 -35.13 16.93 -60.21
C ALA D 60 -36.59 16.55 -59.97
N GLU D 61 -36.83 15.38 -59.38
CA GLU D 61 -38.16 14.91 -59.07
C GLU D 61 -38.72 15.65 -57.86
N ASP D 62 -40.05 15.70 -57.78
CA ASP D 62 -40.75 16.33 -56.66
C ASP D 62 -40.98 15.28 -55.58
N LEU D 63 -40.28 15.42 -54.46
CA LEU D 63 -40.43 14.48 -53.35
C LEU D 63 -41.72 14.73 -52.57
N GLY D 64 -42.20 15.95 -52.52
CA GLY D 64 -43.33 16.28 -51.68
C GLY D 64 -42.94 16.40 -50.22
N LEU D 65 -43.94 16.24 -49.36
CA LEU D 65 -43.72 16.27 -47.91
C LEU D 65 -42.87 15.08 -47.48
N LEU D 66 -41.71 15.37 -46.90
CA LEU D 66 -40.78 14.32 -46.49
C LEU D 66 -41.34 13.54 -45.30
N GLN D 67 -41.31 12.21 -45.42
CA GLN D 67 -41.80 11.33 -44.37
C GLN D 67 -40.72 10.46 -43.74
N PHE D 68 -39.77 9.96 -44.53
CA PHE D 68 -38.77 9.04 -44.01
C PHE D 68 -37.38 9.41 -44.50
N VAL D 69 -36.38 9.03 -43.72
CA VAL D 69 -34.99 9.03 -44.16
C VAL D 69 -34.44 7.63 -43.91
N ARG D 70 -34.01 6.97 -44.97
CA ARG D 70 -33.46 5.63 -44.86
C ARG D 70 -31.94 5.67 -44.97
N LEU D 71 -31.28 4.91 -44.10
CA LEU D 71 -29.83 4.87 -44.03
C LEU D 71 -29.33 3.46 -44.27
N ARG D 72 -28.27 3.35 -45.06
CA ARG D 72 -27.56 2.08 -45.24
C ARG D 72 -26.07 2.38 -45.29
N LYS D 73 -25.34 1.84 -44.31
CA LYS D 73 -23.88 1.94 -44.29
C LYS D 73 -23.29 1.18 -45.46
N HIS D 74 -22.69 1.89 -46.42
CA HIS D 74 -22.25 1.30 -47.68
C HIS D 74 -20.79 0.88 -47.56
N HIS D 75 -20.56 -0.43 -47.48
CA HIS D 75 -19.23 -1.06 -47.52
C HIS D 75 -18.34 -0.57 -46.37
N TRP D 76 -18.78 -0.86 -45.15
CA TRP D 76 -18.06 -0.49 -43.94
C TRP D 76 -17.26 -1.68 -43.42
N LEU D 77 -16.15 -1.36 -42.75
CA LEU D 77 -15.45 -2.37 -41.97
C LEU D 77 -16.26 -2.73 -40.73
N VAL D 78 -16.06 -3.96 -40.25
CA VAL D 78 -16.88 -4.51 -39.17
C VAL D 78 -16.66 -3.74 -37.85
N ASP D 79 -15.45 -3.26 -37.60
CA ASP D 79 -15.18 -2.54 -36.35
C ASP D 79 -15.77 -1.14 -36.33
N ASP D 80 -16.11 -0.58 -37.48
CA ASP D 80 -16.62 0.79 -37.56
C ASP D 80 -18.02 0.88 -36.94
N ALA D 81 -18.23 1.88 -36.10
CA ALA D 81 -19.52 2.09 -35.44
C ALA D 81 -19.95 3.54 -35.58
N TRP D 82 -21.26 3.76 -35.64
CA TRP D 82 -21.81 5.10 -35.84
C TRP D 82 -23.11 5.24 -35.05
N PHE D 83 -23.06 6.04 -33.99
CA PHE D 83 -24.25 6.46 -33.24
C PHE D 83 -24.70 7.80 -33.83
N CYS D 84 -25.69 7.75 -34.70
CA CYS D 84 -26.27 8.95 -35.30
C CYS D 84 -27.28 9.56 -34.34
N ASP D 85 -27.07 10.84 -33.98
CA ASP D 85 -28.07 11.53 -33.17
C ASP D 85 -29.34 11.79 -33.98
N ARG D 86 -29.24 12.54 -35.08
CA ARG D 86 -30.42 12.92 -35.83
C ARG D 86 -30.02 13.41 -37.21
N ILE D 87 -31.02 13.56 -38.08
CA ILE D 87 -30.84 14.09 -39.43
C ILE D 87 -31.92 15.13 -39.66
N THR D 88 -31.51 16.38 -39.88
CA THR D 88 -32.46 17.41 -40.26
C THR D 88 -32.32 17.69 -41.74
N VAL D 89 -33.44 17.95 -42.40
CA VAL D 89 -33.46 18.21 -43.83
C VAL D 89 -34.24 19.50 -44.05
N GLN D 90 -33.53 20.55 -44.43
CA GLN D 90 -34.14 21.81 -44.86
C GLN D 90 -34.49 21.70 -46.33
N GLY D 91 -35.78 21.59 -46.62
CA GLY D 91 -36.26 21.48 -47.99
C GLY D 91 -36.17 22.80 -48.74
N PRO D 92 -36.43 22.75 -50.05
CA PRO D 92 -36.43 23.99 -50.85
C PRO D 92 -37.54 24.94 -50.44
N GLY D 93 -37.22 26.22 -50.42
CA GLY D 93 -38.17 27.24 -50.04
C GLY D 93 -37.96 27.76 -48.64
N ALA D 94 -39.01 28.40 -48.12
CA ALA D 94 -38.99 28.99 -46.79
C ALA D 94 -39.53 28.06 -45.72
N CYS D 95 -39.85 26.82 -46.07
CA CYS D 95 -40.36 25.86 -45.10
C CYS D 95 -39.29 25.49 -44.08
N ALA D 96 -39.73 25.27 -42.84
CA ALA D 96 -38.83 24.92 -41.75
C ALA D 96 -38.21 23.53 -41.97
N GLU D 97 -37.05 23.33 -41.37
CA GLU D 97 -36.33 22.07 -41.51
C GLU D 97 -37.09 20.94 -40.83
N VAL D 98 -37.08 19.77 -41.48
CA VAL D 98 -37.78 18.59 -40.99
C VAL D 98 -36.78 17.70 -40.27
N ALA D 99 -37.09 17.35 -39.02
CA ALA D 99 -36.19 16.58 -38.18
C ALA D 99 -36.54 15.09 -38.21
N PHE D 100 -35.49 14.26 -38.24
CA PHE D 100 -35.61 12.80 -38.21
C PHE D 100 -34.70 12.32 -37.11
N PRO D 101 -35.21 12.13 -35.90
CA PRO D 101 -34.36 11.67 -34.79
C PRO D 101 -34.02 10.19 -34.93
N CYS D 102 -32.73 9.90 -34.85
CA CYS D 102 -32.26 8.51 -34.87
C CYS D 102 -31.89 8.03 -33.47
N TYR D 103 -30.88 8.68 -32.86
CA TYR D 103 -30.38 8.43 -31.51
C TYR D 103 -30.16 6.94 -31.23
N ARG D 104 -29.51 6.27 -32.18
CA ARG D 104 -29.26 4.84 -32.04
C ARG D 104 -28.05 4.48 -32.87
N TRP D 105 -27.47 3.33 -32.53
CA TRP D 105 -26.38 2.79 -33.32
C TRP D 105 -26.93 2.21 -34.61
N VAL D 106 -26.42 2.69 -35.76
CA VAL D 106 -26.83 2.13 -37.03
C VAL D 106 -26.14 0.77 -37.19
N GLN D 107 -26.92 -0.30 -37.09
CA GLN D 107 -26.40 -1.65 -36.97
C GLN D 107 -26.53 -2.39 -38.30
N GLY D 108 -25.45 -3.06 -38.71
CA GLY D 108 -25.47 -3.99 -39.83
C GLY D 108 -25.65 -3.32 -41.19
N GLU D 109 -26.00 -4.14 -42.17
CA GLU D 109 -26.15 -3.68 -43.54
C GLU D 109 -27.60 -3.50 -43.96
N ASP D 110 -28.55 -3.74 -43.06
CA ASP D 110 -29.95 -3.57 -43.42
C ASP D 110 -30.33 -2.10 -43.43
N ILE D 111 -31.40 -1.79 -44.15
CA ILE D 111 -31.87 -0.42 -44.29
C ILE D 111 -32.56 0.01 -43.00
N LEU D 112 -32.08 1.10 -42.40
CA LEU D 112 -32.69 1.68 -41.20
C LEU D 112 -33.59 2.84 -41.61
N SER D 113 -34.87 2.74 -41.29
CA SER D 113 -35.85 3.78 -41.62
C SER D 113 -36.07 4.69 -40.40
N LEU D 114 -35.83 5.98 -40.59
CA LEU D 114 -36.09 7.00 -39.58
C LEU D 114 -37.31 7.78 -40.00
N PRO D 115 -38.43 7.66 -39.29
CA PRO D 115 -39.63 8.42 -39.63
C PRO D 115 -39.46 9.90 -39.32
N GLU D 116 -40.37 10.70 -39.90
CA GLU D 116 -40.44 12.12 -39.61
C GLU D 116 -40.74 12.34 -38.13
N GLY D 117 -40.09 13.34 -37.55
CA GLY D 117 -40.00 13.48 -36.10
C GLY D 117 -41.28 13.88 -35.38
N THR D 118 -42.33 14.27 -36.10
CA THR D 118 -43.58 14.59 -35.44
C THR D 118 -44.19 13.31 -34.87
N ALA D 119 -44.48 13.34 -33.57
CA ALA D 119 -45.07 12.18 -32.91
C ALA D 119 -46.48 11.91 -33.40
N ARG D 120 -46.78 10.64 -33.65
CA ARG D 120 -48.07 10.22 -34.17
C ARG D 120 -48.58 9.01 -33.40
N LEU D 121 -49.84 9.06 -33.03
CA LEU D 121 -50.53 7.89 -32.51
C LEU D 121 -50.89 6.95 -33.67
N PRO D 122 -50.97 5.65 -33.41
CA PRO D 122 -51.37 4.72 -34.48
C PRO D 122 -52.81 4.94 -34.92
N GLY D 123 -53.06 4.67 -36.20
CA GLY D 123 -54.35 4.85 -36.80
C GLY D 123 -54.91 3.55 -37.35
N ASP D 124 -56.10 3.67 -37.93
CA ASP D 124 -56.80 2.53 -38.50
C ASP D 124 -56.45 2.31 -39.97
N ASN D 125 -55.63 3.18 -40.55
CA ASN D 125 -55.25 3.08 -41.96
C ASN D 125 -54.02 2.17 -42.03
N ALA D 126 -54.25 0.89 -42.36
CA ALA D 126 -53.17 -0.07 -42.49
C ALA D 126 -52.26 0.22 -43.69
N LEU D 127 -52.76 0.94 -44.69
CA LEU D 127 -51.97 1.29 -45.87
C LEU D 127 -51.05 2.49 -45.62
N ASP D 128 -51.23 3.20 -44.50
CA ASP D 128 -50.38 4.33 -44.16
C ASP D 128 -48.95 3.89 -43.90
N MET D 129 -47.99 4.66 -44.44
CA MET D 129 -46.58 4.31 -44.34
C MET D 129 -46.09 4.34 -42.90
N PHE D 130 -46.55 5.30 -42.10
CA PHE D 130 -46.17 5.37 -40.70
C PHE D 130 -46.71 4.20 -39.89
N GLN D 131 -47.93 3.75 -40.21
CA GLN D 131 -48.52 2.59 -39.54
C GLN D 131 -47.73 1.31 -39.82
N LYS D 132 -47.40 1.07 -41.09
CA LYS D 132 -46.59 -0.08 -41.45
C LYS D 132 -45.20 0.00 -40.83
N HIS D 133 -44.61 1.20 -40.82
CA HIS D 133 -43.30 1.39 -40.21
C HIS D 133 -43.32 1.11 -38.72
N ARG D 134 -44.35 1.59 -38.00
CA ARG D 134 -44.38 1.38 -36.56
C ARG D 134 -44.68 -0.08 -36.22
N GLU D 135 -45.50 -0.77 -37.02
CA GLU D 135 -45.70 -2.20 -36.78
C GLU D 135 -44.43 -3.01 -37.04
N LYS D 136 -43.71 -2.70 -38.13
CA LYS D 136 -42.44 -3.36 -38.41
C LYS D 136 -41.40 -3.07 -37.33
N GLU D 137 -41.36 -1.82 -36.87
CA GLU D 137 -40.44 -1.42 -35.81
C GLU D 137 -40.75 -2.15 -34.51
N LEU D 138 -42.03 -2.29 -34.17
CA LEU D 138 -42.42 -3.02 -32.96
C LEU D 138 -42.06 -4.49 -33.05
N LYS D 139 -42.21 -5.10 -34.24
CA LYS D 139 -41.77 -6.47 -34.44
C LYS D 139 -40.26 -6.60 -34.23
N ASP D 140 -39.49 -5.66 -34.78
CA ASP D 140 -38.04 -5.66 -34.58
C ASP D 140 -37.65 -5.49 -33.11
N ARG D 141 -38.32 -4.58 -32.41
CA ARG D 141 -38.04 -4.34 -30.99
C ARG D 141 -38.35 -5.56 -30.15
N GLN D 142 -39.52 -6.18 -30.36
CA GLN D 142 -39.86 -7.39 -29.61
C GLN D 142 -38.97 -8.58 -29.97
N GLN D 143 -38.36 -8.58 -31.16
CA GLN D 143 -37.30 -9.54 -31.40
C GLN D 143 -36.03 -9.20 -30.62
N ILE D 144 -35.72 -7.90 -30.50
CA ILE D 144 -34.48 -7.49 -29.85
C ILE D 144 -34.64 -7.40 -28.33
N TYR D 145 -35.72 -6.81 -27.85
CA TYR D 145 -35.94 -6.59 -26.42
C TYR D 145 -36.87 -7.68 -25.90
N CYS D 146 -36.34 -8.58 -25.09
CA CYS D 146 -37.08 -9.72 -24.61
C CYS D 146 -37.09 -9.74 -23.08
N TRP D 147 -38.20 -10.18 -22.50
CA TRP D 147 -38.29 -10.32 -21.06
C TRP D 147 -37.53 -11.56 -20.61
N ALA D 148 -36.91 -11.47 -19.42
CA ALA D 148 -36.30 -12.63 -18.79
C ALA D 148 -36.67 -12.67 -17.32
N THR D 149 -36.75 -13.88 -16.78
CA THR D 149 -36.99 -14.10 -15.37
C THR D 149 -35.64 -14.25 -14.68
N TRP D 150 -35.20 -13.21 -13.96
CA TRP D 150 -33.99 -13.33 -13.17
C TRP D 150 -34.20 -14.27 -11.99
N LYS D 151 -35.27 -14.04 -11.23
CA LYS D 151 -35.69 -14.89 -10.14
C LYS D 151 -37.21 -14.96 -10.18
N GLU D 152 -37.75 -16.15 -9.91
CA GLU D 152 -39.19 -16.35 -9.91
C GLU D 152 -39.86 -15.56 -8.80
N GLY D 153 -40.99 -14.93 -9.14
CA GLY D 153 -41.71 -14.09 -8.21
C GLY D 153 -41.29 -12.64 -8.20
N LEU D 154 -40.26 -12.30 -8.96
CA LEU D 154 -39.77 -10.93 -9.09
C LEU D 154 -40.20 -10.34 -10.43
N PRO D 155 -40.19 -9.02 -10.57
CA PRO D 155 -40.45 -8.42 -11.89
C PRO D 155 -39.40 -8.84 -12.91
N LEU D 156 -39.85 -9.01 -14.14
CA LEU D 156 -39.01 -9.51 -15.21
C LEU D 156 -37.95 -8.49 -15.61
N THR D 157 -36.87 -8.99 -16.20
CA THR D 157 -35.72 -8.19 -16.60
C THR D 157 -35.55 -8.26 -18.11
N ILE D 158 -34.59 -7.47 -18.61
CA ILE D 158 -34.17 -7.58 -20.00
C ILE D 158 -33.41 -8.88 -20.19
N ALA D 159 -33.63 -9.55 -21.33
CA ALA D 159 -32.96 -10.80 -21.60
C ALA D 159 -31.49 -10.59 -21.95
N ALA D 160 -30.64 -10.52 -20.92
CA ALA D 160 -29.21 -10.36 -21.13
C ALA D 160 -28.50 -10.92 -19.91
N ASP D 161 -27.79 -12.04 -20.09
CA ASP D 161 -27.02 -12.62 -19.00
C ASP D 161 -25.86 -11.73 -18.61
N ARG D 162 -25.20 -11.13 -19.61
CA ARG D 162 -24.10 -10.21 -19.40
C ARG D 162 -24.41 -8.91 -20.13
N LYS D 163 -23.64 -7.86 -19.81
CA LYS D 163 -23.83 -6.56 -20.45
C LYS D 163 -23.55 -6.61 -21.95
N ASP D 164 -22.69 -7.54 -22.40
CA ASP D 164 -22.45 -7.72 -23.82
C ASP D 164 -23.66 -8.29 -24.56
N ASP D 165 -24.60 -8.93 -23.85
CA ASP D 165 -25.78 -9.51 -24.46
C ASP D 165 -26.91 -8.50 -24.65
N LEU D 166 -26.73 -7.28 -24.15
CA LEU D 166 -27.74 -6.25 -24.25
C LEU D 166 -27.89 -5.75 -25.68
N PRO D 167 -29.05 -5.17 -26.01
CA PRO D 167 -29.19 -4.43 -27.27
C PRO D 167 -28.20 -3.29 -27.34
N PRO D 168 -27.62 -3.03 -28.52
CA PRO D 168 -26.52 -2.04 -28.62
C PRO D 168 -26.92 -0.62 -28.26
N ASN D 169 -28.18 -0.24 -28.44
CA ASN D 169 -28.62 1.11 -28.12
C ASN D 169 -28.80 1.32 -26.63
N MET D 170 -28.82 0.26 -25.84
CA MET D 170 -28.95 0.34 -24.39
C MET D 170 -27.61 0.38 -23.68
N ARG D 171 -26.51 0.28 -24.44
CA ARG D 171 -25.20 0.18 -23.82
C ARG D 171 -24.72 1.53 -23.32
N PHE D 172 -23.81 1.46 -22.34
CA PHE D 172 -23.09 2.65 -21.90
C PHE D 172 -22.31 3.26 -23.06
N HIS D 173 -22.31 4.59 -23.11
CA HIS D 173 -21.44 5.29 -24.03
C HIS D 173 -20.02 5.35 -23.45
N GLU D 174 -19.12 6.00 -24.20
CA GLU D 174 -17.69 5.94 -23.91
C GLU D 174 -17.36 6.54 -22.55
N GLU D 175 -17.91 7.73 -22.25
CA GLU D 175 -17.60 8.41 -21.00
C GLU D 175 -18.10 7.63 -19.78
N LYS D 176 -19.32 7.09 -19.85
CA LYS D 176 -19.89 6.32 -18.76
C LYS D 176 -19.09 5.03 -18.52
N ARG D 177 -18.74 4.32 -19.59
CA ARG D 177 -17.99 3.07 -19.47
C ARG D 177 -16.58 3.30 -18.90
N LEU D 178 -15.89 4.33 -19.41
CA LEU D 178 -14.57 4.67 -18.89
C LEU D 178 -14.65 5.14 -17.43
N ASP D 179 -15.71 5.86 -17.07
CA ASP D 179 -15.91 6.24 -15.67
C ASP D 179 -16.14 5.01 -14.79
N PHE D 180 -16.85 4.01 -15.29
CA PHE D 180 -17.03 2.77 -14.54
C PHE D 180 -15.72 2.04 -14.32
N GLU D 181 -14.89 1.96 -15.37
CA GLU D 181 -13.56 1.36 -15.23
C GLU D 181 -12.69 2.13 -14.24
N TRP D 182 -12.76 3.47 -14.29
CA TRP D 182 -12.01 4.29 -13.34
C TRP D 182 -12.48 4.07 -11.91
N THR D 183 -13.80 3.97 -11.70
CA THR D 183 -14.31 3.73 -10.35
C THR D 183 -13.92 2.35 -9.84
N LEU D 184 -13.87 1.36 -10.74
CA LEU D 184 -13.33 0.05 -10.38
C LEU D 184 -11.90 0.16 -9.87
N LYS D 185 -11.05 0.88 -10.61
CA LYS D 185 -9.65 1.04 -10.20
C LYS D 185 -9.51 1.84 -8.91
N ALA D 186 -10.27 2.93 -8.77
CA ALA D 186 -10.17 3.78 -7.58
C ALA D 186 -10.67 3.07 -6.33
N GLY D 187 -11.82 2.37 -6.44
CA GLY D 187 -12.31 1.59 -5.32
C GLY D 187 -11.38 0.45 -4.95
N ALA D 188 -10.78 -0.20 -5.96
CA ALA D 188 -9.79 -1.25 -5.69
C ALA D 188 -8.59 -0.70 -4.94
N LEU D 189 -8.09 0.47 -5.37
CA LEU D 189 -6.94 1.09 -4.71
C LEU D 189 -7.25 1.43 -3.26
N GLU D 190 -8.41 2.07 -3.03
CA GLU D 190 -8.79 2.47 -1.69
C GLU D 190 -9.07 1.26 -0.80
N MET D 191 -9.67 0.20 -1.35
CA MET D 191 -9.92 -1.03 -0.62
C MET D 191 -8.62 -1.70 -0.20
N ALA D 192 -7.65 -1.78 -1.12
CA ALA D 192 -6.36 -2.37 -0.81
C ALA D 192 -5.61 -1.57 0.24
N LEU D 193 -5.61 -0.24 0.12
CA LEU D 193 -4.91 0.60 1.09
C LEU D 193 -5.56 0.53 2.47
N LYS D 194 -6.89 0.48 2.54
CA LYS D 194 -7.55 0.32 3.82
C LYS D 194 -7.31 -1.06 4.41
N ARG D 195 -7.21 -2.08 3.57
CA ARG D 195 -6.89 -3.42 4.04
CA ARG D 195 -6.89 -3.42 4.05
C ARG D 195 -5.48 -3.46 4.64
N VAL D 196 -4.52 -2.80 3.98
CA VAL D 196 -3.16 -2.72 4.50
C VAL D 196 -3.10 -1.92 5.79
N TYR D 197 -3.80 -0.80 5.85
CA TYR D 197 -3.74 0.10 7.01
C TYR D 197 -4.31 -0.54 8.26
N THR D 198 -5.39 -1.31 8.11
CA THR D 198 -6.09 -1.93 9.22
C THR D 198 -5.78 -3.41 9.37
N LEU D 199 -4.71 -3.89 8.72
CA LEU D 199 -4.39 -5.31 8.74
C LEU D 199 -4.05 -5.81 10.13
N LEU D 200 -3.28 -5.05 10.88
CA LEU D 200 -2.81 -5.47 12.19
C LEU D 200 -3.54 -4.77 13.34
N SER D 201 -4.43 -3.84 13.03
CA SER D 201 -5.15 -3.11 14.06
C SER D 201 -6.15 -4.03 14.76
N SER D 202 -6.45 -3.70 16.00
CA SER D 202 -7.42 -4.45 16.79
C SER D 202 -8.76 -3.72 16.68
N TRP D 203 -9.81 -4.48 16.35
CA TRP D 203 -11.12 -3.91 16.06
C TRP D 203 -12.00 -4.06 17.30
N ASN D 204 -11.71 -3.22 18.30
CA ASN D 204 -12.32 -3.37 19.62
C ASN D 204 -13.03 -2.12 20.14
N CYS D 205 -13.03 -1.02 19.40
CA CYS D 205 -13.72 0.19 19.82
C CYS D 205 -14.30 0.88 18.60
N LEU D 206 -15.28 1.75 18.84
CA LEU D 206 -15.98 2.46 17.76
C LEU D 206 -15.03 3.33 16.96
N GLU D 207 -14.05 3.95 17.64
CA GLU D 207 -13.07 4.83 17.01
C GLU D 207 -12.19 4.12 15.99
N ASP D 208 -12.12 2.77 16.06
CA ASP D 208 -11.39 2.00 15.04
C ASP D 208 -12.00 2.16 13.66
N PHE D 209 -13.31 2.47 13.58
CA PHE D 209 -13.91 2.78 12.28
C PHE D 209 -13.37 4.08 11.70
N ASP D 210 -12.74 4.93 12.51
CA ASP D 210 -12.01 6.08 11.99
C ASP D 210 -10.82 5.69 11.13
N GLN D 211 -10.28 4.47 11.33
CA GLN D 211 -9.15 4.00 10.53
C GLN D 211 -9.50 3.84 9.06
N ILE D 212 -10.77 3.59 8.75
CA ILE D 212 -11.23 3.44 7.38
C ILE D 212 -12.13 4.57 6.93
N PHE D 213 -12.46 5.50 7.82
CA PHE D 213 -13.39 6.57 7.44
C PHE D 213 -12.63 7.69 6.73
N TRP D 214 -12.22 7.39 5.51
CA TRP D 214 -11.50 8.37 4.70
C TRP D 214 -11.57 8.01 3.24
N GLY D 215 -11.27 8.99 2.41
CA GLY D 215 -11.30 8.78 0.98
C GLY D 215 -12.69 8.98 0.45
N GLN D 216 -13.39 7.86 0.30
CA GLN D 216 -14.76 7.83 -0.18
C GLN D 216 -15.68 8.19 0.97
N LYS D 217 -15.87 9.49 1.18
CA LYS D 217 -16.81 10.00 2.16
C LYS D 217 -17.21 11.40 1.74
N SER D 218 -18.15 11.98 2.48
CA SER D 218 -18.63 13.33 2.22
C SER D 218 -18.59 14.14 3.51
N ALA D 219 -18.86 15.44 3.38
CA ALA D 219 -18.95 16.31 4.55
C ALA D 219 -20.10 15.90 5.46
N LEU D 220 -21.24 15.54 4.85
CA LEU D 220 -22.37 15.06 5.63
C LEU D 220 -22.04 13.74 6.33
N ALA D 221 -21.21 12.90 5.71
CA ALA D 221 -20.75 11.68 6.36
C ALA D 221 -19.88 11.98 7.58
N GLU D 222 -19.05 13.02 7.51
CA GLU D 222 -18.30 13.47 8.68
C GLU D 222 -19.21 13.94 9.80
N LYS D 223 -20.26 14.70 9.44
CA LYS D 223 -21.26 15.10 10.42
C LYS D 223 -21.97 13.90 11.02
N VAL D 224 -22.23 12.87 10.21
CA VAL D 224 -22.83 11.63 10.68
C VAL D 224 -21.91 10.93 11.67
N ARG D 225 -20.61 10.86 11.37
CA ARG D 225 -19.63 10.29 12.30
C ARG D 225 -19.61 11.06 13.62
N GLN D 226 -19.76 12.37 13.56
CA GLN D 226 -19.85 13.18 14.77
C GLN D 226 -21.12 12.88 15.55
N CYS D 227 -22.25 12.66 14.88
CA CYS D 227 -23.55 12.71 15.54
C CYS D 227 -24.37 11.42 15.43
N TRP D 228 -23.76 10.28 15.05
CA TRP D 228 -24.54 9.06 14.84
C TRP D 228 -25.14 8.51 16.13
N GLN D 229 -24.47 8.66 17.27
CA GLN D 229 -25.01 8.17 18.52
C GLN D 229 -26.14 9.05 19.06
N ASP D 230 -26.35 10.23 18.50
CA ASP D 230 -27.46 11.07 18.89
C ASP D 230 -28.78 10.44 18.46
N ASP D 231 -29.73 10.38 19.39
CA ASP D 231 -31.06 9.86 19.08
C ASP D 231 -31.78 10.71 18.04
N GLU D 232 -31.53 12.02 18.05
CA GLU D 232 -32.17 12.93 17.10
C GLU D 232 -31.74 12.63 15.66
N LEU D 233 -30.46 12.32 15.43
CA LEU D 233 -30.02 11.99 14.08
C LEU D 233 -30.56 10.64 13.63
N PHE D 234 -30.58 9.66 14.55
CA PHE D 234 -31.17 8.35 14.29
C PHE D 234 -32.62 8.47 13.88
N SER D 235 -33.37 9.35 14.55
CA SER D 235 -34.76 9.60 14.17
C SER D 235 -34.87 10.40 12.89
N TYR D 236 -33.93 11.33 12.66
CA TYR D 236 -33.93 12.18 11.49
C TYR D 236 -33.79 11.37 10.21
N GLN D 237 -33.00 10.29 10.26
CA GLN D 237 -32.78 9.45 9.09
C GLN D 237 -34.06 8.79 8.57
N PHE D 238 -35.07 8.60 9.42
CA PHE D 238 -36.33 8.01 8.96
C PHE D 238 -37.10 8.97 8.06
N LEU D 239 -36.91 10.28 8.23
CA LEU D 239 -37.56 11.28 7.40
C LEU D 239 -36.69 11.78 6.26
N ASN D 240 -35.40 12.03 6.52
CA ASN D 240 -34.55 12.73 5.56
C ASN D 240 -33.20 12.05 5.37
N GLY D 241 -33.09 10.79 5.75
CA GLY D 241 -31.88 10.03 5.55
C GLY D 241 -31.85 9.37 4.19
N ALA D 242 -31.04 8.31 4.11
CA ALA D 242 -30.95 7.55 2.86
C ALA D 242 -32.24 6.81 2.55
N ASN D 243 -33.03 6.48 3.57
CA ASN D 243 -34.26 5.70 3.39
C ASN D 243 -35.43 6.41 4.05
N PRO D 244 -36.07 7.33 3.36
CA PRO D 244 -37.28 7.98 3.90
C PRO D 244 -38.58 7.26 3.61
N MET D 245 -38.53 6.01 3.15
CA MET D 245 -39.68 5.33 2.59
C MET D 245 -40.40 4.38 3.53
N LEU D 246 -39.91 4.18 4.75
CA LEU D 246 -40.53 3.18 5.61
C LEU D 246 -41.35 3.77 6.74
N LEU D 247 -41.01 4.97 7.22
CA LEU D 247 -41.68 5.57 8.37
C LEU D 247 -43.14 5.87 8.07
N ARG D 248 -44.01 5.46 8.99
CA ARG D 248 -45.44 5.65 8.86
C ARG D 248 -45.98 6.27 10.13
N ARG D 249 -46.96 7.16 9.99
CA ARG D 249 -47.69 7.65 11.15
C ARG D 249 -48.58 6.53 11.68
N SER D 250 -48.49 6.29 12.99
CA SER D 250 -49.22 5.18 13.60
C SER D 250 -50.67 5.59 13.80
N THR D 251 -51.59 4.87 13.14
CA THR D 251 -53.01 5.02 13.42
C THR D 251 -53.46 4.17 14.60
N SER D 252 -52.63 3.21 15.02
CA SER D 252 -52.89 2.38 16.18
C SER D 252 -51.58 1.77 16.63
N LEU D 253 -51.57 1.27 17.86
CA LEU D 253 -50.41 0.57 18.38
C LEU D 253 -50.24 -0.74 17.62
N PRO D 254 -49.03 -1.05 17.11
CA PRO D 254 -48.82 -2.30 16.39
C PRO D 254 -49.04 -3.53 17.28
N SER D 255 -49.63 -4.57 16.67
CA SER D 255 -49.92 -5.80 17.39
C SER D 255 -48.65 -6.52 17.83
N ARG D 256 -47.57 -6.39 17.06
CA ARG D 256 -46.29 -6.97 17.44
C ARG D 256 -45.65 -6.26 18.63
N LEU D 257 -46.08 -5.05 18.94
CA LEU D 257 -45.52 -4.29 20.06
C LEU D 257 -46.18 -4.80 21.34
N VAL D 258 -45.57 -5.82 21.94
CA VAL D 258 -46.07 -6.44 23.16
C VAL D 258 -45.25 -5.91 24.33
N LEU D 259 -45.88 -5.12 25.19
CA LEU D 259 -45.19 -4.57 26.35
C LEU D 259 -45.28 -5.52 27.53
N PRO D 260 -44.17 -5.86 28.18
CA PRO D 260 -44.23 -6.66 29.40
C PRO D 260 -44.79 -5.87 30.57
N SER D 261 -45.03 -6.57 31.67
CA SER D 261 -45.50 -5.95 32.90
C SER D 261 -44.44 -5.02 33.47
N GLY D 262 -44.91 -3.99 34.17
CA GLY D 262 -44.03 -2.99 34.75
C GLY D 262 -43.58 -1.89 33.82
N MET D 263 -44.08 -1.87 32.59
CA MET D 263 -43.77 -0.82 31.63
C MET D 263 -44.99 0.03 31.31
N GLU D 264 -45.81 0.32 32.34
CA GLU D 264 -47.01 1.14 32.17
C GLU D 264 -46.69 2.56 31.75
N GLU D 265 -45.51 3.08 32.15
CA GLU D 265 -45.09 4.41 31.75
C GLU D 265 -44.93 4.51 30.24
N LEU D 266 -44.27 3.52 29.64
CA LEU D 266 -44.10 3.48 28.19
C LEU D 266 -45.45 3.34 27.49
N GLN D 267 -46.35 2.53 28.05
CA GLN D 267 -47.70 2.39 27.50
C GLN D 267 -48.46 3.71 27.52
N ALA D 268 -48.35 4.45 28.63
CA ALA D 268 -48.99 5.76 28.74
C ALA D 268 -48.42 6.75 27.74
N GLN D 269 -47.09 6.75 27.55
CA GLN D 269 -46.48 7.64 26.57
C GLN D 269 -46.88 7.28 25.15
N LEU D 270 -46.92 5.98 24.81
CA LEU D 270 -47.35 5.54 23.49
C LEU D 270 -48.81 5.91 23.21
N GLU D 271 -49.69 5.71 24.21
CA GLU D 271 -51.08 6.10 24.05
C GLU D 271 -51.23 7.62 23.91
N LYS D 272 -50.44 8.39 24.66
CA LYS D 272 -50.49 9.85 24.57
C LYS D 272 -50.06 10.34 23.20
N GLU D 273 -48.97 9.78 22.66
CA GLU D 273 -48.52 10.15 21.32
C GLU D 273 -49.51 9.67 20.25
N LEU D 274 -50.09 8.49 20.43
CA LEU D 274 -51.07 7.95 19.49
C LEU D 274 -52.32 8.83 19.42
N GLN D 275 -52.84 9.23 20.59
CA GLN D 275 -53.98 10.14 20.63
C GLN D 275 -53.62 11.51 20.08
N ASN D 276 -52.40 12.00 20.37
CA ASN D 276 -51.95 13.28 19.84
C ASN D 276 -51.67 13.22 18.34
N GLY D 277 -51.57 12.03 17.75
CA GLY D 277 -51.25 11.90 16.35
C GLY D 277 -49.79 12.09 16.01
N SER D 278 -48.92 12.17 17.01
CA SER D 278 -47.49 12.39 16.81
C SER D 278 -46.69 11.10 16.94
N LEU D 279 -47.35 9.95 16.93
CA LEU D 279 -46.69 8.65 17.04
C LEU D 279 -46.38 8.13 15.65
N PHE D 280 -45.12 7.83 15.40
CA PHE D 280 -44.66 7.30 14.12
C PHE D 280 -43.99 5.96 14.34
N GLU D 281 -44.00 5.14 13.30
CA GLU D 281 -43.43 3.80 13.39
C GLU D 281 -42.62 3.48 12.14
N ALA D 282 -41.48 2.84 12.35
CA ALA D 282 -40.77 2.16 11.27
C ALA D 282 -40.77 0.68 11.62
N ASP D 283 -41.52 -0.09 10.84
CA ASP D 283 -41.72 -1.52 11.08
C ASP D 283 -40.94 -2.28 10.01
N PHE D 284 -39.96 -3.06 10.45
CA PHE D 284 -39.08 -3.81 9.55
C PHE D 284 -39.50 -5.27 9.47
N ILE D 285 -40.81 -5.53 9.56
CA ILE D 285 -41.39 -6.87 9.64
C ILE D 285 -41.12 -7.70 8.38
N LEU D 286 -40.80 -7.04 7.26
CA LEU D 286 -40.47 -7.74 6.02
C LEU D 286 -39.21 -8.60 6.15
N LEU D 287 -38.32 -8.26 7.09
CA LEU D 287 -37.10 -9.03 7.36
C LEU D 287 -37.32 -10.26 8.23
N ASP D 288 -38.52 -10.47 8.76
CA ASP D 288 -38.77 -11.57 9.69
C ASP D 288 -38.67 -12.90 8.97
N GLY D 289 -37.80 -13.78 9.47
CA GLY D 289 -37.63 -15.09 8.87
C GLY D 289 -36.73 -15.13 7.65
N ILE D 290 -36.20 -13.98 7.22
CA ILE D 290 -35.25 -13.96 6.10
C ILE D 290 -33.96 -14.64 6.51
N PRO D 291 -33.47 -15.64 5.77
CA PRO D 291 -32.20 -16.27 6.13
C PRO D 291 -31.03 -15.31 5.97
N ALA D 292 -30.17 -15.27 6.99
CA ALA D 292 -29.04 -14.38 6.99
C ALA D 292 -27.85 -14.98 6.25
N ASN D 293 -26.98 -14.10 5.78
CA ASN D 293 -25.80 -14.48 5.01
C ASN D 293 -24.79 -15.23 5.89
N VAL D 294 -23.94 -16.00 5.22
CA VAL D 294 -22.74 -16.57 5.83
C VAL D 294 -21.57 -16.04 5.03
N ILE D 295 -20.74 -15.21 5.66
CA ILE D 295 -19.67 -14.49 4.99
C ILE D 295 -18.34 -15.04 5.47
N ARG D 296 -17.60 -15.69 4.56
CA ARG D 296 -16.30 -16.32 4.82
C ARG D 296 -16.42 -17.32 5.97
N GLY D 297 -17.53 -18.04 5.99
CA GLY D 297 -17.82 -18.99 7.04
C GLY D 297 -18.34 -18.39 8.32
N GLU D 298 -18.48 -17.09 8.41
CA GLU D 298 -18.96 -16.44 9.62
C GLU D 298 -20.44 -16.13 9.45
N LYS D 299 -21.25 -16.62 10.38
CA LYS D 299 -22.68 -16.41 10.32
C LYS D 299 -23.03 -14.95 10.58
N GLN D 300 -23.83 -14.38 9.70
CA GLN D 300 -24.43 -13.08 9.92
C GLN D 300 -25.80 -13.28 10.57
N TYR D 301 -26.34 -12.21 11.13
CA TYR D 301 -27.61 -12.29 11.83
C TYR D 301 -28.54 -11.17 11.38
N LEU D 302 -29.82 -11.50 11.25
CA LEU D 302 -30.86 -10.55 10.85
C LEU D 302 -31.90 -10.42 11.95
N ALA D 303 -32.50 -9.24 12.03
CA ALA D 303 -33.63 -8.99 12.89
C ALA D 303 -34.70 -8.22 12.12
N ALA D 304 -35.93 -8.27 12.63
CA ALA D 304 -37.05 -7.50 12.11
C ALA D 304 -37.58 -6.52 13.15
N PRO D 305 -36.87 -5.43 13.42
CA PRO D 305 -37.26 -4.52 14.50
C PRO D 305 -38.50 -3.71 14.17
N LEU D 306 -39.07 -3.14 15.22
CA LEU D 306 -40.09 -2.10 15.14
C LEU D 306 -39.63 -0.97 16.03
N VAL D 307 -39.43 0.22 15.46
CA VAL D 307 -39.09 1.38 16.26
C VAL D 307 -40.27 2.34 16.27
N MET D 308 -40.70 2.71 17.48
CA MET D 308 -41.73 3.70 17.69
C MET D 308 -41.06 5.00 18.09
N LEU D 309 -41.36 6.07 17.36
CA LEU D 309 -40.81 7.39 17.58
C LEU D 309 -41.95 8.38 17.82
N LYS D 310 -41.62 9.51 18.44
CA LYS D 310 -42.60 10.56 18.68
C LYS D 310 -42.17 11.86 18.01
N MET D 311 -43.12 12.55 17.41
CA MET D 311 -42.89 13.86 16.80
C MET D 311 -43.04 14.93 17.88
N GLU D 312 -41.92 15.53 18.26
CA GLU D 312 -41.94 16.63 19.21
C GLU D 312 -42.55 17.87 18.55
N PRO D 313 -43.06 18.83 19.34
CA PRO D 313 -43.59 20.07 18.75
C PRO D 313 -42.58 20.91 17.97
N ASN D 314 -41.27 20.79 18.26
CA ASN D 314 -40.29 21.54 17.47
C ASN D 314 -40.08 20.97 16.08
N GLY D 315 -40.66 19.81 15.76
CA GLY D 315 -40.52 19.19 14.47
C GLY D 315 -39.46 18.12 14.36
N LYS D 316 -38.81 17.75 15.46
CA LYS D 316 -37.79 16.72 15.46
C LYS D 316 -38.36 15.44 16.06
N LEU D 317 -38.21 14.34 15.35
CA LEU D 317 -38.60 13.04 15.89
C LEU D 317 -37.64 12.61 17.00
N GLN D 318 -38.19 11.94 18.01
CA GLN D 318 -37.40 11.32 19.07
C GLN D 318 -37.84 9.88 19.24
N PRO D 319 -36.90 8.94 19.40
CA PRO D 319 -37.26 7.53 19.49
C PRO D 319 -37.89 7.19 20.84
N MET D 320 -39.02 6.49 20.79
CA MET D 320 -39.64 6.07 22.04
C MET D 320 -39.17 4.67 22.45
N VAL D 321 -39.19 3.72 21.53
CA VAL D 321 -38.87 2.34 21.88
C VAL D 321 -38.39 1.61 20.64
N ILE D 322 -37.52 0.62 20.83
CA ILE D 322 -37.05 -0.29 19.80
C ILE D 322 -37.33 -1.72 20.25
N GLN D 323 -38.00 -2.49 19.41
CA GLN D 323 -38.17 -3.94 19.58
C GLN D 323 -37.39 -4.60 18.46
N ILE D 324 -36.22 -5.15 18.80
CA ILE D 324 -35.31 -5.68 17.77
C ILE D 324 -35.89 -6.91 17.09
N GLN D 325 -36.56 -7.78 17.85
CA GLN D 325 -37.11 -8.97 17.23
C GLN D 325 -38.62 -9.01 17.39
N PRO D 326 -39.35 -9.47 16.37
CA PRO D 326 -40.80 -9.63 16.49
C PRO D 326 -41.13 -10.76 17.44
N PRO D 327 -42.32 -10.77 18.05
CA PRO D 327 -42.71 -11.89 18.91
C PRO D 327 -42.80 -13.20 18.15
N SER D 328 -42.36 -14.26 18.80
CA SER D 328 -42.42 -15.63 18.33
C SER D 328 -42.97 -16.49 19.46
N PRO D 329 -43.38 -17.74 19.18
CA PRO D 329 -43.81 -18.61 20.29
C PRO D 329 -42.70 -18.90 21.30
N SER D 330 -41.44 -18.96 20.87
CA SER D 330 -40.35 -19.20 21.80
C SER D 330 -40.11 -18.01 22.71
N SER D 331 -40.24 -16.80 22.19
CA SER D 331 -40.06 -15.56 22.95
C SER D 331 -41.27 -14.66 22.74
N PRO D 332 -42.36 -14.90 23.49
CA PRO D 332 -43.59 -14.11 23.29
C PRO D 332 -43.44 -12.61 23.59
N THR D 333 -42.49 -12.23 24.44
CA THR D 333 -42.30 -10.83 24.82
C THR D 333 -40.84 -10.47 24.61
N PRO D 334 -40.47 -10.04 23.40
CA PRO D 334 -39.10 -9.59 23.15
C PRO D 334 -38.75 -8.34 23.95
N THR D 335 -37.45 -8.20 24.23
CA THR D 335 -36.93 -7.08 25.01
C THR D 335 -37.20 -5.75 24.30
N LEU D 336 -37.74 -4.80 25.04
CA LEU D 336 -38.04 -3.47 24.54
C LEU D 336 -36.92 -2.52 24.97
N PHE D 337 -36.27 -1.90 24.00
CA PHE D 337 -35.12 -1.03 24.26
C PHE D 337 -35.55 0.43 24.26
N LEU D 338 -35.13 1.16 25.28
CA LEU D 338 -35.51 2.53 25.55
C LEU D 338 -34.28 3.42 25.52
N PRO D 339 -34.44 4.73 25.25
CA PRO D 339 -33.29 5.64 25.36
C PRO D 339 -32.72 5.76 26.77
N SER D 340 -33.50 5.43 27.80
CA SER D 340 -33.07 5.53 29.19
C SER D 340 -32.32 4.29 29.67
N ASP D 341 -32.10 3.31 28.80
CA ASP D 341 -31.39 2.07 29.07
C ASP D 341 -29.90 2.31 29.29
N PRO D 342 -29.09 1.30 29.65
CA PRO D 342 -27.63 1.43 29.55
C PRO D 342 -27.21 1.77 28.13
N PRO D 343 -26.23 2.67 27.98
CA PRO D 343 -25.94 3.28 26.66
C PRO D 343 -25.55 2.29 25.57
N LEU D 344 -24.80 1.25 25.91
CA LEU D 344 -24.34 0.31 24.89
C LEU D 344 -25.48 -0.55 24.36
N ALA D 345 -26.43 -0.93 25.22
CA ALA D 345 -27.60 -1.70 24.78
C ALA D 345 -28.48 -0.88 23.86
N TRP D 346 -28.75 0.39 24.22
CA TRP D 346 -29.53 1.27 23.37
C TRP D 346 -28.82 1.56 22.06
N LEU D 347 -27.50 1.75 22.12
CA LEU D 347 -26.70 1.97 20.91
C LEU D 347 -26.76 0.76 20.00
N LEU D 348 -26.69 -0.44 20.56
CA LEU D 348 -26.78 -1.66 19.77
C LEU D 348 -28.18 -1.83 19.17
N ALA D 349 -29.22 -1.48 19.93
CA ALA D 349 -30.58 -1.53 19.39
C ALA D 349 -30.77 -0.55 18.23
N LYS D 350 -30.24 0.66 18.37
CA LYS D 350 -30.28 1.62 17.27
C LYS D 350 -29.47 1.13 16.08
N SER D 351 -28.32 0.48 16.33
CA SER D 351 -27.51 -0.08 15.26
C SER D 351 -28.24 -1.20 14.54
N TRP D 352 -28.99 -2.02 15.28
CA TRP D 352 -29.82 -3.06 14.66
C TRP D 352 -30.93 -2.49 13.80
N VAL D 353 -31.59 -1.43 14.29
CA VAL D 353 -32.62 -0.75 13.49
C VAL D 353 -32.02 -0.13 12.23
N ARG D 354 -30.85 0.49 12.36
CA ARG D 354 -30.17 1.07 11.22
C ARG D 354 -29.70 0.01 10.22
N ASN D 355 -29.23 -1.14 10.71
CA ASN D 355 -28.85 -2.24 9.84
C ASN D 355 -30.05 -2.77 9.08
N SER D 356 -31.19 -2.89 9.77
CA SER D 356 -32.42 -3.31 9.14
C SER D 356 -32.91 -2.29 8.11
N ASP D 357 -32.72 -1.00 8.41
CA ASP D 357 -33.03 0.06 7.47
C ASP D 357 -32.14 -0.02 6.24
N PHE D 358 -30.87 -0.40 6.43
CA PHE D 358 -29.97 -0.66 5.30
C PHE D 358 -30.52 -1.78 4.42
N GLN D 359 -30.95 -2.89 5.04
CA GLN D 359 -31.49 -4.02 4.27
C GLN D 359 -32.73 -3.62 3.48
N LEU D 360 -33.70 -3.01 4.15
CA LEU D 360 -34.95 -2.62 3.50
C LEU D 360 -34.73 -1.49 2.49
N HIS D 361 -33.80 -0.58 2.77
CA HIS D 361 -33.48 0.49 1.84
C HIS D 361 -32.90 -0.04 0.55
N GLU D 362 -31.85 -0.87 0.66
CA GLU D 362 -31.16 -1.33 -0.53
C GLU D 362 -31.99 -2.34 -1.32
N ILE D 363 -32.66 -3.27 -0.64
CA ILE D 363 -33.36 -4.32 -1.37
C ILE D 363 -34.73 -3.84 -1.85
N GLN D 364 -35.55 -3.35 -0.92
CA GLN D 364 -36.93 -3.00 -1.29
C GLN D 364 -36.97 -1.67 -2.03
N TYR D 365 -36.51 -0.60 -1.39
CA TYR D 365 -36.76 0.73 -1.92
C TYR D 365 -35.74 1.19 -2.96
N HIS D 366 -34.53 0.65 -2.94
CA HIS D 366 -33.57 1.03 -3.97
C HIS D 366 -33.61 0.04 -5.14
N LEU D 367 -33.35 -1.25 -4.87
CA LEU D 367 -33.27 -2.24 -5.93
C LEU D 367 -34.62 -2.46 -6.59
N LEU D 368 -35.61 -2.88 -5.80
CA LEU D 368 -36.91 -3.23 -6.36
C LEU D 368 -37.67 -1.99 -6.81
N ASN D 369 -37.88 -1.04 -5.90
CA ASN D 369 -38.83 0.04 -6.13
C ASN D 369 -38.34 1.03 -7.18
N THR D 370 -37.03 1.16 -7.36
CA THR D 370 -36.52 2.08 -8.36
C THR D 370 -35.86 1.36 -9.53
N HIS D 371 -34.83 0.54 -9.30
CA HIS D 371 -34.11 -0.10 -10.41
C HIS D 371 -34.98 -1.09 -11.18
N LEU D 372 -35.66 -1.99 -10.49
CA LEU D 372 -36.40 -3.04 -11.19
C LEU D 372 -37.67 -2.49 -11.84
N VAL D 373 -38.33 -1.54 -11.18
CA VAL D 373 -39.49 -0.88 -11.77
C VAL D 373 -39.10 -0.09 -13.01
N ALA D 374 -37.98 0.64 -12.95
CA ALA D 374 -37.49 1.37 -14.11
C ALA D 374 -37.08 0.43 -15.23
N GLU D 375 -36.51 -0.73 -14.89
CA GLU D 375 -36.17 -1.71 -15.93
C GLU D 375 -37.42 -2.26 -16.60
N VAL D 376 -38.48 -2.53 -15.82
CA VAL D 376 -39.75 -2.98 -16.38
C VAL D 376 -40.33 -1.92 -17.32
N ILE D 377 -40.30 -0.66 -16.88
CA ILE D 377 -40.75 0.47 -17.70
C ILE D 377 -39.93 0.59 -18.97
N ALA D 378 -38.60 0.42 -18.86
CA ALA D 378 -37.69 0.53 -19.99
C ALA D 378 -37.95 -0.56 -21.02
N VAL D 379 -38.03 -1.81 -20.58
CA VAL D 379 -38.23 -2.93 -21.49
C VAL D 379 -39.60 -2.85 -22.14
N ALA D 380 -40.65 -2.54 -21.38
CA ALA D 380 -41.99 -2.40 -21.96
C ALA D 380 -42.06 -1.23 -22.93
N THR D 381 -41.39 -0.12 -22.62
CA THR D 381 -41.34 1.03 -23.51
C THR D 381 -40.67 0.67 -24.83
N MET D 382 -39.55 -0.07 -24.76
CA MET D 382 -38.89 -0.48 -26.00
C MET D 382 -39.74 -1.48 -26.78
N ARG D 383 -40.41 -2.42 -26.09
CA ARG D 383 -41.13 -3.48 -26.78
C ARG D 383 -42.44 -3.00 -27.40
N CYS D 384 -43.14 -2.09 -26.74
CA CYS D 384 -44.50 -1.77 -27.15
C CYS D 384 -44.69 -0.39 -27.73
N LEU D 385 -43.79 0.55 -27.44
CA LEU D 385 -43.94 1.91 -27.93
C LEU D 385 -42.91 2.17 -29.03
N PRO D 386 -43.34 2.29 -30.29
CA PRO D 386 -42.41 2.57 -31.38
C PRO D 386 -41.87 3.99 -31.31
N GLY D 387 -40.86 4.24 -32.15
CA GLY D 387 -40.22 5.56 -32.19
C GLY D 387 -41.15 6.70 -32.54
N LEU D 388 -42.16 6.42 -33.38
CA LEU D 388 -43.17 7.42 -33.72
C LEU D 388 -44.03 7.82 -32.53
N HIS D 389 -44.21 6.93 -31.57
CA HIS D 389 -45.18 7.14 -30.49
C HIS D 389 -44.72 8.26 -29.56
N PRO D 390 -45.61 9.20 -29.20
CA PRO D 390 -45.22 10.31 -28.30
C PRO D 390 -44.78 9.87 -26.92
N ILE D 391 -45.39 8.81 -26.38
CA ILE D 391 -45.04 8.36 -25.04
C ILE D 391 -43.64 7.75 -25.05
N PHE D 392 -43.26 7.09 -26.15
CA PHE D 392 -41.89 6.63 -26.31
C PHE D 392 -40.90 7.79 -26.32
N LYS D 393 -41.18 8.82 -27.12
CA LYS D 393 -40.30 10.00 -27.18
C LYS D 393 -40.23 10.69 -25.84
N PHE D 394 -41.30 10.61 -25.06
CA PHE D 394 -41.34 11.19 -23.73
C PHE D 394 -40.48 10.39 -22.76
N LEU D 395 -40.54 9.06 -22.83
CA LEU D 395 -39.93 8.19 -21.83
C LEU D 395 -38.51 7.75 -22.15
N ILE D 396 -38.08 7.86 -23.42
CA ILE D 396 -36.73 7.40 -23.79
C ILE D 396 -35.59 8.12 -23.05
N PRO D 397 -35.61 9.44 -22.75
CA PRO D 397 -34.54 9.96 -21.88
C PRO D 397 -34.55 9.36 -20.48
N HIS D 398 -35.72 8.99 -19.98
CA HIS D 398 -35.86 8.54 -18.61
C HIS D 398 -35.63 7.05 -18.45
N ILE D 399 -35.29 6.34 -19.52
CA ILE D 399 -34.91 4.94 -19.45
C ILE D 399 -33.47 4.71 -19.90
N ARG D 400 -32.70 5.78 -20.06
CA ARG D 400 -31.31 5.68 -20.49
C ARG D 400 -30.47 4.97 -19.43
N TYR D 401 -29.69 3.98 -19.87
CA TYR D 401 -28.70 3.20 -19.13
C TYR D 401 -29.31 2.26 -18.09
N THR D 402 -30.64 2.20 -17.96
CA THR D 402 -31.28 1.40 -16.92
C THR D 402 -31.04 -0.09 -17.12
N MET D 403 -31.16 -0.57 -18.35
CA MET D 403 -30.95 -1.99 -18.63
C MET D 403 -29.52 -2.41 -18.36
N GLU D 404 -28.54 -1.59 -18.75
CA GLU D 404 -27.14 -1.96 -18.51
C GLU D 404 -26.81 -1.90 -17.02
N ILE D 405 -27.29 -0.89 -16.31
CA ILE D 405 -26.97 -0.77 -14.89
C ILE D 405 -27.62 -1.92 -14.10
N ASN D 406 -28.82 -2.33 -14.49
CA ASN D 406 -29.44 -3.47 -13.82
C ASN D 406 -28.80 -4.80 -14.22
N THR D 407 -28.32 -4.92 -15.47
CA THR D 407 -27.60 -6.12 -15.89
C THR D 407 -26.29 -6.25 -15.13
N ARG D 408 -25.56 -5.14 -15.00
CA ARG D 408 -24.33 -5.12 -14.22
C ARG D 408 -24.61 -5.42 -12.75
N ALA D 409 -25.77 -4.98 -12.24
CA ALA D 409 -26.17 -5.33 -10.87
C ALA D 409 -26.40 -6.83 -10.73
N ARG D 410 -27.16 -7.41 -11.66
CA ARG D 410 -27.44 -8.85 -11.68
C ARG D 410 -26.22 -9.69 -12.03
N THR D 411 -25.12 -9.07 -12.47
CA THR D 411 -23.90 -9.80 -12.77
C THR D 411 -22.86 -9.68 -11.67
N GLN D 412 -22.71 -8.49 -11.09
CA GLN D 412 -21.63 -8.21 -10.16
C GLN D 412 -22.08 -7.93 -8.74
N LEU D 413 -23.30 -7.45 -8.53
CA LEU D 413 -23.71 -7.00 -7.21
C LEU D 413 -24.71 -7.93 -6.56
N ILE D 414 -25.85 -8.20 -7.20
CA ILE D 414 -26.92 -8.96 -6.55
C ILE D 414 -26.96 -10.40 -7.01
N SER D 415 -25.92 -10.84 -7.72
CA SER D 415 -25.77 -12.21 -8.17
C SER D 415 -25.29 -13.10 -7.03
N ASP D 416 -25.51 -14.40 -7.18
CA ASP D 416 -24.95 -15.38 -6.25
C ASP D 416 -23.43 -15.28 -6.23
N GLY D 417 -22.87 -15.10 -5.04
CA GLY D 417 -21.46 -14.84 -4.91
C GLY D 417 -21.05 -13.41 -5.19
N GLY D 418 -22.01 -12.50 -5.38
CA GLY D 418 -21.73 -11.12 -5.69
C GLY D 418 -21.27 -10.34 -4.47
N ILE D 419 -21.05 -9.03 -4.68
CA ILE D 419 -20.56 -8.13 -3.65
C ILE D 419 -21.52 -8.07 -2.47
N PHE D 420 -22.82 -8.16 -2.76
CA PHE D 420 -23.87 -8.20 -1.74
C PHE D 420 -23.66 -9.40 -0.83
N ASP D 421 -23.47 -10.59 -1.43
CA ASP D 421 -23.20 -11.81 -0.70
C ASP D 421 -21.93 -11.70 0.13
N LYS D 422 -20.96 -10.91 -0.32
CA LYS D 422 -19.70 -10.77 0.39
C LYS D 422 -19.78 -9.80 1.55
N ALA D 423 -20.75 -8.89 1.56
CA ALA D 423 -20.78 -8.02 2.73
C ALA D 423 -22.11 -7.98 3.46
N VAL D 424 -23.23 -7.97 2.76
CA VAL D 424 -24.51 -7.62 3.35
C VAL D 424 -25.16 -8.86 3.96
N SER D 425 -25.86 -8.68 5.09
CA SER D 425 -26.44 -9.79 5.85
C SER D 425 -27.59 -10.48 5.12
N THR D 426 -28.33 -9.77 4.27
CA THR D 426 -29.38 -10.45 3.51
C THR D 426 -28.87 -11.15 2.26
N GLY D 427 -27.57 -11.04 1.95
CA GLY D 427 -27.02 -11.72 0.81
C GLY D 427 -26.99 -13.23 0.97
N GLY D 428 -26.67 -13.90 -0.13
CA GLY D 428 -26.60 -15.35 -0.10
C GLY D 428 -27.94 -16.05 -0.25
N GLY D 429 -28.95 -15.37 -0.76
CA GLY D 429 -30.25 -15.97 -1.03
C GLY D 429 -31.39 -15.31 -0.27
N GLY D 430 -31.11 -14.79 0.94
CA GLY D 430 -32.12 -14.10 1.71
C GLY D 430 -32.64 -12.84 1.05
N HIS D 431 -31.77 -12.16 0.28
CA HIS D 431 -32.19 -10.95 -0.42
C HIS D 431 -33.20 -11.25 -1.51
N VAL D 432 -33.15 -12.43 -2.11
CA VAL D 432 -34.13 -12.80 -3.14
C VAL D 432 -35.50 -13.02 -2.52
N GLN D 433 -35.56 -13.70 -1.36
CA GLN D 433 -36.81 -13.87 -0.64
C GLN D 433 -37.35 -12.53 -0.15
N LEU D 434 -36.45 -11.65 0.32
CA LEU D 434 -36.84 -10.31 0.72
C LEU D 434 -37.38 -9.51 -0.47
N LEU D 435 -36.77 -9.70 -1.64
CA LEU D 435 -37.27 -9.06 -2.86
C LEU D 435 -38.65 -9.57 -3.23
N ARG D 436 -38.90 -10.87 -3.06
CA ARG D 436 -40.24 -11.42 -3.31
C ARG D 436 -41.28 -10.84 -2.37
N ARG D 437 -40.92 -10.75 -1.08
CA ARG D 437 -41.82 -10.15 -0.09
C ARG D 437 -42.08 -8.68 -0.39
N ALA D 438 -41.04 -7.95 -0.80
CA ALA D 438 -41.20 -6.56 -1.15
C ALA D 438 -42.02 -6.39 -2.43
N ALA D 439 -41.85 -7.31 -3.38
CA ALA D 439 -42.64 -7.30 -4.61
C ALA D 439 -44.11 -7.54 -4.31
N ALA D 440 -44.41 -8.37 -3.31
CA ALA D 440 -45.78 -8.48 -2.83
C ALA D 440 -46.29 -7.18 -2.25
N GLN D 441 -45.40 -6.38 -1.64
CA GLN D 441 -45.76 -5.07 -1.11
C GLN D 441 -45.54 -3.94 -2.10
N LEU D 442 -45.10 -4.24 -3.32
CA LEU D 442 -44.85 -3.20 -4.32
C LEU D 442 -46.19 -2.80 -4.93
N THR D 443 -46.85 -1.84 -4.28
CA THR D 443 -48.11 -1.34 -4.78
C THR D 443 -47.89 -0.11 -5.65
N TYR D 444 -48.90 0.17 -6.48
CA TYR D 444 -48.87 1.36 -7.34
C TYR D 444 -48.86 2.65 -6.52
N CYS D 445 -49.65 2.68 -5.44
CA CYS D 445 -49.71 3.85 -4.58
C CYS D 445 -48.39 4.10 -3.85
N SER D 446 -47.63 3.04 -3.54
CA SER D 446 -46.34 3.21 -2.87
C SER D 446 -45.33 3.93 -3.75
N LEU D 447 -45.41 3.76 -5.06
CA LEU D 447 -44.50 4.43 -5.98
C LEU D 447 -44.92 5.87 -6.26
N CYS D 448 -46.12 6.27 -5.86
CA CYS D 448 -46.64 7.60 -6.11
C CYS D 448 -46.60 8.39 -4.81
N PRO D 449 -45.71 9.39 -4.71
CA PRO D 449 -45.56 10.21 -3.47
C PRO D 449 -46.86 10.70 -2.86
N PRO D 450 -47.82 11.35 -3.58
CA PRO D 450 -49.01 11.85 -2.86
C PRO D 450 -49.80 10.75 -2.15
N ASP D 451 -49.83 9.56 -2.75
CA ASP D 451 -50.58 8.45 -2.18
C ASP D 451 -49.77 7.71 -1.13
N ASP D 452 -48.49 7.42 -1.43
CA ASP D 452 -47.58 6.82 -0.45
C ASP D 452 -47.48 7.65 0.83
N LEU D 453 -47.30 8.97 0.68
CA LEU D 453 -47.19 9.85 1.83
C LEU D 453 -48.53 10.04 2.55
N ALA D 454 -49.65 10.06 1.82
CA ALA D 454 -50.95 10.09 2.47
C ALA D 454 -51.20 8.81 3.27
N ASP D 455 -50.84 7.66 2.70
CA ASP D 455 -50.99 6.38 3.39
C ASP D 455 -50.07 6.30 4.60
N ARG D 456 -48.84 6.79 4.48
CA ARG D 456 -47.90 6.79 5.60
C ARG D 456 -48.10 7.97 6.54
N GLY D 457 -49.03 8.87 6.24
CA GLY D 457 -49.33 9.99 7.12
C GLY D 457 -48.23 11.02 7.25
N LEU D 458 -47.39 11.18 6.23
CA LEU D 458 -46.29 12.13 6.29
C LEU D 458 -46.62 13.46 5.63
N LEU D 459 -47.84 13.66 5.18
CA LEU D 459 -48.24 14.94 4.59
C LEU D 459 -48.30 16.02 5.67
N GLY D 460 -47.82 17.20 5.32
CA GLY D 460 -47.88 18.34 6.23
C GLY D 460 -46.85 18.33 7.34
N LEU D 461 -45.88 17.44 7.30
CA LEU D 461 -44.81 17.45 8.30
C LEU D 461 -43.74 18.46 7.90
N PRO D 462 -43.51 19.50 8.71
CA PRO D 462 -42.51 20.52 8.35
C PRO D 462 -41.08 19.99 8.25
N GLY D 463 -40.71 19.00 9.06
CA GLY D 463 -39.36 18.47 9.00
C GLY D 463 -39.13 17.36 8.00
N ALA D 464 -40.20 16.88 7.36
CA ALA D 464 -40.09 15.81 6.36
C ALA D 464 -39.69 16.47 5.03
N LEU D 465 -38.39 16.69 4.88
CA LEU D 465 -37.86 17.40 3.72
C LEU D 465 -38.01 16.58 2.45
N TYR D 466 -37.82 15.26 2.55
CA TYR D 466 -38.08 14.37 1.42
C TYR D 466 -39.53 14.47 0.98
N ALA D 467 -40.46 14.48 1.93
CA ALA D 467 -41.88 14.53 1.59
C ALA D 467 -42.24 15.81 0.85
N HIS D 468 -41.74 16.95 1.35
CA HIS D 468 -42.00 18.24 0.71
C HIS D 468 -41.39 18.29 -0.70
N ASP D 469 -40.12 17.89 -0.81
CA ASP D 469 -39.44 17.92 -2.11
C ASP D 469 -40.08 16.94 -3.09
N ALA D 470 -40.48 15.76 -2.61
CA ALA D 470 -41.11 14.75 -3.46
C ALA D 470 -42.48 15.20 -3.94
N LEU D 471 -43.26 15.85 -3.08
CA LEU D 471 -44.55 16.38 -3.53
C LEU D 471 -44.37 17.49 -4.55
N ARG D 472 -43.41 18.40 -4.33
CA ARG D 472 -43.13 19.46 -5.30
C ARG D 472 -42.67 18.87 -6.64
N LEU D 473 -41.79 17.87 -6.59
CA LEU D 473 -41.33 17.20 -7.80
C LEU D 473 -42.46 16.47 -8.49
N TRP D 474 -43.38 15.86 -7.73
CA TRP D 474 -44.55 15.22 -8.33
C TRP D 474 -45.44 16.23 -9.04
N GLU D 475 -45.64 17.41 -8.45
CA GLU D 475 -46.41 18.46 -9.12
C GLU D 475 -45.74 18.92 -10.41
N ILE D 476 -44.42 19.13 -10.37
CA ILE D 476 -43.69 19.61 -11.55
C ILE D 476 -43.67 18.55 -12.65
N ILE D 477 -43.35 17.31 -12.29
CA ILE D 477 -43.32 16.21 -13.25
C ILE D 477 -44.73 15.92 -13.78
N ALA D 478 -45.75 16.03 -12.93
CA ALA D 478 -47.12 15.83 -13.36
C ALA D 478 -47.55 16.92 -14.35
N ARG D 479 -47.14 18.16 -14.11
CA ARG D 479 -47.40 19.25 -15.06
C ARG D 479 -46.74 18.97 -16.41
N TYR D 480 -45.50 18.48 -16.38
CA TYR D 480 -44.79 18.08 -17.61
C TYR D 480 -45.52 16.96 -18.35
N VAL D 481 -45.92 15.93 -17.60
CA VAL D 481 -46.64 14.79 -18.18
C VAL D 481 -47.97 15.21 -18.77
N GLU D 482 -48.72 16.03 -18.04
CA GLU D 482 -50.02 16.52 -18.53
C GLU D 482 -49.84 17.39 -19.76
N GLY D 483 -48.77 18.20 -19.80
CA GLY D 483 -48.50 18.98 -20.99
C GLY D 483 -48.29 18.12 -22.22
N ILE D 484 -47.45 17.08 -22.10
CA ILE D 484 -47.19 16.19 -23.23
C ILE D 484 -48.45 15.40 -23.63
N VAL D 485 -49.15 14.83 -22.63
CA VAL D 485 -50.31 14.00 -22.90
C VAL D 485 -51.45 14.83 -23.51
N HIS D 486 -51.72 16.02 -22.97
CA HIS D 486 -52.75 16.88 -23.54
C HIS D 486 -52.34 17.43 -24.90
N LEU D 487 -51.05 17.53 -25.19
CA LEU D 487 -50.63 17.77 -26.57
C LEU D 487 -51.03 16.63 -27.49
N PHE D 488 -50.90 15.38 -27.04
CA PHE D 488 -51.14 14.27 -27.95
C PHE D 488 -52.38 13.42 -27.68
N TYR D 489 -52.99 13.52 -26.50
CA TYR D 489 -54.23 12.80 -26.18
C TYR D 489 -55.27 13.83 -25.78
N GLN D 490 -56.07 14.29 -26.75
CA GLN D 490 -57.06 15.32 -26.46
C GLN D 490 -58.27 14.79 -25.70
N ARG D 491 -58.67 13.54 -25.95
CA ARG D 491 -59.88 12.98 -25.34
C ARG D 491 -59.57 11.63 -24.71
N ASP D 492 -60.49 11.19 -23.85
CA ASP D 492 -60.36 9.90 -23.18
C ASP D 492 -60.46 8.74 -24.18
N ASP D 493 -61.32 8.89 -25.19
CA ASP D 493 -61.45 7.85 -26.21
C ASP D 493 -60.19 7.72 -27.05
N ILE D 494 -59.43 8.80 -27.19
CA ILE D 494 -58.13 8.75 -27.86
C ILE D 494 -57.14 7.94 -27.03
N VAL D 495 -57.19 8.09 -25.70
CA VAL D 495 -56.38 7.28 -24.80
C VAL D 495 -56.77 5.81 -24.88
N LYS D 496 -58.08 5.54 -24.84
CA LYS D 496 -58.56 4.16 -24.93
C LYS D 496 -58.31 3.56 -26.30
N GLY D 497 -58.38 4.37 -27.36
CA GLY D 497 -58.25 3.92 -28.72
C GLY D 497 -56.84 3.73 -29.24
N ASP D 498 -55.83 3.89 -28.38
CA ASP D 498 -54.42 3.72 -28.70
C ASP D 498 -54.00 2.30 -28.31
N PRO D 499 -53.97 1.35 -29.27
CA PRO D 499 -53.61 -0.04 -28.91
C PRO D 499 -52.19 -0.21 -28.42
N GLU D 500 -51.24 0.59 -28.93
CA GLU D 500 -49.86 0.52 -28.49
C GLU D 500 -49.69 0.96 -27.05
N LEU D 501 -50.40 2.01 -26.65
CA LEU D 501 -50.37 2.48 -25.26
C LEU D 501 -50.96 1.45 -24.31
N GLN D 502 -52.08 0.84 -24.69
CA GLN D 502 -52.69 -0.21 -23.87
C GLN D 502 -51.79 -1.43 -23.77
N ALA D 503 -51.14 -1.80 -24.88
CA ALA D 503 -50.18 -2.90 -24.87
C ALA D 503 -49.00 -2.59 -23.96
N TRP D 504 -48.53 -1.34 -23.97
CA TRP D 504 -47.45 -0.92 -23.06
C TRP D 504 -47.88 -0.99 -21.60
N CYS D 505 -49.11 -0.56 -21.32
CA CYS D 505 -49.65 -0.64 -19.97
C CYS D 505 -49.76 -2.08 -19.49
N ARG D 506 -50.25 -2.97 -20.35
CA ARG D 506 -50.32 -4.39 -20.01
CA ARG D 506 -50.33 -4.39 -20.02
C ARG D 506 -48.92 -4.99 -19.85
N GLU D 507 -47.98 -4.58 -20.69
CA GLU D 507 -46.61 -5.08 -20.63
C GLU D 507 -45.94 -4.70 -19.32
N ILE D 508 -46.22 -3.49 -18.81
CA ILE D 508 -45.72 -3.14 -17.48
C ILE D 508 -46.45 -3.93 -16.41
N THR D 509 -47.78 -3.91 -16.41
CA THR D 509 -48.53 -4.43 -15.27
C THR D 509 -48.63 -5.95 -15.30
N GLU D 510 -49.19 -6.51 -16.39
CA GLU D 510 -49.41 -7.95 -16.46
C GLU D 510 -48.10 -8.70 -16.65
N VAL D 511 -47.25 -8.23 -17.54
CA VAL D 511 -46.07 -8.98 -17.97
C VAL D 511 -44.86 -8.62 -17.13
N GLY D 512 -44.44 -7.36 -17.20
CA GLY D 512 -43.18 -6.95 -16.59
C GLY D 512 -43.18 -7.03 -15.07
N LEU D 513 -44.24 -6.53 -14.44
CA LEU D 513 -44.36 -6.58 -12.98
C LEU D 513 -45.01 -7.86 -12.48
N CYS D 514 -45.31 -8.81 -13.37
CA CYS D 514 -45.84 -10.14 -13.04
C CYS D 514 -47.19 -10.05 -12.32
N GLN D 515 -48.18 -9.58 -13.10
CA GLN D 515 -49.60 -9.55 -12.72
C GLN D 515 -49.83 -8.65 -11.50
N ALA D 516 -49.47 -7.39 -11.67
CA ALA D 516 -49.56 -6.39 -10.61
C ALA D 516 -50.91 -5.70 -10.53
N GLN D 517 -51.93 -6.23 -11.22
CA GLN D 517 -53.29 -5.68 -11.14
C GLN D 517 -53.84 -5.74 -9.73
N ASP D 518 -53.52 -6.80 -8.98
CA ASP D 518 -53.91 -6.89 -7.58
C ASP D 518 -53.19 -5.88 -6.70
N ARG D 519 -52.07 -5.31 -7.18
CA ARG D 519 -51.31 -4.33 -6.42
C ARG D 519 -51.59 -2.91 -6.90
N GLY D 520 -52.73 -2.67 -7.54
CA GLY D 520 -53.16 -1.34 -7.88
C GLY D 520 -52.66 -0.82 -9.20
N PHE D 521 -51.77 -1.53 -9.87
CA PHE D 521 -51.27 -1.07 -11.17
C PHE D 521 -52.35 -1.26 -12.22
N PRO D 522 -52.59 -0.26 -13.07
CA PRO D 522 -53.69 -0.35 -14.04
C PRO D 522 -53.43 -1.40 -15.11
N VAL D 523 -54.49 -2.12 -15.48
CA VAL D 523 -54.38 -3.05 -16.61
C VAL D 523 -54.57 -2.29 -17.92
N SER D 524 -55.27 -1.16 -17.89
CA SER D 524 -55.50 -0.35 -19.07
C SER D 524 -55.66 1.10 -18.65
N PHE D 525 -55.63 1.99 -19.63
CA PHE D 525 -55.85 3.42 -19.42
C PHE D 525 -57.20 3.81 -19.98
N GLN D 526 -58.11 4.24 -19.11
CA GLN D 526 -59.45 4.61 -19.52
C GLN D 526 -59.64 6.11 -19.66
N SER D 527 -58.64 6.91 -19.28
CA SER D 527 -58.78 8.36 -19.30
C SER D 527 -57.41 9.01 -19.43
N GLN D 528 -57.41 10.30 -19.76
CA GLN D 528 -56.17 11.07 -19.80
C GLN D 528 -55.52 11.17 -18.43
N SER D 529 -56.33 11.35 -17.38
CA SER D 529 -55.81 11.55 -16.03
C SER D 529 -55.09 10.31 -15.51
N GLN D 530 -55.64 9.13 -15.79
CA GLN D 530 -55.01 7.87 -15.38
C GLN D 530 -53.66 7.69 -16.08
N LEU D 531 -53.60 8.00 -17.37
CA LEU D 531 -52.35 7.94 -18.12
C LEU D 531 -51.33 8.94 -17.58
N CYS D 532 -51.79 10.15 -17.26
CA CYS D 532 -50.90 11.17 -16.71
C CYS D 532 -50.34 10.76 -15.35
N HIS D 533 -51.20 10.18 -14.50
CA HIS D 533 -50.75 9.73 -13.19
C HIS D 533 -49.75 8.59 -13.31
N PHE D 534 -50.01 7.65 -14.22
CA PHE D 534 -49.09 6.52 -14.41
C PHE D 534 -47.74 6.97 -14.97
N LEU D 535 -47.76 7.87 -15.96
CA LEU D 535 -46.52 8.38 -16.52
C LEU D 535 -45.74 9.24 -15.53
N THR D 536 -46.46 9.99 -14.69
CA THR D 536 -45.80 10.74 -13.62
C THR D 536 -45.13 9.78 -12.64
N MET D 537 -45.79 8.66 -12.32
CA MET D 537 -45.18 7.61 -11.51
C MET D 537 -43.93 7.07 -12.16
N CYS D 538 -43.98 6.81 -13.48
CA CYS D 538 -42.83 6.28 -14.21
C CYS D 538 -41.64 7.24 -14.16
N VAL D 539 -41.89 8.51 -14.47
CA VAL D 539 -40.80 9.50 -14.51
C VAL D 539 -40.24 9.74 -13.11
N PHE D 540 -41.11 9.83 -12.09
CA PHE D 540 -40.65 10.03 -10.71
C PHE D 540 -39.82 8.85 -10.24
N THR D 541 -40.27 7.62 -10.54
CA THR D 541 -39.53 6.42 -10.17
C THR D 541 -38.17 6.37 -10.85
N CYS D 542 -38.12 6.71 -12.14
CA CYS D 542 -36.86 6.64 -12.86
C CYS D 542 -35.91 7.77 -12.49
N THR D 543 -36.44 8.92 -12.06
CA THR D 543 -35.58 10.06 -11.81
C THR D 543 -35.54 10.48 -10.35
N ALA D 544 -36.68 10.87 -9.78
CA ALA D 544 -36.68 11.53 -8.49
C ALA D 544 -36.59 10.53 -7.35
N GLN D 545 -37.40 9.47 -7.40
CA GLN D 545 -37.37 8.46 -6.33
C GLN D 545 -36.02 7.76 -6.28
N HIS D 546 -35.39 7.55 -7.43
CA HIS D 546 -34.06 6.98 -7.47
C HIS D 546 -33.05 7.92 -6.83
N ALA D 547 -33.13 9.21 -7.17
CA ALA D 547 -32.22 10.21 -6.60
C ALA D 547 -32.35 10.26 -5.08
N ALA D 548 -33.60 10.23 -4.58
CA ALA D 548 -33.82 10.26 -3.14
C ALA D 548 -33.31 8.99 -2.47
N ILE D 549 -33.45 7.84 -3.13
CA ILE D 549 -33.08 6.57 -2.52
C ILE D 549 -31.62 6.20 -2.75
N ASN D 550 -30.92 6.89 -3.66
CA ASN D 550 -29.57 6.53 -4.05
C ASN D 550 -28.50 7.52 -3.62
N GLN D 551 -28.74 8.83 -3.75
CA GLN D 551 -27.71 9.83 -3.49
C GLN D 551 -27.27 9.90 -2.03
N GLY D 552 -28.05 9.36 -1.11
CA GLY D 552 -27.74 9.41 0.30
C GLY D 552 -26.89 8.29 0.84
N GLN D 553 -26.41 7.38 -0.01
CA GLN D 553 -25.69 6.22 0.49
C GLN D 553 -24.30 6.59 1.02
N LEU D 554 -23.58 7.48 0.33
CA LEU D 554 -22.29 7.92 0.88
C LEU D 554 -22.48 8.79 2.11
N ASP D 555 -23.51 9.63 2.12
CA ASP D 555 -23.76 10.53 3.24
C ASP D 555 -24.05 9.76 4.53
N TRP D 556 -24.88 8.73 4.45
CA TRP D 556 -25.36 8.05 5.64
C TRP D 556 -24.71 6.70 5.86
N TYR D 557 -23.99 6.16 4.88
CA TYR D 557 -23.45 4.81 4.94
C TYR D 557 -21.93 4.74 5.01
N ALA D 558 -21.22 5.84 4.70
CA ALA D 558 -19.76 5.83 4.80
C ALA D 558 -19.31 5.62 6.24
N TRP D 559 -20.03 6.21 7.20
CA TRP D 559 -19.81 5.87 8.59
C TRP D 559 -20.57 4.56 8.82
N VAL D 560 -19.82 3.46 8.80
CA VAL D 560 -20.44 2.13 8.87
C VAL D 560 -21.26 1.87 10.12
N PRO D 561 -20.83 2.26 11.35
CA PRO D 561 -21.72 2.06 12.52
C PRO D 561 -23.06 2.77 12.43
N ASN D 562 -23.16 3.85 11.67
CA ASN D 562 -24.44 4.52 11.48
C ASN D 562 -25.41 3.65 10.69
N ALA D 563 -24.92 2.77 9.81
CA ALA D 563 -25.79 1.87 9.06
C ALA D 563 -25.03 0.61 8.69
N PRO D 564 -24.98 -0.36 9.60
CA PRO D 564 -24.25 -1.61 9.33
C PRO D 564 -24.87 -2.42 8.20
N CYS D 565 -24.03 -2.75 7.20
CA CYS D 565 -24.48 -3.63 6.13
C CYS D 565 -24.81 -5.02 6.63
N THR D 566 -24.18 -5.45 7.72
CA THR D 566 -24.40 -6.76 8.29
C THR D 566 -24.21 -6.70 9.79
N MET D 567 -24.70 -7.73 10.48
CA MET D 567 -24.47 -7.89 11.90
C MET D 567 -23.90 -9.28 12.16
N ARG D 568 -22.82 -9.35 12.93
CA ARG D 568 -22.07 -10.58 13.11
C ARG D 568 -22.33 -11.26 14.46
N MET D 569 -23.28 -10.76 15.24
CA MET D 569 -23.70 -11.38 16.49
C MET D 569 -25.22 -11.38 16.52
N PRO D 570 -25.83 -12.28 17.30
CA PRO D 570 -27.29 -12.26 17.42
C PRO D 570 -27.77 -10.99 18.10
N PRO D 571 -29.02 -10.58 17.85
CA PRO D 571 -29.58 -9.40 18.54
C PRO D 571 -29.61 -9.59 20.05
N PRO D 572 -29.32 -8.54 20.81
CA PRO D 572 -29.34 -8.65 22.27
C PRO D 572 -30.74 -8.90 22.81
N THR D 573 -30.82 -9.73 23.84
CA THR D 573 -32.06 -9.95 24.57
C THR D 573 -32.00 -9.41 26.00
N THR D 574 -30.81 -9.15 26.52
CA THR D 574 -30.62 -8.59 27.85
C THR D 574 -29.82 -7.30 27.70
N LYS D 575 -30.28 -6.23 28.35
CA LYS D 575 -29.64 -4.93 28.21
C LYS D 575 -28.32 -4.87 28.96
N GLU D 576 -28.26 -5.47 30.15
CA GLU D 576 -27.07 -5.37 30.99
C GLU D 576 -25.89 -6.17 30.44
N ASP D 577 -26.15 -7.17 29.60
CA ASP D 577 -25.06 -7.98 29.06
C ASP D 577 -24.36 -7.32 27.88
N VAL D 578 -24.89 -6.22 27.36
CA VAL D 578 -24.31 -5.57 26.18
C VAL D 578 -23.10 -4.76 26.62
N THR D 579 -21.93 -5.13 26.12
CA THR D 579 -20.68 -4.44 26.36
C THR D 579 -20.16 -3.87 25.05
N MET D 580 -19.02 -3.18 25.12
CA MET D 580 -18.36 -2.70 23.92
C MET D 580 -17.87 -3.85 23.05
N ALA D 581 -17.51 -4.97 23.67
CA ALA D 581 -17.18 -6.18 22.91
C ALA D 581 -18.40 -6.70 22.14
N THR D 582 -19.57 -6.67 22.76
CA THR D 582 -20.80 -7.08 22.10
C THR D 582 -21.13 -6.17 20.92
N VAL D 583 -20.98 -4.85 21.10
CA VAL D 583 -21.27 -3.89 20.04
C VAL D 583 -20.29 -4.07 18.88
N MET D 584 -18.99 -4.17 19.19
CA MET D 584 -17.98 -4.27 18.14
C MET D 584 -18.03 -5.62 17.43
N GLY D 585 -18.34 -6.70 18.15
CA GLY D 585 -18.52 -7.97 17.49
C GLY D 585 -19.81 -8.03 16.71
N SER D 586 -20.80 -7.22 17.09
CA SER D 586 -22.03 -7.13 16.33
C SER D 586 -21.83 -6.33 15.04
N LEU D 587 -21.09 -5.23 15.12
CA LEU D 587 -20.85 -4.38 13.97
C LEU D 587 -20.00 -5.12 12.93
N PRO D 588 -20.07 -4.73 11.64
CA PRO D 588 -19.28 -5.43 10.61
C PRO D 588 -17.78 -5.30 10.85
N ASP D 589 -17.06 -6.33 10.43
CA ASP D 589 -15.61 -6.29 10.48
C ASP D 589 -15.10 -5.30 9.42
N VAL D 590 -13.77 -5.14 9.39
CA VAL D 590 -13.16 -4.09 8.59
C VAL D 590 -13.36 -4.34 7.09
N ARG D 591 -13.32 -5.60 6.65
CA ARG D 591 -13.48 -5.89 5.23
C ARG D 591 -14.89 -5.59 4.74
N GLN D 592 -15.90 -6.03 5.50
CA GLN D 592 -17.29 -5.74 5.18
C GLN D 592 -17.57 -4.24 5.23
N ALA D 593 -17.01 -3.55 6.22
CA ALA D 593 -17.20 -2.11 6.37
C ALA D 593 -16.57 -1.34 5.20
N CYS D 594 -15.36 -1.72 4.80
CA CYS D 594 -14.71 -1.09 3.65
C CYS D 594 -15.49 -1.35 2.37
N LEU D 595 -16.02 -2.57 2.21
CA LEU D 595 -16.85 -2.88 1.05
C LEU D 595 -18.13 -2.05 1.04
N GLN D 596 -18.74 -1.85 2.22
CA GLN D 596 -19.92 -0.99 2.34
C GLN D 596 -19.63 0.44 1.92
N MET D 597 -18.50 0.99 2.40
CA MET D 597 -18.10 2.35 2.03
C MET D 597 -17.83 2.46 0.53
N ALA D 598 -17.14 1.48 -0.04
CA ALA D 598 -16.80 1.51 -1.47
C ALA D 598 -18.05 1.44 -2.34
N ILE D 599 -18.98 0.55 -2.01
CA ILE D 599 -20.17 0.40 -2.84
C ILE D 599 -21.08 1.60 -2.69
N SER D 600 -21.26 2.08 -1.44
CA SER D 600 -22.08 3.26 -1.20
C SER D 600 -21.54 4.47 -1.95
N TRP D 601 -20.22 4.65 -1.96
CA TRP D 601 -19.60 5.72 -2.74
C TRP D 601 -19.84 5.54 -4.22
N HIS D 602 -19.65 4.32 -4.74
CA HIS D 602 -19.81 4.08 -6.18
C HIS D 602 -21.23 4.33 -6.63
N LEU D 603 -22.20 3.95 -5.81
CA LEU D 603 -23.60 4.07 -6.21
C LEU D 603 -24.11 5.49 -6.04
N SER D 604 -23.63 6.22 -5.05
CA SER D 604 -24.15 7.54 -4.75
C SER D 604 -23.36 8.69 -5.38
N ARG D 605 -22.16 8.45 -5.91
CA ARG D 605 -21.37 9.52 -6.49
C ARG D 605 -22.02 10.05 -7.75
N ARG D 606 -21.83 11.35 -7.98
CA ARG D 606 -22.32 11.98 -9.19
C ARG D 606 -21.60 11.43 -10.40
N GLN D 607 -22.35 11.01 -11.39
CA GLN D 607 -21.78 10.53 -12.63
C GLN D 607 -21.29 11.73 -13.44
N PRO D 608 -20.04 11.70 -13.93
CA PRO D 608 -19.54 12.84 -14.73
C PRO D 608 -20.32 13.07 -16.02
N ASP D 609 -20.98 12.04 -16.56
CA ASP D 609 -21.81 12.16 -17.74
C ASP D 609 -23.30 12.26 -17.42
N MET D 610 -23.65 12.54 -16.16
CA MET D 610 -25.06 12.54 -15.75
C MET D 610 -25.86 13.62 -16.47
N VAL D 611 -27.04 13.23 -16.92
CA VAL D 611 -28.02 14.17 -17.45
C VAL D 611 -28.93 14.58 -16.30
N PRO D 612 -28.97 15.86 -15.92
CA PRO D 612 -29.94 16.31 -14.93
C PRO D 612 -31.36 16.15 -15.45
N LEU D 613 -32.30 16.05 -14.52
CA LEU D 613 -33.71 15.81 -14.84
C LEU D 613 -34.26 16.91 -15.75
N GLY D 614 -34.84 16.49 -16.87
CA GLY D 614 -35.39 17.39 -17.85
C GLY D 614 -34.39 18.06 -18.76
N HIS D 615 -33.11 17.71 -18.66
CA HIS D 615 -32.05 18.37 -19.41
C HIS D 615 -31.41 17.45 -20.44
N HIS D 616 -32.17 16.48 -20.94
CA HIS D 616 -31.70 15.67 -22.05
C HIS D 616 -31.54 16.50 -23.30
N LYS D 617 -30.40 16.34 -23.97
CA LYS D 617 -30.10 17.11 -25.17
C LYS D 617 -30.72 16.48 -26.41
N GLU D 618 -31.18 15.24 -26.31
CA GLU D 618 -31.72 14.52 -27.45
C GLU D 618 -33.08 15.10 -27.83
N LYS D 619 -33.24 15.40 -29.12
CA LYS D 619 -34.47 16.00 -29.63
C LYS D 619 -35.26 14.92 -30.37
N TYR D 620 -36.13 14.22 -29.63
CA TYR D 620 -37.01 13.24 -30.24
C TYR D 620 -38.25 13.92 -30.81
N PHE D 621 -38.92 14.74 -30.00
CA PHE D 621 -40.03 15.55 -30.49
C PHE D 621 -39.54 16.61 -31.46
N SER D 622 -40.31 16.80 -32.54
CA SER D 622 -40.01 17.85 -33.51
C SER D 622 -40.82 19.12 -33.30
N GLY D 623 -42.04 19.01 -32.77
CA GLY D 623 -42.91 20.15 -32.61
C GLY D 623 -42.40 21.16 -31.61
N PRO D 624 -42.71 22.45 -31.85
CA PRO D 624 -42.35 23.48 -30.87
C PRO D 624 -43.08 23.34 -29.55
N LYS D 625 -44.31 22.82 -29.57
CA LYS D 625 -45.09 22.70 -28.34
C LYS D 625 -44.50 21.70 -27.32
N PRO D 626 -44.07 20.47 -27.68
CA PRO D 626 -43.36 19.65 -26.69
C PRO D 626 -42.07 20.27 -26.18
N LYS D 627 -41.34 20.99 -27.03
CA LYS D 627 -40.16 21.72 -26.58
C LYS D 627 -40.52 22.80 -25.56
N ALA D 628 -41.65 23.48 -25.79
CA ALA D 628 -42.12 24.48 -24.83
C ALA D 628 -42.52 23.84 -23.51
N VAL D 629 -43.17 22.67 -23.56
CA VAL D 629 -43.53 21.94 -22.34
C VAL D 629 -42.26 21.51 -21.59
N LEU D 630 -41.25 21.03 -22.31
CA LEU D 630 -39.98 20.65 -21.69
C LEU D 630 -39.26 21.87 -21.09
N ASN D 631 -39.32 23.01 -21.77
CA ASN D 631 -38.73 24.24 -21.24
C ASN D 631 -39.45 24.70 -19.98
N GLN D 632 -40.78 24.56 -19.95
CA GLN D 632 -41.55 24.86 -18.74
C GLN D 632 -41.18 23.92 -17.61
N PHE D 633 -40.95 22.64 -17.94
CA PHE D 633 -40.47 21.66 -16.96
C PHE D 633 -39.13 22.06 -16.39
N ARG D 634 -38.20 22.49 -17.25
CA ARG D 634 -36.88 22.94 -16.79
C ARG D 634 -36.97 24.20 -15.94
N THR D 635 -37.86 25.13 -16.32
CA THR D 635 -38.05 26.35 -15.55
C THR D 635 -38.61 26.06 -14.15
N ASP D 636 -39.61 25.18 -14.07
CA ASP D 636 -40.16 24.79 -12.78
C ASP D 636 -39.14 24.06 -11.92
N LEU D 637 -38.33 23.19 -12.54
CA LEU D 637 -37.27 22.51 -11.80
C LEU D 637 -36.21 23.49 -11.30
N GLU D 638 -35.87 24.49 -12.10
CA GLU D 638 -34.91 25.50 -11.65
C GLU D 638 -35.47 26.33 -10.50
N LYS D 639 -36.77 26.64 -10.54
CA LYS D 639 -37.44 27.31 -9.44
C LYS D 639 -37.41 26.46 -8.16
N LEU D 640 -37.68 25.16 -8.29
CA LEU D 640 -37.60 24.25 -7.15
C LEU D 640 -36.17 24.12 -6.64
N GLU D 641 -35.19 24.15 -7.54
CA GLU D 641 -33.78 24.15 -7.15
C GLU D 641 -33.45 25.36 -6.30
N LYS D 642 -33.95 26.54 -6.70
CA LYS D 642 -33.75 27.75 -5.90
C LYS D 642 -34.43 27.64 -4.54
N GLU D 643 -35.65 27.11 -4.49
CA GLU D 643 -36.35 26.95 -3.21
C GLU D 643 -35.64 25.96 -2.28
N ILE D 644 -35.19 24.84 -2.82
CA ILE D 644 -34.51 23.82 -2.01
C ILE D 644 -33.16 24.34 -1.53
N THR D 645 -32.42 25.06 -2.39
CA THR D 645 -31.16 25.65 -1.99
C THR D 645 -31.35 26.70 -0.90
N ALA D 646 -32.39 27.54 -1.03
CA ALA D 646 -32.70 28.55 -0.02
C ALA D 646 -33.08 27.92 1.31
N ARG D 647 -33.86 26.83 1.27
CA ARG D 647 -34.19 26.12 2.50
C ARG D 647 -32.95 25.46 3.12
N ASN D 648 -32.10 24.85 2.29
CA ASN D 648 -30.96 24.08 2.79
C ASN D 648 -29.85 24.97 3.34
N GLU D 649 -29.75 26.21 2.86
CA GLU D 649 -28.76 27.14 3.43
C GLU D 649 -29.05 27.49 4.88
N GLN D 650 -30.30 27.39 5.32
CA GLN D 650 -30.67 27.69 6.70
C GLN D 650 -30.73 26.46 7.59
N LEU D 651 -30.30 25.30 7.08
CA LEU D 651 -30.38 24.04 7.79
C LEU D 651 -29.00 23.49 8.04
N ASP D 652 -28.76 23.04 9.28
CA ASP D 652 -27.52 22.33 9.59
C ASP D 652 -27.50 20.93 9.02
N TRP D 653 -28.65 20.36 8.67
CA TRP D 653 -28.74 19.04 8.04
C TRP D 653 -29.55 19.20 6.76
N PRO D 654 -28.92 19.70 5.69
CA PRO D 654 -29.63 19.88 4.43
C PRO D 654 -30.04 18.57 3.79
N TYR D 655 -31.18 18.59 3.10
CA TYR D 655 -31.62 17.49 2.27
C TYR D 655 -31.33 17.87 0.82
N GLU D 656 -30.31 17.26 0.25
CA GLU D 656 -29.80 17.66 -1.05
C GLU D 656 -30.22 16.74 -2.19
N TYR D 657 -30.84 15.60 -1.86
CA TYR D 657 -30.94 14.50 -2.82
C TYR D 657 -32.01 14.74 -3.87
N LEU D 658 -32.94 15.67 -3.61
CA LEU D 658 -34.00 15.98 -4.55
C LEU D 658 -33.84 17.35 -5.19
N LYS D 659 -32.64 17.94 -5.12
CA LYS D 659 -32.30 19.07 -5.95
C LYS D 659 -32.32 18.62 -7.40
N PRO D 660 -33.11 19.27 -8.28
CA PRO D 660 -33.20 18.83 -9.69
C PRO D 660 -31.88 18.83 -10.45
N SER D 661 -30.94 19.70 -10.08
CA SER D 661 -29.61 19.65 -10.70
C SER D 661 -28.89 18.36 -10.34
N CYS D 662 -29.17 17.79 -9.17
CA CYS D 662 -28.55 16.54 -8.73
C CYS D 662 -29.40 15.32 -9.06
N ILE D 663 -30.64 15.51 -9.52
CA ILE D 663 -31.47 14.38 -9.91
C ILE D 663 -31.10 13.97 -11.33
N GLU D 664 -30.61 12.75 -11.46
CA GLU D 664 -30.26 12.24 -12.77
C GLU D 664 -31.53 11.93 -13.57
N ASN D 665 -31.43 12.11 -14.90
CA ASN D 665 -32.58 11.96 -15.77
C ASN D 665 -33.07 10.52 -15.94
N SER D 666 -32.32 9.54 -15.44
CA SER D 666 -32.74 8.14 -15.47
C SER D 666 -31.97 7.38 -14.41
N VAL D 667 -32.32 6.11 -14.24
CA VAL D 667 -31.62 5.22 -13.31
C VAL D 667 -30.36 4.71 -14.02
N THR D 668 -29.21 5.28 -13.66
CA THR D 668 -27.96 4.99 -14.37
C THR D 668 -26.91 4.40 -13.45
N ILE D 669 -27.13 4.41 -12.14
CA ILE D 669 -26.13 3.94 -11.20
C ILE D 669 -26.81 3.43 -9.91
#